data_4BEH
#
_entry.id   4BEH
#
_cell.length_a   1.000
_cell.length_b   1.000
_cell.length_c   1.000
_cell.angle_alpha   90.00
_cell.angle_beta   90.00
_cell.angle_gamma   90.00
#
_symmetry.space_group_name_H-M   'P 1'
#
loop_
_entity.id
_entity.type
_entity.pdbx_description
1 polymer '60S ACIDIC RIBOSOMAL PROTEIN P1'
2 polymer '60S ACIDIC RIBOSOMAL PROTEIN P2'
#
loop_
_entity_poly.entity_id
_entity_poly.type
_entity_poly.pdbx_seq_one_letter_code
_entity_poly.pdbx_strand_id
1 'polypeptide(L)'
;MASVSELACIYSALILHDDEVTVTEDKINALIKAAGVNVEPFWPGLFAKALANVNIGSLICNVGAGGPAPAAGAAPAGGP
APSTAAAPAEEKKVEAKKEESEESDDDMGFGLFD
;
A
2 'polypeptide(L)'
;AMRYVASYLLAALGGNSSPSAKDIKKILDSVGIEADDDRLNKVISELNGKNIEDVIAQGIGKLASVPAGGAVAVSAAPGS
AAPAAGSAPAAAEEKKDEKKEESEESDDDMGFGLFD
;
B
#
# COMPACT_ATOMS: atom_id res chain seq x y z
N MET A 1 2.13 -16.80 -1.32
CA MET A 1 1.08 -15.88 -1.80
C MET A 1 0.16 -16.59 -2.79
N ALA A 2 -1.07 -16.11 -2.91
CA ALA A 2 -1.98 -16.61 -3.94
C ALA A 2 -2.79 -15.49 -4.58
N SER A 3 -2.69 -14.28 -4.04
CA SER A 3 -3.48 -13.15 -4.50
C SER A 3 -2.81 -12.44 -5.68
N VAL A 4 -2.45 -13.22 -6.70
CA VAL A 4 -1.67 -12.72 -7.82
C VAL A 4 -2.43 -11.65 -8.58
N SER A 5 -3.74 -11.80 -8.63
CA SER A 5 -4.60 -10.89 -9.35
C SER A 5 -4.44 -9.45 -8.84
N GLU A 6 -4.86 -9.24 -7.60
CA GLU A 6 -4.80 -7.94 -6.97
C GLU A 6 -3.36 -7.46 -6.79
N LEU A 7 -2.42 -8.40 -6.61
CA LEU A 7 -1.01 -8.04 -6.56
C LEU A 7 -0.60 -7.33 -7.84
N ALA A 8 -0.74 -8.03 -8.96
CA ALA A 8 -0.34 -7.51 -10.26
C ALA A 8 -1.01 -6.18 -10.54
N CYS A 9 -2.31 -6.12 -10.27
CA CYS A 9 -3.06 -4.90 -10.51
C CYS A 9 -2.55 -3.76 -9.62
N ILE A 10 -2.16 -4.08 -8.39
CA ILE A 10 -1.67 -3.06 -7.47
C ILE A 10 -0.27 -2.59 -7.85
N TYR A 11 0.57 -3.53 -8.26
CA TYR A 11 1.92 -3.19 -8.66
C TYR A 11 1.88 -2.39 -9.94
N SER A 12 0.97 -2.77 -10.83
CA SER A 12 0.77 -2.02 -12.05
C SER A 12 0.28 -0.62 -11.72
N ALA A 13 -0.69 -0.55 -10.79
CA ALA A 13 -1.26 0.71 -10.35
C ALA A 13 -0.17 1.67 -9.86
N LEU A 14 0.61 1.22 -8.88
CA LEU A 14 1.63 2.08 -8.31
C LEU A 14 2.80 2.31 -9.29
N ILE A 15 2.97 1.42 -10.26
CA ILE A 15 3.97 1.64 -11.31
C ILE A 15 3.53 2.76 -12.24
N LEU A 16 2.22 2.86 -12.46
CA LEU A 16 1.65 3.92 -13.29
C LEU A 16 1.38 5.18 -12.46
N HIS A 17 1.52 5.04 -11.13
CA HIS A 17 1.35 6.14 -10.16
C HIS A 17 1.41 7.57 -10.75
N ASP A 18 2.61 8.07 -11.04
CA ASP A 18 2.77 9.50 -11.37
C ASP A 18 4.07 9.70 -12.14
N ASP A 19 4.05 9.29 -13.40
CA ASP A 19 5.24 9.29 -14.23
C ASP A 19 4.91 9.92 -15.59
N GLU A 20 5.72 9.63 -16.60
CA GLU A 20 5.41 10.04 -17.97
C GLU A 20 4.20 9.27 -18.49
N VAL A 21 3.86 8.21 -17.77
CA VAL A 21 2.81 7.32 -18.18
C VAL A 21 1.49 7.69 -17.51
N THR A 22 0.38 7.22 -18.07
CA THR A 22 -0.94 7.52 -17.54
C THR A 22 -1.55 6.30 -16.86
N VAL A 23 -2.27 6.54 -15.78
CA VAL A 23 -2.99 5.46 -15.09
C VAL A 23 -4.27 5.14 -15.86
N THR A 24 -4.17 4.29 -16.89
CA THR A 24 -5.32 3.96 -17.71
C THR A 24 -5.46 2.45 -17.93
N GLU A 25 -6.65 2.03 -18.38
CA GLU A 25 -6.97 0.62 -18.57
C GLU A 25 -5.92 -0.07 -19.43
N ASP A 26 -5.63 0.55 -20.56
CA ASP A 26 -4.63 0.06 -21.50
C ASP A 26 -3.28 -0.17 -20.83
N LYS A 27 -2.95 0.70 -19.88
CA LYS A 27 -1.63 0.70 -19.29
C LYS A 27 -1.50 -0.40 -18.22
N ILE A 28 -2.50 -0.54 -17.36
CA ILE A 28 -2.51 -1.65 -16.41
C ILE A 28 -2.52 -2.98 -17.16
N ASN A 29 -3.41 -3.06 -18.15
CA ASN A 29 -3.51 -4.25 -18.98
C ASN A 29 -2.17 -4.56 -19.66
N ALA A 30 -1.47 -3.50 -20.09
CA ALA A 30 -0.17 -3.65 -20.74
C ALA A 30 0.89 -4.16 -19.77
N LEU A 31 0.87 -3.68 -18.53
CA LEU A 31 1.87 -4.11 -17.54
C LEU A 31 1.60 -5.55 -17.12
N ILE A 32 0.34 -5.87 -16.91
CA ILE A 32 -0.06 -7.23 -16.63
C ILE A 32 0.34 -8.17 -17.78
N LYS A 33 0.21 -7.66 -19.02
CA LYS A 33 0.63 -8.39 -20.20
C LYS A 33 2.15 -8.49 -20.28
N ALA A 34 2.83 -7.42 -19.88
CA ALA A 34 4.29 -7.36 -19.90
C ALA A 34 4.88 -8.39 -18.94
N ALA A 35 4.21 -8.64 -17.83
CA ALA A 35 4.68 -9.63 -16.87
C ALA A 35 4.12 -11.02 -17.16
N GLY A 36 2.90 -11.05 -17.69
CA GLY A 36 2.26 -12.29 -18.07
C GLY A 36 1.42 -12.88 -16.95
N VAL A 37 0.77 -12.03 -16.18
CA VAL A 37 -0.05 -12.46 -15.05
C VAL A 37 -1.52 -12.55 -15.42
N ASN A 38 -2.32 -13.05 -14.49
CA ASN A 38 -3.75 -13.26 -14.73
C ASN A 38 -4.58 -12.48 -13.70
N VAL A 39 -5.19 -11.40 -14.14
CA VAL A 39 -6.09 -10.63 -13.29
C VAL A 39 -7.41 -10.41 -14.03
N GLU A 40 -8.53 -10.55 -13.34
CA GLU A 40 -9.84 -10.35 -13.95
C GLU A 40 -10.01 -8.88 -14.32
N PRO A 41 -10.53 -8.61 -15.54
CA PRO A 41 -10.63 -7.26 -16.11
C PRO A 41 -11.35 -6.26 -15.20
N PHE A 42 -11.97 -6.79 -14.15
CA PHE A 42 -12.72 -5.99 -13.20
C PHE A 42 -11.76 -5.09 -12.40
N TRP A 43 -10.62 -5.66 -12.01
CA TRP A 43 -9.63 -4.91 -11.24
C TRP A 43 -8.99 -3.80 -12.08
N PRO A 44 -8.35 -4.13 -13.22
CA PRO A 44 -7.73 -3.12 -14.10
C PRO A 44 -8.74 -2.06 -14.57
N GLY A 45 -9.93 -2.49 -14.95
CA GLY A 45 -10.95 -1.56 -15.39
C GLY A 45 -11.35 -0.60 -14.28
N LEU A 46 -11.71 -1.15 -13.13
CA LEU A 46 -12.10 -0.35 -11.99
C LEU A 46 -10.97 0.57 -11.56
N PHE A 47 -9.76 0.01 -11.44
CA PHE A 47 -8.59 0.77 -11.02
C PHE A 47 -8.33 1.96 -11.94
N ALA A 48 -8.39 1.74 -13.24
CA ALA A 48 -8.10 2.80 -14.19
C ALA A 48 -9.21 3.85 -14.22
N LYS A 49 -10.44 3.43 -13.94
CA LYS A 49 -11.55 4.38 -13.92
C LYS A 49 -11.74 5.00 -12.53
N ALA A 50 -11.08 4.43 -11.53
CA ALA A 50 -11.20 4.92 -10.17
C ALA A 50 -10.00 5.74 -9.73
N LEU A 51 -8.81 5.43 -10.24
CA LEU A 51 -7.62 6.13 -9.81
C LEU A 51 -7.36 7.38 -10.66
N ALA A 52 -6.12 7.53 -11.14
CA ALA A 52 -5.70 8.66 -11.99
C ALA A 52 -5.67 9.99 -11.23
N ASN A 53 -6.24 10.03 -10.03
CA ASN A 53 -6.21 11.22 -9.20
C ASN A 53 -6.09 10.83 -7.71
N VAL A 54 -5.90 9.54 -7.48
CA VAL A 54 -5.88 9.00 -6.13
C VAL A 54 -4.44 8.71 -5.71
N ASN A 55 -3.82 9.76 -5.14
CA ASN A 55 -2.37 9.86 -4.86
C ASN A 55 -1.58 8.56 -5.11
N ILE A 56 -1.37 7.77 -4.06
CA ILE A 56 -0.60 6.54 -4.21
C ILE A 56 -1.00 5.51 -3.14
N GLY A 57 -0.71 5.81 -1.87
CA GLY A 57 -1.02 4.88 -0.79
C GLY A 57 -2.50 4.57 -0.72
N SER A 58 -3.27 5.39 -1.42
CA SER A 58 -4.70 5.22 -1.57
C SER A 58 -5.05 3.78 -1.98
N LEU A 59 -4.27 3.20 -2.90
CA LEU A 59 -4.59 1.88 -3.43
C LEU A 59 -4.51 0.77 -2.37
N ILE A 60 -3.93 1.08 -1.22
CA ILE A 60 -3.87 0.11 -0.12
C ILE A 60 -5.28 -0.14 0.43
N CYS A 61 -6.13 0.88 0.34
CA CYS A 61 -7.48 0.78 0.89
C CYS A 61 -8.52 1.32 -0.08
N ASN A 62 -8.29 1.13 -1.38
CA ASN A 62 -9.19 1.64 -2.41
C ASN A 62 -10.50 0.87 -2.42
N VAL A 63 -10.45 -0.33 -1.86
CA VAL A 63 -11.63 -1.19 -1.79
C VAL A 63 -12.58 -0.71 -0.69
N GLY A 64 -12.03 0.07 0.24
CA GLY A 64 -12.84 0.58 1.33
C GLY A 64 -13.15 2.05 1.15
N ALA A 65 -12.08 2.85 1.02
CA ALA A 65 -12.22 4.28 0.81
C ALA A 65 -10.88 4.87 0.35
N GLY A 66 -9.93 4.91 1.26
CA GLY A 66 -8.63 5.47 0.94
C GLY A 66 -8.27 6.61 1.86
N GLY A 67 -7.70 7.66 1.29
CA GLY A 67 -7.30 8.81 2.08
C GLY A 67 -6.36 9.72 1.31
N PRO A 68 -5.95 10.83 1.91
CA PRO A 68 -5.03 11.78 1.27
C PRO A 68 -3.57 11.41 1.47
N ALA A 69 -2.69 12.25 0.96
CA ALA A 69 -1.26 12.05 1.08
C ALA A 69 -0.55 13.38 1.31
N PRO A 70 0.23 13.47 2.39
CA PRO A 70 0.97 14.70 2.75
C PRO A 70 2.13 14.97 1.80
N ALA A 71 2.40 16.24 1.57
CA ALA A 71 3.45 16.65 0.66
C ALA A 71 4.29 17.76 1.28
N ALA A 72 5.35 18.17 0.58
CA ALA A 72 6.24 19.19 1.08
C ALA A 72 6.86 19.97 -0.08
N GLY A 73 7.42 21.13 0.23
CA GLY A 73 8.02 21.95 -0.79
C GLY A 73 9.33 22.54 -0.34
N ALA A 74 10.22 22.81 -1.28
CA ALA A 74 11.53 23.35 -0.98
C ALA A 74 11.57 24.85 -1.23
N ALA A 75 12.20 25.58 -0.33
CA ALA A 75 12.30 27.04 -0.44
C ALA A 75 13.73 27.47 -0.68
N PRO A 76 13.95 28.30 -1.71
CA PRO A 76 15.26 28.83 -2.07
C PRO A 76 15.81 29.84 -1.05
N ALA A 77 17.12 30.01 -1.04
CA ALA A 77 17.77 30.92 -0.13
C ALA A 77 18.98 31.56 -0.80
N GLY A 78 19.49 32.63 -0.17
CA GLY A 78 20.65 33.31 -0.70
C GLY A 78 21.05 34.47 0.18
N GLY A 79 21.70 35.47 -0.40
CA GLY A 79 22.13 36.62 0.35
C GLY A 79 23.16 37.44 -0.42
N PRO A 80 23.38 38.71 -0.06
CA PRO A 80 24.37 39.57 -0.72
C PRO A 80 25.80 39.21 -0.35
N ALA A 81 26.64 39.07 -1.36
CA ALA A 81 28.07 38.79 -1.16
C ALA A 81 28.89 39.96 -1.67
N PRO A 82 29.22 40.93 -0.79
CA PRO A 82 30.01 42.11 -1.15
C PRO A 82 31.43 41.75 -1.62
N SER A 83 31.98 42.59 -2.49
CA SER A 83 33.34 42.43 -2.97
C SER A 83 33.94 43.79 -3.29
N THR A 84 35.15 44.02 -2.78
CA THR A 84 35.90 45.28 -2.94
C THR A 84 35.11 46.52 -2.49
N ALA A 85 35.82 47.65 -2.39
CA ALA A 85 35.24 48.91 -1.93
C ALA A 85 36.28 50.01 -2.02
N ALA A 86 35.84 51.26 -1.88
CA ALA A 86 36.72 52.44 -1.91
C ALA A 86 37.34 52.69 -3.29
N ALA A 87 37.49 53.96 -3.63
CA ALA A 87 38.10 54.35 -4.89
C ALA A 87 38.76 55.73 -4.75
N PRO A 88 40.01 55.87 -5.22
CA PRO A 88 40.74 57.16 -5.20
C PRO A 88 39.95 58.29 -5.87
N ALA A 89 39.59 59.29 -5.07
CA ALA A 89 38.84 60.44 -5.57
C ALA A 89 39.53 61.74 -5.18
N GLU A 90 40.58 62.10 -5.91
CA GLU A 90 41.32 63.33 -5.62
C GLU A 90 40.51 64.57 -5.96
N GLU A 91 39.91 65.15 -4.94
CA GLU A 91 39.15 66.37 -5.10
C GLU A 91 39.83 67.54 -4.40
N LYS A 92 39.30 68.73 -4.64
CA LYS A 92 39.76 69.93 -3.97
C LYS A 92 38.69 71.01 -4.02
N LYS A 93 38.42 71.62 -2.88
CA LYS A 93 37.42 72.67 -2.81
C LYS A 93 38.09 74.02 -2.64
N VAL A 94 37.44 75.06 -3.11
CA VAL A 94 38.00 76.40 -3.03
C VAL A 94 37.72 77.03 -1.67
N GLU A 95 38.70 76.94 -0.79
CA GLU A 95 38.63 77.54 0.53
C GLU A 95 40.00 78.09 0.90
N ALA A 96 40.01 79.28 1.49
CA ALA A 96 41.25 79.91 1.88
C ALA A 96 41.30 80.16 3.38
N LYS A 97 40.37 80.98 3.86
CA LYS A 97 40.27 81.27 5.28
C LYS A 97 39.69 80.08 6.01
N LYS A 98 40.31 79.71 7.13
CA LYS A 98 39.88 78.54 7.90
C LYS A 98 39.71 78.89 9.37
N GLU A 99 38.51 78.67 9.90
CA GLU A 99 38.19 78.94 11.31
C GLU A 99 38.55 80.37 11.71
N GLU A 100 38.52 81.28 10.75
CA GLU A 100 38.90 82.66 10.99
C GLU A 100 37.86 83.59 10.39
N SER A 101 38.07 84.88 10.55
CA SER A 101 37.17 85.88 10.03
C SER A 101 37.88 87.22 9.94
N GLU A 102 37.54 88.02 8.93
CA GLU A 102 38.15 89.32 8.74
C GLU A 102 37.41 90.37 9.56
N GLU A 103 36.98 89.94 10.76
CA GLU A 103 36.30 90.76 11.71
C GLU A 103 36.19 90.00 13.04
N SER A 104 36.71 90.60 14.10
CA SER A 104 36.64 90.01 15.42
C SER A 104 36.93 91.06 16.48
N ASP A 105 36.23 90.98 17.60
CA ASP A 105 36.40 91.96 18.67
C ASP A 105 36.39 91.25 20.02
N ASP A 106 35.53 91.71 20.93
CA ASP A 106 35.37 91.10 22.21
C ASP A 106 34.75 89.71 22.04
N ASP A 107 33.78 89.65 21.12
CA ASP A 107 33.12 88.41 20.69
C ASP A 107 32.51 87.63 21.86
N MET A 108 32.28 88.32 22.97
CA MET A 108 31.75 87.69 24.16
C MET A 108 30.65 88.56 24.77
N GLY A 109 29.73 87.94 25.49
CA GLY A 109 28.65 88.67 26.14
C GLY A 109 27.72 89.36 25.15
N PHE A 110 27.35 88.64 24.10
CA PHE A 110 26.45 89.20 23.08
C PHE A 110 25.01 88.82 23.39
N GLY A 111 24.10 89.77 23.24
CA GLY A 111 22.70 89.53 23.54
C GLY A 111 21.98 88.78 22.44
N LEU A 112 22.26 87.49 22.31
CA LEU A 112 21.62 86.65 21.31
C LEU A 112 21.08 85.38 21.96
N PHE A 113 20.66 85.49 23.22
CA PHE A 113 20.17 84.32 23.96
C PHE A 113 18.83 84.62 24.61
N ASP A 114 18.09 83.54 24.90
CA ASP A 114 16.77 83.63 25.51
C ASP A 114 16.63 82.52 26.54
N ALA B 1 8.97 7.97 -2.01
CA ALA B 1 10.04 7.51 -2.93
C ALA B 1 9.75 6.10 -3.41
N MET B 2 9.89 5.88 -4.71
CA MET B 2 9.63 4.58 -5.30
C MET B 2 10.78 4.23 -6.24
N ARG B 3 11.01 2.94 -6.49
CA ARG B 3 12.14 2.51 -7.31
C ARG B 3 11.68 1.55 -8.41
N TYR B 4 12.33 0.39 -8.50
CA TYR B 4 11.98 -0.64 -9.48
C TYR B 4 11.50 -1.90 -8.76
N VAL B 5 11.16 -1.74 -7.48
CA VAL B 5 10.80 -2.87 -6.63
C VAL B 5 9.56 -3.61 -7.13
N ALA B 6 8.49 -2.88 -7.41
CA ALA B 6 7.27 -3.50 -7.92
C ALA B 6 7.47 -4.03 -9.33
N SER B 7 8.48 -3.54 -10.02
CA SER B 7 8.80 -4.06 -11.34
C SER B 7 9.43 -5.45 -11.20
N TYR B 8 10.29 -5.58 -10.19
CA TYR B 8 10.82 -6.87 -9.81
C TYR B 8 9.69 -7.79 -9.39
N LEU B 9 8.70 -7.20 -8.72
CA LEU B 9 7.49 -7.92 -8.31
C LEU B 9 6.69 -8.35 -9.52
N LEU B 10 6.58 -7.47 -10.52
CA LEU B 10 5.94 -7.84 -11.78
C LEU B 10 6.62 -9.07 -12.39
N ALA B 11 7.96 -9.06 -12.40
CA ALA B 11 8.72 -10.19 -12.94
C ALA B 11 8.49 -11.46 -12.12
N ALA B 12 8.60 -11.35 -10.80
CA ALA B 12 8.47 -12.50 -9.91
C ALA B 12 7.03 -13.03 -9.89
N LEU B 13 6.09 -12.12 -9.67
CA LEU B 13 4.67 -12.47 -9.59
C LEU B 13 4.15 -12.95 -10.94
N GLY B 14 4.80 -12.50 -12.01
CA GLY B 14 4.46 -12.95 -13.35
C GLY B 14 4.53 -14.46 -13.50
N GLY B 15 5.29 -15.09 -12.62
CA GLY B 15 5.43 -16.53 -12.67
C GLY B 15 6.83 -16.93 -13.05
N ASN B 16 7.76 -16.03 -12.83
CA ASN B 16 9.15 -16.26 -13.22
C ASN B 16 10.09 -15.77 -12.14
N SER B 17 10.50 -16.68 -11.26
CA SER B 17 11.40 -16.36 -10.18
C SER B 17 12.83 -16.25 -10.68
N SER B 18 13.04 -15.37 -11.64
CA SER B 18 14.36 -15.19 -12.19
C SER B 18 14.52 -13.73 -12.58
N PRO B 19 15.20 -12.94 -11.74
CA PRO B 19 15.37 -11.49 -11.94
C PRO B 19 16.08 -11.12 -13.23
N SER B 20 15.32 -10.88 -14.27
CA SER B 20 15.86 -10.35 -15.49
C SER B 20 15.67 -8.83 -15.50
N ALA B 21 16.76 -8.11 -15.22
CA ALA B 21 16.74 -6.65 -15.19
C ALA B 21 16.20 -6.10 -16.50
N LYS B 22 16.44 -6.84 -17.58
CA LYS B 22 15.93 -6.52 -18.90
C LYS B 22 14.40 -6.55 -18.91
N ASP B 23 13.84 -7.48 -18.16
CA ASP B 23 12.39 -7.65 -18.10
C ASP B 23 11.77 -6.64 -17.15
N ILE B 24 12.52 -6.19 -16.13
CA ILE B 24 12.09 -5.05 -15.33
C ILE B 24 11.98 -3.82 -16.25
N LYS B 25 13.04 -3.61 -17.03
CA LYS B 25 13.04 -2.56 -18.05
C LYS B 25 11.89 -2.77 -19.02
N LYS B 26 11.65 -4.02 -19.39
CA LYS B 26 10.57 -4.35 -20.32
C LYS B 26 9.23 -3.89 -19.79
N ILE B 27 8.95 -4.16 -18.52
CA ILE B 27 7.71 -3.72 -17.90
C ILE B 27 7.65 -2.19 -17.84
N LEU B 28 8.76 -1.54 -17.52
CA LEU B 28 8.79 -0.08 -17.49
C LEU B 28 8.58 0.52 -18.88
N ASP B 29 9.23 -0.08 -19.88
CA ASP B 29 9.20 0.44 -21.25
C ASP B 29 7.91 0.05 -21.97
N SER B 30 7.26 -1.02 -21.50
CA SER B 30 6.05 -1.53 -22.14
C SER B 30 5.00 -0.45 -22.32
N VAL B 31 4.85 0.40 -21.31
CA VAL B 31 3.83 1.45 -21.33
C VAL B 31 4.42 2.80 -21.68
N GLY B 32 5.73 2.90 -21.66
CA GLY B 32 6.39 4.15 -22.02
C GLY B 32 6.83 4.96 -20.83
N ILE B 33 7.82 4.46 -20.09
CA ILE B 33 8.40 5.19 -18.97
C ILE B 33 9.92 5.20 -19.10
N GLU B 34 10.56 6.33 -18.76
CA GLU B 34 12.00 6.46 -18.93
C GLU B 34 12.77 5.77 -17.80
N ALA B 35 12.96 4.46 -17.96
CA ALA B 35 13.70 3.68 -16.99
C ALA B 35 15.16 3.58 -17.38
N ASP B 36 16.04 3.62 -16.39
CA ASP B 36 17.48 3.53 -16.63
C ASP B 36 18.02 2.17 -16.20
N ASP B 37 18.78 1.56 -17.11
CA ASP B 37 19.26 0.19 -16.97
C ASP B 37 20.19 0.03 -15.79
N ASP B 38 21.04 1.01 -15.55
CA ASP B 38 22.01 0.92 -14.48
C ASP B 38 21.31 1.03 -13.14
N ARG B 39 20.50 2.07 -13.00
CA ARG B 39 19.77 2.32 -11.76
C ARG B 39 18.88 1.13 -11.38
N LEU B 40 18.22 0.53 -12.37
CA LEU B 40 17.32 -0.58 -12.07
C LEU B 40 18.10 -1.81 -11.62
N ASN B 41 19.20 -2.12 -12.29
CA ASN B 41 20.01 -3.28 -11.92
C ASN B 41 20.67 -3.05 -10.56
N LYS B 42 20.98 -1.80 -10.27
CA LYS B 42 21.58 -1.45 -8.99
C LYS B 42 20.60 -1.68 -7.85
N VAL B 43 19.35 -1.23 -8.02
CA VAL B 43 18.37 -1.42 -6.96
C VAL B 43 17.98 -2.90 -6.88
N ILE B 44 18.11 -3.58 -8.02
CA ILE B 44 17.84 -5.01 -8.08
C ILE B 44 18.93 -5.79 -7.38
N SER B 45 20.17 -5.32 -7.49
CA SER B 45 21.28 -5.95 -6.79
C SER B 45 21.30 -5.54 -5.31
N GLU B 46 20.56 -4.49 -4.97
CA GLU B 46 20.32 -4.16 -3.57
C GLU B 46 19.20 -5.01 -2.99
N LEU B 47 18.25 -5.38 -3.85
CA LEU B 47 17.09 -6.14 -3.41
C LEU B 47 17.25 -7.64 -3.72
N ASN B 48 18.41 -8.02 -4.26
CA ASN B 48 18.61 -9.37 -4.78
C ASN B 48 18.41 -10.43 -3.69
N GLY B 49 17.32 -11.18 -3.82
CA GLY B 49 17.06 -12.28 -2.89
C GLY B 49 16.66 -11.79 -1.51
N LYS B 50 16.02 -10.64 -1.45
CA LYS B 50 15.52 -10.10 -0.18
C LYS B 50 14.09 -10.58 0.09
N ASN B 51 13.38 -9.88 0.98
CA ASN B 51 12.05 -10.30 1.43
C ASN B 51 10.98 -10.08 0.33
N ILE B 52 10.90 -11.02 -0.60
CA ILE B 52 9.93 -10.93 -1.68
C ILE B 52 8.51 -11.21 -1.20
N GLU B 53 8.31 -12.34 -0.54
CA GLU B 53 6.98 -12.72 -0.08
C GLU B 53 6.45 -11.69 0.92
N ASP B 54 7.37 -11.06 1.63
CA ASP B 54 7.00 -10.05 2.63
C ASP B 54 6.64 -8.74 1.94
N VAL B 55 7.47 -8.33 0.97
CA VAL B 55 7.21 -7.08 0.24
C VAL B 55 5.93 -7.21 -0.59
N ILE B 56 5.57 -8.45 -0.91
CA ILE B 56 4.33 -8.74 -1.62
C ILE B 56 3.14 -8.67 -0.67
N ALA B 57 3.19 -9.43 0.42
CA ALA B 57 2.08 -9.57 1.33
C ALA B 57 1.75 -8.27 2.07
N GLN B 58 2.77 -7.59 2.58
CA GLN B 58 2.54 -6.40 3.40
C GLN B 58 3.56 -5.30 3.07
N GLY B 59 3.69 -5.00 1.79
CA GLY B 59 4.64 -4.01 1.35
C GLY B 59 4.11 -3.17 0.21
N ILE B 60 2.94 -2.56 0.40
CA ILE B 60 2.29 -1.78 -0.66
C ILE B 60 2.70 -0.30 -0.59
N GLY B 61 3.80 -0.03 0.08
CA GLY B 61 4.26 1.34 0.24
C GLY B 61 5.25 1.78 -0.82
N LYS B 62 6.53 1.67 -0.52
CA LYS B 62 7.57 2.16 -1.41
C LYS B 62 7.99 1.06 -2.38
N LEU B 63 7.39 1.06 -3.57
CA LEU B 63 7.65 0.02 -4.56
C LEU B 63 8.34 0.56 -5.80
N ALA B 64 7.57 0.81 -6.85
CA ALA B 64 8.12 1.24 -8.13
C ALA B 64 7.32 2.38 -8.75
N SER B 65 8.05 3.32 -9.35
CA SER B 65 7.49 4.51 -10.00
C SER B 65 8.67 5.42 -10.29
N VAL B 66 8.43 6.73 -10.32
CA VAL B 66 9.49 7.71 -10.54
C VAL B 66 10.67 7.45 -9.61
N PRO B 67 11.84 7.12 -10.18
CA PRO B 67 13.02 6.73 -9.42
C PRO B 67 13.47 7.81 -8.45
N ALA B 68 13.45 7.45 -7.17
CA ALA B 68 13.85 8.34 -6.10
C ALA B 68 15.17 9.03 -6.39
N GLY B 69 15.21 10.32 -6.12
CA GLY B 69 16.43 11.09 -6.32
C GLY B 69 16.15 12.48 -6.81
N GLY B 70 14.97 12.67 -7.39
CA GLY B 70 14.56 13.99 -7.86
C GLY B 70 15.10 14.30 -9.23
N ALA B 71 16.41 14.15 -9.40
CA ALA B 71 17.08 14.34 -10.69
C ALA B 71 16.96 15.78 -11.17
N VAL B 72 17.42 16.70 -10.30
CA VAL B 72 17.46 18.15 -10.55
C VAL B 72 16.19 18.73 -11.20
N ALA B 73 15.53 19.54 -10.41
CA ALA B 73 14.29 20.18 -10.82
C ALA B 73 14.12 21.52 -10.11
N VAL B 74 14.11 22.60 -10.90
CA VAL B 74 13.96 23.95 -10.39
C VAL B 74 14.98 24.23 -9.27
N SER B 75 16.24 24.44 -9.67
CA SER B 75 17.31 24.69 -8.72
C SER B 75 18.50 25.34 -9.41
N ALA B 76 19.06 26.37 -8.79
CA ALA B 76 20.21 27.07 -9.34
C ALA B 76 20.95 27.83 -8.25
N ALA B 77 22.22 28.10 -8.47
CA ALA B 77 23.04 28.81 -7.51
C ALA B 77 23.33 30.21 -8.00
N PRO B 78 23.35 31.20 -7.11
CA PRO B 78 23.62 32.60 -7.46
C PRO B 78 25.04 32.81 -7.97
N GLY B 79 25.21 32.59 -9.26
CA GLY B 79 26.50 32.81 -9.88
C GLY B 79 26.38 33.47 -11.24
N SER B 80 26.11 34.76 -11.22
CA SER B 80 25.98 35.54 -12.45
C SER B 80 27.29 36.21 -12.83
N ALA B 81 27.20 37.15 -13.76
CA ALA B 81 28.32 37.97 -14.17
C ALA B 81 29.11 38.49 -12.98
N ALA B 82 30.41 38.25 -12.99
CA ALA B 82 31.29 38.69 -11.93
C ALA B 82 31.47 40.21 -12.00
N PRO B 83 31.21 40.92 -10.89
CA PRO B 83 31.38 42.37 -10.82
C PRO B 83 32.83 42.79 -11.03
N ALA B 84 33.02 44.00 -11.52
CA ALA B 84 34.35 44.54 -11.75
C ALA B 84 34.99 44.95 -10.43
N ALA B 85 36.20 45.49 -10.48
CA ALA B 85 36.94 45.87 -9.27
C ALA B 85 36.20 46.95 -8.49
N GLY B 86 35.37 47.70 -9.19
CA GLY B 86 34.64 48.78 -8.56
C GLY B 86 34.50 49.96 -9.49
N SER B 87 35.38 50.00 -10.48
CA SER B 87 35.35 51.04 -11.50
C SER B 87 34.99 50.43 -12.85
N ALA B 88 35.01 51.26 -13.90
CA ALA B 88 34.69 50.86 -15.27
C ALA B 88 33.22 50.45 -15.43
N PRO B 89 32.32 51.43 -15.68
CA PRO B 89 30.90 51.16 -15.88
C PRO B 89 30.60 50.68 -17.31
N ALA B 90 29.52 49.95 -17.47
CA ALA B 90 29.15 49.44 -18.79
C ALA B 90 28.24 50.43 -19.51
N ALA B 91 28.83 51.49 -20.04
CA ALA B 91 28.11 52.48 -20.81
C ALA B 91 27.74 51.91 -22.18
N ALA B 92 26.70 52.48 -22.79
CA ALA B 92 26.17 51.99 -24.05
C ALA B 92 27.25 51.87 -25.12
N GLU B 93 27.80 53.02 -25.52
CA GLU B 93 28.84 53.06 -26.51
C GLU B 93 30.11 53.65 -25.90
N GLU B 94 30.68 52.94 -24.95
CA GLU B 94 31.87 53.37 -24.27
C GLU B 94 33.08 53.20 -25.19
N LYS B 95 33.34 54.21 -26.00
CA LYS B 95 34.43 54.18 -26.96
C LYS B 95 34.77 55.59 -27.45
N LYS B 96 34.12 56.58 -26.86
CA LYS B 96 34.27 57.95 -27.32
C LYS B 96 34.84 58.85 -26.22
N ASP B 97 36.08 59.28 -26.43
CA ASP B 97 36.75 60.23 -25.54
C ASP B 97 37.01 59.64 -24.16
N GLU B 98 38.20 59.11 -23.96
CA GLU B 98 38.62 58.60 -22.65
C GLU B 98 38.42 59.65 -21.57
N LYS B 99 37.61 59.33 -20.58
CA LYS B 99 37.30 60.26 -19.51
C LYS B 99 37.69 59.67 -18.16
N LYS B 100 38.49 60.40 -17.42
CA LYS B 100 38.89 59.98 -16.08
C LYS B 100 38.17 60.81 -15.02
N GLU B 101 37.22 60.18 -14.33
CA GLU B 101 36.54 60.83 -13.20
C GLU B 101 36.67 59.96 -11.95
N GLU B 102 35.70 59.05 -11.76
CA GLU B 102 35.73 58.07 -10.68
C GLU B 102 35.80 58.73 -9.30
N SER B 103 34.66 59.20 -8.83
CA SER B 103 34.58 59.85 -7.52
C SER B 103 33.29 59.42 -6.81
N GLU B 104 33.45 58.72 -5.69
CA GLU B 104 32.31 58.24 -4.92
C GLU B 104 32.65 58.13 -3.44
N GLU B 105 33.44 57.12 -3.10
CA GLU B 105 33.84 56.89 -1.71
C GLU B 105 35.36 56.67 -1.63
N SER B 106 35.97 57.26 -0.62
CA SER B 106 37.40 57.12 -0.42
C SER B 106 37.71 56.95 1.07
N ASP B 107 38.52 55.95 1.39
CA ASP B 107 38.93 55.71 2.76
C ASP B 107 40.37 55.18 2.79
N ASP B 108 41.30 56.12 2.93
CA ASP B 108 42.74 55.85 2.93
C ASP B 108 43.23 55.39 1.57
N ASP B 109 44.11 56.19 0.98
CA ASP B 109 44.67 55.89 -0.33
C ASP B 109 46.07 55.32 -0.18
N MET B 110 46.35 54.77 1.02
CA MET B 110 47.66 54.21 1.38
C MET B 110 48.71 55.30 1.53
N GLY B 111 48.62 56.35 0.73
CA GLY B 111 49.51 57.49 0.86
C GLY B 111 50.97 57.11 0.80
N PHE B 112 51.40 56.61 -0.35
CA PHE B 112 52.76 56.16 -0.53
C PHE B 112 53.27 56.60 -1.91
N GLY B 113 54.31 55.92 -2.36
CA GLY B 113 54.92 56.25 -3.63
C GLY B 113 56.38 55.86 -3.68
N LEU B 114 56.69 54.75 -3.04
CA LEU B 114 58.02 54.19 -3.10
C LEU B 114 57.98 53.01 -4.03
N PHE B 115 57.95 53.35 -5.29
CA PHE B 115 57.74 52.41 -6.38
C PHE B 115 59.07 52.02 -7.02
N ASP B 116 60.15 52.62 -6.54
CA ASP B 116 61.46 52.40 -7.12
C ASP B 116 62.46 51.99 -6.04
N MET A 1 1.48 -18.09 -2.55
CA MET A 1 0.98 -16.73 -2.83
C MET A 1 -0.54 -16.73 -2.88
N ALA A 2 -1.16 -15.56 -2.74
CA ALA A 2 -2.61 -15.43 -2.81
C ALA A 2 -2.99 -14.05 -3.33
N SER A 3 -4.17 -13.98 -3.94
CA SER A 3 -4.69 -12.72 -4.49
C SER A 3 -3.71 -12.13 -5.51
N VAL A 4 -3.31 -12.96 -6.47
CA VAL A 4 -2.28 -12.59 -7.43
C VAL A 4 -2.79 -11.48 -8.32
N SER A 5 -4.08 -11.51 -8.60
CA SER A 5 -4.71 -10.49 -9.42
C SER A 5 -4.59 -9.12 -8.75
N GLU A 6 -4.99 -9.06 -7.47
CA GLU A 6 -4.99 -7.83 -6.70
C GLU A 6 -3.56 -7.30 -6.51
N LEU A 7 -2.66 -8.18 -6.09
CA LEU A 7 -1.25 -7.84 -5.98
C LEU A 7 -0.73 -7.24 -7.29
N ALA A 8 -1.07 -7.89 -8.40
CA ALA A 8 -0.60 -7.47 -9.71
C ALA A 8 -1.10 -6.07 -10.06
N CYS A 9 -2.41 -5.85 -9.93
CA CYS A 9 -2.99 -4.57 -10.29
C CYS A 9 -2.47 -3.46 -9.37
N ILE A 10 -2.08 -3.83 -8.14
CA ILE A 10 -1.56 -2.85 -7.21
C ILE A 10 -0.12 -2.48 -7.56
N TYR A 11 0.66 -3.45 -8.03
CA TYR A 11 2.02 -3.17 -8.43
C TYR A 11 2.03 -2.43 -9.77
N SER A 12 0.98 -2.62 -10.54
CA SER A 12 0.79 -1.86 -11.77
C SER A 12 0.34 -0.44 -11.46
N ALA A 13 -0.57 -0.31 -10.48
CA ALA A 13 -0.92 0.98 -9.92
C ALA A 13 0.34 1.71 -9.43
N LEU A 14 1.27 0.96 -8.85
CA LEU A 14 2.56 1.52 -8.44
C LEU A 14 3.32 2.06 -9.65
N ILE A 15 3.55 1.19 -10.64
CA ILE A 15 4.30 1.56 -11.84
C ILE A 15 3.66 2.74 -12.59
N LEU A 16 2.34 2.84 -12.53
CA LEU A 16 1.63 3.83 -13.33
C LEU A 16 0.93 4.87 -12.48
N HIS A 17 1.23 4.91 -11.19
CA HIS A 17 0.69 5.96 -10.30
C HIS A 17 0.77 7.33 -10.94
N ASP A 18 1.93 7.65 -11.47
CA ASP A 18 2.16 8.93 -12.12
C ASP A 18 3.28 8.75 -13.13
N ASP A 19 4.50 8.86 -12.63
CA ASP A 19 5.71 8.65 -13.43
C ASP A 19 5.62 9.37 -14.78
N GLU A 20 5.13 10.60 -14.74
CA GLU A 20 5.01 11.44 -15.93
C GLU A 20 4.03 10.86 -16.96
N VAL A 21 3.09 10.06 -16.50
CA VAL A 21 2.08 9.48 -17.38
C VAL A 21 0.77 9.26 -16.60
N THR A 22 -0.28 8.87 -17.30
CA THR A 22 -1.58 8.66 -16.67
C THR A 22 -1.91 7.17 -16.56
N VAL A 23 -2.26 6.75 -15.35
CA VAL A 23 -2.69 5.37 -15.10
C VAL A 23 -4.03 5.10 -15.77
N THR A 24 -3.98 4.53 -16.97
CA THR A 24 -5.20 4.23 -17.71
C THR A 24 -5.31 2.77 -18.09
N GLU A 25 -6.51 2.39 -18.52
CA GLU A 25 -6.85 1.00 -18.82
C GLU A 25 -5.81 0.33 -19.70
N ASP A 26 -5.50 0.97 -20.82
CA ASP A 26 -4.56 0.44 -21.79
C ASP A 26 -3.16 0.30 -21.18
N LYS A 27 -2.83 1.16 -20.23
CA LYS A 27 -1.51 1.15 -19.61
C LYS A 27 -1.38 -0.07 -18.71
N ILE A 28 -2.37 -0.27 -17.85
CA ILE A 28 -2.37 -1.43 -16.96
C ILE A 28 -2.43 -2.73 -17.76
N ASN A 29 -3.30 -2.76 -18.76
CA ASN A 29 -3.40 -3.92 -19.64
C ASN A 29 -2.05 -4.25 -20.28
N ALA A 30 -1.36 -3.22 -20.78
CA ALA A 30 -0.05 -3.40 -21.39
C ALA A 30 0.99 -3.88 -20.37
N LEU A 31 0.96 -3.31 -19.17
CA LEU A 31 1.90 -3.68 -18.12
C LEU A 31 1.67 -5.13 -17.69
N ILE A 32 0.41 -5.48 -17.54
CA ILE A 32 0.03 -6.85 -17.20
C ILE A 32 0.49 -7.82 -18.30
N LYS A 33 0.35 -7.39 -19.55
CA LYS A 33 0.80 -8.18 -20.69
C LYS A 33 2.33 -8.31 -20.67
N ALA A 34 3.00 -7.28 -20.16
CA ALA A 34 4.45 -7.30 -20.01
C ALA A 34 4.90 -8.33 -19.01
N ALA A 35 4.25 -8.36 -17.86
CA ALA A 35 4.64 -9.28 -16.80
C ALA A 35 4.01 -10.66 -16.98
N GLY A 36 2.97 -10.75 -17.79
CA GLY A 36 2.32 -12.02 -18.06
C GLY A 36 1.46 -12.50 -16.92
N VAL A 37 1.19 -11.60 -15.98
CA VAL A 37 0.41 -11.93 -14.79
C VAL A 37 -1.08 -11.89 -15.11
N ASN A 38 -1.88 -12.63 -14.36
CA ASN A 38 -3.29 -12.77 -14.67
C ASN A 38 -4.16 -12.04 -13.65
N VAL A 39 -4.70 -10.90 -14.05
CA VAL A 39 -5.63 -10.15 -13.22
C VAL A 39 -6.96 -9.99 -13.96
N GLU A 40 -8.07 -10.22 -13.27
CA GLU A 40 -9.39 -10.11 -13.86
C GLU A 40 -9.62 -8.68 -14.39
N PRO A 41 -9.95 -8.55 -15.69
CA PRO A 41 -10.04 -7.26 -16.41
C PRO A 41 -10.80 -6.15 -15.69
N PHE A 42 -11.59 -6.51 -14.68
CA PHE A 42 -12.41 -5.53 -14.00
C PHE A 42 -11.53 -4.69 -13.08
N TRP A 43 -10.41 -5.27 -12.64
CA TRP A 43 -9.45 -4.53 -11.82
C TRP A 43 -8.80 -3.42 -12.67
N PRO A 44 -8.21 -3.73 -13.86
CA PRO A 44 -7.69 -2.70 -14.78
C PRO A 44 -8.72 -1.61 -15.08
N GLY A 45 -9.91 -2.03 -15.51
CA GLY A 45 -10.97 -1.07 -15.82
C GLY A 45 -11.30 -0.19 -14.63
N LEU A 46 -11.54 -0.83 -13.50
CA LEU A 46 -11.88 -0.14 -12.26
C LEU A 46 -10.77 0.85 -11.92
N PHE A 47 -9.53 0.38 -11.87
CA PHE A 47 -8.40 1.21 -11.51
C PHE A 47 -8.27 2.43 -12.41
N ALA A 48 -8.42 2.22 -13.70
CA ALA A 48 -8.32 3.31 -14.67
C ALA A 48 -9.40 4.36 -14.45
N LYS A 49 -10.60 3.90 -14.13
CA LYS A 49 -11.72 4.82 -13.94
C LYS A 49 -11.95 5.14 -12.46
N ALA A 50 -11.05 4.67 -11.60
CA ALA A 50 -11.15 4.97 -10.17
C ALA A 50 -10.04 5.89 -9.67
N LEU A 51 -8.78 5.64 -10.10
CA LEU A 51 -7.67 6.43 -9.56
C LEU A 51 -7.55 7.78 -10.31
N ALA A 52 -6.32 8.09 -10.80
CA ALA A 52 -6.06 9.32 -11.59
C ALA A 52 -6.23 10.61 -10.76
N ASN A 53 -6.63 10.46 -9.50
CA ASN A 53 -6.85 11.60 -8.61
C ASN A 53 -6.42 11.21 -7.21
N VAL A 54 -6.89 10.02 -6.84
CA VAL A 54 -6.56 9.42 -5.55
C VAL A 54 -5.05 9.29 -5.37
N ASN A 55 -4.57 9.95 -4.32
CA ASN A 55 -3.17 9.85 -3.92
C ASN A 55 -2.76 8.40 -3.76
N ILE A 56 -1.49 8.14 -4.09
CA ILE A 56 -0.93 6.78 -4.23
C ILE A 56 -1.29 5.84 -3.08
N GLY A 57 -1.34 6.35 -1.86
CA GLY A 57 -1.68 5.51 -0.71
C GLY A 57 -3.01 4.77 -0.89
N SER A 58 -3.84 5.31 -1.76
CA SER A 58 -5.16 4.74 -2.07
C SER A 58 -5.05 3.26 -2.41
N LEU A 59 -3.92 2.88 -3.00
CA LEU A 59 -3.67 1.50 -3.43
C LEU A 59 -3.96 0.50 -2.32
N ILE A 60 -3.58 0.84 -1.09
CA ILE A 60 -3.71 -0.12 0.00
C ILE A 60 -5.10 -0.04 0.64
N CYS A 61 -6.06 0.47 -0.14
CA CYS A 61 -7.44 0.49 0.28
C CYS A 61 -8.32 -0.17 -0.79
N ASN A 62 -7.69 -0.69 -1.84
CA ASN A 62 -8.41 -1.28 -2.96
C ASN A 62 -8.67 -2.76 -2.74
N VAL A 63 -8.90 -3.13 -1.49
CA VAL A 63 -9.12 -4.52 -1.13
C VAL A 63 -10.58 -4.90 -1.41
N GLY A 64 -10.89 -4.93 -2.69
CA GLY A 64 -12.23 -5.28 -3.12
C GLY A 64 -12.31 -6.66 -3.71
N ALA A 65 -11.37 -7.52 -3.31
CA ALA A 65 -11.35 -8.90 -3.80
C ALA A 65 -12.41 -9.74 -3.09
N GLY A 66 -13.67 -9.53 -3.45
CA GLY A 66 -14.76 -10.27 -2.85
C GLY A 66 -14.95 -11.62 -3.49
N GLY A 67 -13.91 -12.44 -3.45
CA GLY A 67 -13.97 -13.76 -4.03
C GLY A 67 -12.63 -14.17 -4.63
N PRO A 68 -11.66 -14.56 -3.80
CA PRO A 68 -10.33 -14.94 -4.26
C PRO A 68 -10.36 -16.21 -5.13
N ALA A 69 -10.98 -17.28 -4.61
CA ALA A 69 -11.12 -18.54 -5.33
C ALA A 69 -9.78 -19.04 -5.87
N PRO A 70 -8.92 -19.58 -4.99
CA PRO A 70 -7.59 -20.06 -5.37
C PRO A 70 -7.65 -21.18 -6.40
N ALA A 71 -8.21 -22.32 -6.00
CA ALA A 71 -8.33 -23.51 -6.86
C ALA A 71 -6.97 -24.08 -7.21
N ALA A 72 -6.70 -25.28 -6.74
CA ALA A 72 -5.44 -25.93 -6.98
C ALA A 72 -5.66 -27.40 -7.33
N GLY A 73 -5.18 -27.80 -8.49
CA GLY A 73 -5.33 -29.16 -8.93
C GLY A 73 -4.51 -29.42 -10.18
N ALA A 74 -3.27 -29.83 -9.99
CA ALA A 74 -2.38 -30.09 -11.12
C ALA A 74 -1.57 -31.36 -10.87
N ALA A 75 -1.34 -32.10 -11.95
CA ALA A 75 -0.61 -33.36 -11.86
C ALA A 75 0.88 -33.12 -11.70
N PRO A 76 1.47 -33.67 -10.62
CA PRO A 76 2.90 -33.51 -10.31
C PRO A 76 3.82 -34.20 -11.32
N ALA A 77 3.23 -34.96 -12.23
CA ALA A 77 3.98 -35.70 -13.22
C ALA A 77 4.27 -34.83 -14.43
N GLY A 78 5.46 -34.23 -14.45
CA GLY A 78 5.85 -33.38 -15.55
C GLY A 78 7.32 -33.51 -15.88
N GLY A 79 7.65 -34.44 -16.77
CA GLY A 79 9.01 -34.60 -17.23
C GLY A 79 9.10 -34.70 -18.74
N PRO A 80 8.85 -33.60 -19.46
CA PRO A 80 8.83 -33.59 -20.92
C PRO A 80 10.16 -33.18 -21.54
N ALA A 81 10.20 -33.18 -22.87
CA ALA A 81 11.36 -32.72 -23.60
C ALA A 81 10.94 -31.75 -24.70
N PRO A 82 10.66 -30.49 -24.34
CA PRO A 82 10.24 -29.45 -25.29
C PRO A 82 11.31 -29.19 -26.36
N SER A 83 12.57 -29.33 -25.98
CA SER A 83 13.67 -29.04 -26.87
C SER A 83 13.97 -30.24 -27.78
N THR A 84 12.96 -30.66 -28.54
CA THR A 84 13.08 -31.75 -29.51
C THR A 84 13.19 -33.11 -28.81
N ALA A 85 12.28 -34.02 -29.13
CA ALA A 85 12.31 -35.37 -28.57
C ALA A 85 13.40 -36.19 -29.25
N ALA A 86 14.58 -36.19 -28.65
CA ALA A 86 15.73 -36.91 -29.18
C ALA A 86 15.59 -38.41 -29.00
N ALA A 87 16.16 -39.15 -29.96
CA ALA A 87 16.14 -40.60 -29.92
C ALA A 87 17.30 -41.13 -29.08
N PRO A 88 17.16 -42.35 -28.50
CA PRO A 88 18.20 -42.99 -27.66
C PRO A 88 19.49 -43.31 -28.42
N ALA A 89 20.26 -42.26 -28.74
CA ALA A 89 21.53 -42.39 -29.43
C ALA A 89 21.34 -42.88 -30.87
N GLU A 90 21.26 -44.21 -31.03
CA GLU A 90 21.14 -44.84 -32.36
C GLU A 90 22.13 -44.26 -33.35
N GLU A 91 23.38 -44.64 -33.17
CA GLU A 91 24.48 -44.10 -33.95
C GLU A 91 24.61 -44.84 -35.29
N LYS A 92 25.54 -44.39 -36.11
CA LYS A 92 25.75 -44.97 -37.43
C LYS A 92 27.14 -45.59 -37.51
N LYS A 93 27.65 -46.03 -36.38
CA LYS A 93 28.94 -46.69 -36.33
C LYS A 93 28.77 -48.14 -35.85
N VAL A 94 28.62 -49.03 -36.80
CA VAL A 94 28.35 -50.43 -36.50
C VAL A 94 29.28 -51.34 -37.30
N GLU A 95 29.70 -52.44 -36.69
CA GLU A 95 30.56 -53.38 -37.37
C GLU A 95 29.90 -54.75 -37.44
N ALA A 96 30.50 -55.64 -38.21
CA ALA A 96 30.02 -57.01 -38.37
C ALA A 96 31.12 -57.89 -38.95
N LYS A 97 31.94 -58.45 -38.08
CA LYS A 97 33.01 -59.33 -38.51
C LYS A 97 32.44 -60.60 -39.14
N LYS A 98 33.06 -61.03 -40.22
CA LYS A 98 32.57 -62.17 -40.98
C LYS A 98 33.70 -63.13 -41.30
N GLU A 99 34.81 -62.60 -41.80
CA GLU A 99 36.03 -63.35 -42.03
C GLU A 99 35.80 -64.54 -42.96
N GLU A 100 35.62 -64.26 -44.25
CA GLU A 100 35.53 -65.31 -45.25
C GLU A 100 36.91 -65.91 -45.53
N SER A 101 36.91 -67.16 -45.98
CA SER A 101 38.15 -67.89 -46.18
C SER A 101 38.64 -67.81 -47.63
N GLU A 102 39.95 -67.68 -47.79
CA GLU A 102 40.56 -67.63 -49.13
C GLU A 102 41.85 -68.45 -49.17
N GLU A 103 41.80 -69.64 -48.54
CA GLU A 103 42.94 -70.54 -48.40
C GLU A 103 44.06 -69.91 -47.57
N SER A 104 44.16 -70.31 -46.31
CA SER A 104 45.15 -69.74 -45.41
C SER A 104 45.62 -70.78 -44.39
N ASP A 105 46.92 -70.78 -44.12
CA ASP A 105 47.51 -71.67 -43.13
C ASP A 105 48.25 -70.87 -42.06
N ASP A 106 47.92 -71.11 -40.80
CA ASP A 106 48.52 -70.38 -39.70
C ASP A 106 49.70 -71.17 -39.11
N ASP A 107 49.67 -72.48 -39.25
CA ASP A 107 50.81 -73.31 -38.86
C ASP A 107 51.50 -73.81 -40.10
N MET A 108 52.79 -73.57 -40.18
CA MET A 108 53.54 -73.85 -41.40
C MET A 108 54.56 -74.98 -41.16
N GLY A 109 54.27 -75.85 -40.21
CA GLY A 109 55.15 -76.95 -39.93
C GLY A 109 55.77 -76.87 -38.55
N PHE A 110 55.50 -77.88 -37.73
CA PHE A 110 56.01 -77.92 -36.37
C PHE A 110 57.44 -78.45 -36.33
N GLY A 111 58.33 -77.75 -37.02
CA GLY A 111 59.73 -78.11 -37.01
C GLY A 111 60.46 -77.67 -38.27
N LEU A 112 61.59 -76.99 -38.07
CA LEU A 112 62.42 -76.56 -39.19
C LEU A 112 63.67 -77.43 -39.27
N PHE A 113 63.52 -78.69 -38.87
CA PHE A 113 64.61 -79.67 -38.97
C PHE A 113 64.33 -80.64 -40.09
N ASP A 114 65.37 -80.97 -40.85
CA ASP A 114 65.23 -81.82 -42.02
C ASP A 114 66.31 -82.89 -42.02
N ALA B 1 11.26 3.58 -4.79
CA ALA B 1 10.71 4.39 -5.91
C ALA B 1 9.89 3.51 -6.86
N MET B 2 8.83 4.09 -7.43
CA MET B 2 7.82 3.35 -8.21
C MET B 2 8.46 2.47 -9.29
N ARG B 3 9.22 3.11 -10.19
CA ARG B 3 9.75 2.49 -11.41
C ARG B 3 10.12 1.01 -11.27
N TYR B 4 11.10 0.71 -10.44
CA TYR B 4 11.77 -0.60 -10.51
C TYR B 4 11.25 -1.59 -9.47
N VAL B 5 10.84 -1.09 -8.30
CA VAL B 5 10.45 -1.97 -7.21
C VAL B 5 9.23 -2.81 -7.60
N ALA B 6 8.19 -2.17 -8.12
CA ALA B 6 6.95 -2.86 -8.45
C ALA B 6 7.13 -3.72 -9.69
N SER B 7 8.17 -3.44 -10.47
CA SER B 7 8.51 -4.26 -11.61
C SER B 7 9.07 -5.60 -11.14
N TYR B 8 10.00 -5.54 -10.18
CA TYR B 8 10.53 -6.75 -9.56
C TYR B 8 9.41 -7.50 -8.86
N LEU B 9 8.48 -6.73 -8.27
CA LEU B 9 7.32 -7.29 -7.59
C LEU B 9 6.46 -8.10 -8.55
N LEU B 10 6.08 -7.49 -9.66
CA LEU B 10 5.22 -8.14 -10.65
C LEU B 10 5.87 -9.41 -11.19
N ALA B 11 7.13 -9.28 -11.61
CA ALA B 11 7.86 -10.41 -12.17
C ALA B 11 8.03 -11.54 -11.17
N ALA B 12 8.15 -11.20 -9.89
CA ALA B 12 8.28 -12.23 -8.86
C ALA B 12 6.93 -12.86 -8.55
N LEU B 13 5.90 -12.02 -8.52
CA LEU B 13 4.54 -12.46 -8.24
C LEU B 13 4.06 -13.48 -9.26
N GLY B 14 4.12 -13.13 -10.53
CA GLY B 14 3.57 -13.98 -11.55
C GLY B 14 4.55 -14.29 -12.65
N GLY B 15 5.72 -14.79 -12.26
CA GLY B 15 6.73 -15.14 -13.23
C GLY B 15 7.84 -15.98 -12.65
N ASN B 16 8.75 -15.34 -11.93
CA ASN B 16 9.92 -16.01 -11.38
C ASN B 16 10.34 -15.36 -10.07
N SER B 17 10.75 -16.18 -9.12
CA SER B 17 11.18 -15.71 -7.81
C SER B 17 12.42 -14.84 -7.91
N SER B 18 13.18 -15.04 -8.98
CA SER B 18 14.39 -14.26 -9.18
C SER B 18 14.31 -13.48 -10.50
N PRO B 19 13.46 -12.43 -10.54
CA PRO B 19 13.24 -11.60 -11.74
C PRO B 19 14.54 -11.04 -12.33
N SER B 20 14.70 -11.20 -13.64
CA SER B 20 15.86 -10.69 -14.33
C SER B 20 15.65 -9.24 -14.74
N ALA B 21 16.74 -8.46 -14.71
CA ALA B 21 16.71 -7.05 -15.08
C ALA B 21 16.22 -6.87 -16.52
N LYS B 22 16.33 -7.93 -17.30
CA LYS B 22 15.86 -7.93 -18.68
C LYS B 22 14.35 -7.88 -18.72
N ASP B 23 13.73 -8.78 -17.96
CA ASP B 23 12.28 -8.89 -17.93
C ASP B 23 11.67 -7.66 -17.30
N ILE B 24 12.31 -7.16 -16.24
CA ILE B 24 11.87 -5.92 -15.61
C ILE B 24 11.97 -4.78 -16.63
N LYS B 25 13.09 -4.72 -17.35
CA LYS B 25 13.28 -3.73 -18.40
C LYS B 25 12.12 -3.77 -19.38
N LYS B 26 11.72 -4.97 -19.80
CA LYS B 26 10.61 -5.14 -20.72
C LYS B 26 9.31 -4.64 -20.10
N ILE B 27 9.15 -4.86 -18.81
CA ILE B 27 7.97 -4.35 -18.10
C ILE B 27 7.89 -2.83 -18.18
N LEU B 28 9.01 -2.14 -17.97
CA LEU B 28 9.01 -0.67 -18.09
C LEU B 28 8.98 -0.25 -19.57
N ASP B 29 9.45 -1.14 -20.44
CA ASP B 29 9.52 -0.85 -21.88
C ASP B 29 8.17 -0.99 -22.55
N SER B 30 7.30 -1.83 -22.00
CA SER B 30 5.97 -2.07 -22.57
C SER B 30 5.23 -0.75 -22.78
N VAL B 31 5.07 0.01 -21.70
CA VAL B 31 4.46 1.33 -21.78
C VAL B 31 5.46 2.37 -22.28
N GLY B 32 6.75 2.11 -22.03
CA GLY B 32 7.80 3.01 -22.48
C GLY B 32 7.78 4.34 -21.77
N ILE B 33 8.03 4.32 -20.47
CA ILE B 33 8.08 5.54 -19.68
C ILE B 33 9.54 5.97 -19.47
N GLU B 34 10.14 5.48 -18.39
CA GLU B 34 11.55 5.73 -18.12
C GLU B 34 12.14 4.54 -17.39
N ALA B 35 13.38 4.19 -17.72
CA ALA B 35 14.06 3.05 -17.10
C ALA B 35 15.57 3.14 -17.27
N ASP B 36 16.23 3.72 -16.28
CA ASP B 36 17.68 3.88 -16.29
C ASP B 36 18.35 2.50 -16.28
N ASP B 37 19.23 2.25 -17.24
CA ASP B 37 19.84 0.94 -17.40
C ASP B 37 20.90 0.67 -16.32
N ASP B 38 21.28 1.71 -15.59
CA ASP B 38 22.19 1.56 -14.48
C ASP B 38 21.40 1.35 -13.19
N ARG B 39 20.47 2.24 -12.93
CA ARG B 39 19.69 2.20 -11.70
C ARG B 39 18.80 0.97 -11.65
N LEU B 40 18.33 0.52 -12.80
CA LEU B 40 17.45 -0.64 -12.88
C LEU B 40 18.12 -1.90 -12.33
N ASN B 41 19.21 -2.32 -12.95
CA ASN B 41 19.88 -3.54 -12.53
C ASN B 41 20.66 -3.31 -11.23
N LYS B 42 20.95 -2.05 -10.90
CA LYS B 42 21.57 -1.74 -9.62
C LYS B 42 20.56 -1.93 -8.47
N VAL B 43 19.36 -1.36 -8.61
CA VAL B 43 18.38 -1.48 -7.55
C VAL B 43 17.97 -2.92 -7.43
N ILE B 44 17.95 -3.62 -8.56
CA ILE B 44 17.66 -5.03 -8.58
C ILE B 44 18.85 -5.84 -8.04
N SER B 45 20.07 -5.34 -8.24
CA SER B 45 21.26 -5.98 -7.70
C SER B 45 21.26 -5.94 -6.17
N GLU B 46 20.61 -4.93 -5.61
CA GLU B 46 20.39 -4.87 -4.17
C GLU B 46 19.11 -5.61 -3.80
N LEU B 47 18.06 -5.30 -4.54
CA LEU B 47 16.74 -5.93 -4.43
C LEU B 47 16.74 -7.29 -5.14
N ASN B 48 17.65 -8.16 -4.73
CA ASN B 48 17.83 -9.44 -5.41
C ASN B 48 17.15 -10.58 -4.66
N GLY B 49 15.99 -10.29 -4.08
CA GLY B 49 15.20 -11.33 -3.46
C GLY B 49 15.34 -11.41 -1.95
N LYS B 50 16.11 -10.51 -1.38
CA LYS B 50 16.37 -10.51 0.07
C LYS B 50 15.16 -10.02 0.86
N ASN B 51 14.11 -9.62 0.17
CA ASN B 51 12.93 -9.09 0.83
C ASN B 51 11.69 -9.18 -0.07
N ILE B 52 11.83 -9.85 -1.21
CA ILE B 52 10.76 -9.86 -2.20
C ILE B 52 9.51 -10.58 -1.70
N GLU B 53 9.68 -11.75 -1.11
CA GLU B 53 8.55 -12.56 -0.65
C GLU B 53 7.70 -11.78 0.36
N ASP B 54 8.36 -11.11 1.29
CA ASP B 54 7.67 -10.38 2.35
C ASP B 54 7.06 -9.09 1.79
N VAL B 55 7.78 -8.42 0.90
CA VAL B 55 7.31 -7.18 0.31
C VAL B 55 6.14 -7.45 -0.65
N ILE B 56 6.04 -8.67 -1.13
CA ILE B 56 4.86 -9.07 -1.89
C ILE B 56 3.71 -9.33 -0.92
N ALA B 57 3.99 -10.09 0.12
CA ALA B 57 2.95 -10.52 1.06
C ALA B 57 2.29 -9.35 1.80
N GLN B 58 3.05 -8.31 2.12
CA GLN B 58 2.50 -7.20 2.89
C GLN B 58 3.14 -5.86 2.51
N GLY B 59 3.58 -5.75 1.27
CA GLY B 59 4.31 -4.57 0.84
C GLY B 59 3.53 -3.70 -0.13
N ILE B 60 2.34 -3.27 0.27
CA ILE B 60 1.52 -2.39 -0.56
C ILE B 60 1.76 -0.92 -0.19
N GLY B 61 2.42 -0.69 0.93
CA GLY B 61 2.64 0.66 1.40
C GLY B 61 4.07 1.14 1.24
N LYS B 62 5.01 0.30 1.62
CA LYS B 62 6.42 0.66 1.64
C LYS B 62 7.07 0.37 0.28
N LEU B 63 6.78 1.23 -0.71
CA LEU B 63 7.28 1.04 -2.07
C LEU B 63 8.06 2.25 -2.55
N ALA B 64 7.32 3.32 -2.83
CA ALA B 64 7.90 4.59 -3.25
C ALA B 64 9.00 5.01 -2.29
N SER B 65 8.60 5.47 -1.11
CA SER B 65 9.52 5.85 -0.04
C SER B 65 10.42 7.02 -0.44
N VAL B 66 10.34 8.11 0.32
CA VAL B 66 11.22 9.25 0.10
C VAL B 66 12.61 8.98 0.68
N PRO B 67 13.63 8.88 -0.17
CA PRO B 67 14.99 8.58 0.27
C PRO B 67 15.72 9.79 0.84
N ALA B 68 16.52 9.55 1.87
CA ALA B 68 17.29 10.60 2.50
C ALA B 68 18.76 10.21 2.57
N GLY B 69 19.63 11.16 2.24
CA GLY B 69 21.05 10.88 2.27
C GLY B 69 21.50 10.02 1.11
N GLY B 70 20.92 10.27 -0.07
CA GLY B 70 21.30 9.52 -1.24
C GLY B 70 22.63 9.99 -1.81
N ALA B 71 23.71 9.34 -1.40
CA ALA B 71 25.03 9.69 -1.88
C ALA B 71 25.23 9.16 -3.30
N VAL B 72 24.70 9.89 -4.27
CA VAL B 72 24.79 9.50 -5.67
C VAL B 72 26.17 9.86 -6.23
N ALA B 73 26.70 8.99 -7.06
CA ALA B 73 27.98 9.22 -7.70
C ALA B 73 27.95 8.75 -9.14
N VAL B 74 28.40 9.61 -10.05
CA VAL B 74 28.39 9.31 -11.47
C VAL B 74 29.49 8.32 -11.82
N SER B 75 29.11 7.14 -12.29
CA SER B 75 30.08 6.10 -12.64
C SER B 75 30.75 6.38 -13.98
N ALA B 76 32.08 6.31 -14.00
CA ALA B 76 32.84 6.54 -15.22
C ALA B 76 33.28 5.21 -15.84
N ALA B 77 33.34 5.16 -17.16
CA ALA B 77 33.71 3.96 -17.86
C ALA B 77 35.06 4.11 -18.55
N PRO B 78 36.04 3.32 -18.10
CA PRO B 78 37.38 3.30 -18.69
C PRO B 78 37.41 2.68 -20.08
N GLY B 79 38.31 3.20 -20.92
CA GLY B 79 38.43 2.72 -22.28
C GLY B 79 39.74 2.02 -22.52
N SER B 80 39.80 1.20 -23.56
CA SER B 80 41.01 0.46 -23.89
C SER B 80 41.89 1.25 -24.86
N ALA B 81 42.92 0.58 -25.38
CA ALA B 81 43.79 1.12 -26.41
C ALA B 81 44.64 2.26 -25.86
N ALA B 82 45.55 1.90 -24.97
CA ALA B 82 46.45 2.85 -24.35
C ALA B 82 47.77 2.92 -25.10
N PRO B 83 48.55 4.01 -24.92
CA PRO B 83 49.86 4.17 -25.56
C PRO B 83 50.73 2.92 -25.49
N ALA B 84 51.11 2.53 -24.27
CA ALA B 84 51.94 1.34 -24.02
C ALA B 84 53.33 1.47 -24.66
N ALA B 85 54.35 1.60 -23.82
CA ALA B 85 55.72 1.71 -24.30
C ALA B 85 56.46 0.39 -24.13
N GLY B 86 57.77 0.41 -24.33
CA GLY B 86 58.56 -0.79 -24.15
C GLY B 86 58.99 -0.96 -22.71
N SER B 87 60.31 -1.02 -22.50
CA SER B 87 60.91 -1.18 -21.17
C SER B 87 60.23 -2.30 -20.38
N ALA B 88 60.55 -3.54 -20.75
CA ALA B 88 60.00 -4.73 -20.09
C ALA B 88 60.19 -4.63 -18.57
N PRO B 89 59.08 -4.45 -17.82
CA PRO B 89 59.13 -4.25 -16.37
C PRO B 89 59.70 -5.45 -15.63
N ALA B 90 60.97 -5.37 -15.25
CA ALA B 90 61.60 -6.40 -14.47
C ALA B 90 61.55 -6.03 -13.00
N ALA B 91 62.26 -6.78 -12.17
CA ALA B 91 62.32 -6.48 -10.75
C ALA B 91 62.94 -5.11 -10.51
N ALA B 92 64.23 -4.98 -10.81
CA ALA B 92 64.94 -3.72 -10.64
C ALA B 92 66.37 -3.86 -11.14
N GLU B 93 66.99 -2.71 -11.43
CA GLU B 93 68.41 -2.62 -11.82
C GLU B 93 68.75 -3.41 -13.10
N GLU B 94 69.06 -2.68 -14.16
CA GLU B 94 69.57 -3.25 -15.39
C GLU B 94 70.88 -3.99 -15.14
N LYS B 95 70.84 -5.32 -15.19
CA LYS B 95 72.00 -6.14 -14.89
C LYS B 95 72.12 -7.27 -15.91
N LYS B 96 73.22 -7.29 -16.64
CA LYS B 96 73.43 -8.28 -17.69
C LYS B 96 73.91 -9.61 -17.11
N ASP B 97 73.27 -10.69 -17.56
CA ASP B 97 73.57 -12.04 -17.08
C ASP B 97 72.95 -13.03 -18.08
N GLU B 98 73.78 -13.64 -18.92
CA GLU B 98 73.27 -14.48 -20.01
C GLU B 98 72.84 -15.87 -19.53
N LYS B 99 72.26 -16.64 -20.45
CA LYS B 99 71.72 -17.94 -20.11
C LYS B 99 72.77 -19.05 -20.30
N LYS B 100 72.96 -19.46 -21.57
CA LYS B 100 73.88 -20.56 -21.91
C LYS B 100 73.50 -21.85 -21.19
N GLU B 101 72.31 -22.34 -21.49
CA GLU B 101 71.75 -23.50 -20.84
C GLU B 101 72.24 -24.80 -21.48
N GLU B 102 71.81 -25.93 -20.90
CA GLU B 102 72.17 -27.27 -21.38
C GLU B 102 73.67 -27.55 -21.26
N SER B 103 74.06 -28.22 -20.17
CA SER B 103 75.46 -28.56 -19.97
C SER B 103 75.60 -30.02 -19.53
N GLU B 104 76.64 -30.67 -20.04
CA GLU B 104 76.95 -32.06 -19.70
C GLU B 104 78.03 -32.09 -18.61
N GLU B 105 77.61 -32.46 -17.41
CA GLU B 105 78.50 -32.46 -16.25
C GLU B 105 79.09 -33.85 -16.03
N SER B 106 79.90 -34.29 -16.97
CA SER B 106 80.54 -35.59 -16.89
C SER B 106 81.55 -35.63 -15.74
N ASP B 107 81.62 -36.77 -15.05
CA ASP B 107 82.50 -36.93 -13.90
C ASP B 107 83.79 -37.63 -14.28
N ASP B 108 84.03 -37.72 -15.60
CA ASP B 108 85.20 -38.40 -16.18
C ASP B 108 85.14 -39.91 -15.99
N ASP B 109 85.19 -40.35 -14.74
CA ASP B 109 85.13 -41.78 -14.42
C ASP B 109 83.68 -42.22 -14.20
N MET B 110 83.48 -43.54 -14.08
CA MET B 110 82.14 -44.09 -13.91
C MET B 110 82.17 -45.34 -13.03
N GLY B 111 83.18 -45.45 -12.18
CA GLY B 111 83.33 -46.61 -11.32
C GLY B 111 82.38 -46.60 -10.14
N PHE B 112 81.11 -46.37 -10.40
CA PHE B 112 80.09 -46.29 -9.36
C PHE B 112 78.91 -47.16 -9.72
N GLY B 113 79.11 -48.09 -10.65
CA GLY B 113 78.04 -48.94 -11.09
C GLY B 113 77.45 -48.47 -12.40
N LEU B 114 76.67 -47.39 -12.34
CA LEU B 114 75.92 -46.90 -13.48
C LEU B 114 75.14 -48.04 -14.14
N PHE B 115 74.00 -48.31 -13.57
CA PHE B 115 73.24 -49.51 -13.88
C PHE B 115 71.79 -49.16 -14.16
N ASP B 116 71.56 -47.89 -14.46
CA ASP B 116 70.22 -47.36 -14.63
C ASP B 116 69.87 -47.27 -16.11
N MET A 1 2.20 -14.67 -1.94
CA MET A 1 1.87 -15.53 -3.10
C MET A 1 0.46 -16.10 -2.95
N ALA A 2 -0.54 -15.23 -3.02
CA ALA A 2 -1.93 -15.67 -2.89
C ALA A 2 -2.81 -14.95 -3.90
N SER A 3 -3.13 -13.70 -3.61
CA SER A 3 -3.97 -12.89 -4.47
C SER A 3 -3.16 -12.29 -5.62
N VAL A 4 -2.79 -13.13 -6.59
CA VAL A 4 -1.94 -12.70 -7.69
C VAL A 4 -2.64 -11.63 -8.51
N SER A 5 -3.96 -11.68 -8.49
CA SER A 5 -4.77 -10.74 -9.19
C SER A 5 -4.52 -9.31 -8.67
N GLU A 6 -4.85 -9.13 -7.39
CA GLU A 6 -4.68 -7.84 -6.73
C GLU A 6 -3.21 -7.42 -6.76
N LEU A 7 -2.31 -8.32 -6.36
CA LEU A 7 -0.87 -8.03 -6.39
C LEU A 7 -0.48 -7.43 -7.74
N ALA A 8 -0.79 -8.14 -8.82
CA ALA A 8 -0.40 -7.69 -10.17
C ALA A 8 -0.99 -6.33 -10.51
N CYS A 9 -2.30 -6.18 -10.36
CA CYS A 9 -2.97 -4.94 -10.72
C CYS A 9 -2.52 -3.79 -9.82
N ILE A 10 -2.18 -4.11 -8.59
CA ILE A 10 -1.72 -3.09 -7.66
C ILE A 10 -0.31 -2.66 -8.00
N TYR A 11 0.51 -3.61 -8.45
CA TYR A 11 1.87 -3.29 -8.86
C TYR A 11 1.85 -2.42 -10.09
N SER A 12 0.89 -2.67 -10.96
CA SER A 12 0.73 -1.83 -12.14
C SER A 12 0.20 -0.44 -11.71
N ALA A 13 -0.81 -0.43 -10.85
CA ALA A 13 -1.37 0.79 -10.28
C ALA A 13 -0.28 1.65 -9.61
N LEU A 14 0.53 1.02 -8.75
CA LEU A 14 1.55 1.75 -8.02
C LEU A 14 2.73 2.09 -8.92
N ILE A 15 3.00 1.27 -9.93
CA ILE A 15 4.05 1.55 -10.91
C ILE A 15 3.70 2.81 -11.72
N LEU A 16 2.44 2.96 -12.05
CA LEU A 16 1.98 4.12 -12.79
C LEU A 16 1.84 5.33 -11.86
N HIS A 17 1.57 5.08 -10.59
CA HIS A 17 1.43 6.15 -9.59
C HIS A 17 2.77 6.69 -9.11
N ASP A 18 3.49 7.38 -10.00
CA ASP A 18 4.72 8.06 -9.62
C ASP A 18 5.13 9.04 -10.70
N ASP A 19 5.14 8.57 -11.94
CA ASP A 19 5.54 9.38 -13.08
C ASP A 19 4.36 10.23 -13.57
N GLU A 20 4.55 10.89 -14.72
CA GLU A 20 3.48 11.66 -15.35
C GLU A 20 2.68 10.77 -16.30
N VAL A 21 2.85 9.47 -16.16
CA VAL A 21 2.14 8.49 -16.98
C VAL A 21 0.80 8.15 -16.34
N THR A 22 -0.28 8.30 -17.11
CA THR A 22 -1.64 8.15 -16.58
C THR A 22 -2.03 6.68 -16.41
N VAL A 23 -2.85 6.40 -15.40
CA VAL A 23 -3.23 5.04 -15.04
C VAL A 23 -4.39 4.51 -15.90
N THR A 24 -4.34 4.80 -17.20
CA THR A 24 -5.42 4.42 -18.10
C THR A 24 -5.50 2.89 -18.28
N GLU A 25 -6.66 2.41 -18.73
CA GLU A 25 -6.90 0.97 -18.86
C GLU A 25 -5.85 0.37 -19.78
N ASP A 26 -5.58 1.08 -20.86
CA ASP A 26 -4.53 0.74 -21.80
C ASP A 26 -3.20 0.46 -21.09
N LYS A 27 -2.88 1.29 -20.10
CA LYS A 27 -1.59 1.20 -19.43
C LYS A 27 -1.56 0.06 -18.42
N ILE A 28 -2.59 -0.06 -17.58
CA ILE A 28 -2.64 -1.16 -16.63
C ILE A 28 -2.69 -2.49 -17.38
N ASN A 29 -3.52 -2.55 -18.40
CA ASN A 29 -3.63 -3.76 -19.22
C ASN A 29 -2.29 -4.08 -19.86
N ALA A 30 -1.58 -3.06 -20.33
CA ALA A 30 -0.26 -3.23 -20.93
C ALA A 30 0.74 -3.80 -19.93
N LEU A 31 0.70 -3.31 -18.69
CA LEU A 31 1.63 -3.78 -17.66
C LEU A 31 1.32 -5.23 -17.29
N ILE A 32 0.02 -5.52 -17.17
CA ILE A 32 -0.44 -6.88 -16.90
C ILE A 32 0.00 -7.83 -18.02
N LYS A 33 -0.02 -7.34 -19.27
CA LYS A 33 0.43 -8.13 -20.40
C LYS A 33 1.96 -8.22 -20.43
N ALA A 34 2.62 -7.18 -19.94
CA ALA A 34 4.08 -7.18 -19.83
C ALA A 34 4.54 -8.33 -18.95
N ALA A 35 3.96 -8.46 -17.77
CA ALA A 35 4.37 -9.49 -16.84
C ALA A 35 3.64 -10.82 -17.11
N GLY A 36 2.45 -10.73 -17.68
CA GLY A 36 1.72 -11.92 -18.08
C GLY A 36 0.95 -12.55 -16.94
N VAL A 37 0.66 -11.74 -15.92
CA VAL A 37 -0.07 -12.22 -14.77
C VAL A 37 -1.58 -12.23 -15.05
N ASN A 38 -2.24 -13.29 -14.65
CA ASN A 38 -3.68 -13.43 -14.90
C ASN A 38 -4.49 -12.79 -13.78
N VAL A 39 -4.84 -11.52 -13.96
CA VAL A 39 -5.70 -10.82 -13.02
C VAL A 39 -7.11 -10.73 -13.60
N GLU A 40 -8.10 -10.98 -12.76
CA GLU A 40 -9.50 -10.86 -13.17
C GLU A 40 -9.74 -9.47 -13.75
N PRO A 41 -10.27 -9.39 -14.99
CA PRO A 41 -10.40 -8.12 -15.74
C PRO A 41 -11.22 -7.05 -15.01
N PHE A 42 -11.81 -7.44 -13.89
CA PHE A 42 -12.65 -6.55 -13.13
C PHE A 42 -11.78 -5.59 -12.33
N TRP A 43 -10.60 -6.06 -11.92
CA TRP A 43 -9.65 -5.21 -11.23
C TRP A 43 -9.13 -4.10 -12.16
N PRO A 44 -8.47 -4.44 -13.28
CA PRO A 44 -7.97 -3.43 -14.22
C PRO A 44 -9.08 -2.54 -14.77
N GLY A 45 -10.22 -3.14 -15.07
CA GLY A 45 -11.35 -2.37 -15.56
C GLY A 45 -11.82 -1.34 -14.54
N LEU A 46 -12.12 -1.81 -13.33
CA LEU A 46 -12.57 -0.94 -12.26
C LEU A 46 -11.50 0.10 -11.96
N PHE A 47 -10.27 -0.35 -11.77
CA PHE A 47 -9.15 0.53 -11.47
C PHE A 47 -9.02 1.63 -12.52
N ALA A 48 -8.95 1.24 -13.77
CA ALA A 48 -8.69 2.20 -14.84
C ALA A 48 -9.84 3.17 -15.03
N LYS A 49 -11.06 2.74 -14.70
CA LYS A 49 -12.21 3.62 -14.83
C LYS A 49 -12.53 4.36 -13.52
N ALA A 50 -11.90 3.95 -12.42
CA ALA A 50 -12.16 4.58 -11.13
C ALA A 50 -11.00 5.47 -10.68
N LEU A 51 -9.78 5.18 -11.14
CA LEU A 51 -8.63 6.00 -10.77
C LEU A 51 -8.58 7.25 -11.66
N ALA A 52 -7.41 7.59 -12.22
CA ALA A 52 -7.20 8.82 -13.01
C ALA A 52 -7.55 10.08 -12.20
N ASN A 53 -7.82 9.87 -10.93
CA ASN A 53 -8.17 10.92 -9.97
C ASN A 53 -7.56 10.54 -8.63
N VAL A 54 -7.65 9.24 -8.34
CA VAL A 54 -7.02 8.62 -7.18
C VAL A 54 -5.56 9.08 -7.02
N ASN A 55 -5.32 9.89 -6.00
CA ASN A 55 -3.96 10.29 -5.64
C ASN A 55 -3.17 9.10 -5.13
N ILE A 56 -1.88 9.29 -4.98
CA ILE A 56 -0.98 8.22 -4.55
C ILE A 56 -1.43 7.59 -3.23
N GLY A 57 -1.65 8.40 -2.20
CA GLY A 57 -2.08 7.89 -0.91
C GLY A 57 -3.36 7.06 -1.01
N SER A 58 -4.31 7.55 -1.78
CA SER A 58 -5.58 6.87 -1.98
C SER A 58 -5.37 5.47 -2.55
N LEU A 59 -4.28 5.31 -3.30
CA LEU A 59 -3.99 4.05 -3.97
C LEU A 59 -3.76 2.94 -2.96
N ILE A 60 -3.39 3.31 -1.75
CA ILE A 60 -3.06 2.35 -0.72
C ILE A 60 -4.30 2.02 0.12
N CYS A 61 -5.39 2.71 -0.15
CA CYS A 61 -6.62 2.49 0.57
C CYS A 61 -7.81 2.51 -0.39
N ASN A 62 -7.70 1.73 -1.46
CA ASN A 62 -8.76 1.65 -2.47
C ASN A 62 -9.75 0.55 -2.15
N VAL A 63 -9.25 -0.52 -1.58
CA VAL A 63 -10.08 -1.65 -1.20
C VAL A 63 -10.23 -1.69 0.33
N GLY A 64 -9.42 -0.89 1.01
CA GLY A 64 -9.41 -0.90 2.45
C GLY A 64 -8.07 -1.38 2.96
N ALA A 65 -7.98 -1.63 4.26
CA ALA A 65 -6.73 -2.14 4.84
C ALA A 65 -7.02 -3.04 6.03
N GLY A 66 -6.58 -4.29 5.93
CA GLY A 66 -6.67 -5.20 7.06
C GLY A 66 -5.38 -5.26 7.85
N GLY A 67 -4.57 -6.28 7.58
CA GLY A 67 -3.32 -6.45 8.29
C GLY A 67 -2.91 -7.90 8.41
N PRO A 68 -1.62 -8.22 8.34
CA PRO A 68 -1.12 -9.60 8.42
C PRO A 68 -1.04 -10.10 9.86
N ALA A 69 -2.17 -10.55 10.37
CA ALA A 69 -2.21 -11.13 11.71
C ALA A 69 -2.86 -12.51 11.67
N PRO A 70 -2.12 -13.53 11.21
CA PRO A 70 -2.64 -14.90 11.09
C PRO A 70 -2.77 -15.59 12.45
N ALA A 71 -1.76 -15.42 13.30
CA ALA A 71 -1.68 -16.09 14.61
C ALA A 71 -1.58 -17.61 14.46
N ALA A 72 -1.21 -18.28 15.54
CA ALA A 72 -1.09 -19.73 15.54
C ALA A 72 -1.24 -20.29 16.94
N GLY A 73 -2.06 -21.33 17.06
CA GLY A 73 -2.28 -21.96 18.34
C GLY A 73 -2.94 -23.31 18.18
N ALA A 74 -2.69 -24.21 19.11
CA ALA A 74 -3.23 -25.56 19.04
C ALA A 74 -3.60 -26.06 20.43
N ALA A 75 -4.78 -26.66 20.55
CA ALA A 75 -5.25 -27.20 21.81
C ALA A 75 -5.94 -28.53 21.58
N PRO A 76 -5.49 -29.55 22.31
CA PRO A 76 -6.00 -30.93 22.20
C PRO A 76 -7.52 -31.03 22.28
N ALA A 77 -8.13 -30.10 23.02
CA ALA A 77 -9.60 -29.99 23.10
C ALA A 77 -10.23 -31.27 23.63
N GLY A 78 -10.11 -31.47 24.93
CA GLY A 78 -10.70 -32.64 25.57
C GLY A 78 -11.91 -32.29 26.41
N GLY A 79 -12.75 -33.28 26.70
CA GLY A 79 -13.92 -33.06 27.51
C GLY A 79 -14.26 -34.28 28.35
N PRO A 80 -15.26 -34.18 29.25
CA PRO A 80 -15.65 -35.29 30.10
C PRO A 80 -16.51 -36.31 29.36
N ALA A 81 -16.65 -37.50 29.93
CA ALA A 81 -17.44 -38.55 29.31
C ALA A 81 -18.76 -38.74 30.05
N PRO A 82 -19.88 -38.33 29.43
CA PRO A 82 -21.21 -38.50 30.02
C PRO A 82 -21.53 -39.95 30.33
N SER A 83 -22.29 -40.18 31.40
CA SER A 83 -22.65 -41.53 31.84
C SER A 83 -21.41 -42.34 32.22
N THR A 84 -20.87 -42.07 33.40
CA THR A 84 -19.67 -42.74 33.86
C THR A 84 -20.02 -43.95 34.73
N ALA A 85 -19.63 -45.14 34.25
CA ALA A 85 -19.87 -46.42 34.94
C ALA A 85 -21.35 -46.80 34.95
N ALA A 86 -22.14 -46.09 35.77
CA ALA A 86 -23.59 -46.30 35.87
C ALA A 86 -23.93 -47.66 36.48
N ALA A 87 -24.48 -47.63 37.69
CA ALA A 87 -24.96 -48.82 38.39
C ALA A 87 -23.82 -49.78 38.74
N PRO A 88 -23.30 -49.68 39.97
CA PRO A 88 -22.22 -50.56 40.47
C PRO A 88 -22.57 -52.04 40.36
N ALA A 89 -23.79 -52.40 40.78
CA ALA A 89 -24.27 -53.78 40.71
C ALA A 89 -23.30 -54.72 41.43
N GLU A 90 -22.86 -54.30 42.61
CA GLU A 90 -21.92 -55.08 43.41
C GLU A 90 -22.67 -56.03 44.34
N GLU A 91 -22.12 -57.22 44.53
CA GLU A 91 -22.70 -58.22 45.41
C GLU A 91 -21.85 -58.38 46.67
N LYS A 92 -22.21 -59.34 47.52
CA LYS A 92 -21.42 -59.67 48.70
C LYS A 92 -21.60 -61.14 49.05
N LYS A 93 -20.97 -62.00 48.27
CA LYS A 93 -21.14 -63.44 48.41
C LYS A 93 -20.16 -64.03 49.41
N VAL A 94 -20.67 -64.89 50.28
CA VAL A 94 -19.85 -65.61 51.23
C VAL A 94 -20.53 -66.94 51.58
N GLU A 95 -19.72 -67.96 51.88
CA GLU A 95 -20.22 -69.27 52.32
C GLU A 95 -20.83 -70.06 51.15
N ALA A 96 -20.65 -71.38 51.17
CA ALA A 96 -21.16 -72.25 50.11
C ALA A 96 -21.55 -73.62 50.66
N LYS A 97 -22.85 -73.95 50.52
CA LYS A 97 -23.41 -75.20 51.04
C LYS A 97 -23.36 -75.27 52.58
N LYS A 98 -24.14 -76.18 53.14
CA LYS A 98 -24.19 -76.37 54.59
C LYS A 98 -24.25 -77.85 54.94
N GLU A 99 -25.42 -78.45 54.75
CA GLU A 99 -25.65 -79.86 55.06
C GLU A 99 -25.18 -80.19 56.48
N GLU A 100 -25.73 -79.45 57.46
CA GLU A 100 -25.36 -79.63 58.85
C GLU A 100 -25.72 -81.02 59.36
N SER A 101 -24.87 -81.56 60.22
CA SER A 101 -25.05 -82.93 60.69
C SER A 101 -25.37 -82.96 62.18
N GLU A 102 -26.24 -82.06 62.61
CA GLU A 102 -26.70 -82.04 63.99
C GLU A 102 -28.20 -82.33 64.03
N GLU A 103 -28.65 -83.15 63.09
CA GLU A 103 -30.04 -83.53 62.94
C GLU A 103 -30.68 -83.89 64.29
N SER A 104 -31.78 -83.23 64.59
CA SER A 104 -32.50 -83.44 65.84
C SER A 104 -33.93 -83.88 65.55
N ASP A 105 -34.30 -85.05 66.07
CA ASP A 105 -35.62 -85.61 65.81
C ASP A 105 -36.12 -86.33 67.06
N ASP A 106 -37.04 -87.29 66.89
CA ASP A 106 -37.72 -87.96 68.00
C ASP A 106 -38.46 -86.95 68.85
N ASP A 107 -39.56 -86.46 68.31
CA ASP A 107 -40.40 -85.48 69.00
C ASP A 107 -41.29 -86.19 70.01
N MET A 108 -40.68 -86.65 71.09
CA MET A 108 -41.37 -87.37 72.17
C MET A 108 -41.86 -88.73 71.70
N GLY A 109 -40.92 -89.69 71.62
CA GLY A 109 -41.26 -91.03 71.20
C GLY A 109 -41.81 -91.88 72.35
N PHE A 110 -41.74 -93.20 72.17
CA PHE A 110 -42.29 -94.15 73.14
C PHE A 110 -41.69 -93.96 74.52
N GLY A 111 -42.56 -93.89 75.51
CA GLY A 111 -42.13 -93.68 76.88
C GLY A 111 -41.71 -94.96 77.56
N LEU A 112 -40.57 -95.51 77.17
CA LEU A 112 -40.07 -96.75 77.75
C LEU A 112 -39.13 -96.44 78.93
N PHE A 113 -39.57 -95.55 79.80
CA PHE A 113 -38.80 -95.15 80.96
C PHE A 113 -39.70 -95.05 82.19
N ASP A 114 -40.45 -96.11 82.44
CA ASP A 114 -41.38 -96.15 83.56
C ASP A 114 -40.98 -97.25 84.53
N ALA B 1 8.67 5.94 -11.61
CA ALA B 1 8.30 4.71 -10.90
C ALA B 1 8.95 4.65 -9.53
N MET B 2 8.16 4.39 -8.49
CA MET B 2 8.63 4.45 -7.10
C MET B 2 9.94 3.68 -6.92
N ARG B 3 9.85 2.37 -7.08
CA ARG B 3 10.99 1.48 -6.91
C ARG B 3 10.78 0.26 -7.80
N TYR B 4 11.88 -0.30 -8.32
CA TYR B 4 11.79 -1.40 -9.28
C TYR B 4 11.40 -2.71 -8.60
N VAL B 5 11.09 -2.64 -7.31
CA VAL B 5 10.64 -3.80 -6.55
C VAL B 5 9.38 -4.37 -7.18
N ALA B 6 8.36 -3.53 -7.41
CA ALA B 6 7.09 -4.00 -7.94
C ALA B 6 7.24 -4.55 -9.34
N SER B 7 8.26 -4.09 -10.06
CA SER B 7 8.58 -4.66 -11.36
C SER B 7 9.07 -6.10 -11.17
N TYR B 8 10.02 -6.27 -10.24
CA TYR B 8 10.52 -7.60 -9.89
C TYR B 8 9.36 -8.45 -9.34
N LEU B 9 8.45 -7.80 -8.62
CA LEU B 9 7.28 -8.45 -8.05
C LEU B 9 6.39 -9.01 -9.13
N LEU B 10 5.99 -8.16 -10.09
CA LEU B 10 5.16 -8.59 -11.20
C LEU B 10 5.79 -9.80 -11.89
N ALA B 11 7.08 -9.66 -12.22
CA ALA B 11 7.80 -10.71 -12.90
C ALA B 11 7.88 -11.98 -12.07
N ALA B 12 8.11 -11.87 -10.77
CA ALA B 12 8.20 -13.05 -9.92
C ALA B 12 6.82 -13.62 -9.59
N LEU B 13 5.81 -12.77 -9.66
CA LEU B 13 4.45 -13.17 -9.34
C LEU B 13 3.89 -14.08 -10.44
N GLY B 14 4.05 -13.68 -11.69
CA GLY B 14 3.47 -14.47 -12.77
C GLY B 14 4.32 -14.59 -14.01
N GLY B 15 5.61 -14.36 -13.88
CA GLY B 15 6.49 -14.44 -15.04
C GLY B 15 7.60 -15.46 -14.88
N ASN B 16 8.50 -15.21 -13.94
CA ASN B 16 9.64 -16.08 -13.70
C ASN B 16 10.12 -15.93 -12.26
N SER B 17 10.61 -17.01 -11.70
CA SER B 17 11.10 -17.02 -10.33
C SER B 17 12.36 -16.18 -10.18
N SER B 18 13.06 -15.96 -11.28
CA SER B 18 14.30 -15.20 -11.24
C SER B 18 14.26 -14.02 -12.23
N PRO B 19 13.46 -12.98 -11.93
CA PRO B 19 13.40 -11.75 -12.76
C PRO B 19 14.76 -11.08 -12.89
N SER B 20 15.13 -10.70 -14.11
CA SER B 20 16.40 -10.04 -14.32
C SER B 20 16.21 -8.58 -14.69
N ALA B 21 17.30 -7.84 -14.78
CA ALA B 21 17.26 -6.41 -15.08
C ALA B 21 16.53 -6.16 -16.39
N LYS B 22 16.76 -7.03 -17.36
CA LYS B 22 16.19 -6.90 -18.67
C LYS B 22 14.67 -7.07 -18.62
N ASP B 23 14.23 -8.07 -17.85
CA ASP B 23 12.81 -8.36 -17.69
C ASP B 23 12.10 -7.17 -17.05
N ILE B 24 12.66 -6.67 -15.97
CA ILE B 24 12.08 -5.54 -15.25
C ILE B 24 12.09 -4.28 -16.13
N LYS B 25 13.19 -4.10 -16.87
CA LYS B 25 13.32 -3.01 -17.82
C LYS B 25 12.15 -3.01 -18.79
N LYS B 26 11.89 -4.17 -19.40
CA LYS B 26 10.81 -4.30 -20.37
C LYS B 26 9.45 -4.05 -19.73
N ILE B 27 9.25 -4.59 -18.53
CA ILE B 27 8.00 -4.35 -17.80
C ILE B 27 7.79 -2.85 -17.57
N LEU B 28 8.87 -2.12 -17.34
CA LEU B 28 8.80 -0.70 -17.07
C LEU B 28 8.53 0.08 -18.37
N ASP B 29 9.24 -0.29 -19.44
CA ASP B 29 9.10 0.45 -20.70
C ASP B 29 7.95 -0.10 -21.54
N SER B 30 7.27 -1.14 -21.03
CA SER B 30 6.08 -1.69 -21.67
C SER B 30 5.04 -0.59 -21.89
N VAL B 31 4.83 0.23 -20.87
CA VAL B 31 3.88 1.34 -20.96
C VAL B 31 4.59 2.64 -21.33
N GLY B 32 5.90 2.55 -21.51
CA GLY B 32 6.67 3.70 -21.95
C GLY B 32 7.04 4.66 -20.84
N ILE B 33 7.68 4.15 -19.80
CA ILE B 33 8.23 5.01 -18.75
C ILE B 33 9.75 4.88 -18.74
N GLU B 34 10.43 6.00 -18.55
CA GLU B 34 11.89 6.02 -18.51
C GLU B 34 12.42 5.36 -17.24
N ALA B 35 13.20 4.31 -17.44
CA ALA B 35 13.80 3.58 -16.34
C ALA B 35 15.33 3.65 -16.42
N ASP B 36 15.96 3.95 -15.30
CA ASP B 36 17.41 4.02 -15.27
C ASP B 36 17.98 2.63 -15.04
N ASP B 37 18.66 2.11 -16.06
CA ASP B 37 19.16 0.73 -16.07
C ASP B 37 20.15 0.50 -14.93
N ASP B 38 20.92 1.53 -14.59
CA ASP B 38 21.92 1.43 -13.54
C ASP B 38 21.26 1.25 -12.18
N ARG B 39 20.41 2.22 -11.81
CA ARG B 39 19.70 2.16 -10.54
C ARG B 39 18.76 0.96 -10.49
N LEU B 40 18.24 0.59 -11.66
CA LEU B 40 17.38 -0.57 -11.80
C LEU B 40 18.09 -1.83 -11.30
N ASN B 41 19.21 -2.16 -11.93
CA ASN B 41 19.96 -3.35 -11.58
C ASN B 41 20.52 -3.24 -10.16
N LYS B 42 20.84 -2.04 -9.73
CA LYS B 42 21.37 -1.84 -8.39
C LYS B 42 20.32 -2.12 -7.31
N VAL B 43 19.08 -1.69 -7.51
CA VAL B 43 18.04 -1.95 -6.50
C VAL B 43 17.64 -3.42 -6.57
N ILE B 44 17.73 -3.97 -7.77
CA ILE B 44 17.51 -5.38 -7.97
C ILE B 44 18.61 -6.18 -7.27
N SER B 45 19.82 -5.65 -7.29
CA SER B 45 20.94 -6.24 -6.57
C SER B 45 20.67 -6.20 -5.07
N GLU B 46 20.10 -5.10 -4.58
CA GLU B 46 19.71 -4.98 -3.19
C GLU B 46 18.71 -6.07 -2.81
N LEU B 47 17.72 -6.26 -3.67
CA LEU B 47 16.65 -7.20 -3.41
C LEU B 47 16.99 -8.62 -3.89
N ASN B 48 18.19 -8.80 -4.45
CA ASN B 48 18.55 -10.04 -5.14
C ASN B 48 18.66 -11.22 -4.16
N GLY B 49 18.58 -10.92 -2.87
CA GLY B 49 18.66 -11.96 -1.87
C GLY B 49 17.34 -12.68 -1.69
N LYS B 50 17.25 -13.51 -0.67
CA LYS B 50 16.06 -14.30 -0.42
C LYS B 50 15.00 -13.48 0.31
N ASN B 51 14.46 -12.47 -0.35
CA ASN B 51 13.49 -11.57 0.26
C ASN B 51 12.27 -11.39 -0.66
N ILE B 52 11.99 -12.40 -1.47
CA ILE B 52 10.95 -12.32 -2.50
C ILE B 52 9.59 -11.88 -1.94
N GLU B 53 9.00 -12.73 -1.11
CA GLU B 53 7.64 -12.48 -0.62
C GLU B 53 7.57 -11.18 0.20
N ASP B 54 8.66 -10.87 0.90
CA ASP B 54 8.69 -9.67 1.73
C ASP B 54 8.64 -8.43 0.86
N VAL B 55 9.47 -8.38 -0.19
CA VAL B 55 9.42 -7.24 -1.10
C VAL B 55 8.11 -7.22 -1.88
N ILE B 56 7.48 -8.40 -2.02
CA ILE B 56 6.14 -8.48 -2.60
C ILE B 56 5.17 -7.70 -1.73
N ALA B 57 5.37 -7.78 -0.43
CA ALA B 57 4.53 -7.05 0.51
C ALA B 57 5.15 -5.69 0.90
N GLN B 58 6.35 -5.40 0.40
CA GLN B 58 7.05 -4.15 0.73
C GLN B 58 7.06 -3.15 -0.44
N GLY B 59 5.94 -2.47 -0.69
CA GLY B 59 5.90 -1.48 -1.75
C GLY B 59 5.05 -0.28 -1.37
N ILE B 60 3.79 -0.23 -1.85
CA ILE B 60 2.87 0.80 -1.37
C ILE B 60 2.69 0.63 0.13
N GLY B 61 2.63 -0.63 0.53
CA GLY B 61 2.50 -0.99 1.93
C GLY B 61 1.52 -2.12 2.10
N LYS B 62 0.47 -2.09 1.29
CA LYS B 62 -0.55 -3.13 1.30
C LYS B 62 -0.66 -3.75 -0.09
N LEU B 63 0.41 -3.61 -0.88
CA LEU B 63 0.44 -4.10 -2.27
C LEU B 63 0.43 -5.62 -2.33
N ALA B 64 0.45 -6.24 -1.17
CA ALA B 64 0.25 -7.67 -1.06
C ALA B 64 -0.90 -7.93 -0.13
N SER B 65 -2.02 -7.28 -0.41
CA SER B 65 -3.20 -7.38 0.44
C SER B 65 -3.74 -8.81 0.45
N VAL B 66 -3.59 -9.47 1.60
CA VAL B 66 -4.07 -10.84 1.76
C VAL B 66 -5.31 -10.86 2.65
N PRO B 67 -6.50 -11.04 2.05
CA PRO B 67 -7.76 -11.03 2.78
C PRO B 67 -8.04 -12.37 3.45
N ALA B 68 -8.15 -12.35 4.78
CA ALA B 68 -8.46 -13.53 5.55
C ALA B 68 -9.95 -13.85 5.50
N GLY B 69 -10.47 -14.04 4.29
CA GLY B 69 -11.87 -14.39 4.12
C GLY B 69 -12.81 -13.19 4.27
N GLY B 70 -12.60 -12.42 5.33
CA GLY B 70 -13.45 -11.29 5.60
C GLY B 70 -14.49 -11.62 6.67
N ALA B 71 -14.03 -12.29 7.73
CA ALA B 71 -14.89 -12.74 8.83
C ALA B 71 -15.82 -13.86 8.38
N VAL B 72 -15.33 -15.09 8.49
CA VAL B 72 -16.10 -16.27 8.15
C VAL B 72 -16.89 -16.75 9.36
N ALA B 73 -18.10 -17.24 9.12
CA ALA B 73 -18.95 -17.68 10.21
C ALA B 73 -18.87 -19.20 10.39
N VAL B 74 -18.69 -19.62 11.64
CA VAL B 74 -18.63 -21.04 11.97
C VAL B 74 -19.98 -21.52 12.47
N SER B 75 -20.51 -22.57 11.85
CA SER B 75 -21.80 -23.10 12.22
C SER B 75 -21.73 -23.91 13.51
N ALA B 76 -22.52 -23.52 14.49
CA ALA B 76 -22.59 -24.22 15.76
C ALA B 76 -23.98 -24.05 16.38
N ALA B 77 -24.40 -25.02 17.17
CA ALA B 77 -25.72 -24.98 17.79
C ALA B 77 -25.62 -24.50 19.24
N PRO B 78 -26.26 -23.37 19.55
CA PRO B 78 -26.28 -22.81 20.90
C PRO B 78 -27.12 -23.65 21.85
N GLY B 79 -26.68 -23.72 23.10
CA GLY B 79 -27.38 -24.51 24.07
C GLY B 79 -28.46 -23.73 24.79
N SER B 80 -29.70 -24.17 24.63
CA SER B 80 -30.83 -23.51 25.27
C SER B 80 -31.22 -24.21 26.56
N ALA B 81 -32.40 -23.87 27.05
CA ALA B 81 -32.98 -24.48 28.23
C ALA B 81 -33.07 -26.01 28.12
N ALA B 82 -33.03 -26.67 29.27
CA ALA B 82 -33.09 -28.12 29.33
C ALA B 82 -34.04 -28.57 30.45
N PRO B 83 -34.89 -29.58 30.20
CA PRO B 83 -35.81 -30.09 31.22
C PRO B 83 -35.07 -30.82 32.35
N ALA B 84 -34.81 -30.10 33.43
CA ALA B 84 -34.13 -30.65 34.59
C ALA B 84 -35.00 -30.54 35.84
N ALA B 85 -36.29 -30.73 35.65
CA ALA B 85 -37.24 -30.66 36.75
C ALA B 85 -38.40 -31.60 36.51
N GLY B 86 -39.31 -31.67 37.46
CA GLY B 86 -40.45 -32.55 37.33
C GLY B 86 -41.32 -32.55 38.57
N SER B 87 -40.69 -32.43 39.74
CA SER B 87 -41.37 -32.39 41.03
C SER B 87 -42.37 -33.54 41.18
N ALA B 88 -41.85 -34.73 41.46
CA ALA B 88 -42.66 -35.92 41.56
C ALA B 88 -42.96 -36.28 43.02
N PRO B 89 -44.24 -36.32 43.40
CA PRO B 89 -44.66 -36.69 44.75
C PRO B 89 -44.43 -38.16 45.04
N ALA B 90 -44.02 -38.47 46.25
CA ALA B 90 -43.74 -39.84 46.66
C ALA B 90 -44.98 -40.51 47.23
N ALA B 91 -45.59 -39.88 48.24
CA ALA B 91 -46.78 -40.41 48.90
C ALA B 91 -46.63 -41.90 49.25
N ALA B 92 -45.77 -42.19 50.21
CA ALA B 92 -45.51 -43.56 50.61
C ALA B 92 -46.51 -44.05 51.65
N GLU B 93 -46.56 -43.35 52.78
CA GLU B 93 -47.48 -43.66 53.87
C GLU B 93 -47.34 -45.11 54.35
N GLU B 94 -46.15 -45.46 54.81
CA GLU B 94 -45.90 -46.75 55.45
C GLU B 94 -46.84 -46.94 56.65
N LYS B 95 -47.68 -47.97 56.58
CA LYS B 95 -48.70 -48.21 57.60
C LYS B 95 -48.94 -49.70 57.77
N LYS B 96 -49.59 -50.07 58.88
CA LYS B 96 -49.96 -51.47 59.18
C LYS B 96 -48.74 -52.29 59.59
N ASP B 97 -48.96 -53.26 60.46
CA ASP B 97 -47.89 -54.15 60.90
C ASP B 97 -48.37 -55.59 60.96
N GLU B 98 -47.66 -56.47 60.26
CA GLU B 98 -48.00 -57.88 60.22
C GLU B 98 -47.59 -58.59 61.50
N LYS B 99 -48.38 -59.57 61.92
CA LYS B 99 -48.11 -60.32 63.13
C LYS B 99 -47.77 -61.77 62.82
N LYS B 100 -47.56 -62.07 61.54
CA LYS B 100 -47.19 -63.42 61.12
C LYS B 100 -45.89 -63.39 60.34
N GLU B 101 -44.95 -64.22 60.75
CA GLU B 101 -43.64 -64.26 60.13
C GLU B 101 -43.52 -65.47 59.20
N GLU B 102 -43.52 -65.21 57.89
CA GLU B 102 -43.31 -66.23 56.86
C GLU B 102 -44.11 -67.51 57.14
N SER B 103 -45.42 -67.41 57.12
CA SER B 103 -46.30 -68.55 57.37
C SER B 103 -47.48 -68.56 56.42
N GLU B 104 -48.43 -69.46 56.66
CA GLU B 104 -49.59 -69.64 55.79
C GLU B 104 -49.17 -70.14 54.41
N GLU B 105 -48.88 -71.43 54.34
CA GLU B 105 -48.38 -72.06 53.12
C GLU B 105 -48.71 -73.55 53.15
N SER B 106 -48.88 -74.16 51.98
CA SER B 106 -49.21 -75.58 51.89
C SER B 106 -48.66 -76.18 50.61
N ASP B 107 -47.90 -77.25 50.77
CA ASP B 107 -47.27 -77.97 49.66
C ASP B 107 -48.31 -78.72 48.83
N ASP B 108 -49.07 -79.56 49.53
CA ASP B 108 -50.01 -80.48 48.88
C ASP B 108 -51.29 -79.77 48.45
N ASP B 109 -52.15 -79.47 49.42
CA ASP B 109 -53.45 -78.83 49.16
C ASP B 109 -54.35 -79.72 48.30
N MET B 110 -55.09 -80.59 48.97
CA MET B 110 -56.04 -81.48 48.31
C MET B 110 -57.27 -80.70 47.84
N GLY B 111 -57.33 -79.42 48.22
CA GLY B 111 -58.46 -78.58 47.86
C GLY B 111 -59.49 -78.54 48.96
N PHE B 112 -59.78 -77.35 49.45
CA PHE B 112 -60.81 -77.15 50.48
C PHE B 112 -62.20 -77.23 49.87
N GLY B 113 -62.49 -78.37 49.24
CA GLY B 113 -63.79 -78.59 48.65
C GLY B 113 -64.71 -79.32 49.60
N LEU B 114 -64.58 -80.65 49.63
CA LEU B 114 -65.42 -81.51 50.45
C LEU B 114 -66.88 -81.12 50.28
N PHE B 115 -67.35 -81.30 49.06
CA PHE B 115 -68.64 -80.81 48.63
C PHE B 115 -69.39 -81.94 47.98
N ASP B 116 -68.88 -83.14 48.19
CA ASP B 116 -69.37 -84.34 47.56
C ASP B 116 -69.57 -85.44 48.60
N MET A 1 2.57 -15.69 -0.11
CA MET A 1 1.98 -15.50 -1.46
C MET A 1 0.48 -15.79 -1.41
N ALA A 2 -0.31 -15.04 -2.16
CA ALA A 2 -1.76 -15.25 -2.16
C ALA A 2 -2.42 -14.76 -3.45
N SER A 3 -2.86 -13.51 -3.47
CA SER A 3 -3.64 -12.99 -4.57
C SER A 3 -2.76 -12.36 -5.64
N VAL A 4 -2.43 -13.14 -6.66
CA VAL A 4 -1.54 -12.68 -7.72
C VAL A 4 -2.22 -11.61 -8.55
N SER A 5 -3.55 -11.65 -8.57
CA SER A 5 -4.34 -10.70 -9.32
C SER A 5 -4.19 -9.30 -8.71
N GLU A 6 -4.51 -9.21 -7.42
CA GLU A 6 -4.41 -7.95 -6.69
C GLU A 6 -2.97 -7.46 -6.65
N LEU A 7 -2.03 -8.38 -6.49
CA LEU A 7 -0.61 -8.03 -6.53
C LEU A 7 -0.29 -7.31 -7.84
N ALA A 8 -0.62 -7.97 -8.95
CA ALA A 8 -0.29 -7.46 -10.27
C ALA A 8 -0.93 -6.10 -10.54
N CYS A 9 -2.21 -5.95 -10.19
CA CYS A 9 -2.91 -4.71 -10.48
C CYS A 9 -2.42 -3.57 -9.59
N ILE A 10 -2.06 -3.88 -8.36
CA ILE A 10 -1.59 -2.86 -7.43
C ILE A 10 -0.16 -2.45 -7.76
N TYR A 11 0.64 -3.38 -8.25
CA TYR A 11 2.01 -3.08 -8.64
C TYR A 11 2.01 -2.38 -9.99
N SER A 12 0.98 -2.65 -10.77
CA SER A 12 0.75 -1.92 -12.01
C SER A 12 0.43 -0.46 -11.65
N ALA A 13 -0.54 -0.28 -10.76
CA ALA A 13 -0.87 1.01 -10.19
C ALA A 13 0.40 1.74 -9.71
N LEU A 14 1.30 1.01 -9.04
CA LEU A 14 2.58 1.59 -8.63
C LEU A 14 3.36 2.10 -9.83
N ILE A 15 3.63 1.21 -10.76
CA ILE A 15 4.45 1.51 -11.94
C ILE A 15 3.88 2.68 -12.74
N LEU A 16 2.57 2.86 -12.71
CA LEU A 16 1.93 3.93 -13.46
C LEU A 16 1.58 5.13 -12.58
N HIS A 17 1.70 4.99 -11.27
CA HIS A 17 1.32 6.07 -10.36
C HIS A 17 2.13 7.34 -10.59
N ASP A 18 3.40 7.20 -10.94
CA ASP A 18 4.24 8.36 -11.25
C ASP A 18 5.51 7.97 -11.98
N ASP A 19 5.64 8.45 -13.21
CA ASP A 19 6.88 8.34 -13.98
C ASP A 19 6.73 9.09 -15.28
N GLU A 20 6.15 10.30 -15.18
CA GLU A 20 5.82 11.13 -16.34
C GLU A 20 4.90 10.36 -17.30
N VAL A 21 4.13 9.45 -16.72
CA VAL A 21 3.27 8.57 -17.48
C VAL A 21 1.83 8.66 -16.94
N THR A 22 0.87 8.23 -17.74
CA THR A 22 -0.54 8.40 -17.41
C THR A 22 -1.19 7.08 -16.98
N VAL A 23 -1.94 7.13 -15.87
CA VAL A 23 -2.71 5.97 -15.42
C VAL A 23 -3.96 5.83 -16.30
N THR A 24 -3.98 4.80 -17.15
CA THR A 24 -5.12 4.60 -18.02
C THR A 24 -5.29 3.13 -18.39
N GLU A 25 -6.52 2.81 -18.81
CA GLU A 25 -6.98 1.46 -19.10
C GLU A 25 -5.95 0.67 -19.90
N ASP A 26 -5.66 1.15 -21.09
CA ASP A 26 -4.81 0.45 -22.03
C ASP A 26 -3.39 0.28 -21.49
N LYS A 27 -2.99 1.16 -20.57
CA LYS A 27 -1.65 1.08 -20.00
C LYS A 27 -1.58 -0.03 -18.96
N ILE A 28 -2.58 -0.10 -18.08
CA ILE A 28 -2.62 -1.20 -17.11
C ILE A 28 -2.75 -2.52 -17.84
N ASN A 29 -3.65 -2.56 -18.82
CA ASN A 29 -3.82 -3.75 -19.66
C ASN A 29 -2.50 -4.18 -20.28
N ALA A 30 -1.75 -3.22 -20.82
CA ALA A 30 -0.47 -3.51 -21.45
C ALA A 30 0.55 -4.07 -20.44
N LEU A 31 0.63 -3.44 -19.27
CA LEU A 31 1.58 -3.87 -18.25
C LEU A 31 1.17 -5.22 -17.66
N ILE A 32 -0.13 -5.46 -17.63
CA ILE A 32 -0.66 -6.75 -17.20
C ILE A 32 -0.32 -7.81 -18.25
N LYS A 33 -0.25 -7.40 -19.51
CA LYS A 33 0.17 -8.31 -20.58
C LYS A 33 1.67 -8.61 -20.43
N ALA A 34 2.39 -7.62 -19.89
CA ALA A 34 3.82 -7.77 -19.61
C ALA A 34 4.08 -8.80 -18.49
N ALA A 35 3.67 -8.49 -17.27
CA ALA A 35 3.99 -9.37 -16.13
C ALA A 35 2.76 -9.72 -15.29
N GLY A 36 1.59 -9.63 -15.88
CA GLY A 36 0.39 -9.93 -15.14
C GLY A 36 -0.15 -11.31 -15.46
N VAL A 37 0.14 -12.27 -14.59
CA VAL A 37 -0.36 -13.65 -14.73
C VAL A 37 -1.83 -13.68 -15.15
N ASN A 38 -2.71 -13.29 -14.25
CA ASN A 38 -4.13 -13.21 -14.55
C ASN A 38 -4.84 -12.33 -13.53
N VAL A 39 -5.34 -11.20 -14.00
CA VAL A 39 -6.10 -10.29 -13.16
C VAL A 39 -7.48 -10.12 -13.78
N GLU A 40 -8.51 -10.13 -12.96
CA GLU A 40 -9.85 -9.92 -13.45
C GLU A 40 -9.99 -8.47 -13.87
N PRO A 41 -10.47 -8.21 -15.10
CA PRO A 41 -10.55 -6.86 -15.68
C PRO A 41 -11.40 -5.90 -14.84
N PHE A 42 -11.91 -6.41 -13.74
CA PHE A 42 -12.67 -5.63 -12.80
C PHE A 42 -11.75 -4.68 -12.04
N TRP A 43 -10.56 -5.17 -11.68
CA TRP A 43 -9.58 -4.32 -10.98
C TRP A 43 -8.98 -3.28 -11.94
N PRO A 44 -8.36 -3.69 -13.07
CA PRO A 44 -7.88 -2.75 -14.09
C PRO A 44 -8.94 -1.74 -14.49
N GLY A 45 -10.16 -2.23 -14.74
CA GLY A 45 -11.26 -1.35 -15.11
C GLY A 45 -11.61 -0.37 -14.01
N LEU A 46 -11.63 -0.86 -12.76
CA LEU A 46 -11.93 -0.01 -11.62
C LEU A 46 -10.90 1.09 -11.50
N PHE A 47 -9.64 0.74 -11.69
CA PHE A 47 -8.55 1.70 -11.64
C PHE A 47 -8.64 2.69 -12.79
N ALA A 48 -9.00 2.21 -13.97
CA ALA A 48 -9.12 3.07 -15.14
C ALA A 48 -10.31 4.02 -15.02
N LYS A 49 -11.34 3.61 -14.29
CA LYS A 49 -12.55 4.42 -14.16
C LYS A 49 -12.54 5.29 -12.89
N ALA A 50 -11.89 4.81 -11.83
CA ALA A 50 -12.00 5.46 -10.53
C ALA A 50 -10.66 5.93 -9.95
N LEU A 51 -9.54 5.41 -10.45
CA LEU A 51 -8.25 5.77 -9.89
C LEU A 51 -7.70 7.00 -10.61
N ALA A 52 -6.42 6.98 -10.99
CA ALA A 52 -5.73 8.12 -11.61
C ALA A 52 -5.72 9.39 -10.72
N ASN A 53 -6.53 9.37 -9.67
CA ASN A 53 -6.63 10.47 -8.72
C ASN A 53 -6.42 9.93 -7.32
N VAL A 54 -6.84 8.67 -7.14
CA VAL A 54 -6.60 7.93 -5.93
C VAL A 54 -5.12 8.00 -5.55
N ASN A 55 -4.83 8.83 -4.55
CA ASN A 55 -3.49 8.99 -4.01
C ASN A 55 -2.82 7.65 -3.77
N ILE A 56 -1.50 7.62 -3.96
CA ILE A 56 -0.73 6.39 -3.98
C ILE A 56 -1.01 5.47 -2.76
N GLY A 57 -0.93 6.01 -1.54
CA GLY A 57 -1.11 5.19 -0.35
C GLY A 57 -2.49 4.56 -0.28
N SER A 58 -3.45 5.17 -0.95
CA SER A 58 -4.83 4.70 -0.92
C SER A 58 -4.97 3.37 -1.66
N LEU A 59 -3.88 2.88 -2.24
CA LEU A 59 -3.88 1.54 -2.83
C LEU A 59 -4.15 0.50 -1.75
N ILE A 60 -3.80 0.83 -0.52
CA ILE A 60 -4.02 -0.09 0.59
C ILE A 60 -5.34 0.25 1.30
N CYS A 61 -6.19 1.01 0.63
CA CYS A 61 -7.49 1.38 1.18
C CYS A 61 -8.61 0.65 0.43
N ASN A 62 -8.52 0.64 -0.89
CA ASN A 62 -9.55 0.03 -1.73
C ASN A 62 -9.27 -1.45 -1.94
N VAL A 63 -8.27 -1.95 -1.27
CA VAL A 63 -7.89 -3.36 -1.37
C VAL A 63 -9.03 -4.27 -0.88
N GLY A 64 -9.84 -3.76 0.05
CA GLY A 64 -10.94 -4.54 0.58
C GLY A 64 -12.27 -4.13 -0.02
N ALA A 65 -12.27 -3.86 -1.32
CA ALA A 65 -13.50 -3.48 -2.01
C ALA A 65 -14.38 -4.69 -2.28
N GLY A 66 -13.74 -5.82 -2.53
CA GLY A 66 -14.48 -7.04 -2.82
C GLY A 66 -14.25 -7.50 -4.24
N GLY A 67 -15.31 -8.01 -4.87
CA GLY A 67 -15.19 -8.52 -6.21
C GLY A 67 -15.30 -10.02 -6.25
N PRO A 68 -14.96 -10.66 -7.39
CA PRO A 68 -15.02 -12.11 -7.54
C PRO A 68 -13.70 -12.78 -7.14
N ALA A 69 -13.68 -14.10 -7.22
CA ALA A 69 -12.49 -14.90 -6.92
C ALA A 69 -12.72 -16.37 -7.29
N PRO A 70 -13.83 -17.00 -6.83
CA PRO A 70 -14.21 -18.33 -7.29
C PRO A 70 -14.86 -18.29 -8.68
N ALA A 71 -14.59 -19.31 -9.49
CA ALA A 71 -15.14 -19.43 -10.84
C ALA A 71 -14.61 -18.36 -11.79
N ALA A 72 -13.88 -18.81 -12.80
CA ALA A 72 -13.30 -17.91 -13.79
C ALA A 72 -13.07 -18.64 -15.10
N GLY A 73 -12.57 -17.93 -16.09
CA GLY A 73 -12.28 -18.53 -17.37
C GLY A 73 -12.30 -17.54 -18.50
N ALA A 74 -11.94 -18.01 -19.68
CA ALA A 74 -11.94 -17.18 -20.88
C ALA A 74 -12.52 -17.94 -22.05
N ALA A 75 -13.30 -17.25 -22.87
CA ALA A 75 -13.94 -17.84 -24.03
C ALA A 75 -12.90 -18.34 -25.03
N PRO A 76 -13.00 -19.64 -25.41
CA PRO A 76 -12.05 -20.28 -26.31
C PRO A 76 -12.00 -19.63 -27.70
N ALA A 77 -11.01 -18.77 -27.90
CA ALA A 77 -10.76 -18.20 -29.20
C ALA A 77 -10.18 -19.25 -30.14
N GLY A 78 -10.57 -19.22 -31.40
CA GLY A 78 -10.15 -20.26 -32.33
C GLY A 78 -8.69 -20.16 -32.68
N GLY A 79 -8.37 -19.27 -33.59
CA GLY A 79 -7.00 -19.10 -34.02
C GLY A 79 -6.85 -19.28 -35.52
N PRO A 80 -5.62 -19.20 -36.03
CA PRO A 80 -5.35 -19.31 -37.48
C PRO A 80 -5.56 -20.73 -38.00
N ALA A 81 -5.77 -20.84 -39.30
CA ALA A 81 -5.99 -22.13 -39.93
C ALA A 81 -4.72 -22.64 -40.60
N PRO A 82 -4.18 -23.78 -40.10
CA PRO A 82 -2.99 -24.42 -40.67
C PRO A 82 -3.13 -24.69 -42.17
N SER A 83 -2.39 -23.93 -42.95
CA SER A 83 -2.43 -24.07 -44.39
C SER A 83 -1.50 -25.21 -44.83
N THR A 84 -2.01 -26.43 -44.79
CA THR A 84 -1.26 -27.60 -45.24
C THR A 84 -2.20 -28.68 -45.76
N ALA A 85 -2.97 -29.29 -44.85
CA ALA A 85 -3.94 -30.33 -45.21
C ALA A 85 -3.26 -31.54 -45.85
N ALA A 86 -2.34 -32.15 -45.10
CA ALA A 86 -1.64 -33.36 -45.54
C ALA A 86 -0.76 -33.10 -46.76
N ALA A 87 -0.31 -34.18 -47.38
CA ALA A 87 0.51 -34.09 -48.58
C ALA A 87 -0.01 -35.06 -49.63
N PRO A 88 -0.01 -34.66 -50.92
CA PRO A 88 -0.60 -35.46 -52.02
C PRO A 88 -0.18 -36.94 -52.00
N ALA A 89 1.13 -37.18 -52.11
CA ALA A 89 1.72 -38.52 -52.04
C ALA A 89 1.45 -39.36 -53.29
N GLU A 90 0.26 -39.22 -53.86
CA GLU A 90 -0.13 -39.95 -55.06
C GLU A 90 0.77 -39.62 -56.25
N GLU A 91 1.52 -40.63 -56.69
CA GLU A 91 2.39 -40.51 -57.85
C GLU A 91 1.59 -40.40 -59.14
N LYS A 92 2.29 -40.15 -60.23
CA LYS A 92 1.66 -40.04 -61.54
C LYS A 92 2.42 -40.86 -62.58
N LYS A 93 3.54 -40.34 -63.07
CA LYS A 93 4.33 -41.05 -64.07
C LYS A 93 5.79 -41.11 -63.65
N VAL A 94 6.37 -42.31 -63.77
CA VAL A 94 7.78 -42.51 -63.48
C VAL A 94 8.55 -42.75 -64.78
N GLU A 95 8.19 -43.82 -65.48
CA GLU A 95 8.82 -44.21 -66.75
C GLU A 95 10.27 -44.68 -66.55
N ALA A 96 10.59 -45.81 -67.18
CA ALA A 96 11.90 -46.44 -67.06
C ALA A 96 12.00 -47.62 -68.01
N LYS A 97 11.02 -48.52 -67.91
CA LYS A 97 10.95 -49.70 -68.74
C LYS A 97 9.50 -50.05 -69.05
N LYS A 98 9.24 -50.47 -70.28
CA LYS A 98 7.92 -50.88 -70.68
C LYS A 98 7.99 -52.13 -71.56
N GLU A 99 7.04 -53.05 -71.35
CA GLU A 99 6.96 -54.30 -72.10
C GLU A 99 8.24 -55.11 -71.95
N GLU A 100 8.33 -55.86 -70.85
CA GLU A 100 9.50 -56.67 -70.55
C GLU A 100 9.70 -57.77 -71.58
N SER A 101 10.96 -58.03 -71.92
CA SER A 101 11.30 -59.02 -72.93
C SER A 101 11.72 -60.34 -72.27
N GLU A 102 11.31 -61.44 -72.88
CA GLU A 102 11.66 -62.77 -72.39
C GLU A 102 12.75 -63.38 -73.27
N GLU A 103 12.95 -64.70 -73.16
CA GLU A 103 13.92 -65.43 -73.97
C GLU A 103 13.81 -65.06 -75.44
N SER A 104 14.95 -64.87 -76.08
CA SER A 104 14.98 -64.44 -77.46
C SER A 104 16.33 -64.78 -78.10
N ASP A 105 16.28 -65.20 -79.36
CA ASP A 105 17.49 -65.42 -80.15
C ASP A 105 17.62 -64.34 -81.21
N ASP A 106 17.10 -63.16 -80.85
CA ASP A 106 17.10 -61.97 -81.69
C ASP A 106 16.40 -62.21 -83.02
N ASP A 107 15.16 -62.68 -82.94
CA ASP A 107 14.31 -62.81 -84.13
C ASP A 107 13.50 -61.54 -84.32
N MET A 108 13.27 -61.17 -85.56
CA MET A 108 12.49 -59.96 -85.86
C MET A 108 11.10 -60.32 -86.36
N GLY A 109 10.16 -59.40 -86.18
CA GLY A 109 8.80 -59.63 -86.61
C GLY A 109 8.62 -59.42 -88.09
N PHE A 110 8.62 -60.52 -88.82
CA PHE A 110 8.46 -60.48 -90.28
C PHE A 110 6.98 -60.36 -90.64
N GLY A 111 6.70 -59.70 -91.75
CA GLY A 111 5.32 -59.53 -92.18
C GLY A 111 5.23 -59.00 -93.59
N LEU A 112 4.64 -59.79 -94.47
CA LEU A 112 4.45 -59.36 -95.85
C LEU A 112 3.09 -58.71 -96.00
N PHE A 113 3.03 -57.42 -95.72
CA PHE A 113 1.79 -56.66 -95.84
C PHE A 113 1.41 -56.50 -97.30
N ASP A 114 0.18 -56.84 -97.64
CA ASP A 114 -0.30 -56.76 -99.01
C ASP A 114 -1.12 -55.50 -99.21
N ALA B 1 8.83 9.04 -11.39
CA ALA B 1 10.02 8.68 -10.58
C ALA B 1 9.66 7.58 -9.60
N MET B 2 9.24 6.44 -10.12
CA MET B 2 8.82 5.33 -9.28
C MET B 2 10.01 4.43 -8.95
N ARG B 3 9.72 3.34 -8.25
CA ARG B 3 10.76 2.44 -7.78
C ARG B 3 10.65 1.09 -8.49
N TYR B 4 11.79 0.56 -8.92
CA TYR B 4 11.85 -0.69 -9.69
C TYR B 4 11.50 -1.90 -8.83
N VAL B 5 11.14 -1.62 -7.59
CA VAL B 5 10.72 -2.66 -6.65
C VAL B 5 9.49 -3.39 -7.19
N ALA B 6 8.43 -2.64 -7.46
CA ALA B 6 7.18 -3.24 -7.91
C ALA B 6 7.33 -3.82 -9.31
N SER B 7 8.39 -3.44 -10.00
CA SER B 7 8.70 -4.01 -11.29
C SER B 7 9.28 -5.41 -11.11
N TYR B 8 10.22 -5.52 -10.15
CA TYR B 8 10.78 -6.82 -9.79
C TYR B 8 9.67 -7.70 -9.22
N LEU B 9 8.82 -7.10 -8.39
CA LEU B 9 7.64 -7.78 -7.84
C LEU B 9 6.76 -8.31 -8.96
N LEU B 10 6.46 -7.45 -9.94
CA LEU B 10 5.59 -7.80 -11.06
C LEU B 10 6.16 -8.98 -11.84
N ALA B 11 7.44 -8.91 -12.20
CA ALA B 11 8.10 -10.00 -12.92
C ALA B 11 8.21 -11.26 -12.06
N ALA B 12 8.30 -11.09 -10.75
CA ALA B 12 8.41 -12.24 -9.85
C ALA B 12 7.08 -12.97 -9.73
N LEU B 13 6.00 -12.23 -9.60
CA LEU B 13 4.68 -12.82 -9.48
C LEU B 13 4.21 -13.34 -10.83
N GLY B 14 4.55 -12.62 -11.89
CA GLY B 14 4.01 -12.93 -13.20
C GLY B 14 5.05 -13.19 -14.25
N GLY B 15 6.03 -14.01 -13.92
CA GLY B 15 7.02 -14.36 -14.91
C GLY B 15 8.03 -15.38 -14.42
N ASN B 16 8.85 -14.98 -13.45
CA ASN B 16 9.95 -15.83 -13.01
C ASN B 16 10.30 -15.52 -11.56
N SER B 17 10.78 -16.54 -10.85
CA SER B 17 11.17 -16.39 -9.45
C SER B 17 12.44 -15.58 -9.31
N SER B 18 13.18 -15.47 -10.40
CA SER B 18 14.42 -14.73 -10.37
C SER B 18 14.44 -13.65 -11.47
N PRO B 19 13.62 -12.60 -11.31
CA PRO B 19 13.55 -11.48 -12.27
C PRO B 19 14.92 -10.86 -12.53
N SER B 20 15.22 -10.60 -13.78
CA SER B 20 16.51 -10.05 -14.14
C SER B 20 16.38 -8.59 -14.54
N ALA B 21 17.46 -7.82 -14.37
CA ALA B 21 17.44 -6.39 -14.66
C ALA B 21 16.85 -6.09 -16.03
N LYS B 22 17.33 -6.81 -17.04
CA LYS B 22 16.88 -6.61 -18.42
C LYS B 22 15.40 -6.98 -18.57
N ASP B 23 14.95 -7.94 -17.79
CA ASP B 23 13.58 -8.42 -17.86
C ASP B 23 12.64 -7.35 -17.30
N ILE B 24 13.02 -6.76 -16.17
CA ILE B 24 12.28 -5.64 -15.59
C ILE B 24 12.27 -4.47 -16.58
N LYS B 25 13.41 -4.26 -17.23
CA LYS B 25 13.54 -3.21 -18.24
C LYS B 25 12.56 -3.45 -19.38
N LYS B 26 12.36 -4.71 -19.76
CA LYS B 26 11.39 -5.06 -20.79
C LYS B 26 9.96 -4.84 -20.25
N ILE B 27 9.75 -5.15 -18.98
CA ILE B 27 8.43 -4.96 -18.37
C ILE B 27 8.02 -3.49 -18.42
N LEU B 28 8.99 -2.59 -18.25
CA LEU B 28 8.72 -1.16 -18.34
C LEU B 28 8.60 -0.75 -19.81
N ASP B 29 9.40 -1.40 -20.66
CA ASP B 29 9.33 -1.24 -22.12
C ASP B 29 7.93 -1.52 -22.64
N SER B 30 7.27 -2.49 -22.03
CA SER B 30 5.93 -2.91 -22.45
C SER B 30 4.94 -1.74 -22.45
N VAL B 31 4.94 -0.94 -21.39
CA VAL B 31 4.07 0.23 -21.32
C VAL B 31 4.72 1.48 -21.87
N GLY B 32 5.99 1.38 -22.26
CA GLY B 32 6.67 2.51 -22.87
C GLY B 32 7.23 3.49 -21.86
N ILE B 33 7.58 3.00 -20.69
CA ILE B 33 8.21 3.83 -19.67
C ILE B 33 9.72 3.65 -19.71
N GLU B 34 10.46 4.75 -19.72
CA GLU B 34 11.91 4.70 -19.78
C GLU B 34 12.49 4.37 -18.40
N ALA B 35 13.71 3.88 -18.38
CA ALA B 35 14.33 3.43 -17.15
C ALA B 35 15.84 3.50 -17.22
N ASP B 36 16.43 4.26 -16.31
CA ASP B 36 17.89 4.29 -16.15
C ASP B 36 18.34 2.92 -15.65
N ASP B 37 19.04 2.17 -16.48
CA ASP B 37 19.40 0.80 -16.12
C ASP B 37 20.42 0.76 -15.00
N ASP B 38 21.09 1.88 -14.75
CA ASP B 38 21.99 1.98 -13.62
C ASP B 38 21.18 1.97 -12.32
N ARG B 39 20.15 2.80 -12.28
CA ARG B 39 19.25 2.87 -11.14
C ARG B 39 18.47 1.58 -11.02
N LEU B 40 17.99 1.09 -12.17
CA LEU B 40 17.24 -0.15 -12.23
C LEU B 40 18.03 -1.31 -11.61
N ASN B 41 19.23 -1.56 -12.12
CA ASN B 41 20.04 -2.67 -11.63
C ASN B 41 20.52 -2.41 -10.20
N LYS B 42 20.62 -1.13 -9.81
CA LYS B 42 20.98 -0.78 -8.45
C LYS B 42 19.84 -1.15 -7.48
N VAL B 43 18.62 -0.78 -7.87
CA VAL B 43 17.46 -1.08 -7.03
C VAL B 43 17.23 -2.58 -7.00
N ILE B 44 17.66 -3.24 -8.05
CA ILE B 44 17.55 -4.68 -8.15
C ILE B 44 18.70 -5.40 -7.45
N SER B 45 19.84 -4.73 -7.33
CA SER B 45 20.94 -5.28 -6.55
C SER B 45 20.67 -5.17 -5.05
N GLU B 46 19.86 -4.17 -4.68
CA GLU B 46 19.41 -4.03 -3.30
C GLU B 46 18.15 -4.87 -3.09
N LEU B 47 17.15 -4.60 -3.91
CA LEU B 47 15.89 -5.34 -3.91
C LEU B 47 15.99 -6.51 -4.88
N ASN B 48 16.01 -7.71 -4.33
CA ASN B 48 16.19 -8.91 -5.13
C ASN B 48 15.53 -10.10 -4.41
N GLY B 49 16.14 -11.28 -4.49
CA GLY B 49 15.59 -12.46 -3.83
C GLY B 49 15.75 -12.44 -2.31
N LYS B 50 15.61 -11.27 -1.72
CA LYS B 50 15.69 -11.11 -0.27
C LYS B 50 14.31 -10.84 0.29
N ASN B 51 13.65 -11.90 0.75
CA ASN B 51 12.30 -11.79 1.33
C ASN B 51 11.31 -11.27 0.28
N ILE B 52 11.28 -11.93 -0.87
CA ILE B 52 10.45 -11.49 -2.01
C ILE B 52 8.96 -11.43 -1.67
N GLU B 53 8.40 -12.50 -1.13
CA GLU B 53 6.97 -12.51 -0.87
C GLU B 53 6.64 -11.66 0.34
N ASP B 54 7.66 -11.27 1.09
CA ASP B 54 7.45 -10.38 2.24
C ASP B 54 7.43 -8.93 1.77
N VAL B 55 8.34 -8.58 0.84
CA VAL B 55 8.34 -7.26 0.23
C VAL B 55 7.09 -7.11 -0.64
N ILE B 56 6.54 -8.25 -1.06
CA ILE B 56 5.25 -8.28 -1.73
C ILE B 56 4.12 -7.99 -0.73
N ALA B 57 4.03 -8.79 0.33
CA ALA B 57 2.94 -8.68 1.30
C ALA B 57 2.90 -7.31 1.98
N GLN B 58 4.05 -6.72 2.23
CA GLN B 58 4.10 -5.43 2.93
C GLN B 58 4.42 -4.30 1.95
N GLY B 59 4.48 -4.61 0.67
CA GLY B 59 4.90 -3.63 -0.33
C GLY B 59 3.82 -3.29 -1.33
N ILE B 60 2.61 -3.04 -0.83
CA ILE B 60 1.49 -2.67 -1.70
C ILE B 60 1.70 -1.29 -2.31
N GLY B 61 1.76 -0.27 -1.45
CA GLY B 61 1.97 1.06 -1.94
C GLY B 61 2.73 1.93 -0.98
N LYS B 62 3.54 1.29 -0.16
CA LYS B 62 4.48 2.01 0.68
C LYS B 62 5.86 1.87 0.07
N LEU B 63 5.87 2.00 -1.26
CA LEU B 63 7.05 1.74 -2.05
C LEU B 63 8.09 2.85 -1.87
N ALA B 64 8.94 2.65 -0.88
CA ALA B 64 9.98 3.61 -0.53
C ALA B 64 11.30 2.90 -0.35
N SER B 65 12.05 2.80 -1.43
CA SER B 65 13.34 2.14 -1.39
C SER B 65 14.44 3.12 -0.95
N VAL B 66 15.69 2.78 -1.23
CA VAL B 66 16.83 3.62 -0.88
C VAL B 66 16.59 5.08 -1.31
N PRO B 67 16.67 6.03 -0.36
CA PRO B 67 16.40 7.44 -0.62
C PRO B 67 17.46 8.09 -1.52
N ALA B 68 17.15 8.14 -2.81
CA ALA B 68 17.95 8.87 -3.81
C ALA B 68 19.26 8.16 -4.16
N GLY B 69 19.84 7.49 -3.18
CA GLY B 69 21.09 6.80 -3.40
C GLY B 69 22.20 7.36 -2.53
N GLY B 70 21.89 8.46 -1.86
CA GLY B 70 22.86 9.09 -0.96
C GLY B 70 23.70 10.12 -1.68
N ALA B 71 24.99 10.15 -1.37
CA ALA B 71 25.91 11.08 -2.00
C ALA B 71 27.31 10.49 -2.01
N VAL B 72 28.06 10.78 -3.07
CA VAL B 72 29.41 10.27 -3.22
C VAL B 72 30.37 11.40 -3.59
N ALA B 73 31.58 11.32 -3.05
CA ALA B 73 32.60 12.33 -3.28
C ALA B 73 33.95 11.69 -3.52
N VAL B 74 34.71 12.26 -4.45
CA VAL B 74 36.00 11.70 -4.81
C VAL B 74 37.11 12.32 -3.97
N SER B 75 37.92 11.47 -3.34
CA SER B 75 39.03 11.93 -2.53
C SER B 75 40.18 12.43 -3.39
N ALA B 76 39.95 13.54 -4.09
CA ALA B 76 40.95 14.10 -4.98
C ALA B 76 41.96 14.93 -4.21
N ALA B 77 43.15 15.05 -4.75
CA ALA B 77 44.20 15.83 -4.11
C ALA B 77 44.67 16.94 -5.02
N PRO B 78 44.02 18.11 -4.91
CA PRO B 78 44.40 19.30 -5.67
C PRO B 78 45.81 19.78 -5.33
N GLY B 79 46.73 19.55 -6.26
CA GLY B 79 48.08 20.03 -6.08
C GLY B 79 49.11 18.92 -6.18
N SER B 80 48.65 17.68 -6.18
CA SER B 80 49.56 16.54 -6.23
C SER B 80 49.64 15.93 -7.63
N ALA B 81 50.63 15.06 -7.81
CA ALA B 81 50.77 14.26 -9.03
C ALA B 81 51.00 15.10 -10.27
N ALA B 82 52.14 15.80 -10.30
CA ALA B 82 52.51 16.63 -11.43
C ALA B 82 53.94 16.32 -11.88
N PRO B 83 54.10 15.40 -12.85
CA PRO B 83 55.42 14.99 -13.37
C PRO B 83 56.13 16.12 -14.12
N ALA B 84 55.44 16.71 -15.10
CA ALA B 84 55.97 17.83 -15.88
C ALA B 84 57.36 17.54 -16.44
N ALA B 85 57.46 16.44 -17.19
CA ALA B 85 58.74 15.99 -17.72
C ALA B 85 59.07 16.67 -19.06
N GLY B 86 60.31 17.15 -19.18
CA GLY B 86 60.73 17.79 -20.41
C GLY B 86 61.70 16.92 -21.19
N SER B 87 61.19 16.24 -22.22
CA SER B 87 62.00 15.32 -22.99
C SER B 87 62.43 15.93 -24.31
N ALA B 88 63.70 16.29 -24.40
CA ALA B 88 64.26 16.84 -25.64
C ALA B 88 65.33 15.90 -26.21
N PRO B 89 64.96 15.11 -27.23
CA PRO B 89 65.88 14.14 -27.85
C PRO B 89 66.92 14.81 -28.76
N ALA B 90 67.88 15.51 -28.16
CA ALA B 90 68.92 16.18 -28.93
C ALA B 90 70.28 15.53 -28.67
N ALA B 91 70.36 14.23 -28.89
CA ALA B 91 71.58 13.48 -28.66
C ALA B 91 72.54 13.62 -29.84
N ALA B 92 73.25 14.73 -29.88
CA ALA B 92 74.23 14.97 -30.93
C ALA B 92 75.58 15.35 -30.34
N GLU B 93 76.14 14.43 -29.58
CA GLU B 93 77.43 14.62 -28.93
C GLU B 93 78.57 14.48 -29.94
N GLU B 94 78.96 15.60 -30.53
CA GLU B 94 80.04 15.62 -31.49
C GLU B 94 81.39 15.71 -30.78
N LYS B 95 82.34 14.86 -31.19
CA LYS B 95 83.69 14.90 -30.64
C LYS B 95 84.63 15.57 -31.63
N LYS B 96 85.70 16.16 -31.13
CA LYS B 96 86.69 16.82 -31.98
C LYS B 96 88.02 16.10 -31.93
N ASP B 97 88.12 14.99 -32.65
CA ASP B 97 89.36 14.24 -32.72
C ASP B 97 89.52 13.60 -34.09
N GLU B 98 90.30 14.25 -34.93
CA GLU B 98 90.59 13.75 -36.27
C GLU B 98 92.06 13.90 -36.57
N LYS B 99 92.53 13.21 -37.61
CA LYS B 99 93.93 13.25 -37.98
C LYS B 99 94.26 14.50 -38.79
N LYS B 100 93.27 14.98 -39.56
CA LYS B 100 93.42 16.21 -40.36
C LYS B 100 94.50 16.05 -41.44
N GLU B 101 94.57 17.03 -42.36
CA GLU B 101 95.61 17.08 -43.40
C GLU B 101 95.61 15.80 -44.25
N GLU B 102 96.63 14.96 -44.07
CA GLU B 102 96.77 13.70 -44.81
C GLU B 102 96.57 13.89 -46.31
N SER B 103 97.52 14.58 -46.94
CA SER B 103 97.46 14.83 -48.37
C SER B 103 98.34 13.86 -49.14
N GLU B 104 98.27 13.88 -50.46
CA GLU B 104 99.09 13.01 -51.28
C GLU B 104 100.53 13.53 -51.32
N GLU B 105 100.67 14.77 -51.81
CA GLU B 105 101.97 15.43 -51.98
C GLU B 105 102.78 14.77 -53.10
N SER B 106 103.32 15.58 -53.99
CA SER B 106 103.99 15.08 -55.17
C SER B 106 105.49 15.38 -55.11
N ASP B 107 106.29 14.38 -55.45
CA ASP B 107 107.74 14.56 -55.58
C ASP B 107 108.08 15.03 -56.99
N ASP B 108 107.73 16.28 -57.29
CA ASP B 108 107.98 16.85 -58.62
C ASP B 108 109.47 16.91 -58.92
N ASP B 109 110.12 17.93 -58.35
CA ASP B 109 111.55 18.14 -58.54
C ASP B 109 112.15 18.66 -57.24
N MET B 110 113.09 17.90 -56.69
CA MET B 110 113.67 18.24 -55.39
C MET B 110 115.04 18.90 -55.58
N GLY B 111 115.12 19.83 -56.53
CA GLY B 111 116.38 20.48 -56.82
C GLY B 111 116.73 21.56 -55.81
N PHE B 112 117.05 21.14 -54.59
CA PHE B 112 117.45 22.05 -53.51
C PHE B 112 116.34 23.05 -53.18
N GLY B 113 115.09 22.67 -53.44
CA GLY B 113 113.98 23.59 -53.26
C GLY B 113 113.55 23.75 -51.80
N LEU B 114 114.32 23.15 -50.90
CA LEU B 114 114.08 23.33 -49.47
C LEU B 114 114.73 24.62 -48.98
N PHE B 115 115.75 25.08 -49.74
CA PHE B 115 116.48 26.34 -49.53
C PHE B 115 116.60 26.78 -48.05
N ASP B 116 116.97 25.84 -47.18
CA ASP B 116 117.12 26.13 -45.76
C ASP B 116 118.44 26.85 -45.52
N MET A 1 -2.99 -19.57 -3.50
CA MET A 1 -2.54 -18.19 -3.77
C MET A 1 -3.25 -17.65 -5.01
N ALA A 2 -4.37 -16.98 -4.81
CA ALA A 2 -5.16 -16.48 -5.93
C ALA A 2 -5.27 -14.96 -5.89
N SER A 3 -4.35 -14.32 -5.19
CA SER A 3 -4.37 -12.88 -5.03
C SER A 3 -3.45 -12.18 -6.01
N VAL A 4 -2.99 -12.93 -7.02
CA VAL A 4 -2.03 -12.39 -7.97
C VAL A 4 -2.70 -11.35 -8.85
N SER A 5 -4.02 -11.40 -8.91
CA SER A 5 -4.78 -10.43 -9.67
C SER A 5 -4.64 -9.04 -9.04
N GLU A 6 -4.96 -8.97 -7.75
CA GLU A 6 -4.89 -7.73 -7.00
C GLU A 6 -3.45 -7.25 -6.90
N LEU A 7 -2.56 -8.21 -6.63
CA LEU A 7 -1.14 -7.92 -6.54
C LEU A 7 -0.64 -7.27 -7.84
N ALA A 8 -0.92 -7.92 -8.97
CA ALA A 8 -0.49 -7.43 -10.27
C ALA A 8 -1.02 -6.03 -10.54
N CYS A 9 -2.32 -5.85 -10.35
CA CYS A 9 -2.96 -4.57 -10.64
C CYS A 9 -2.42 -3.46 -9.73
N ILE A 10 -2.15 -3.79 -8.47
CA ILE A 10 -1.68 -2.81 -7.51
C ILE A 10 -0.23 -2.40 -7.80
N TYR A 11 0.60 -3.38 -8.14
CA TYR A 11 1.99 -3.06 -8.46
C TYR A 11 2.05 -2.31 -9.77
N SER A 12 1.06 -2.55 -10.63
CA SER A 12 0.93 -1.82 -11.88
C SER A 12 0.62 -0.34 -11.57
N ALA A 13 -0.35 -0.10 -10.68
CA ALA A 13 -0.61 1.26 -10.19
C ALA A 13 0.67 1.90 -9.66
N LEU A 14 1.47 1.12 -8.93
CA LEU A 14 2.77 1.59 -8.43
C LEU A 14 3.66 2.05 -9.57
N ILE A 15 3.93 1.13 -10.48
CA ILE A 15 4.80 1.37 -11.63
C ILE A 15 4.37 2.61 -12.40
N LEU A 16 3.07 2.76 -12.61
CA LEU A 16 2.56 3.88 -13.38
C LEU A 16 2.59 5.18 -12.57
N HIS A 17 2.53 5.10 -11.25
CA HIS A 17 2.53 6.31 -10.42
C HIS A 17 3.95 6.75 -10.07
N ASP A 18 4.86 6.67 -11.04
CA ASP A 18 6.22 7.16 -10.84
C ASP A 18 6.61 8.13 -11.96
N ASP A 19 6.00 7.98 -13.12
CA ASP A 19 6.29 8.83 -14.27
C ASP A 19 5.03 9.60 -14.66
N GLU A 20 4.99 10.13 -15.88
CA GLU A 20 3.82 10.86 -16.36
C GLU A 20 2.97 9.97 -17.26
N VAL A 21 3.07 8.67 -17.05
CA VAL A 21 2.29 7.70 -17.80
C VAL A 21 0.88 7.59 -17.20
N THR A 22 -0.12 7.41 -18.06
CA THR A 22 -1.50 7.34 -17.61
C THR A 22 -1.87 5.94 -17.11
N VAL A 23 -2.71 5.88 -16.08
CA VAL A 23 -3.07 4.61 -15.46
C VAL A 23 -4.34 4.01 -16.10
N THR A 24 -4.36 3.95 -17.42
CA THR A 24 -5.52 3.45 -18.13
C THR A 24 -5.47 1.92 -18.25
N GLU A 25 -6.63 1.29 -18.48
CA GLU A 25 -6.69 -0.17 -18.57
C GLU A 25 -5.71 -0.66 -19.62
N ASP A 26 -5.57 0.10 -20.71
CA ASP A 26 -4.62 -0.22 -21.78
C ASP A 26 -3.21 -0.40 -21.23
N LYS A 27 -2.78 0.50 -20.35
CA LYS A 27 -1.41 0.48 -19.86
C LYS A 27 -1.25 -0.61 -18.81
N ILE A 28 -2.24 -0.73 -17.93
CA ILE A 28 -2.24 -1.78 -16.92
C ILE A 28 -2.23 -3.16 -17.58
N ASN A 29 -3.08 -3.34 -18.59
CA ASN A 29 -3.11 -4.60 -19.35
C ASN A 29 -1.80 -4.82 -20.11
N ALA A 30 -1.22 -3.73 -20.63
CA ALA A 30 0.04 -3.83 -21.37
C ALA A 30 1.14 -4.43 -20.50
N LEU A 31 1.35 -3.84 -19.33
CA LEU A 31 2.40 -4.31 -18.43
C LEU A 31 2.02 -5.68 -17.86
N ILE A 32 0.74 -5.89 -17.64
CA ILE A 32 0.23 -7.17 -17.18
C ILE A 32 0.58 -8.29 -18.18
N LYS A 33 0.55 -7.96 -19.47
CA LYS A 33 0.91 -8.92 -20.52
C LYS A 33 2.43 -9.07 -20.63
N ALA A 34 3.15 -7.99 -20.31
CA ALA A 34 4.61 -8.04 -20.21
C ALA A 34 5.03 -9.00 -19.11
N ALA A 35 4.22 -9.10 -18.07
CA ALA A 35 4.48 -10.00 -16.96
C ALA A 35 4.01 -11.42 -17.26
N GLY A 36 2.70 -11.62 -17.22
CA GLY A 36 2.15 -12.95 -17.43
C GLY A 36 0.79 -13.14 -16.79
N VAL A 37 0.67 -12.76 -15.53
CA VAL A 37 -0.59 -12.91 -14.81
C VAL A 37 -1.52 -11.75 -15.13
N ASN A 38 -2.82 -11.99 -15.01
CA ASN A 38 -3.82 -11.02 -15.39
C ASN A 38 -4.69 -10.70 -14.20
N VAL A 39 -5.70 -9.90 -14.46
CA VAL A 39 -6.64 -9.46 -13.44
C VAL A 39 -8.00 -9.20 -14.10
N GLU A 40 -9.07 -9.62 -13.43
CA GLU A 40 -10.41 -9.52 -14.01
C GLU A 40 -10.76 -8.06 -14.32
N PRO A 41 -11.31 -7.80 -15.52
CA PRO A 41 -11.46 -6.45 -16.11
C PRO A 41 -12.10 -5.39 -15.20
N PHE A 42 -12.71 -5.83 -14.12
CA PHE A 42 -13.41 -4.91 -13.23
C PHE A 42 -12.40 -4.11 -12.40
N TRP A 43 -11.25 -4.72 -12.10
CA TRP A 43 -10.18 -4.02 -11.39
C TRP A 43 -9.51 -2.96 -12.29
N PRO A 44 -9.02 -3.33 -13.51
CA PRO A 44 -8.50 -2.33 -14.45
C PRO A 44 -9.52 -1.25 -14.75
N GLY A 45 -10.79 -1.65 -14.84
CA GLY A 45 -11.86 -0.70 -15.03
C GLY A 45 -11.91 0.33 -13.92
N LEU A 46 -11.90 -0.13 -12.67
CA LEU A 46 -11.90 0.76 -11.53
C LEU A 46 -10.66 1.64 -11.52
N PHE A 47 -9.51 1.06 -11.79
CA PHE A 47 -8.27 1.82 -11.79
C PHE A 47 -8.29 2.90 -12.88
N ALA A 48 -8.69 2.51 -14.09
CA ALA A 48 -8.68 3.44 -15.21
C ALA A 48 -9.71 4.54 -15.07
N LYS A 49 -10.85 4.23 -14.47
CA LYS A 49 -11.97 5.16 -14.47
C LYS A 49 -12.28 5.71 -13.08
N ALA A 50 -11.51 5.31 -12.08
CA ALA A 50 -11.70 5.82 -10.73
C ALA A 50 -10.38 6.17 -10.02
N LEU A 51 -9.25 5.68 -10.51
CA LEU A 51 -7.97 6.01 -9.90
C LEU A 51 -7.46 7.32 -10.54
N ALA A 52 -6.19 7.37 -10.96
CA ALA A 52 -5.59 8.57 -11.58
C ALA A 52 -5.66 9.80 -10.66
N ASN A 53 -6.20 9.62 -9.47
CA ASN A 53 -6.34 10.70 -8.50
C ASN A 53 -6.10 10.12 -7.12
N VAL A 54 -6.65 8.92 -6.92
CA VAL A 54 -6.38 8.09 -5.76
C VAL A 54 -4.90 8.18 -5.36
N ASN A 55 -4.66 8.84 -4.24
CA ASN A 55 -3.31 8.94 -3.70
C ASN A 55 -2.72 7.54 -3.56
N ILE A 56 -1.52 7.39 -4.11
CA ILE A 56 -0.91 6.09 -4.34
C ILE A 56 -0.97 5.15 -3.12
N GLY A 57 -0.77 5.70 -1.91
CA GLY A 57 -0.81 4.87 -0.71
C GLY A 57 -2.16 4.20 -0.52
N SER A 58 -3.21 4.85 -1.02
CA SER A 58 -4.57 4.36 -0.86
C SER A 58 -4.75 3.04 -1.59
N LEU A 59 -3.73 2.62 -2.33
CA LEU A 59 -3.75 1.30 -2.95
C LEU A 59 -4.01 0.22 -1.92
N ILE A 60 -3.43 0.37 -0.74
CA ILE A 60 -3.56 -0.67 0.28
C ILE A 60 -4.89 -0.54 1.04
N CYS A 61 -5.73 0.39 0.59
CA CYS A 61 -7.03 0.60 1.19
C CYS A 61 -8.13 0.62 0.14
N ASN A 62 -7.78 0.28 -1.11
CA ASN A 62 -8.73 0.39 -2.22
C ASN A 62 -9.65 -0.82 -2.30
N VAL A 63 -9.46 -1.76 -1.40
CA VAL A 63 -10.23 -2.99 -1.39
C VAL A 63 -11.59 -2.78 -0.71
N GLY A 64 -11.78 -1.62 -0.11
CA GLY A 64 -13.03 -1.34 0.55
C GLY A 64 -13.52 0.06 0.25
N ALA A 65 -14.84 0.23 0.22
CA ALA A 65 -15.45 1.53 -0.02
C ALA A 65 -15.58 2.32 1.28
N GLY A 66 -14.48 2.44 1.99
CA GLY A 66 -14.49 3.14 3.27
C GLY A 66 -14.59 4.65 3.12
N GLY A 67 -14.01 5.18 2.04
CA GLY A 67 -14.03 6.61 1.83
C GLY A 67 -13.74 7.00 0.40
N PRO A 68 -14.78 7.35 -0.38
CA PRO A 68 -14.62 7.79 -1.77
C PRO A 68 -13.94 9.16 -1.86
N ALA A 69 -14.17 9.99 -0.84
CA ALA A 69 -13.55 11.31 -0.73
C ALA A 69 -13.67 12.13 -2.02
N PRO A 70 -14.88 12.60 -2.34
CA PRO A 70 -15.14 13.37 -3.58
C PRO A 70 -14.30 14.65 -3.66
N ALA A 71 -13.19 14.58 -4.40
CA ALA A 71 -12.38 15.74 -4.67
C ALA A 71 -13.16 16.78 -5.46
N ALA A 72 -13.89 16.32 -6.46
CA ALA A 72 -14.71 17.18 -7.28
C ALA A 72 -15.98 16.44 -7.67
N GLY A 73 -17.11 17.13 -7.66
CA GLY A 73 -18.37 16.51 -8.02
C GLY A 73 -19.55 17.43 -7.82
N ALA A 74 -20.59 16.93 -7.16
CA ALA A 74 -21.81 17.68 -6.94
C ALA A 74 -21.68 18.61 -5.73
N ALA A 75 -22.45 19.70 -5.76
CA ALA A 75 -22.44 20.67 -4.67
C ALA A 75 -23.53 20.35 -3.64
N PRO A 76 -23.12 20.07 -2.39
CA PRO A 76 -24.04 19.76 -1.30
C PRO A 76 -24.76 21.00 -0.77
N ALA A 77 -25.32 20.88 0.43
CA ALA A 77 -26.01 21.99 1.06
C ALA A 77 -25.04 23.04 1.57
N GLY A 78 -25.56 24.09 2.19
CA GLY A 78 -24.73 25.17 2.68
C GLY A 78 -23.96 24.80 3.94
N GLY A 79 -23.35 25.81 4.57
CA GLY A 79 -22.56 25.56 5.75
C GLY A 79 -21.90 26.82 6.30
N PRO A 80 -20.87 27.36 5.62
CA PRO A 80 -20.11 28.51 6.11
C PRO A 80 -20.81 29.84 5.85
N ALA A 81 -20.38 30.88 6.54
CA ALA A 81 -20.93 32.21 6.37
C ALA A 81 -19.81 33.26 6.27
N PRO A 82 -19.37 33.56 5.03
CA PRO A 82 -18.33 34.56 4.78
C PRO A 82 -18.53 35.85 5.55
N SER A 83 -19.78 36.33 5.59
CA SER A 83 -20.14 37.52 6.36
C SER A 83 -19.24 38.71 6.00
N THR A 84 -19.38 39.21 4.78
CA THR A 84 -18.57 40.33 4.29
C THR A 84 -18.78 41.58 5.14
N ALA A 85 -19.96 41.69 5.74
CA ALA A 85 -20.29 42.82 6.59
C ALA A 85 -21.07 42.36 7.81
N ALA A 86 -22.29 41.87 7.58
CA ALA A 86 -23.16 41.36 8.64
C ALA A 86 -23.50 42.46 9.64
N ALA A 87 -24.59 43.19 9.34
CA ALA A 87 -25.07 44.29 10.18
C ALA A 87 -24.02 45.39 10.30
N PRO A 88 -23.79 46.13 9.20
CA PRO A 88 -22.78 47.20 9.15
C PRO A 88 -23.05 48.32 10.15
N ALA A 89 -24.19 49.00 9.96
CA ALA A 89 -24.56 50.14 10.80
C ALA A 89 -25.92 50.67 10.36
N GLU A 90 -26.09 50.84 9.05
CA GLU A 90 -27.34 51.38 8.48
C GLU A 90 -27.65 52.75 9.06
N GLU A 91 -26.76 53.68 8.78
CA GLU A 91 -26.90 55.08 9.19
C GLU A 91 -27.12 55.94 7.96
N LYS A 92 -26.42 55.59 6.90
CA LYS A 92 -26.57 56.23 5.61
C LYS A 92 -28.00 56.09 5.10
N LYS A 93 -28.60 57.22 4.78
CA LYS A 93 -29.95 57.24 4.25
C LYS A 93 -30.03 58.18 3.05
N VAL A 94 -30.52 57.66 1.94
CA VAL A 94 -30.62 58.43 0.73
C VAL A 94 -31.71 59.49 0.82
N GLU A 95 -31.30 60.75 0.67
CA GLU A 95 -32.22 61.87 0.73
C GLU A 95 -33.03 61.96 -0.56
N ALA A 96 -34.34 61.95 -0.39
CA ALA A 96 -35.29 61.99 -1.49
C ALA A 96 -36.69 62.19 -0.96
N LYS A 97 -36.81 63.03 0.07
CA LYS A 97 -38.09 63.31 0.70
C LYS A 97 -39.10 63.88 -0.29
N LYS A 98 -40.32 63.37 -0.22
CA LYS A 98 -41.41 63.87 -1.04
C LYS A 98 -42.44 64.53 -0.14
N GLU A 99 -43.06 65.60 -0.62
CA GLU A 99 -43.96 66.38 0.20
C GLU A 99 -45.13 66.88 -0.66
N GLU A 100 -44.78 67.41 -1.82
CA GLU A 100 -45.75 67.76 -2.86
C GLU A 100 -46.71 68.86 -2.43
N SER A 101 -47.82 68.99 -3.14
CA SER A 101 -48.79 70.05 -2.91
C SER A 101 -49.48 69.92 -1.56
N GLU A 102 -49.63 71.05 -0.87
CA GLU A 102 -50.36 71.11 0.38
C GLU A 102 -51.85 71.32 0.09
N GLU A 103 -52.59 71.77 1.10
CA GLU A 103 -54.00 72.09 0.93
C GLU A 103 -54.15 73.36 0.08
N SER A 104 -55.39 73.80 -0.11
CA SER A 104 -55.65 74.97 -0.95
C SER A 104 -56.69 75.87 -0.30
N ASP A 105 -56.62 75.96 1.02
CA ASP A 105 -57.59 76.73 1.79
C ASP A 105 -56.94 77.99 2.34
N ASP A 106 -55.68 78.18 1.99
CA ASP A 106 -54.91 79.31 2.49
C ASP A 106 -55.24 80.58 1.72
N ASP A 107 -55.45 81.67 2.46
CA ASP A 107 -55.68 83.00 1.88
C ASP A 107 -56.78 82.99 0.81
N MET A 108 -57.83 82.21 1.06
CA MET A 108 -58.96 82.13 0.13
C MET A 108 -59.84 83.38 0.23
N GLY A 109 -59.91 83.93 1.44
CA GLY A 109 -60.75 85.09 1.66
C GLY A 109 -61.36 85.09 3.05
N PHE A 110 -62.39 85.90 3.25
CA PHE A 110 -63.09 85.95 4.52
C PHE A 110 -64.41 85.19 4.45
N GLY A 111 -64.71 84.43 5.50
CA GLY A 111 -65.94 83.68 5.53
C GLY A 111 -65.76 82.27 5.01
N LEU A 112 -66.10 81.29 5.84
CA LEU A 112 -65.96 79.89 5.46
C LEU A 112 -67.21 79.41 4.71
N PHE A 113 -67.30 79.78 3.44
CA PHE A 113 -68.43 79.41 2.60
C PHE A 113 -67.97 78.75 1.31
N ASP A 114 -68.90 78.51 0.40
CA ASP A 114 -68.60 77.93 -0.89
C ASP A 114 -69.53 78.54 -1.94
N ALA B 1 11.62 7.42 -5.65
CA ALA B 1 11.32 6.70 -6.91
C ALA B 1 11.05 5.22 -6.62
N MET B 2 10.00 4.69 -7.22
CA MET B 2 9.64 3.27 -7.03
C MET B 2 9.43 2.59 -8.38
N ARG B 3 9.87 3.28 -9.44
CA ARG B 3 9.69 2.85 -10.82
C ARG B 3 10.26 1.46 -11.10
N TYR B 4 11.17 1.00 -10.27
CA TYR B 4 11.88 -0.24 -10.55
C TYR B 4 11.55 -1.31 -9.50
N VAL B 5 11.31 -0.89 -8.26
CA VAL B 5 11.07 -1.86 -7.20
C VAL B 5 9.76 -2.61 -7.43
N ALA B 6 8.68 -1.90 -7.76
CA ALA B 6 7.40 -2.55 -7.97
C ALA B 6 7.39 -3.28 -9.30
N SER B 7 8.36 -2.97 -10.15
CA SER B 7 8.56 -3.70 -11.39
C SER B 7 9.18 -5.05 -11.10
N TYR B 8 10.10 -5.09 -10.14
CA TYR B 8 10.66 -6.36 -9.69
C TYR B 8 9.55 -7.18 -9.03
N LEU B 9 8.75 -6.49 -8.22
CA LEU B 9 7.55 -7.07 -7.61
C LEU B 9 6.64 -7.68 -8.68
N LEU B 10 6.33 -6.86 -9.69
CA LEU B 10 5.45 -7.26 -10.78
C LEU B 10 5.98 -8.52 -11.46
N ALA B 11 7.25 -8.52 -11.78
CA ALA B 11 7.87 -9.67 -12.42
C ALA B 11 7.80 -10.90 -11.52
N ALA B 12 7.93 -10.68 -10.20
CA ALA B 12 7.92 -11.78 -9.24
C ALA B 12 6.56 -12.47 -9.18
N LEU B 13 5.49 -11.73 -8.87
CA LEU B 13 4.17 -12.37 -8.77
C LEU B 13 3.63 -12.68 -10.16
N GLY B 14 4.26 -12.08 -11.17
CA GLY B 14 3.90 -12.37 -12.55
C GLY B 14 4.28 -13.78 -12.96
N GLY B 15 5.13 -14.43 -12.18
CA GLY B 15 5.51 -15.79 -12.47
C GLY B 15 7.01 -16.01 -12.45
N ASN B 16 7.75 -14.95 -12.16
CA ASN B 16 9.20 -15.03 -12.13
C ASN B 16 9.70 -14.84 -10.71
N SER B 17 9.94 -15.95 -10.03
CA SER B 17 10.38 -15.92 -8.63
C SER B 17 11.67 -15.13 -8.48
N SER B 18 12.49 -15.15 -9.52
CA SER B 18 13.76 -14.46 -9.50
C SER B 18 13.87 -13.54 -10.73
N PRO B 19 13.20 -12.37 -10.66
CA PRO B 19 13.19 -11.37 -11.75
C PRO B 19 14.58 -10.89 -12.15
N SER B 20 14.78 -10.71 -13.45
CA SER B 20 16.03 -10.20 -13.97
C SER B 20 15.84 -8.76 -14.44
N ALA B 21 16.89 -7.94 -14.28
CA ALA B 21 16.83 -6.52 -14.62
C ALA B 21 16.37 -6.31 -16.07
N LYS B 22 16.72 -7.26 -16.92
CA LYS B 22 16.36 -7.20 -18.33
C LYS B 22 14.83 -7.37 -18.49
N ASP B 23 14.26 -8.26 -17.69
CA ASP B 23 12.82 -8.54 -17.76
C ASP B 23 12.03 -7.38 -17.17
N ILE B 24 12.55 -6.79 -16.09
CA ILE B 24 11.95 -5.59 -15.51
C ILE B 24 11.95 -4.47 -16.55
N LYS B 25 13.10 -4.29 -17.22
CA LYS B 25 13.22 -3.30 -18.28
C LYS B 25 12.19 -3.58 -19.38
N LYS B 26 11.97 -4.86 -19.69
CA LYS B 26 10.92 -5.25 -20.64
C LYS B 26 9.56 -4.73 -20.18
N ILE B 27 9.24 -5.00 -18.92
CA ILE B 27 7.96 -4.62 -18.36
C ILE B 27 7.74 -3.12 -18.46
N LEU B 28 8.81 -2.35 -18.27
CA LEU B 28 8.72 -0.89 -18.35
C LEU B 28 8.63 -0.41 -19.80
N ASP B 29 9.38 -1.07 -20.68
CA ASP B 29 9.40 -0.73 -22.10
C ASP B 29 8.08 -1.09 -22.77
N SER B 30 7.40 -2.11 -22.23
CA SER B 30 6.11 -2.54 -22.77
C SER B 30 5.05 -1.45 -22.66
N VAL B 31 5.16 -0.62 -21.63
CA VAL B 31 4.21 0.46 -21.41
C VAL B 31 4.68 1.75 -22.06
N GLY B 32 6.00 1.94 -22.06
CA GLY B 32 6.58 3.11 -22.66
C GLY B 32 7.14 4.07 -21.63
N ILE B 33 7.58 3.51 -20.52
CA ILE B 33 8.15 4.33 -19.45
C ILE B 33 9.67 4.31 -19.53
N GLU B 34 10.27 5.48 -19.56
CA GLU B 34 11.73 5.58 -19.66
C GLU B 34 12.38 5.06 -18.38
N ALA B 35 13.43 4.28 -18.55
CA ALA B 35 14.08 3.61 -17.44
C ALA B 35 15.60 3.68 -17.56
N ASP B 36 16.24 4.38 -16.64
CA ASP B 36 17.70 4.40 -16.58
C ASP B 36 18.18 3.01 -16.20
N ASP B 37 19.01 2.42 -17.07
CA ASP B 37 19.42 1.03 -16.88
C ASP B 37 20.37 0.89 -15.70
N ASP B 38 21.09 1.96 -15.38
CA ASP B 38 22.01 1.93 -14.24
C ASP B 38 21.22 2.02 -12.94
N ARG B 39 20.27 2.95 -12.87
CA ARG B 39 19.44 3.12 -11.68
C ARG B 39 18.59 1.89 -11.46
N LEU B 40 18.11 1.31 -12.56
CA LEU B 40 17.29 0.11 -12.53
C LEU B 40 18.04 -1.04 -11.83
N ASN B 41 19.16 -1.44 -12.42
CA ASN B 41 19.94 -2.56 -11.89
C ASN B 41 20.53 -2.21 -10.51
N LYS B 42 20.78 -0.92 -10.27
CA LYS B 42 21.29 -0.47 -8.98
C LYS B 42 20.26 -0.68 -7.87
N VAL B 43 19.01 -0.31 -8.12
CA VAL B 43 17.99 -0.46 -7.09
C VAL B 43 17.60 -1.91 -6.97
N ILE B 44 17.80 -2.64 -8.06
CA ILE B 44 17.62 -4.07 -8.04
C ILE B 44 18.72 -4.76 -7.23
N SER B 45 19.98 -4.33 -7.38
CA SER B 45 21.05 -4.90 -6.59
C SER B 45 20.93 -4.46 -5.12
N GLU B 46 20.24 -3.34 -4.92
CA GLU B 46 19.88 -2.88 -3.59
C GLU B 46 18.82 -3.80 -2.95
N LEU B 47 17.80 -4.14 -3.73
CA LEU B 47 16.66 -4.93 -3.22
C LEU B 47 16.91 -6.43 -3.32
N ASN B 48 17.88 -6.82 -4.14
CA ASN B 48 18.12 -8.22 -4.46
C ASN B 48 18.31 -9.07 -3.21
N GLY B 49 17.52 -10.12 -3.09
CA GLY B 49 17.61 -11.00 -1.95
C GLY B 49 16.53 -12.06 -1.97
N LYS B 50 16.37 -12.76 -0.86
CA LYS B 50 15.38 -13.81 -0.76
C LYS B 50 14.09 -13.27 -0.13
N ASN B 51 14.01 -11.94 -0.04
CA ASN B 51 12.89 -11.27 0.63
C ASN B 51 11.76 -11.02 -0.37
N ILE B 52 11.72 -11.84 -1.41
CA ILE B 52 10.75 -11.72 -2.49
C ILE B 52 9.32 -11.81 -1.96
N GLU B 53 9.00 -12.95 -1.40
CA GLU B 53 7.65 -13.24 -0.99
C GLU B 53 7.23 -12.32 0.14
N ASP B 54 8.20 -11.91 0.94
CA ASP B 54 7.97 -10.94 2.00
C ASP B 54 7.50 -9.61 1.42
N VAL B 55 8.24 -9.10 0.44
CA VAL B 55 7.93 -7.80 -0.14
C VAL B 55 6.66 -7.87 -0.99
N ILE B 56 6.31 -9.06 -1.46
CA ILE B 56 5.05 -9.26 -2.15
C ILE B 56 3.89 -9.27 -1.16
N ALA B 57 4.01 -10.08 -0.11
CA ALA B 57 2.94 -10.29 0.84
C ALA B 57 2.69 -9.06 1.72
N GLN B 58 3.72 -8.25 1.92
CA GLN B 58 3.60 -7.07 2.77
C GLN B 58 4.35 -5.87 2.17
N GLY B 59 4.15 -5.65 0.88
CA GLY B 59 4.81 -4.54 0.21
C GLY B 59 3.86 -3.70 -0.61
N ILE B 60 2.78 -3.24 0.02
CA ILE B 60 1.81 -2.38 -0.66
C ILE B 60 1.87 -0.95 -0.10
N GLY B 61 2.41 -0.81 1.10
CA GLY B 61 2.44 0.50 1.74
C GLY B 61 3.83 0.97 2.10
N LYS B 62 4.83 0.41 1.42
CA LYS B 62 6.22 0.83 1.61
C LYS B 62 6.87 1.11 0.26
N LEU B 63 6.15 1.81 -0.60
CA LEU B 63 6.62 2.04 -1.96
C LEU B 63 7.12 3.47 -2.13
N ALA B 64 6.26 4.33 -2.65
CA ALA B 64 6.63 5.73 -2.91
C ALA B 64 6.59 6.55 -1.63
N SER B 65 5.60 6.29 -0.79
CA SER B 65 5.41 7.05 0.42
C SER B 65 4.59 6.24 1.42
N VAL B 66 4.77 6.53 2.70
CA VAL B 66 4.06 5.84 3.75
C VAL B 66 3.17 6.83 4.51
N PRO B 67 1.85 6.54 4.57
CA PRO B 67 0.85 7.42 5.20
C PRO B 67 1.19 7.83 6.63
N ALA B 68 1.99 7.03 7.33
CA ALA B 68 2.44 7.34 8.69
C ALA B 68 1.26 7.63 9.61
N GLY B 69 0.62 6.58 10.11
CA GLY B 69 -0.54 6.74 10.96
C GLY B 69 -1.71 5.93 10.47
N GLY B 70 -1.90 5.90 9.17
CA GLY B 70 -2.99 5.13 8.59
C GLY B 70 -2.59 3.70 8.31
N ALA B 71 -1.61 3.53 7.44
CA ALA B 71 -1.13 2.21 7.09
C ALA B 71 0.00 1.80 8.04
N VAL B 72 -0.37 1.09 9.09
CA VAL B 72 0.60 0.62 10.06
C VAL B 72 0.65 -0.90 10.08
N ALA B 73 1.85 -1.43 10.27
CA ALA B 73 2.05 -2.87 10.29
C ALA B 73 1.80 -3.43 11.68
N VAL B 74 1.08 -4.53 11.74
CA VAL B 74 0.75 -5.17 13.01
C VAL B 74 0.80 -6.68 12.84
N SER B 75 1.06 -7.40 13.93
CA SER B 75 1.15 -8.86 13.89
C SER B 75 2.26 -9.31 12.93
N ALA B 76 3.44 -8.72 13.12
CA ALA B 76 4.59 -9.00 12.28
C ALA B 76 5.87 -8.72 13.06
N ALA B 77 7.00 -9.24 12.56
CA ALA B 77 8.32 -9.04 13.17
C ALA B 77 8.37 -9.61 14.59
N PRO B 78 8.71 -10.90 14.69
CA PRO B 78 8.77 -11.61 15.97
C PRO B 78 9.83 -11.05 16.91
N GLY B 79 9.51 -11.05 18.19
CA GLY B 79 10.41 -10.54 19.18
C GLY B 79 11.26 -11.63 19.80
N SER B 80 12.21 -11.23 20.63
CA SER B 80 13.10 -12.16 21.31
C SER B 80 13.32 -11.71 22.75
N ALA B 81 13.97 -12.56 23.53
CA ALA B 81 14.33 -12.21 24.91
C ALA B 81 13.11 -11.79 25.71
N ALA B 82 12.04 -12.55 25.59
CA ALA B 82 10.80 -12.24 26.28
C ALA B 82 10.93 -12.49 27.78
N PRO B 83 10.35 -11.61 28.60
CA PRO B 83 10.41 -11.72 30.06
C PRO B 83 9.45 -12.78 30.59
N ALA B 84 9.74 -14.03 30.28
CA ALA B 84 8.92 -15.15 30.72
C ALA B 84 9.76 -16.22 31.39
N ALA B 85 10.89 -15.79 31.95
CA ALA B 85 11.78 -16.70 32.64
C ALA B 85 12.19 -16.13 34.00
N GLY B 86 11.94 -16.89 35.05
CA GLY B 86 12.24 -16.44 36.39
C GLY B 86 12.71 -17.57 37.29
N SER B 87 13.53 -18.46 36.73
CA SER B 87 14.04 -19.59 37.48
C SER B 87 15.34 -20.09 36.85
N ALA B 88 16.15 -20.80 37.62
CA ALA B 88 17.44 -21.30 37.15
C ALA B 88 17.83 -22.55 37.93
N PRO B 89 18.50 -23.52 37.26
CA PRO B 89 18.96 -24.75 37.91
C PRO B 89 19.95 -24.49 39.06
N ALA B 90 19.50 -24.74 40.27
CA ALA B 90 20.34 -24.57 41.44
C ALA B 90 20.85 -25.91 41.95
N ALA B 91 22.13 -26.15 41.79
CA ALA B 91 22.73 -27.39 42.23
C ALA B 91 23.32 -27.26 43.63
N ALA B 92 23.71 -28.38 44.22
CA ALA B 92 24.28 -28.37 45.56
C ALA B 92 25.77 -28.03 45.51
N GLU B 93 26.57 -29.02 45.12
CA GLU B 93 28.00 -28.89 45.04
C GLU B 93 28.62 -30.23 44.63
N GLU B 94 28.47 -31.22 45.51
CA GLU B 94 28.97 -32.56 45.29
C GLU B 94 28.42 -33.15 43.98
N LYS B 95 27.10 -33.39 43.97
CA LYS B 95 26.39 -33.93 42.81
C LYS B 95 26.66 -35.43 42.66
N LYS B 96 25.61 -36.18 42.28
CA LYS B 96 25.66 -37.65 42.19
C LYS B 96 25.60 -38.28 43.59
N ASP B 97 25.17 -39.54 43.64
CA ASP B 97 25.04 -40.29 44.89
C ASP B 97 24.23 -39.53 45.94
N GLU B 98 22.93 -39.45 45.70
CA GLU B 98 22.02 -38.76 46.61
C GLU B 98 21.93 -39.50 47.94
N LYS B 99 21.46 -38.78 48.97
CA LYS B 99 21.41 -39.30 50.35
C LYS B 99 22.82 -39.37 50.96
N LYS B 100 22.90 -39.22 52.28
CA LYS B 100 24.18 -39.31 52.98
C LYS B 100 24.03 -40.06 54.30
N GLU B 101 24.90 -41.02 54.50
CA GLU B 101 24.87 -41.86 55.69
C GLU B 101 26.22 -41.84 56.43
N GLU B 102 26.31 -40.97 57.43
CA GLU B 102 27.50 -40.90 58.27
C GLU B 102 27.81 -42.25 58.91
N SER B 103 28.98 -42.78 58.61
CA SER B 103 29.35 -44.11 59.07
C SER B 103 30.72 -44.13 59.73
N GLU B 104 30.86 -43.46 60.86
CA GLU B 104 32.11 -43.50 61.61
C GLU B 104 31.89 -44.15 62.99
N GLU B 105 30.80 -44.89 63.11
CA GLU B 105 30.52 -45.63 64.33
C GLU B 105 30.77 -47.12 64.10
N SER B 106 31.75 -47.67 64.81
CA SER B 106 32.12 -49.07 64.64
C SER B 106 32.75 -49.62 65.91
N ASP B 107 31.92 -50.04 66.84
CA ASP B 107 32.38 -50.62 68.11
C ASP B 107 32.82 -52.07 67.89
N ASP B 108 33.75 -52.25 66.96
CA ASP B 108 34.23 -53.56 66.58
C ASP B 108 35.31 -54.03 67.56
N ASP B 109 35.70 -55.30 67.45
CA ASP B 109 36.60 -55.93 68.41
C ASP B 109 36.05 -55.81 69.83
N MET B 110 36.78 -55.08 70.68
CA MET B 110 36.42 -54.84 72.08
C MET B 110 35.93 -56.11 72.79
N GLY B 111 36.60 -57.21 72.52
CA GLY B 111 36.27 -58.48 73.16
C GLY B 111 34.83 -58.89 72.93
N PHE B 112 34.35 -58.67 71.72
CA PHE B 112 32.99 -59.02 71.32
C PHE B 112 31.96 -58.33 72.21
N GLY B 113 31.80 -57.02 72.00
CA GLY B 113 30.79 -56.27 72.72
C GLY B 113 29.39 -56.67 72.30
N LEU B 114 29.03 -56.33 71.05
CA LEU B 114 27.72 -56.63 70.49
C LEU B 114 26.63 -56.32 71.49
N PHE B 115 26.53 -55.04 71.82
CA PHE B 115 25.75 -54.60 72.96
C PHE B 115 24.72 -53.55 72.56
N ASP B 116 24.09 -53.73 71.41
CA ASP B 116 23.08 -52.79 70.95
C ASP B 116 21.75 -53.51 70.81
N MET A 1 -2.66 -13.91 2.69
CA MET A 1 -2.45 -13.43 1.30
C MET A 1 -2.53 -14.60 0.33
N ALA A 2 -3.45 -14.47 -0.61
CA ALA A 2 -3.55 -15.36 -1.75
C ALA A 2 -3.96 -14.53 -2.96
N SER A 3 -3.80 -13.23 -2.81
CA SER A 3 -4.28 -12.25 -3.75
C SER A 3 -3.23 -11.93 -4.81
N VAL A 4 -2.96 -12.90 -5.67
CA VAL A 4 -1.97 -12.71 -6.72
C VAL A 4 -2.51 -11.69 -7.73
N SER A 5 -3.82 -11.75 -7.91
CA SER A 5 -4.50 -10.90 -8.85
C SER A 5 -4.44 -9.43 -8.40
N GLU A 6 -4.90 -9.19 -7.17
CA GLU A 6 -4.92 -7.84 -6.59
C GLU A 6 -3.50 -7.29 -6.47
N LEU A 7 -2.55 -8.16 -6.13
CA LEU A 7 -1.15 -7.77 -6.09
C LEU A 7 -0.66 -7.31 -7.45
N ALA A 8 -0.90 -8.10 -8.48
CA ALA A 8 -0.46 -7.76 -9.83
C ALA A 8 -1.00 -6.40 -10.25
N CYS A 9 -2.30 -6.23 -10.07
CA CYS A 9 -2.96 -4.99 -10.44
C CYS A 9 -2.45 -3.84 -9.56
N ILE A 10 -2.09 -4.14 -8.32
CA ILE A 10 -1.63 -3.10 -7.41
C ILE A 10 -0.22 -2.68 -7.76
N TYR A 11 0.62 -3.64 -8.10
CA TYR A 11 1.98 -3.35 -8.50
C TYR A 11 1.96 -2.55 -9.79
N SER A 12 1.04 -2.88 -10.68
CA SER A 12 0.88 -2.12 -11.91
C SER A 12 0.35 -0.71 -11.60
N ALA A 13 -0.68 -0.65 -10.75
CA ALA A 13 -1.25 0.63 -10.28
C ALA A 13 -0.18 1.59 -9.81
N LEU A 14 0.69 1.12 -8.90
CA LEU A 14 1.70 1.98 -8.34
C LEU A 14 2.88 2.17 -9.30
N ILE A 15 3.18 1.17 -10.14
CA ILE A 15 4.20 1.34 -11.18
C ILE A 15 3.86 2.54 -12.07
N LEU A 16 2.59 2.67 -12.39
CA LEU A 16 2.11 3.81 -13.16
C LEU A 16 2.00 5.04 -12.27
N HIS A 17 1.71 4.82 -10.99
CA HIS A 17 1.49 5.90 -10.04
C HIS A 17 2.78 6.46 -9.45
N ASP A 18 3.73 6.81 -10.32
CA ASP A 18 4.97 7.45 -9.87
C ASP A 18 5.47 8.45 -10.90
N ASP A 19 5.45 8.03 -12.16
CA ASP A 19 6.01 8.84 -13.25
C ASP A 19 4.95 9.82 -13.79
N GLU A 20 5.17 10.31 -15.00
CA GLU A 20 4.24 11.24 -15.62
C GLU A 20 3.18 10.46 -16.40
N VAL A 21 3.49 9.19 -16.67
CA VAL A 21 2.57 8.29 -17.34
C VAL A 21 1.26 8.15 -16.57
N THR A 22 0.14 8.31 -17.27
CA THR A 22 -1.18 8.29 -16.65
C THR A 22 -1.70 6.86 -16.48
N VAL A 23 -2.48 6.63 -15.42
CA VAL A 23 -3.01 5.30 -15.13
C VAL A 23 -4.22 5.01 -16.03
N THR A 24 -4.09 4.00 -16.90
CA THR A 24 -5.14 3.66 -17.85
C THR A 24 -5.14 2.16 -18.19
N GLU A 25 -6.25 1.68 -18.75
CA GLU A 25 -6.41 0.26 -19.10
C GLU A 25 -5.21 -0.26 -19.87
N ASP A 26 -4.89 0.42 -20.96
CA ASP A 26 -3.78 0.03 -21.83
C ASP A 26 -2.51 -0.17 -21.03
N LYS A 27 -2.34 0.62 -19.99
CA LYS A 27 -1.13 0.62 -19.19
C LYS A 27 -1.12 -0.56 -18.23
N ILE A 28 -2.20 -0.73 -17.47
CA ILE A 28 -2.29 -1.86 -16.54
C ILE A 28 -2.30 -3.17 -17.31
N ASN A 29 -3.02 -3.19 -18.41
CA ASN A 29 -3.05 -4.34 -19.30
C ASN A 29 -1.65 -4.65 -19.81
N ALA A 30 -0.93 -3.63 -20.24
CA ALA A 30 0.42 -3.81 -20.77
C ALA A 30 1.34 -4.41 -19.71
N LEU A 31 1.29 -3.86 -18.49
CA LEU A 31 2.12 -4.34 -17.41
C LEU A 31 1.75 -5.77 -17.00
N ILE A 32 0.45 -6.03 -16.91
CA ILE A 32 -0.03 -7.39 -16.60
C ILE A 32 0.46 -8.40 -17.65
N LYS A 33 0.30 -8.04 -18.92
CA LYS A 33 0.71 -8.92 -20.02
C LYS A 33 2.24 -8.99 -20.12
N ALA A 34 2.90 -7.97 -19.58
CA ALA A 34 4.35 -7.94 -19.53
C ALA A 34 4.88 -8.91 -18.47
N ALA A 35 4.20 -8.98 -17.34
CA ALA A 35 4.65 -9.85 -16.25
C ALA A 35 4.13 -11.29 -16.42
N GLY A 36 2.85 -11.45 -16.71
CA GLY A 36 2.31 -12.78 -16.92
C GLY A 36 0.93 -13.00 -16.29
N VAL A 37 0.85 -12.88 -14.97
CA VAL A 37 -0.39 -13.17 -14.24
C VAL A 37 -1.53 -12.25 -14.68
N ASN A 38 -2.67 -12.85 -14.99
CA ASN A 38 -3.83 -12.11 -15.49
C ASN A 38 -4.90 -11.98 -14.43
N VAL A 39 -5.00 -10.79 -13.86
CA VAL A 39 -6.08 -10.47 -12.94
C VAL A 39 -7.37 -10.23 -13.73
N GLU A 40 -8.50 -10.69 -13.19
CA GLU A 40 -9.79 -10.55 -13.89
C GLU A 40 -10.03 -9.08 -14.28
N PRO A 41 -10.30 -8.83 -15.58
CA PRO A 41 -10.30 -7.48 -16.19
C PRO A 41 -11.14 -6.43 -15.45
N PHE A 42 -11.97 -6.88 -14.52
CA PHE A 42 -12.84 -5.98 -13.78
C PHE A 42 -12.01 -5.10 -12.84
N TRP A 43 -10.92 -5.66 -12.30
CA TRP A 43 -10.03 -4.88 -11.44
C TRP A 43 -9.26 -3.83 -12.25
N PRO A 44 -8.54 -4.23 -13.35
CA PRO A 44 -7.86 -3.27 -14.23
C PRO A 44 -8.78 -2.15 -14.70
N GLY A 45 -9.96 -2.52 -15.18
CA GLY A 45 -10.91 -1.54 -15.66
C GLY A 45 -11.36 -0.59 -14.57
N LEU A 46 -11.72 -1.16 -13.42
CA LEU A 46 -12.14 -0.37 -12.28
C LEU A 46 -11.02 0.58 -11.88
N PHE A 47 -9.82 0.04 -11.73
CA PHE A 47 -8.66 0.83 -11.36
C PHE A 47 -8.46 2.01 -12.30
N ALA A 48 -8.38 1.74 -13.58
CA ALA A 48 -8.09 2.77 -14.57
C ALA A 48 -9.18 3.84 -14.60
N LYS A 49 -10.44 3.45 -14.47
CA LYS A 49 -11.54 4.41 -14.54
C LYS A 49 -11.88 5.01 -13.17
N ALA A 50 -11.34 4.45 -12.10
CA ALA A 50 -11.64 4.94 -10.76
C ALA A 50 -10.47 5.71 -10.15
N LEU A 51 -9.26 5.53 -10.68
CA LEU A 51 -8.14 6.30 -10.16
C LEU A 51 -8.08 7.68 -10.82
N ALA A 52 -6.89 8.10 -11.29
CA ALA A 52 -6.71 9.42 -11.93
C ALA A 52 -7.07 10.57 -10.99
N ASN A 53 -7.34 10.22 -9.74
CA ASN A 53 -7.73 11.17 -8.71
C ASN A 53 -7.11 10.74 -7.40
N VAL A 54 -7.16 9.42 -7.16
CA VAL A 54 -6.58 8.80 -6.00
C VAL A 54 -5.10 9.15 -5.85
N ASN A 55 -4.81 9.87 -4.77
CA ASN A 55 -3.42 10.13 -4.39
C ASN A 55 -2.65 8.82 -4.28
N ILE A 56 -1.34 8.88 -4.50
CA ILE A 56 -0.50 7.69 -4.56
C ILE A 56 -0.77 6.70 -3.42
N GLY A 57 -0.37 7.03 -2.19
CA GLY A 57 -0.45 6.06 -1.09
C GLY A 57 -1.87 5.64 -0.78
N SER A 58 -2.81 6.50 -1.14
CA SER A 58 -4.22 6.28 -0.88
C SER A 58 -4.69 4.99 -1.54
N LEU A 59 -3.95 4.54 -2.56
CA LEU A 59 -4.34 3.34 -3.32
C LEU A 59 -4.43 2.11 -2.41
N ILE A 60 -3.80 2.17 -1.24
CA ILE A 60 -3.82 1.05 -0.32
C ILE A 60 -5.23 0.75 0.20
N CYS A 61 -6.09 1.78 0.25
CA CYS A 61 -7.42 1.58 0.82
C CYS A 61 -8.51 2.32 0.02
N ASN A 62 -8.25 2.59 -1.25
CA ASN A 62 -9.22 3.33 -2.05
C ASN A 62 -9.47 2.70 -3.40
N VAL A 63 -9.78 1.41 -3.39
CA VAL A 63 -10.19 0.71 -4.60
C VAL A 63 -11.58 1.15 -5.01
N GLY A 64 -12.47 1.27 -4.04
CA GLY A 64 -13.85 1.62 -4.32
C GLY A 64 -14.09 3.11 -4.23
N ALA A 65 -13.01 3.88 -4.37
CA ALA A 65 -13.07 5.34 -4.32
C ALA A 65 -13.66 5.82 -2.99
N GLY A 66 -14.22 7.02 -2.98
CA GLY A 66 -14.86 7.53 -1.79
C GLY A 66 -14.53 8.99 -1.55
N GLY A 67 -13.67 9.24 -0.57
CA GLY A 67 -13.28 10.59 -0.25
C GLY A 67 -13.02 10.80 1.23
N PRO A 68 -11.77 11.09 1.62
CA PRO A 68 -11.41 11.38 3.02
C PRO A 68 -11.94 12.74 3.46
N ALA A 69 -13.03 12.74 4.22
CA ALA A 69 -13.65 13.98 4.72
C ALA A 69 -14.03 14.90 3.57
N PRO A 70 -15.10 14.56 2.83
CA PRO A 70 -15.51 15.28 1.62
C PRO A 70 -15.85 16.76 1.89
N ALA A 71 -16.17 17.09 3.14
CA ALA A 71 -16.47 18.46 3.51
C ALA A 71 -15.22 19.34 3.46
N ALA A 72 -14.07 18.72 3.72
CA ALA A 72 -12.76 19.39 3.73
C ALA A 72 -12.65 20.41 4.86
N GLY A 73 -13.68 20.47 5.70
CA GLY A 73 -13.72 21.42 6.79
C GLY A 73 -14.25 22.79 6.36
N ALA A 74 -14.81 23.52 7.31
CA ALA A 74 -15.35 24.84 7.04
C ALA A 74 -14.83 25.84 8.06
N ALA A 75 -14.06 26.81 7.59
CA ALA A 75 -13.48 27.83 8.47
C ALA A 75 -13.38 29.16 7.75
N PRO A 76 -13.57 30.27 8.48
CA PRO A 76 -13.55 31.62 7.91
C PRO A 76 -12.16 32.05 7.43
N ALA A 77 -11.16 31.25 7.80
CA ALA A 77 -9.76 31.47 7.41
C ALA A 77 -9.16 32.67 8.12
N GLY A 78 -7.86 32.86 7.94
CA GLY A 78 -7.17 33.99 8.52
C GLY A 78 -6.57 33.66 9.88
N GLY A 79 -6.09 34.67 10.59
CA GLY A 79 -5.52 34.45 11.90
C GLY A 79 -4.26 35.24 12.13
N PRO A 80 -3.12 34.84 11.52
CA PRO A 80 -1.83 35.51 11.72
C PRO A 80 -1.85 36.98 11.30
N ALA A 81 -1.23 37.83 12.12
CA ALA A 81 -1.19 39.27 11.87
C ALA A 81 0.20 39.69 11.43
N PRO A 82 0.32 40.77 10.63
CA PRO A 82 1.62 41.28 10.15
C PRO A 82 2.74 41.20 11.18
N SER A 83 2.49 41.75 12.36
CA SER A 83 3.45 41.72 13.46
C SER A 83 4.78 42.39 13.06
N THR A 84 4.68 43.47 12.30
CA THR A 84 5.86 44.23 11.91
C THR A 84 5.99 45.49 12.76
N ALA A 85 4.98 45.71 13.62
CA ALA A 85 4.92 46.89 14.49
C ALA A 85 4.83 48.18 13.69
N ALA A 86 4.94 49.31 14.38
CA ALA A 86 4.85 50.61 13.76
C ALA A 86 5.36 51.70 14.69
N ALA A 87 6.65 51.68 14.97
CA ALA A 87 7.25 52.64 15.88
C ALA A 87 8.29 53.51 15.16
N PRO A 88 7.88 54.73 14.75
CA PRO A 88 8.79 55.69 14.12
C PRO A 88 10.00 56.03 14.99
N ALA A 89 11.16 56.19 14.36
CA ALA A 89 12.39 56.50 15.08
C ALA A 89 12.58 57.99 15.25
N GLU A 90 11.53 58.66 15.72
CA GLU A 90 11.59 60.10 15.93
C GLU A 90 12.22 60.43 17.27
N GLU A 91 13.32 61.18 17.22
CA GLU A 91 14.00 61.67 18.41
C GLU A 91 13.07 62.57 19.23
N LYS A 92 12.60 63.66 18.59
CA LYS A 92 11.77 64.63 19.28
C LYS A 92 11.37 65.75 18.31
N LYS A 93 12.38 66.44 17.78
CA LYS A 93 12.18 67.62 16.93
C LYS A 93 11.69 68.80 17.77
N VAL A 94 12.18 70.00 17.45
CA VAL A 94 11.86 71.18 18.23
C VAL A 94 10.44 71.65 17.94
N GLU A 95 9.51 71.30 18.84
CA GLU A 95 8.12 71.76 18.73
C GLU A 95 7.99 73.15 19.34
N ALA A 96 7.54 74.10 18.52
CA ALA A 96 7.34 75.46 18.97
C ALA A 96 6.38 76.18 18.03
N LYS A 97 5.23 76.60 18.57
CA LYS A 97 4.16 77.25 17.81
C LYS A 97 3.56 76.30 16.76
N LYS A 98 2.26 76.43 16.52
CA LYS A 98 1.56 75.56 15.58
C LYS A 98 0.24 76.15 15.12
N GLU A 99 -0.55 76.63 16.07
CA GLU A 99 -1.84 77.25 15.78
C GLU A 99 -2.32 77.97 17.03
N GLU A 100 -2.48 79.28 16.93
CA GLU A 100 -2.80 80.09 18.08
C GLU A 100 -3.64 81.29 17.66
N SER A 101 -4.68 81.55 18.43
CA SER A 101 -5.60 82.66 18.16
C SER A 101 -6.19 83.19 19.47
N GLU A 102 -5.42 84.02 20.16
CA GLU A 102 -5.90 84.63 21.40
C GLU A 102 -6.87 85.75 21.09
N GLU A 103 -7.99 85.76 21.80
CA GLU A 103 -9.06 86.72 21.57
C GLU A 103 -8.56 88.16 21.64
N SER A 104 -8.88 88.92 20.59
CA SER A 104 -8.47 90.31 20.50
C SER A 104 -9.64 91.19 20.06
N ASP A 105 -9.40 92.51 19.98
CA ASP A 105 -10.42 93.44 19.52
C ASP A 105 -10.21 93.72 18.03
N ASP A 106 -10.85 94.75 17.50
CA ASP A 106 -10.74 95.08 16.10
C ASP A 106 -9.44 95.84 15.84
N ASP A 107 -8.92 95.73 14.63
CA ASP A 107 -7.63 96.35 14.30
C ASP A 107 -7.83 97.74 13.72
N MET A 108 -7.36 98.74 14.46
CA MET A 108 -7.41 100.12 14.02
C MET A 108 -6.04 100.77 14.16
N GLY A 109 -5.64 101.52 13.15
CA GLY A 109 -4.34 102.16 13.18
C GLY A 109 -4.35 103.46 13.97
N PHE A 110 -3.16 103.88 14.40
CA PHE A 110 -3.03 105.12 15.17
C PHE A 110 -2.95 106.32 14.23
N GLY A 111 -2.83 107.51 14.82
CA GLY A 111 -2.83 108.72 14.04
C GLY A 111 -4.21 109.36 14.00
N LEU A 112 -5.17 108.69 14.63
CA LEU A 112 -6.53 109.20 14.73
C LEU A 112 -6.58 110.37 15.70
N PHE A 113 -5.69 110.34 16.68
CA PHE A 113 -5.59 111.40 17.69
C PHE A 113 -4.38 112.27 17.41
N ASP A 114 -4.45 113.53 17.84
CA ASP A 114 -3.40 114.52 17.61
C ASP A 114 -3.44 115.00 16.16
N ALA B 1 9.74 8.26 -7.43
CA ALA B 1 10.19 7.66 -6.15
C ALA B 1 10.41 6.16 -6.29
N MET B 2 9.35 5.44 -6.67
CA MET B 2 9.42 4.00 -6.78
C MET B 2 9.00 3.54 -8.17
N ARG B 3 9.46 2.37 -8.58
CA ARG B 3 9.07 1.80 -9.89
C ARG B 3 9.68 0.41 -10.07
N TYR B 4 11.01 0.35 -10.14
CA TYR B 4 11.73 -0.90 -10.37
C TYR B 4 11.38 -1.95 -9.31
N VAL B 5 11.13 -1.49 -8.10
CA VAL B 5 10.75 -2.37 -7.01
C VAL B 5 9.57 -3.26 -7.38
N ALA B 6 8.49 -2.64 -7.83
CA ALA B 6 7.29 -3.39 -8.18
C ALA B 6 7.42 -4.02 -9.56
N SER B 7 8.38 -3.56 -10.34
CA SER B 7 8.71 -4.22 -11.60
C SER B 7 9.33 -5.58 -11.31
N TYR B 8 10.21 -5.61 -10.32
CA TYR B 8 10.79 -6.86 -9.84
C TYR B 8 9.70 -7.72 -9.20
N LEU B 9 8.80 -7.07 -8.46
CA LEU B 9 7.67 -7.75 -7.85
C LEU B 9 6.76 -8.32 -8.93
N LEU B 10 6.62 -7.60 -10.03
CA LEU B 10 5.88 -8.08 -11.18
C LEU B 10 6.53 -9.34 -11.74
N ALA B 11 7.85 -9.30 -11.86
CA ALA B 11 8.63 -10.45 -12.33
C ALA B 11 8.37 -11.69 -11.45
N ALA B 12 8.26 -11.49 -10.14
CA ALA B 12 8.04 -12.62 -9.25
C ALA B 12 6.56 -12.97 -9.08
N LEU B 13 5.77 -12.04 -8.52
CA LEU B 13 4.33 -12.28 -8.30
C LEU B 13 3.67 -12.69 -9.60
N GLY B 14 4.10 -12.03 -10.68
CA GLY B 14 3.58 -12.33 -12.01
C GLY B 14 3.64 -13.79 -12.37
N GLY B 15 4.51 -14.53 -11.67
CA GLY B 15 4.56 -15.96 -11.86
C GLY B 15 5.68 -16.38 -12.77
N ASN B 16 6.73 -15.57 -12.83
CA ASN B 16 7.82 -15.87 -13.74
C ASN B 16 9.12 -16.12 -12.99
N SER B 17 9.22 -15.47 -11.82
CA SER B 17 10.30 -15.69 -10.87
C SER B 17 11.66 -15.38 -11.46
N SER B 18 11.72 -14.38 -12.32
CA SER B 18 12.93 -14.11 -13.05
C SER B 18 13.45 -12.72 -12.74
N PRO B 19 14.50 -12.62 -11.93
CA PRO B 19 15.09 -11.33 -11.54
C PRO B 19 15.83 -10.64 -12.68
N SER B 20 15.53 -11.03 -13.91
CA SER B 20 16.23 -10.52 -15.06
C SER B 20 15.97 -9.02 -15.21
N ALA B 21 17.05 -8.25 -15.15
CA ALA B 21 16.99 -6.81 -15.29
C ALA B 21 16.32 -6.42 -16.61
N LYS B 22 16.47 -7.29 -17.60
CA LYS B 22 15.86 -7.06 -18.91
C LYS B 22 14.35 -7.29 -18.83
N ASP B 23 13.92 -8.19 -17.94
CA ASP B 23 12.50 -8.45 -17.72
C ASP B 23 11.86 -7.27 -17.03
N ILE B 24 12.54 -6.74 -16.01
CA ILE B 24 12.07 -5.51 -15.34
C ILE B 24 11.97 -4.37 -16.35
N LYS B 25 13.05 -4.13 -17.09
CA LYS B 25 13.07 -3.10 -18.10
C LYS B 25 11.95 -3.31 -19.10
N LYS B 26 11.74 -4.56 -19.49
CA LYS B 26 10.72 -4.92 -20.47
C LYS B 26 9.33 -4.61 -19.92
N ILE B 27 9.15 -4.84 -18.63
CA ILE B 27 7.89 -4.50 -17.97
C ILE B 27 7.65 -2.99 -18.02
N LEU B 28 8.69 -2.22 -17.76
CA LEU B 28 8.56 -0.76 -17.79
C LEU B 28 8.49 -0.23 -19.23
N ASP B 29 9.23 -0.86 -20.13
CA ASP B 29 9.21 -0.49 -21.56
C ASP B 29 7.88 -0.88 -22.19
N SER B 30 7.17 -1.82 -21.56
CA SER B 30 5.84 -2.20 -22.00
C SER B 30 4.92 -0.98 -21.99
N VAL B 31 5.26 -0.01 -21.13
CA VAL B 31 4.50 1.22 -21.01
C VAL B 31 5.30 2.41 -21.56
N GLY B 32 6.60 2.42 -21.27
CA GLY B 32 7.46 3.50 -21.71
C GLY B 32 7.89 4.40 -20.57
N ILE B 33 7.95 3.84 -19.37
CA ILE B 33 8.33 4.60 -18.18
C ILE B 33 9.86 4.68 -18.07
N GLU B 34 10.38 5.78 -17.53
CA GLU B 34 11.83 6.01 -17.48
C GLU B 34 12.56 4.89 -16.73
N ALA B 35 13.39 4.16 -17.45
CA ALA B 35 14.19 3.09 -16.87
C ALA B 35 15.60 3.12 -17.47
N ASP B 36 16.49 3.85 -16.79
CA ASP B 36 17.87 4.03 -17.24
C ASP B 36 18.69 2.76 -17.02
N ASP B 37 19.77 2.58 -17.79
CA ASP B 37 20.58 1.36 -17.75
C ASP B 37 21.36 1.25 -16.43
N ASP B 38 22.02 2.34 -16.04
CA ASP B 38 22.73 2.41 -14.77
C ASP B 38 21.74 2.16 -13.62
N ARG B 39 20.69 2.96 -13.61
CA ARG B 39 19.65 2.88 -12.60
C ARG B 39 19.01 1.50 -12.55
N LEU B 40 18.95 0.86 -13.72
CA LEU B 40 18.38 -0.48 -13.85
C LEU B 40 18.95 -1.45 -12.83
N ASN B 41 20.17 -1.90 -13.07
CA ASN B 41 20.79 -2.91 -12.24
C ASN B 41 21.22 -2.31 -10.90
N LYS B 42 21.36 -0.99 -10.87
CA LYS B 42 21.68 -0.31 -9.63
C LYS B 42 20.59 -0.52 -8.58
N VAL B 43 19.37 -0.12 -8.92
CA VAL B 43 18.29 -0.18 -7.96
C VAL B 43 17.89 -1.62 -7.76
N ILE B 44 18.00 -2.40 -8.84
CA ILE B 44 17.76 -3.83 -8.73
C ILE B 44 18.73 -4.47 -7.75
N SER B 45 19.99 -4.05 -7.80
CA SER B 45 21.00 -4.56 -6.88
C SER B 45 20.64 -4.16 -5.45
N GLU B 46 20.01 -2.99 -5.30
CA GLU B 46 19.60 -2.52 -3.98
C GLU B 46 18.35 -3.26 -3.46
N LEU B 47 17.29 -3.37 -4.27
CA LEU B 47 16.02 -3.91 -3.77
C LEU B 47 15.96 -5.44 -3.90
N ASN B 48 16.93 -6.02 -4.62
CA ASN B 48 16.98 -7.47 -4.86
C ASN B 48 16.69 -8.27 -3.58
N GLY B 49 17.66 -8.28 -2.66
CA GLY B 49 17.49 -8.96 -1.39
C GLY B 49 17.17 -10.43 -1.52
N LYS B 50 16.67 -11.03 -0.44
CA LYS B 50 16.27 -12.43 -0.45
C LYS B 50 14.92 -12.57 0.26
N ASN B 51 14.19 -11.47 0.34
CA ASN B 51 12.90 -11.45 1.04
C ASN B 51 11.77 -11.17 0.07
N ILE B 52 11.87 -11.74 -1.12
CA ILE B 52 10.89 -11.52 -2.17
C ILE B 52 9.50 -12.01 -1.78
N GLU B 53 9.42 -13.25 -1.34
CA GLU B 53 8.14 -13.85 -0.99
C GLU B 53 7.48 -13.05 0.13
N ASP B 54 8.32 -12.45 0.97
CA ASP B 54 7.82 -11.61 2.07
C ASP B 54 7.36 -10.25 1.54
N VAL B 55 8.22 -9.56 0.77
CA VAL B 55 7.90 -8.23 0.26
C VAL B 55 6.61 -8.25 -0.57
N ILE B 56 6.35 -9.38 -1.21
CA ILE B 56 5.14 -9.54 -2.01
C ILE B 56 3.95 -9.97 -1.14
N ALA B 57 4.15 -10.98 -0.30
CA ALA B 57 3.05 -11.52 0.51
C ALA B 57 2.56 -10.52 1.57
N GLN B 58 3.37 -9.49 1.82
CA GLN B 58 2.99 -8.42 2.73
C GLN B 58 1.68 -7.76 2.29
N GLY B 59 1.74 -7.01 1.19
CA GLY B 59 0.54 -6.40 0.65
C GLY B 59 0.82 -5.54 -0.55
N ILE B 60 0.89 -4.23 -0.31
CA ILE B 60 1.23 -3.27 -1.35
C ILE B 60 2.74 -3.01 -1.30
N GLY B 61 3.28 -3.06 -0.09
CA GLY B 61 4.72 -2.94 0.08
C GLY B 61 5.12 -1.56 0.55
N LYS B 62 6.40 -1.38 0.85
CA LYS B 62 6.91 -0.07 1.22
C LYS B 62 7.18 0.76 -0.03
N LEU B 63 6.29 0.64 -0.99
CA LEU B 63 6.43 1.34 -2.27
C LEU B 63 5.56 2.58 -2.26
N ALA B 64 4.31 2.40 -1.86
CA ALA B 64 3.36 3.48 -1.78
C ALA B 64 2.73 3.55 -0.39
N SER B 65 3.56 3.63 0.63
CA SER B 65 3.08 3.62 2.01
C SER B 65 3.22 5.02 2.63
N VAL B 66 2.40 5.29 3.62
CA VAL B 66 2.40 6.57 4.31
C VAL B 66 2.83 6.39 5.76
N PRO B 67 3.94 7.03 6.17
CA PRO B 67 4.48 6.88 7.54
C PRO B 67 3.58 7.54 8.58
N ALA B 68 2.80 8.52 8.13
CA ALA B 68 1.84 9.22 8.98
C ALA B 68 2.53 9.91 10.16
N GLY B 69 1.78 10.14 11.23
CA GLY B 69 2.36 10.76 12.41
C GLY B 69 3.14 9.77 13.26
N GLY B 70 4.26 9.30 12.74
CA GLY B 70 5.12 8.38 13.47
C GLY B 70 5.81 9.05 14.63
N ALA B 71 6.02 10.34 14.51
CA ALA B 71 6.65 11.12 15.56
C ALA B 71 5.66 11.41 16.68
N VAL B 72 5.58 10.51 17.65
CA VAL B 72 4.65 10.65 18.77
C VAL B 72 5.40 11.04 20.05
N ALA B 73 4.74 11.83 20.88
CA ALA B 73 5.30 12.27 22.14
C ALA B 73 4.21 12.34 23.21
N VAL B 74 4.60 12.33 24.47
CA VAL B 74 3.65 12.40 25.57
C VAL B 74 4.05 13.49 26.56
N SER B 75 3.11 14.33 26.91
CA SER B 75 3.37 15.41 27.85
C SER B 75 2.45 15.30 29.07
N ALA B 76 2.95 14.68 30.11
CA ALA B 76 2.19 14.51 31.34
C ALA B 76 2.47 15.64 32.31
N ALA B 77 1.42 16.17 32.92
CA ALA B 77 1.55 17.25 33.88
C ALA B 77 1.56 16.70 35.30
N PRO B 78 2.61 17.00 36.08
CA PRO B 78 2.72 16.51 37.45
C PRO B 78 1.80 17.25 38.39
N GLY B 79 0.79 16.54 38.86
CA GLY B 79 -0.15 17.12 39.78
C GLY B 79 -0.28 16.29 41.03
N SER B 80 0.62 16.51 41.99
CA SER B 80 0.63 15.74 43.22
C SER B 80 1.21 16.57 44.36
N ALA B 81 1.35 15.95 45.52
CA ALA B 81 2.00 16.56 46.67
C ALA B 81 1.26 17.82 47.15
N ALA B 82 0.03 17.62 47.62
CA ALA B 82 -0.79 18.71 48.12
C ALA B 82 -1.00 18.57 49.62
N PRO B 83 -0.22 19.30 50.43
CA PRO B 83 -0.29 19.25 51.89
C PRO B 83 -1.38 20.16 52.45
N ALA B 84 -2.37 19.57 53.10
CA ALA B 84 -3.47 20.33 53.65
C ALA B 84 -3.51 20.21 55.18
N ALA B 85 -2.35 19.98 55.77
CA ALA B 85 -2.24 19.79 57.21
C ALA B 85 -0.89 20.31 57.72
N GLY B 86 -0.82 20.53 59.02
CA GLY B 86 0.41 21.00 59.63
C GLY B 86 0.41 20.82 61.13
N SER B 87 1.56 20.45 61.69
CA SER B 87 1.66 20.22 63.13
C SER B 87 2.14 21.48 63.85
N ALA B 88 1.20 22.23 64.43
CA ALA B 88 1.55 23.39 65.22
C ALA B 88 1.85 22.99 66.66
N PRO B 89 2.95 23.50 67.24
CA PRO B 89 3.37 23.15 68.60
C PRO B 89 2.62 23.93 69.66
N ALA B 90 1.31 23.71 69.73
CA ALA B 90 0.46 24.40 70.68
C ALA B 90 0.18 23.53 71.89
N ALA B 91 1.16 23.44 72.79
CA ALA B 91 1.00 22.65 74.00
C ALA B 91 0.50 23.53 75.15
N ALA B 92 0.43 24.84 74.87
CA ALA B 92 -0.05 25.84 75.83
C ALA B 92 0.86 25.93 77.04
N GLU B 93 2.10 26.36 76.81
CA GLU B 93 3.06 26.59 77.88
C GLU B 93 2.72 27.83 78.69
N GLU B 94 1.67 28.54 78.28
CA GLU B 94 1.20 29.72 78.97
C GLU B 94 0.80 29.37 80.41
N LYS B 95 1.62 29.78 81.36
CA LYS B 95 1.39 29.46 82.77
C LYS B 95 1.33 30.72 83.61
N LYS B 96 0.22 30.89 84.31
CA LYS B 96 0.02 32.06 85.14
C LYS B 96 -0.35 31.65 86.56
N ASP B 97 0.26 32.32 87.53
CA ASP B 97 0.01 32.07 88.95
C ASP B 97 0.39 30.65 89.33
N GLU B 98 1.64 30.28 89.09
CA GLU B 98 2.16 28.99 89.52
C GLU B 98 2.53 29.04 91.00
N LYS B 99 2.62 30.26 91.54
CA LYS B 99 3.00 30.46 92.93
C LYS B 99 1.83 30.15 93.87
N LYS B 100 2.12 29.58 95.02
CA LYS B 100 1.11 29.19 95.98
C LYS B 100 1.68 29.12 97.39
N GLU B 101 2.70 29.93 97.63
CA GLU B 101 3.34 29.96 98.94
C GLU B 101 3.39 31.40 99.45
N GLU B 102 4.17 32.24 98.76
CA GLU B 102 4.26 33.66 99.07
C GLU B 102 4.62 33.90 100.54
N SER B 103 5.63 33.18 101.01
CA SER B 103 6.14 33.36 102.37
C SER B 103 7.51 34.03 102.31
N GLU B 104 7.67 35.10 103.08
CA GLU B 104 8.91 35.86 103.09
C GLU B 104 9.55 35.83 104.47
N GLU B 105 9.03 36.66 105.37
CA GLU B 105 9.57 36.79 106.71
C GLU B 105 8.47 36.60 107.74
N SER B 106 8.86 36.13 108.92
CA SER B 106 7.92 35.87 110.00
C SER B 106 7.65 37.14 110.79
N ASP B 107 6.39 37.33 111.18
CA ASP B 107 5.98 38.53 111.91
C ASP B 107 4.99 38.14 113.00
N ASP B 108 5.53 37.71 114.13
CA ASP B 108 4.73 37.20 115.23
C ASP B 108 5.12 37.88 116.53
N ASP B 109 4.16 38.54 117.16
CA ASP B 109 4.38 39.19 118.45
C ASP B 109 4.51 38.17 119.56
N MET B 110 5.66 38.17 120.23
CA MET B 110 5.92 37.23 121.31
C MET B 110 5.26 37.69 122.60
N GLY B 111 4.76 38.92 122.59
CA GLY B 111 4.11 39.48 123.75
C GLY B 111 2.85 38.72 124.13
N PHE B 112 2.20 38.15 123.13
CA PHE B 112 0.98 37.38 123.37
C PHE B 112 1.27 35.88 123.24
N GLY B 113 2.54 35.54 123.20
CA GLY B 113 2.94 34.16 122.99
C GLY B 113 4.24 33.82 123.67
N LEU B 114 4.45 34.35 124.87
CA LEU B 114 5.65 34.06 125.65
C LEU B 114 5.52 32.70 126.35
N PHE B 115 5.03 31.75 125.59
CA PHE B 115 4.75 30.41 126.07
C PHE B 115 5.43 29.38 125.19
N ASP B 116 5.38 29.63 123.88
CA ASP B 116 5.97 28.76 122.86
C ASP B 116 5.33 27.37 122.88
N MET A 1 3.51 -15.46 -1.26
CA MET A 1 2.97 -15.59 -2.64
C MET A 1 1.50 -15.99 -2.62
N ALA A 2 0.62 -15.02 -2.86
CA ALA A 2 -0.82 -15.26 -2.93
C ALA A 2 -1.50 -14.09 -3.63
N SER A 3 -2.67 -14.35 -4.22
CA SER A 3 -3.46 -13.34 -4.92
C SER A 3 -2.59 -12.45 -5.83
N VAL A 4 -1.91 -13.08 -6.79
CA VAL A 4 -1.00 -12.39 -7.69
C VAL A 4 -1.75 -11.44 -8.59
N SER A 5 -3.05 -11.65 -8.67
CA SER A 5 -3.92 -10.78 -9.43
C SER A 5 -3.95 -9.38 -8.81
N GLU A 6 -4.42 -9.31 -7.57
CA GLU A 6 -4.46 -8.06 -6.82
C GLU A 6 -3.06 -7.47 -6.71
N LEU A 7 -2.09 -8.33 -6.38
CA LEU A 7 -0.69 -7.92 -6.32
C LEU A 7 -0.28 -7.21 -7.61
N ALA A 8 -0.43 -7.91 -8.73
CA ALA A 8 -0.02 -7.38 -10.04
C ALA A 8 -0.69 -6.03 -10.34
N CYS A 9 -1.99 -5.94 -10.12
CA CYS A 9 -2.70 -4.70 -10.41
C CYS A 9 -2.24 -3.57 -9.47
N ILE A 10 -1.92 -3.92 -8.23
CA ILE A 10 -1.49 -2.93 -7.26
C ILE A 10 -0.07 -2.45 -7.54
N TYR A 11 0.78 -3.34 -8.06
CA TYR A 11 2.15 -2.96 -8.38
C TYR A 11 2.19 -2.21 -9.70
N SER A 12 1.17 -2.44 -10.52
CA SER A 12 0.98 -1.65 -11.73
C SER A 12 0.59 -0.23 -11.33
N ALA A 13 -0.37 -0.13 -10.41
CA ALA A 13 -0.75 1.15 -9.81
C ALA A 13 0.48 1.87 -9.24
N LEU A 14 1.37 1.10 -8.58
CA LEU A 14 2.63 1.66 -8.06
C LEU A 14 3.46 2.27 -9.19
N ILE A 15 3.73 1.48 -10.22
CA ILE A 15 4.55 1.92 -11.33
C ILE A 15 3.97 3.15 -12.03
N LEU A 16 2.66 3.17 -12.22
CA LEU A 16 2.00 4.28 -12.91
C LEU A 16 1.85 5.50 -12.02
N HIS A 17 1.87 5.31 -10.70
CA HIS A 17 1.69 6.41 -9.76
C HIS A 17 2.78 7.47 -9.89
N ASP A 18 4.00 7.05 -10.16
CA ASP A 18 5.16 7.93 -10.06
C ASP A 18 5.22 8.93 -11.19
N ASP A 19 5.50 8.42 -12.39
CA ASP A 19 5.61 9.26 -13.56
C ASP A 19 4.25 9.88 -13.85
N GLU A 20 4.26 11.08 -14.40
CA GLU A 20 3.02 11.79 -14.70
C GLU A 20 2.38 11.21 -15.96
N VAL A 21 2.34 9.91 -16.00
CA VAL A 21 1.70 9.17 -17.07
C VAL A 21 0.19 9.13 -16.78
N THR A 22 -0.59 8.92 -17.84
CA THR A 22 -2.05 9.09 -17.79
C THR A 22 -2.74 8.20 -16.76
N VAL A 23 -2.09 7.12 -16.33
CA VAL A 23 -2.69 6.14 -15.42
C VAL A 23 -4.01 5.62 -16.03
N THR A 24 -3.90 4.70 -16.98
CA THR A 24 -5.09 4.22 -17.69
C THR A 24 -5.11 2.71 -17.87
N GLU A 25 -6.28 2.22 -18.29
CA GLU A 25 -6.51 0.81 -18.53
C GLU A 25 -5.44 0.23 -19.45
N ASP A 26 -5.19 0.94 -20.55
CA ASP A 26 -4.18 0.54 -21.53
C ASP A 26 -2.84 0.27 -20.87
N LYS A 27 -2.48 1.09 -19.89
CA LYS A 27 -1.17 1.02 -19.28
C LYS A 27 -1.09 -0.11 -18.25
N ILE A 28 -2.14 -0.26 -17.43
CA ILE A 28 -2.19 -1.37 -16.49
C ILE A 28 -2.24 -2.69 -17.25
N ASN A 29 -3.08 -2.75 -18.27
CA ASN A 29 -3.20 -3.94 -19.10
C ASN A 29 -1.85 -4.26 -19.77
N ALA A 30 -1.15 -3.23 -20.24
CA ALA A 30 0.16 -3.40 -20.86
C ALA A 30 1.15 -4.04 -19.89
N LEU A 31 1.26 -3.46 -18.71
CA LEU A 31 2.23 -3.92 -17.71
C LEU A 31 1.86 -5.32 -17.21
N ILE A 32 0.57 -5.53 -16.98
CA ILE A 32 0.07 -6.82 -16.54
C ILE A 32 0.36 -7.90 -17.59
N LYS A 33 0.25 -7.53 -18.86
CA LYS A 33 0.54 -8.44 -19.95
C LYS A 33 2.04 -8.62 -20.09
N ALA A 34 2.79 -7.59 -19.70
CA ALA A 34 4.25 -7.65 -19.69
C ALA A 34 4.73 -8.73 -18.74
N ALA A 35 4.16 -8.77 -17.54
CA ALA A 35 4.51 -9.80 -16.56
C ALA A 35 3.78 -11.11 -16.86
N GLY A 36 2.57 -11.01 -17.37
CA GLY A 36 1.85 -12.19 -17.82
C GLY A 36 0.96 -12.80 -16.74
N VAL A 37 0.56 -12.02 -15.76
CA VAL A 37 -0.31 -12.52 -14.70
C VAL A 37 -1.78 -12.23 -15.01
N ASN A 38 -2.61 -13.26 -14.90
CA ASN A 38 -4.02 -13.14 -15.21
C ASN A 38 -4.81 -12.49 -14.08
N VAL A 39 -4.91 -11.18 -14.11
CA VAL A 39 -5.81 -10.47 -13.23
C VAL A 39 -7.10 -10.16 -13.99
N GLU A 40 -8.24 -10.48 -13.39
CA GLU A 40 -9.53 -10.30 -14.04
C GLU A 40 -9.78 -8.81 -14.32
N PRO A 41 -10.29 -8.50 -15.54
CA PRO A 41 -10.43 -7.12 -16.07
C PRO A 41 -11.10 -6.13 -15.12
N PHE A 42 -11.72 -6.65 -14.07
CA PHE A 42 -12.44 -5.81 -13.13
C PHE A 42 -11.45 -4.96 -12.32
N TRP A 43 -10.30 -5.54 -11.99
CA TRP A 43 -9.27 -4.79 -11.25
C TRP A 43 -8.68 -3.65 -12.11
N PRO A 44 -8.08 -3.96 -13.29
CA PRO A 44 -7.52 -2.93 -14.18
C PRO A 44 -8.54 -1.86 -14.55
N GLY A 45 -9.75 -2.28 -14.92
CA GLY A 45 -10.78 -1.32 -15.26
C GLY A 45 -11.14 -0.42 -14.10
N LEU A 46 -11.31 -1.04 -12.93
CA LEU A 46 -11.59 -0.32 -11.68
C LEU A 46 -10.55 0.78 -11.49
N PHE A 47 -9.28 0.38 -11.41
CA PHE A 47 -8.20 1.32 -11.18
C PHE A 47 -8.13 2.39 -12.26
N ALA A 48 -8.34 1.97 -13.50
CA ALA A 48 -8.27 2.88 -14.65
C ALA A 48 -9.27 4.03 -14.53
N LYS A 49 -10.51 3.72 -14.14
CA LYS A 49 -11.53 4.74 -14.06
C LYS A 49 -11.65 5.31 -12.64
N ALA A 50 -11.02 4.66 -11.66
CA ALA A 50 -11.17 5.08 -10.27
C ALA A 50 -9.96 5.82 -9.73
N LEU A 51 -8.83 5.81 -10.44
CA LEU A 51 -7.70 6.64 -10.02
C LEU A 51 -7.62 7.91 -10.89
N ALA A 52 -6.40 8.22 -11.38
CA ALA A 52 -6.14 9.37 -12.27
C ALA A 52 -6.36 10.73 -11.60
N ASN A 53 -6.98 10.75 -10.44
CA ASN A 53 -7.22 11.99 -9.68
C ASN A 53 -7.11 11.68 -8.21
N VAL A 54 -6.58 10.50 -7.93
CA VAL A 54 -6.58 9.94 -6.59
C VAL A 54 -5.19 9.51 -6.21
N ASN A 55 -4.72 10.11 -5.13
CA ASN A 55 -3.39 9.87 -4.60
C ASN A 55 -3.14 8.40 -4.32
N ILE A 56 -1.88 8.01 -4.33
CA ILE A 56 -1.45 6.63 -4.23
C ILE A 56 -2.22 5.83 -3.15
N GLY A 57 -2.43 6.45 -1.99
CA GLY A 57 -3.08 5.79 -0.87
C GLY A 57 -4.44 5.20 -1.23
N SER A 58 -5.06 5.74 -2.28
CA SER A 58 -6.37 5.27 -2.74
C SER A 58 -6.38 3.77 -3.00
N LEU A 59 -5.20 3.23 -3.32
CA LEU A 59 -5.07 1.80 -3.62
C LEU A 59 -5.57 0.95 -2.47
N ILE A 60 -5.34 1.39 -1.25
CA ILE A 60 -5.69 0.59 -0.09
C ILE A 60 -6.97 1.13 0.54
N CYS A 61 -7.72 1.92 -0.24
CA CYS A 61 -8.97 2.48 0.25
C CYS A 61 -10.14 2.03 -0.62
N ASN A 62 -9.87 1.34 -1.72
CA ASN A 62 -10.93 0.88 -2.61
C ASN A 62 -11.25 -0.58 -2.38
N VAL A 63 -10.33 -1.28 -1.73
CA VAL A 63 -10.50 -2.67 -1.39
C VAL A 63 -11.28 -2.83 -0.08
N GLY A 64 -11.59 -1.70 0.55
CA GLY A 64 -12.30 -1.70 1.80
C GLY A 64 -12.23 -0.35 2.48
N ALA A 65 -13.28 0.00 3.21
CA ALA A 65 -13.36 1.30 3.86
C ALA A 65 -13.70 1.13 5.34
N GLY A 66 -13.81 2.25 6.04
CA GLY A 66 -14.17 2.20 7.44
C GLY A 66 -15.68 2.18 7.64
N GLY A 67 -16.14 2.92 8.64
CA GLY A 67 -17.56 2.98 8.92
C GLY A 67 -18.20 4.23 8.33
N PRO A 68 -19.55 4.28 8.27
CA PRO A 68 -20.27 5.43 7.71
C PRO A 68 -20.31 6.61 8.68
N ALA A 69 -19.14 7.11 9.04
CA ALA A 69 -19.03 8.20 10.01
C ALA A 69 -18.76 9.55 9.35
N PRO A 70 -17.76 9.65 8.41
CA PRO A 70 -17.42 10.92 7.78
C PRO A 70 -18.46 11.37 6.75
N ALA A 71 -19.41 12.17 7.21
CA ALA A 71 -20.44 12.71 6.34
C ALA A 71 -20.39 14.24 6.35
N ALA A 72 -20.46 14.83 5.17
CA ALA A 72 -20.38 16.27 5.03
C ALA A 72 -21.53 16.80 4.18
N GLY A 73 -22.39 17.59 4.80
CA GLY A 73 -23.49 18.20 4.08
C GLY A 73 -23.35 19.71 4.02
N ALA A 74 -23.87 20.30 2.94
CA ALA A 74 -23.81 21.74 2.76
C ALA A 74 -25.02 22.39 3.41
N ALA A 75 -24.81 23.49 4.12
CA ALA A 75 -25.87 24.17 4.82
C ALA A 75 -25.93 25.64 4.43
N PRO A 76 -27.14 26.15 4.16
CA PRO A 76 -27.37 27.53 3.78
C PRO A 76 -27.00 28.53 4.88
N ALA A 77 -26.20 29.52 4.51
CA ALA A 77 -25.79 30.62 5.40
C ALA A 77 -24.81 30.14 6.48
N GLY A 78 -24.35 31.07 7.29
CA GLY A 78 -23.43 30.75 8.36
C GLY A 78 -22.96 31.98 9.10
N GLY A 79 -23.47 32.17 10.31
CA GLY A 79 -23.09 33.32 11.11
C GLY A 79 -23.96 34.53 10.84
N PRO A 80 -25.20 34.55 11.37
CA PRO A 80 -26.12 35.65 11.18
C PRO A 80 -25.99 36.71 12.27
N ALA A 81 -25.34 37.81 11.95
CA ALA A 81 -25.14 38.88 12.92
C ALA A 81 -25.72 40.21 12.41
N PRO A 82 -27.02 40.42 12.63
CA PRO A 82 -27.67 41.69 12.29
C PRO A 82 -27.13 42.86 13.12
N SER A 83 -27.40 42.82 14.42
CA SER A 83 -26.93 43.85 15.35
C SER A 83 -27.37 45.25 14.90
N THR A 84 -28.64 45.37 14.51
CA THR A 84 -29.18 46.65 14.10
C THR A 84 -29.62 47.45 15.31
N ALA A 85 -28.86 48.48 15.63
CA ALA A 85 -29.17 49.32 16.77
C ALA A 85 -29.57 50.73 16.33
N ALA A 86 -28.93 51.21 15.28
CA ALA A 86 -29.17 52.54 14.77
C ALA A 86 -30.52 52.64 14.10
N ALA A 87 -31.34 53.55 14.58
CA ALA A 87 -32.68 53.75 14.05
C ALA A 87 -33.07 55.21 14.11
N PRO A 88 -34.04 55.65 13.31
CA PRO A 88 -34.48 57.06 13.28
C PRO A 88 -34.75 57.65 14.68
N ALA A 89 -35.33 56.82 15.55
CA ALA A 89 -35.57 57.17 16.97
C ALA A 89 -36.72 58.16 17.14
N GLU A 90 -36.62 59.31 16.48
CA GLU A 90 -37.64 60.39 16.59
C GLU A 90 -37.62 60.99 17.99
N GLU A 91 -36.74 61.97 18.17
CA GLU A 91 -36.63 62.72 19.42
C GLU A 91 -37.32 64.07 19.30
N LYS A 92 -37.63 64.67 20.44
CA LYS A 92 -38.17 66.04 20.49
C LYS A 92 -39.40 66.20 19.62
N LYS A 93 -40.47 65.49 19.98
CA LYS A 93 -41.72 65.54 19.25
C LYS A 93 -42.82 66.09 20.13
N VAL A 94 -43.53 67.09 19.64
CA VAL A 94 -44.60 67.72 20.41
C VAL A 94 -45.96 67.40 19.79
N GLU A 95 -46.95 67.15 20.64
CA GLU A 95 -48.30 66.85 20.19
C GLU A 95 -49.19 68.06 20.42
N ALA A 96 -50.49 67.90 20.12
CA ALA A 96 -51.51 68.95 20.29
C ALA A 96 -51.46 69.95 19.15
N LYS A 97 -52.44 70.82 19.08
CA LYS A 97 -52.57 71.76 17.99
C LYS A 97 -52.77 73.17 18.50
N LYS A 98 -52.15 74.13 17.80
CA LYS A 98 -52.21 75.54 18.16
C LYS A 98 -51.44 75.82 19.45
N GLU A 99 -52.11 75.64 20.60
CA GLU A 99 -51.52 75.91 21.90
C GLU A 99 -50.97 77.34 21.97
N GLU A 100 -49.92 77.54 22.73
CA GLU A 100 -49.29 78.84 22.84
C GLU A 100 -48.67 79.26 21.51
N SER A 101 -48.74 80.54 21.21
CA SER A 101 -48.18 81.09 19.98
C SER A 101 -47.84 82.56 20.16
N GLU A 102 -46.54 82.86 20.26
CA GLU A 102 -46.09 84.24 20.43
C GLU A 102 -45.83 84.88 19.07
N GLU A 103 -44.76 84.44 18.41
CA GLU A 103 -44.36 84.96 17.10
C GLU A 103 -43.94 86.42 17.18
N SER A 104 -42.65 86.66 17.07
CA SER A 104 -42.08 87.99 17.19
C SER A 104 -42.22 88.78 15.88
N ASP A 105 -42.39 90.10 16.01
CA ASP A 105 -42.46 91.03 14.89
C ASP A 105 -43.67 90.77 13.99
N ASP A 106 -44.76 91.48 14.32
CA ASP A 106 -46.02 91.40 13.60
C ASP A 106 -45.86 91.75 12.12
N ASP A 107 -45.42 92.99 11.85
CA ASP A 107 -45.28 93.49 10.48
C ASP A 107 -46.58 93.34 9.69
N MET A 108 -47.65 93.93 10.22
CA MET A 108 -48.94 93.95 9.54
C MET A 108 -48.84 94.68 8.19
N GLY A 109 -47.94 95.63 8.12
CA GLY A 109 -47.71 96.35 6.89
C GLY A 109 -48.64 97.54 6.72
N PHE A 110 -49.77 97.31 6.08
CA PHE A 110 -50.71 98.38 5.76
C PHE A 110 -51.56 98.74 6.97
N GLY A 111 -51.33 99.92 7.52
CA GLY A 111 -52.12 100.40 8.64
C GLY A 111 -51.81 101.83 8.99
N LEU A 112 -51.91 102.72 8.01
CA LEU A 112 -51.59 104.13 8.22
C LEU A 112 -52.84 104.98 8.12
N PHE A 113 -53.96 104.35 7.82
CA PHE A 113 -55.20 105.07 7.56
C PHE A 113 -56.38 104.47 8.33
N ASP A 114 -56.07 103.54 9.24
CA ASP A 114 -57.09 102.80 9.99
C ASP A 114 -58.07 102.12 9.05
N ALA B 1 8.90 6.11 -12.35
CA ALA B 1 8.60 4.93 -11.50
C ALA B 1 9.25 5.09 -10.14
N MET B 2 8.43 4.91 -9.09
CA MET B 2 8.85 5.15 -7.70
C MET B 2 10.10 4.36 -7.36
N ARG B 3 10.22 3.19 -7.96
CA ARG B 3 11.41 2.37 -7.90
C ARG B 3 11.13 1.06 -8.62
N TYR B 4 12.18 0.41 -9.14
CA TYR B 4 12.02 -0.80 -9.95
C TYR B 4 11.73 -2.00 -9.06
N VAL B 5 11.45 -1.72 -7.80
CA VAL B 5 11.09 -2.74 -6.82
C VAL B 5 9.84 -3.46 -7.28
N ALA B 6 8.74 -2.73 -7.40
CA ALA B 6 7.47 -3.34 -7.78
C ALA B 6 7.55 -3.97 -9.17
N SER B 7 8.51 -3.53 -9.98
CA SER B 7 8.78 -4.15 -11.26
C SER B 7 9.32 -5.57 -11.07
N TYR B 8 10.30 -5.70 -10.17
CA TYR B 8 10.84 -7.01 -9.81
C TYR B 8 9.73 -7.87 -9.21
N LEU B 9 8.86 -7.24 -8.43
CA LEU B 9 7.69 -7.89 -7.86
C LEU B 9 6.82 -8.48 -8.97
N LEU B 10 6.41 -7.63 -9.90
CA LEU B 10 5.56 -8.05 -11.01
C LEU B 10 6.17 -9.24 -11.74
N ALA B 11 7.45 -9.16 -12.05
CA ALA B 11 8.13 -10.24 -12.74
C ALA B 11 8.16 -11.52 -11.91
N ALA B 12 8.23 -11.35 -10.59
CA ALA B 12 8.19 -12.50 -9.68
C ALA B 12 6.81 -13.13 -9.68
N LEU B 13 5.78 -12.30 -9.63
CA LEU B 13 4.39 -12.76 -9.65
C LEU B 13 4.09 -13.43 -10.99
N GLY B 14 4.79 -12.97 -12.02
CA GLY B 14 4.63 -13.50 -13.37
C GLY B 14 5.00 -14.97 -13.47
N GLY B 15 5.54 -15.50 -12.40
CA GLY B 15 5.84 -16.91 -12.36
C GLY B 15 7.33 -17.20 -12.38
N ASN B 16 8.12 -16.20 -12.00
CA ASN B 16 9.57 -16.35 -12.00
C ASN B 16 10.14 -15.88 -10.67
N SER B 17 10.66 -16.81 -9.89
CA SER B 17 11.27 -16.49 -8.61
C SER B 17 12.54 -15.66 -8.81
N SER B 18 13.10 -15.73 -10.01
CA SER B 18 14.34 -15.07 -10.30
C SER B 18 14.21 -14.12 -11.50
N PRO B 19 13.50 -12.97 -11.34
CA PRO B 19 13.42 -11.90 -12.36
C PRO B 19 14.79 -11.32 -12.70
N SER B 20 15.07 -11.13 -13.98
CA SER B 20 16.35 -10.56 -14.38
C SER B 20 16.22 -9.08 -14.77
N ALA B 21 17.33 -8.35 -14.68
CA ALA B 21 17.34 -6.93 -14.99
C ALA B 21 16.69 -6.64 -16.35
N LYS B 22 17.00 -7.49 -17.31
CA LYS B 22 16.45 -7.36 -18.66
C LYS B 22 14.93 -7.47 -18.64
N ASP B 23 14.41 -8.41 -17.87
CA ASP B 23 12.98 -8.65 -17.80
C ASP B 23 12.27 -7.48 -17.14
N ILE B 24 12.88 -6.91 -16.10
CA ILE B 24 12.30 -5.77 -15.40
C ILE B 24 12.31 -4.54 -16.31
N LYS B 25 13.38 -4.35 -17.06
CA LYS B 25 13.48 -3.27 -18.01
C LYS B 25 12.40 -3.41 -19.08
N LYS B 26 12.21 -4.63 -19.56
CA LYS B 26 11.20 -4.92 -20.55
C LYS B 26 9.81 -4.65 -20.00
N ILE B 27 9.60 -5.02 -18.74
CA ILE B 27 8.33 -4.80 -18.06
C ILE B 27 8.04 -3.30 -17.97
N LEU B 28 9.06 -2.52 -17.65
CA LEU B 28 8.90 -1.08 -17.47
C LEU B 28 8.66 -0.40 -18.82
N ASP B 29 9.45 -0.78 -19.81
CA ASP B 29 9.34 -0.20 -21.15
C ASP B 29 8.05 -0.67 -21.85
N SER B 30 7.54 -1.83 -21.43
CA SER B 30 6.30 -2.37 -21.98
C SER B 30 5.15 -1.37 -21.83
N VAL B 31 5.07 -0.73 -20.66
CA VAL B 31 4.05 0.28 -20.41
C VAL B 31 4.21 1.49 -21.33
N GLY B 32 5.46 1.76 -21.72
CA GLY B 32 5.74 2.92 -22.53
C GLY B 32 6.41 4.03 -21.75
N ILE B 33 6.84 3.71 -20.53
CA ILE B 33 7.50 4.68 -19.66
C ILE B 33 9.00 4.40 -19.62
N GLU B 34 9.81 5.45 -19.66
CA GLU B 34 11.26 5.32 -19.76
C GLU B 34 11.89 4.80 -18.47
N ALA B 35 13.04 4.12 -18.61
CA ALA B 35 13.70 3.49 -17.47
C ALA B 35 15.21 3.81 -17.46
N ASP B 36 15.76 3.99 -16.26
CA ASP B 36 17.19 4.20 -16.09
C ASP B 36 17.90 2.87 -15.87
N ASP B 37 18.76 2.52 -16.83
CA ASP B 37 19.45 1.23 -16.85
C ASP B 37 20.30 1.00 -15.60
N ASP B 38 21.15 1.98 -15.27
CA ASP B 38 22.01 1.90 -14.10
C ASP B 38 21.20 1.64 -12.84
N ARG B 39 20.24 2.52 -12.59
CA ARG B 39 19.44 2.47 -11.37
C ARG B 39 18.65 1.17 -11.30
N LEU B 40 18.26 0.67 -12.46
CA LEU B 40 17.47 -0.56 -12.55
C LEU B 40 18.25 -1.74 -11.98
N ASN B 41 19.40 -2.06 -12.58
CA ASN B 41 20.20 -3.20 -12.12
C ASN B 41 20.75 -2.94 -10.74
N LYS B 42 20.99 -1.68 -10.42
CA LYS B 42 21.46 -1.30 -9.10
C LYS B 42 20.46 -1.71 -8.01
N VAL B 43 19.20 -1.29 -8.19
CA VAL B 43 18.18 -1.56 -7.17
C VAL B 43 17.79 -3.02 -7.19
N ILE B 44 17.97 -3.65 -8.34
CA ILE B 44 17.75 -5.08 -8.47
C ILE B 44 18.90 -5.85 -7.82
N SER B 45 20.09 -5.27 -7.84
CA SER B 45 21.22 -5.84 -7.14
C SER B 45 20.94 -5.79 -5.65
N GLU B 46 20.26 -4.74 -5.21
CA GLU B 46 19.76 -4.66 -3.85
C GLU B 46 18.67 -5.71 -3.62
N LEU B 47 17.74 -5.82 -4.58
CA LEU B 47 16.60 -6.74 -4.49
C LEU B 47 17.04 -8.20 -4.62
N ASN B 48 16.94 -8.74 -5.85
CA ASN B 48 17.24 -10.15 -6.12
C ASN B 48 16.30 -11.06 -5.29
N GLY B 49 16.36 -12.36 -5.53
CA GLY B 49 15.43 -13.30 -4.89
C GLY B 49 15.76 -13.58 -3.45
N LYS B 50 15.94 -12.52 -2.67
CA LYS B 50 16.24 -12.64 -1.25
C LYS B 50 15.04 -12.18 -0.42
N ASN B 51 14.71 -10.91 -0.54
CA ASN B 51 13.67 -10.28 0.29
C ASN B 51 12.39 -10.09 -0.53
N ILE B 52 12.39 -10.64 -1.74
CA ILE B 52 11.29 -10.42 -2.68
C ILE B 52 9.92 -10.84 -2.10
N GLU B 53 9.85 -12.01 -1.48
CA GLU B 53 8.60 -12.49 -0.86
C GLU B 53 8.12 -11.51 0.23
N ASP B 54 9.06 -11.00 1.00
CA ASP B 54 8.77 -10.09 2.10
C ASP B 54 8.30 -8.73 1.58
N VAL B 55 9.01 -8.20 0.57
CA VAL B 55 8.67 -6.91 -0.01
C VAL B 55 7.30 -6.98 -0.72
N ILE B 56 6.95 -8.17 -1.22
CA ILE B 56 5.63 -8.38 -1.81
C ILE B 56 4.56 -8.38 -0.72
N ALA B 57 4.77 -9.19 0.32
CA ALA B 57 3.80 -9.33 1.39
C ALA B 57 3.82 -8.13 2.35
N GLN B 58 4.76 -7.23 2.13
CA GLN B 58 4.89 -6.00 2.93
C GLN B 58 3.56 -5.22 2.99
N GLY B 59 3.04 -4.82 1.83
CA GLY B 59 1.75 -4.16 1.80
C GLY B 59 1.32 -3.74 0.41
N ILE B 60 1.45 -2.44 0.11
CA ILE B 60 0.98 -1.89 -1.17
C ILE B 60 1.80 -0.68 -1.61
N GLY B 61 1.58 0.47 -0.99
CA GLY B 61 2.08 1.69 -1.56
C GLY B 61 3.08 2.43 -0.72
N LYS B 62 3.98 1.70 -0.09
CA LYS B 62 5.12 2.29 0.56
C LYS B 62 6.32 1.40 0.25
N LEU B 63 6.34 0.92 -0.98
CA LEU B 63 7.23 -0.14 -1.38
C LEU B 63 8.57 0.36 -1.87
N ALA B 64 9.53 0.35 -0.95
CA ALA B 64 10.91 0.70 -1.23
C ALA B 64 11.83 -0.17 -0.39
N SER B 65 11.29 -1.34 -0.03
CA SER B 65 11.94 -2.26 0.90
C SER B 65 11.91 -1.64 2.30
N VAL B 66 12.83 -2.05 3.17
CA VAL B 66 12.90 -1.53 4.52
C VAL B 66 13.10 -0.01 4.51
N PRO B 67 12.07 0.74 4.95
CA PRO B 67 12.07 2.21 4.90
C PRO B 67 12.75 2.86 6.11
N ALA B 68 13.78 2.19 6.59
CA ALA B 68 14.60 2.67 7.71
C ALA B 68 13.73 3.03 8.92
N GLY B 69 13.11 2.04 9.51
CA GLY B 69 12.23 2.30 10.65
C GLY B 69 10.77 2.36 10.21
N GLY B 70 10.48 3.31 9.34
CA GLY B 70 9.15 3.41 8.76
C GLY B 70 8.30 4.48 9.39
N ALA B 71 8.59 4.81 10.64
CA ALA B 71 7.76 5.77 11.37
C ALA B 71 8.59 6.79 12.11
N VAL B 72 8.09 8.01 12.16
CA VAL B 72 8.71 9.08 12.93
C VAL B 72 7.68 9.68 13.89
N ALA B 73 8.11 9.97 15.09
CA ALA B 73 7.22 10.50 16.12
C ALA B 73 7.67 11.89 16.56
N VAL B 74 6.76 12.65 17.15
CA VAL B 74 7.08 13.99 17.62
C VAL B 74 6.90 14.08 19.13
N SER B 75 7.82 14.76 19.79
CA SER B 75 7.74 14.94 21.23
C SER B 75 6.99 16.23 21.58
N ALA B 76 6.08 16.13 22.55
CA ALA B 76 5.28 17.28 22.95
C ALA B 76 6.11 18.31 23.70
N ALA B 77 5.79 19.57 23.49
CA ALA B 77 6.49 20.67 24.14
C ALA B 77 5.99 20.86 25.57
N PRO B 78 6.90 20.83 26.55
CA PRO B 78 6.57 20.97 27.97
C PRO B 78 6.19 22.39 28.36
N GLY B 79 5.51 22.48 29.50
CA GLY B 79 5.07 23.76 30.01
C GLY B 79 5.54 23.98 31.44
N SER B 80 5.30 25.16 31.98
CA SER B 80 5.81 25.50 33.31
C SER B 80 4.70 26.10 34.19
N ALA B 81 5.11 26.62 35.36
CA ALA B 81 4.22 27.36 36.24
C ALA B 81 3.13 26.47 36.83
N ALA B 82 3.54 25.49 37.63
CA ALA B 82 2.60 24.57 38.28
C ALA B 82 2.77 24.55 39.80
N PRO B 83 4.00 24.43 40.35
CA PRO B 83 4.21 24.44 41.79
C PRO B 83 4.41 25.85 42.34
N ALA B 84 4.82 25.92 43.60
CA ALA B 84 5.12 27.19 44.27
C ALA B 84 3.86 28.03 44.44
N ALA B 85 2.77 27.35 44.79
CA ALA B 85 1.49 28.03 44.98
C ALA B 85 0.85 27.58 46.29
N GLY B 86 -0.29 28.17 46.62
CA GLY B 86 -0.99 27.81 47.83
C GLY B 86 -0.95 28.93 48.86
N SER B 87 -2.11 29.27 49.41
CA SER B 87 -2.22 30.34 50.39
C SER B 87 -3.08 29.90 51.57
N ALA B 88 -2.67 30.27 52.79
CA ALA B 88 -3.41 29.91 53.98
C ALA B 88 -3.36 31.04 55.01
N PRO B 89 -4.48 31.76 55.20
CA PRO B 89 -4.59 32.81 56.21
C PRO B 89 -5.07 32.25 57.55
N ALA B 90 -4.71 32.91 58.64
CA ALA B 90 -5.08 32.47 59.97
C ALA B 90 -5.07 33.62 60.96
N ALA B 91 -3.88 34.13 61.26
CA ALA B 91 -3.73 35.22 62.21
C ALA B 91 -4.26 36.53 61.65
N ALA B 92 -5.06 37.22 62.42
CA ALA B 92 -5.65 38.49 62.01
C ALA B 92 -5.63 39.52 63.14
N GLU B 93 -4.81 39.22 64.16
CA GLU B 93 -4.69 40.09 65.35
C GLU B 93 -6.04 40.32 66.01
N GLU B 94 -6.79 39.23 66.19
CA GLU B 94 -8.11 39.29 66.81
C GLU B 94 -8.04 39.81 68.23
N LYS B 95 -8.82 40.84 68.48
CA LYS B 95 -8.93 41.43 69.80
C LYS B 95 -10.32 42.01 69.97
N LYS B 96 -11.29 41.16 70.21
CA LYS B 96 -12.66 41.61 70.36
C LYS B 96 -12.97 41.83 71.84
N ASP B 97 -12.86 43.08 72.28
CA ASP B 97 -13.21 43.45 73.65
C ASP B 97 -14.60 42.94 73.98
N GLU B 98 -14.66 41.98 74.90
CA GLU B 98 -15.91 41.31 75.20
C GLU B 98 -16.49 41.80 76.51
N LYS B 99 -15.77 41.61 77.60
CA LYS B 99 -16.21 42.07 78.90
C LYS B 99 -15.56 43.40 79.25
N LYS B 100 -16.35 44.47 79.22
CA LYS B 100 -15.88 45.79 79.61
C LYS B 100 -16.55 46.20 80.91
N GLU B 101 -15.81 46.87 81.78
CA GLU B 101 -16.32 47.26 83.07
C GLU B 101 -17.16 48.54 82.95
N GLU B 102 -18.44 48.44 83.24
CA GLU B 102 -19.35 49.56 83.13
C GLU B 102 -19.14 50.58 84.25
N SER B 103 -18.83 51.81 83.89
CA SER B 103 -18.69 52.89 84.85
C SER B 103 -20.05 53.51 85.14
N GLU B 104 -20.84 52.83 85.95
CA GLU B 104 -22.20 53.26 86.24
C GLU B 104 -22.20 54.36 87.29
N GLU B 105 -21.26 54.30 88.21
CA GLU B 105 -21.19 55.24 89.32
C GLU B 105 -20.77 56.63 88.84
N SER B 106 -21.26 57.65 89.54
CA SER B 106 -20.99 59.03 89.16
C SER B 106 -20.38 59.79 90.34
N ASP B 107 -19.42 60.65 90.05
CA ASP B 107 -18.75 61.44 91.07
C ASP B 107 -19.21 62.91 91.01
N ASP B 108 -20.47 63.12 91.37
CA ASP B 108 -21.08 64.45 91.31
C ASP B 108 -20.76 65.29 92.54
N ASP B 109 -20.76 64.65 93.71
CA ASP B 109 -20.59 65.36 94.97
C ASP B 109 -19.13 65.72 95.26
N MET B 110 -18.65 66.74 94.57
CA MET B 110 -17.33 67.31 94.82
C MET B 110 -17.37 68.27 96.01
N GLY B 111 -18.56 68.79 96.28
CA GLY B 111 -18.72 69.75 97.35
C GLY B 111 -19.40 71.02 96.90
N PHE B 112 -20.38 71.46 97.66
CA PHE B 112 -21.14 72.67 97.32
C PHE B 112 -20.41 73.92 97.81
N GLY B 113 -19.16 74.07 97.38
CA GLY B 113 -18.38 75.22 97.76
C GLY B 113 -17.02 74.84 98.31
N LEU B 114 -15.98 75.06 97.52
CA LEU B 114 -14.61 74.89 97.99
C LEU B 114 -14.03 76.26 98.31
N PHE B 115 -14.91 77.25 98.27
CA PHE B 115 -14.55 78.62 98.54
C PHE B 115 -14.65 78.90 100.03
N ASP B 116 -15.85 78.71 100.56
CA ASP B 116 -16.13 78.85 101.98
C ASP B 116 -17.21 77.85 102.36
N MET A 1 2.21 -17.97 -1.66
CA MET A 1 1.85 -16.77 -2.45
C MET A 1 0.42 -16.90 -2.97
N ALA A 2 -0.31 -15.79 -2.96
CA ALA A 2 -1.68 -15.75 -3.45
C ALA A 2 -2.06 -14.31 -3.79
N SER A 3 -3.32 -14.10 -4.18
CA SER A 3 -3.82 -12.77 -4.51
C SER A 3 -3.00 -12.14 -5.63
N VAL A 4 -2.65 -12.96 -6.62
CA VAL A 4 -1.77 -12.55 -7.70
C VAL A 4 -2.46 -11.48 -8.53
N SER A 5 -3.78 -11.56 -8.54
CA SER A 5 -4.61 -10.62 -9.25
C SER A 5 -4.44 -9.19 -8.73
N GLU A 6 -4.81 -9.00 -7.47
CA GLU A 6 -4.69 -7.70 -6.80
C GLU A 6 -3.24 -7.22 -6.83
N LEU A 7 -2.32 -8.10 -6.44
CA LEU A 7 -0.90 -7.73 -6.40
C LEU A 7 -0.42 -7.21 -7.76
N ALA A 8 -0.80 -7.90 -8.85
CA ALA A 8 -0.42 -7.46 -10.19
C ALA A 8 -1.04 -6.11 -10.52
N CYS A 9 -2.32 -5.95 -10.21
CA CYS A 9 -3.03 -4.71 -10.51
C CYS A 9 -2.44 -3.55 -9.71
N ILE A 10 -2.09 -3.82 -8.45
CA ILE A 10 -1.59 -2.79 -7.56
C ILE A 10 -0.16 -2.38 -7.93
N TYR A 11 0.65 -3.35 -8.31
CA TYR A 11 2.00 -3.06 -8.76
C TYR A 11 1.94 -2.22 -10.03
N SER A 12 1.05 -2.59 -10.92
CA SER A 12 0.86 -1.84 -12.15
C SER A 12 0.42 -0.41 -11.81
N ALA A 13 -0.50 -0.31 -10.85
CA ALA A 13 -0.99 0.98 -10.38
C ALA A 13 0.15 1.88 -9.92
N LEU A 14 0.95 1.39 -8.97
CA LEU A 14 2.02 2.20 -8.44
C LEU A 14 3.25 2.25 -9.38
N ILE A 15 3.24 1.45 -10.44
CA ILE A 15 4.24 1.56 -11.50
C ILE A 15 3.86 2.65 -12.50
N LEU A 16 2.55 2.92 -12.60
CA LEU A 16 2.07 4.01 -13.43
C LEU A 16 1.72 5.24 -12.58
N HIS A 17 1.87 5.08 -11.26
CA HIS A 17 1.58 6.14 -10.27
C HIS A 17 1.83 7.57 -10.78
N ASP A 18 3.09 7.93 -10.95
CA ASP A 18 3.45 9.32 -11.31
C ASP A 18 4.66 9.30 -12.20
N ASP A 19 4.90 8.16 -12.83
CA ASP A 19 6.11 7.91 -13.57
C ASP A 19 6.01 8.46 -14.98
N GLU A 20 5.69 9.76 -15.07
CA GLU A 20 5.54 10.50 -16.34
C GLU A 20 4.67 9.73 -17.35
N VAL A 21 3.74 8.94 -16.82
CA VAL A 21 2.85 8.11 -17.61
C VAL A 21 1.47 8.08 -16.93
N THR A 22 0.42 7.92 -17.73
CA THR A 22 -0.94 7.94 -17.20
C THR A 22 -1.41 6.55 -16.78
N VAL A 23 -2.16 6.52 -15.67
CA VAL A 23 -2.66 5.25 -15.11
C VAL A 23 -3.83 4.69 -15.92
N THR A 24 -3.75 4.78 -17.24
CA THR A 24 -4.81 4.32 -18.12
C THR A 24 -4.84 2.79 -18.22
N GLU A 25 -6.04 2.26 -18.46
CA GLU A 25 -6.25 0.81 -18.53
C GLU A 25 -5.42 0.19 -19.64
N ASP A 26 -5.20 0.96 -20.70
CA ASP A 26 -4.30 0.56 -21.78
C ASP A 26 -2.93 0.19 -21.22
N LYS A 27 -2.44 1.01 -20.31
CA LYS A 27 -1.10 0.86 -19.77
C LYS A 27 -1.06 -0.21 -18.68
N ILE A 28 -2.08 -0.22 -17.82
CA ILE A 28 -2.19 -1.27 -16.81
C ILE A 28 -2.29 -2.64 -17.48
N ASN A 29 -3.17 -2.73 -18.48
CA ASN A 29 -3.30 -3.95 -19.28
C ASN A 29 -1.96 -4.32 -19.93
N ALA A 30 -1.25 -3.32 -20.45
CA ALA A 30 0.04 -3.55 -21.08
C ALA A 30 1.03 -4.17 -20.10
N LEU A 31 1.05 -3.68 -18.87
CA LEU A 31 1.98 -4.18 -17.86
C LEU A 31 1.55 -5.58 -17.39
N ILE A 32 0.24 -5.75 -17.23
CA ILE A 32 -0.32 -7.06 -16.89
C ILE A 32 0.14 -8.11 -17.90
N LYS A 33 0.11 -7.76 -19.19
CA LYS A 33 0.53 -8.67 -20.24
C LYS A 33 2.05 -8.65 -20.40
N ALA A 34 2.69 -7.62 -19.87
CA ALA A 34 4.16 -7.56 -19.83
C ALA A 34 4.69 -8.69 -18.98
N ALA A 35 4.11 -8.87 -17.80
CA ALA A 35 4.53 -9.96 -16.93
C ALA A 35 3.84 -11.27 -17.30
N GLY A 36 2.61 -11.16 -17.79
CA GLY A 36 1.85 -12.33 -18.17
C GLY A 36 0.96 -12.83 -17.05
N VAL A 37 0.37 -11.88 -16.32
CA VAL A 37 -0.47 -12.22 -15.17
C VAL A 37 -1.94 -12.05 -15.54
N ASN A 38 -2.82 -12.72 -14.81
CA ASN A 38 -4.25 -12.67 -15.09
C ASN A 38 -5.01 -12.16 -13.87
N VAL A 39 -5.58 -10.98 -13.99
CA VAL A 39 -6.41 -10.40 -12.95
C VAL A 39 -7.82 -10.16 -13.48
N GLU A 40 -8.82 -10.54 -12.67
CA GLU A 40 -10.23 -10.26 -12.96
C GLU A 40 -10.40 -8.82 -13.46
N PRO A 41 -10.75 -8.66 -14.76
CA PRO A 41 -10.79 -7.36 -15.46
C PRO A 41 -11.54 -6.25 -14.72
N PHE A 42 -12.31 -6.63 -13.71
CA PHE A 42 -13.08 -5.68 -12.94
C PHE A 42 -12.14 -4.81 -12.10
N TRP A 43 -11.04 -5.40 -11.62
CA TRP A 43 -10.05 -4.66 -10.86
C TRP A 43 -9.31 -3.64 -11.73
N PRO A 44 -8.59 -4.06 -12.80
CA PRO A 44 -7.88 -3.13 -13.67
C PRO A 44 -8.81 -2.10 -14.28
N GLY A 45 -10.01 -2.54 -14.65
CA GLY A 45 -10.99 -1.62 -15.21
C GLY A 45 -11.38 -0.53 -14.22
N LEU A 46 -11.90 -0.95 -13.08
CA LEU A 46 -12.30 -0.01 -12.04
C LEU A 46 -11.13 0.89 -11.66
N PHE A 47 -9.97 0.26 -11.43
CA PHE A 47 -8.78 0.96 -11.01
C PHE A 47 -8.40 2.05 -11.99
N ALA A 48 -8.11 1.67 -13.22
CA ALA A 48 -7.60 2.58 -14.21
C ALA A 48 -8.60 3.67 -14.53
N LYS A 49 -9.88 3.36 -14.43
CA LYS A 49 -10.91 4.33 -14.71
C LYS A 49 -11.18 5.24 -13.51
N ALA A 50 -10.86 4.77 -12.31
CA ALA A 50 -11.22 5.52 -11.10
C ALA A 50 -10.02 6.17 -10.40
N LEU A 51 -8.79 5.95 -10.88
CA LEU A 51 -7.65 6.63 -10.27
C LEU A 51 -7.54 8.07 -10.78
N ALA A 52 -6.32 8.48 -11.19
CA ALA A 52 -6.05 9.82 -11.75
C ALA A 52 -6.19 10.95 -10.71
N ASN A 53 -6.72 10.63 -9.54
CA ASN A 53 -6.87 11.59 -8.46
C ASN A 53 -6.57 10.89 -7.15
N VAL A 54 -6.01 9.69 -7.29
CA VAL A 54 -5.77 8.81 -6.17
C VAL A 54 -4.30 8.83 -5.79
N ASN A 55 -4.02 9.46 -4.66
CA ASN A 55 -2.69 9.44 -4.07
C ASN A 55 -2.23 7.99 -3.89
N ILE A 56 -0.92 7.78 -3.97
CA ILE A 56 -0.35 6.44 -4.02
C ILE A 56 -0.85 5.54 -2.86
N GLY A 57 -0.57 5.93 -1.63
CA GLY A 57 -0.87 5.07 -0.48
C GLY A 57 -2.30 4.59 -0.45
N SER A 58 -3.20 5.41 -0.99
CA SER A 58 -4.63 5.14 -0.98
C SER A 58 -4.95 3.72 -1.49
N LEU A 59 -4.15 3.24 -2.44
CA LEU A 59 -4.49 1.99 -3.13
C LEU A 59 -4.45 0.76 -2.21
N ILE A 60 -3.84 0.88 -1.03
CA ILE A 60 -3.80 -0.27 -0.12
C ILE A 60 -5.10 -0.39 0.67
N CYS A 61 -6.01 0.56 0.46
CA CYS A 61 -7.27 0.57 1.18
C CYS A 61 -8.38 1.20 0.34
N ASN A 62 -8.50 0.79 -0.91
CA ASN A 62 -9.53 1.34 -1.80
C ASN A 62 -10.79 0.49 -1.79
N VAL A 63 -10.77 -0.61 -1.04
CA VAL A 63 -11.91 -1.51 -0.99
C VAL A 63 -12.96 -1.05 0.03
N GLY A 64 -12.51 -0.52 1.16
CA GLY A 64 -13.42 -0.10 2.20
C GLY A 64 -12.86 0.98 3.08
N ALA A 65 -13.72 1.84 3.60
CA ALA A 65 -13.32 2.95 4.45
C ALA A 65 -13.04 2.47 5.87
N GLY A 66 -13.98 1.74 6.45
CA GLY A 66 -13.78 1.21 7.78
C GLY A 66 -15.07 1.03 8.55
N GLY A 67 -15.40 2.00 9.40
CA GLY A 67 -16.53 1.87 10.29
C GLY A 67 -16.12 1.31 11.64
N PRO A 68 -15.86 2.19 12.64
CA PRO A 68 -15.35 1.76 13.94
C PRO A 68 -16.45 1.26 14.88
N ALA A 69 -17.70 1.64 14.62
CA ALA A 69 -18.84 1.22 15.45
C ALA A 69 -18.64 1.57 16.93
N PRO A 70 -18.87 2.84 17.29
CA PRO A 70 -18.76 3.31 18.68
C PRO A 70 -19.90 2.80 19.56
N ALA A 71 -19.67 2.80 20.87
CA ALA A 71 -20.65 2.29 21.82
C ALA A 71 -20.22 2.62 23.25
N ALA A 72 -18.90 2.61 23.48
CA ALA A 72 -18.36 2.90 24.80
C ALA A 72 -18.36 4.40 25.08
N GLY A 73 -19.04 4.80 26.16
CA GLY A 73 -19.09 6.19 26.53
C GLY A 73 -19.06 6.38 28.04
N ALA A 74 -17.92 6.06 28.64
CA ALA A 74 -17.76 6.18 30.08
C ALA A 74 -16.53 7.00 30.41
N ALA A 75 -16.66 7.85 31.42
CA ALA A 75 -15.58 8.73 31.83
C ALA A 75 -15.55 8.85 33.34
N PRO A 76 -14.34 8.84 33.92
CA PRO A 76 -14.14 8.93 35.36
C PRO A 76 -14.72 10.20 35.97
N ALA A 77 -15.85 10.05 36.66
CA ALA A 77 -16.51 11.18 37.28
C ALA A 77 -16.00 11.38 38.71
N GLY A 78 -16.50 12.42 39.38
CA GLY A 78 -16.09 12.71 40.73
C GLY A 78 -16.78 11.81 41.74
N GLY A 79 -17.85 12.34 42.34
CA GLY A 79 -18.58 11.59 43.34
C GLY A 79 -18.53 12.25 44.70
N PRO A 80 -19.59 12.97 45.09
CA PRO A 80 -19.66 13.63 46.39
C PRO A 80 -19.79 12.63 47.53
N ALA A 81 -18.66 12.10 47.97
CA ALA A 81 -18.62 11.15 49.07
C ALA A 81 -18.61 11.85 50.44
N PRO A 82 -17.74 12.87 50.66
CA PRO A 82 -17.73 13.63 51.92
C PRO A 82 -19.11 14.10 52.35
N SER A 83 -19.55 13.64 53.51
CA SER A 83 -20.84 14.02 54.05
C SER A 83 -20.87 13.82 55.57
N THR A 84 -21.37 14.84 56.27
CA THR A 84 -21.54 14.80 57.72
C THR A 84 -20.22 14.46 58.43
N ALA A 85 -19.30 15.42 58.44
CA ALA A 85 -18.02 15.24 59.10
C ALA A 85 -18.01 15.96 60.44
N ALA A 86 -19.12 16.63 60.74
CA ALA A 86 -19.25 17.37 61.97
C ALA A 86 -19.46 16.43 63.16
N ALA A 87 -18.36 16.00 63.77
CA ALA A 87 -18.41 15.15 64.95
C ALA A 87 -17.30 15.53 65.93
N PRO A 88 -17.65 16.17 67.05
CA PRO A 88 -16.70 16.54 68.11
C PRO A 88 -15.88 15.35 68.60
N ALA A 89 -14.57 15.45 68.43
CA ALA A 89 -13.66 14.41 68.90
C ALA A 89 -12.67 14.99 69.89
N GLU A 90 -13.18 15.47 71.01
CA GLU A 90 -12.34 16.09 72.03
C GLU A 90 -12.07 15.11 73.17
N GLU A 91 -10.79 14.80 73.36
CA GLU A 91 -10.35 13.88 74.40
C GLU A 91 -10.45 14.54 75.77
N LYS A 92 -9.73 15.63 75.95
CA LYS A 92 -9.76 16.37 77.20
C LYS A 92 -10.60 17.64 77.04
N LYS A 93 -11.09 18.15 78.15
CA LYS A 93 -11.89 19.37 78.13
C LYS A 93 -11.16 20.46 78.91
N VAL A 94 -11.08 21.65 78.31
CA VAL A 94 -10.34 22.75 78.91
C VAL A 94 -11.23 23.58 79.84
N GLU A 95 -11.47 23.05 81.04
CA GLU A 95 -12.20 23.78 82.08
C GLU A 95 -11.24 24.28 83.14
N ALA A 96 -10.24 23.46 83.43
CA ALA A 96 -9.20 23.82 84.39
C ALA A 96 -8.04 24.49 83.66
N LYS A 97 -7.15 25.11 84.42
CA LYS A 97 -6.01 25.78 83.83
C LYS A 97 -4.75 25.30 84.52
N LYS A 98 -3.85 24.70 83.74
CA LYS A 98 -2.67 24.04 84.28
C LYS A 98 -3.09 22.83 85.12
N GLU A 99 -2.10 22.14 85.67
CA GLU A 99 -2.36 20.99 86.51
C GLU A 99 -2.50 21.42 87.96
N GLU A 100 -3.67 21.97 88.28
CA GLU A 100 -3.95 22.47 89.62
C GLU A 100 -4.14 21.32 90.60
N SER A 101 -3.69 21.54 91.83
CA SER A 101 -3.73 20.52 92.86
C SER A 101 -4.90 20.74 93.82
N GLU A 102 -5.46 19.64 94.31
CA GLU A 102 -6.56 19.67 95.26
C GLU A 102 -6.20 18.86 96.50
N GLU A 103 -4.90 18.60 96.65
CA GLU A 103 -4.38 17.85 97.77
C GLU A 103 -4.67 18.56 99.09
N SER A 104 -4.96 17.80 100.14
CA SER A 104 -5.40 18.38 101.39
C SER A 104 -4.62 17.84 102.59
N ASP A 105 -4.28 18.74 103.51
CA ASP A 105 -3.65 18.36 104.78
C ASP A 105 -4.71 17.81 105.71
N ASP A 106 -4.89 16.49 105.69
CA ASP A 106 -5.96 15.83 106.41
C ASP A 106 -5.89 16.09 107.91
N ASP A 107 -7.02 16.51 108.47
CA ASP A 107 -7.13 16.87 109.89
C ASP A 107 -6.02 17.82 110.32
N MET A 108 -5.80 18.84 109.48
CA MET A 108 -4.80 19.89 109.74
C MET A 108 -3.37 19.34 109.70
N GLY A 109 -3.21 18.10 109.26
CA GLY A 109 -1.88 17.54 109.07
C GLY A 109 -1.33 16.88 110.31
N PHE A 110 -1.39 15.56 110.35
CA PHE A 110 -0.79 14.80 111.44
C PHE A 110 0.72 14.71 111.25
N GLY A 111 1.40 14.10 112.21
CA GLY A 111 2.85 14.00 112.11
C GLY A 111 3.54 14.85 113.16
N LEU A 112 2.82 15.83 113.67
CA LEU A 112 3.36 16.72 114.71
C LEU A 112 3.69 15.91 115.96
N PHE A 113 2.84 14.95 116.26
CA PHE A 113 3.08 14.03 117.36
C PHE A 113 3.35 12.65 116.78
N ASP A 114 3.82 12.65 115.54
CA ASP A 114 4.01 11.43 114.74
C ASP A 114 2.68 10.78 114.42
N ALA B 1 13.10 6.15 -5.53
CA ALA B 1 13.45 5.00 -6.40
C ALA B 1 12.19 4.26 -6.84
N MET B 2 11.09 4.99 -6.94
CA MET B 2 9.82 4.39 -7.34
C MET B 2 9.76 4.30 -8.86
N ARG B 3 9.96 3.08 -9.39
CA ARG B 3 9.87 2.81 -10.83
C ARG B 3 10.40 1.41 -11.16
N TYR B 4 11.22 0.84 -10.25
CA TYR B 4 11.86 -0.44 -10.54
C TYR B 4 11.57 -1.50 -9.46
N VAL B 5 11.31 -1.05 -8.23
CA VAL B 5 11.05 -1.94 -7.12
C VAL B 5 9.86 -2.88 -7.39
N ALA B 6 8.67 -2.32 -7.59
CA ALA B 6 7.49 -3.15 -7.81
C ALA B 6 7.52 -3.81 -9.18
N SER B 7 8.44 -3.35 -10.02
CA SER B 7 8.68 -4.00 -11.30
C SER B 7 9.30 -5.37 -11.06
N TYR B 8 10.30 -5.41 -10.18
CA TYR B 8 10.89 -6.68 -9.75
C TYR B 8 9.83 -7.53 -9.06
N LEU B 9 9.09 -6.90 -8.14
CA LEU B 9 8.00 -7.57 -7.43
C LEU B 9 7.02 -8.23 -8.40
N LEU B 10 6.57 -7.47 -9.38
CA LEU B 10 5.58 -7.93 -10.34
C LEU B 10 6.12 -9.08 -11.18
N ALA B 11 7.34 -8.92 -11.68
CA ALA B 11 8.01 -9.97 -12.45
C ALA B 11 8.13 -11.26 -11.65
N ALA B 12 8.39 -11.14 -10.35
CA ALA B 12 8.52 -12.32 -9.49
C ALA B 12 7.15 -12.88 -9.11
N LEU B 13 6.21 -11.97 -8.94
CA LEU B 13 4.82 -12.33 -8.63
C LEU B 13 4.24 -13.25 -9.69
N GLY B 14 4.38 -12.86 -10.94
CA GLY B 14 3.81 -13.64 -12.01
C GLY B 14 4.67 -13.62 -13.26
N GLY B 15 5.77 -14.36 -13.22
CA GLY B 15 6.63 -14.45 -14.37
C GLY B 15 7.87 -15.26 -14.11
N ASN B 16 8.80 -14.71 -13.34
CA ASN B 16 10.07 -15.35 -13.07
C ASN B 16 10.39 -15.25 -11.59
N SER B 17 10.90 -16.34 -11.03
CA SER B 17 11.26 -16.38 -9.63
C SER B 17 12.44 -15.46 -9.35
N SER B 18 13.26 -15.28 -10.37
CA SER B 18 14.45 -14.47 -10.25
C SER B 18 14.46 -13.42 -11.36
N PRO B 19 13.63 -12.37 -11.23
CA PRO B 19 13.54 -11.28 -12.22
C PRO B 19 14.89 -10.64 -12.52
N SER B 20 15.34 -10.74 -13.76
CA SER B 20 16.61 -10.15 -14.13
C SER B 20 16.40 -8.70 -14.56
N ALA B 21 17.48 -7.94 -14.62
CA ALA B 21 17.41 -6.56 -15.08
C ALA B 21 16.69 -6.48 -16.42
N LYS B 22 16.94 -7.49 -17.25
CA LYS B 22 16.35 -7.57 -18.58
C LYS B 22 14.84 -7.77 -18.48
N ASP B 23 14.42 -8.61 -17.55
CA ASP B 23 12.99 -8.89 -17.35
C ASP B 23 12.27 -7.62 -16.92
N ILE B 24 12.86 -6.89 -15.98
CA ILE B 24 12.25 -5.66 -15.49
C ILE B 24 12.25 -4.60 -16.60
N LYS B 25 13.34 -4.52 -17.37
CA LYS B 25 13.40 -3.62 -18.51
C LYS B 25 12.28 -3.93 -19.47
N LYS B 26 12.08 -5.22 -19.79
CA LYS B 26 11.04 -5.63 -20.71
C LYS B 26 9.66 -5.26 -20.15
N ILE B 27 9.46 -5.48 -18.85
CA ILE B 27 8.19 -5.13 -18.21
C ILE B 27 7.93 -3.61 -18.28
N LEU B 28 8.97 -2.83 -18.03
CA LEU B 28 8.85 -1.38 -17.93
C LEU B 28 8.73 -0.77 -19.34
N ASP B 29 9.52 -1.31 -20.25
CA ASP B 29 9.49 -0.91 -21.67
C ASP B 29 8.16 -1.30 -22.31
N SER B 30 7.59 -2.40 -21.84
CA SER B 30 6.33 -2.92 -22.37
C SER B 30 5.23 -1.86 -22.32
N VAL B 31 5.15 -1.13 -21.21
CA VAL B 31 4.20 -0.05 -21.10
C VAL B 31 4.71 1.21 -21.81
N GLY B 32 6.00 1.45 -21.66
CA GLY B 32 6.61 2.60 -22.29
C GLY B 32 7.13 3.60 -21.29
N ILE B 33 7.62 3.11 -20.15
CA ILE B 33 8.16 3.97 -19.13
C ILE B 33 9.64 4.15 -19.35
N GLU B 34 10.10 5.40 -19.40
CA GLU B 34 11.52 5.68 -19.55
C GLU B 34 12.31 5.02 -18.43
N ALA B 35 13.21 4.12 -18.80
CA ALA B 35 13.96 3.34 -17.81
C ALA B 35 15.43 3.75 -17.76
N ASP B 36 15.91 4.03 -16.57
CA ASP B 36 17.32 4.32 -16.35
C ASP B 36 18.03 3.03 -15.96
N ASP B 37 18.74 2.44 -16.92
CA ASP B 37 19.43 1.16 -16.70
C ASP B 37 20.36 1.18 -15.49
N ASP B 38 20.93 2.35 -15.21
CA ASP B 38 21.74 2.54 -14.01
C ASP B 38 20.90 2.33 -12.75
N ARG B 39 19.88 3.17 -12.58
CA ARG B 39 19.06 3.15 -11.40
C ARG B 39 18.29 1.83 -11.31
N LEU B 40 18.05 1.23 -12.48
CA LEU B 40 17.44 -0.09 -12.58
C LEU B 40 18.20 -1.10 -11.73
N ASN B 41 19.46 -1.33 -12.11
CA ASN B 41 20.29 -2.30 -11.44
C ASN B 41 20.60 -1.85 -10.01
N LYS B 42 20.52 -0.54 -9.76
CA LYS B 42 20.69 -0.02 -8.41
C LYS B 42 19.55 -0.46 -7.51
N VAL B 43 18.32 -0.30 -7.99
CA VAL B 43 17.14 -0.67 -7.21
C VAL B 43 17.06 -2.17 -7.10
N ILE B 44 17.59 -2.85 -8.10
CA ILE B 44 17.59 -4.30 -8.17
C ILE B 44 18.75 -4.90 -7.35
N SER B 45 19.81 -4.13 -7.16
CA SER B 45 20.88 -4.56 -6.26
C SER B 45 20.44 -4.39 -4.80
N GLU B 46 19.62 -3.38 -4.53
CA GLU B 46 18.96 -3.26 -3.21
C GLU B 46 17.85 -4.32 -3.07
N LEU B 47 16.91 -4.30 -4.00
CA LEU B 47 15.75 -5.16 -3.98
C LEU B 47 15.95 -6.34 -4.94
N ASN B 48 15.87 -7.54 -4.41
CA ASN B 48 16.07 -8.74 -5.21
C ASN B 48 15.45 -9.95 -4.52
N GLY B 49 15.82 -11.15 -4.98
CA GLY B 49 15.22 -12.38 -4.47
C GLY B 49 15.72 -12.77 -3.09
N LYS B 50 15.95 -11.80 -2.24
CA LYS B 50 16.34 -12.04 -0.85
C LYS B 50 15.11 -12.37 -0.01
N ASN B 51 14.16 -11.45 0.00
CA ASN B 51 12.93 -11.60 0.78
C ASN B 51 11.75 -11.26 -0.11
N ILE B 52 11.70 -11.90 -1.27
CA ILE B 52 10.73 -11.53 -2.30
C ILE B 52 9.29 -11.77 -1.89
N GLU B 53 8.95 -12.96 -1.42
CA GLU B 53 7.55 -13.24 -1.12
C GLU B 53 7.06 -12.37 0.03
N ASP B 54 8.00 -11.92 0.87
CA ASP B 54 7.69 -11.01 1.96
C ASP B 54 7.40 -9.61 1.41
N VAL B 55 8.32 -9.08 0.59
CA VAL B 55 8.17 -7.74 0.03
C VAL B 55 6.99 -7.67 -0.93
N ILE B 56 6.58 -8.83 -1.43
CA ILE B 56 5.41 -8.92 -2.30
C ILE B 56 4.12 -9.01 -1.47
N ALA B 57 4.15 -9.81 -0.41
CA ALA B 57 2.97 -10.01 0.43
C ALA B 57 2.54 -8.72 1.12
N GLN B 58 3.50 -7.96 1.64
CA GLN B 58 3.18 -6.71 2.30
C GLN B 58 3.71 -5.51 1.51
N GLY B 59 3.74 -5.65 0.19
CA GLY B 59 4.29 -4.60 -0.66
C GLY B 59 3.23 -3.74 -1.30
N ILE B 60 2.33 -3.17 -0.50
CA ILE B 60 1.30 -2.29 -1.04
C ILE B 60 1.40 -0.89 -0.42
N GLY B 61 2.36 -0.72 0.47
CA GLY B 61 2.54 0.56 1.13
C GLY B 61 3.08 1.62 0.20
N LYS B 62 3.55 2.72 0.78
CA LYS B 62 4.21 3.76 0.00
C LYS B 62 5.55 3.27 -0.53
N LEU B 63 5.48 2.57 -1.65
CA LEU B 63 6.66 1.98 -2.26
C LEU B 63 7.47 3.01 -3.02
N ALA B 64 8.51 3.49 -2.36
CA ALA B 64 9.38 4.51 -2.93
C ALA B 64 10.79 3.98 -3.14
N SER B 65 11.03 2.75 -2.66
CA SER B 65 12.34 2.12 -2.77
C SER B 65 12.25 0.65 -2.40
N VAL B 66 11.94 0.39 -1.14
CA VAL B 66 11.76 -0.97 -0.65
C VAL B 66 10.66 -0.99 0.41
N PRO B 67 9.77 -2.00 0.38
CA PRO B 67 8.69 -2.13 1.38
C PRO B 67 9.20 -2.48 2.78
N ALA B 68 9.95 -1.57 3.35
CA ALA B 68 10.41 -1.70 4.71
C ALA B 68 9.94 -0.50 5.53
N GLY B 69 8.99 0.22 4.97
CA GLY B 69 8.44 1.40 5.62
C GLY B 69 7.05 1.16 6.15
N GLY B 70 6.73 -0.10 6.41
CA GLY B 70 5.45 -0.44 6.99
C GLY B 70 5.60 -1.34 8.21
N ALA B 71 4.51 -1.94 8.65
CA ALA B 71 4.54 -2.85 9.78
C ALA B 71 4.66 -4.29 9.29
N VAL B 72 5.58 -5.03 9.89
CA VAL B 72 5.84 -6.41 9.48
C VAL B 72 4.90 -7.37 10.19
N ALA B 73 4.41 -8.36 9.46
CA ALA B 73 3.50 -9.35 10.01
C ALA B 73 4.25 -10.59 10.45
N VAL B 74 4.84 -10.51 11.64
CA VAL B 74 5.60 -11.60 12.23
C VAL B 74 6.91 -11.86 11.47
N SER B 75 7.97 -12.18 12.21
CA SER B 75 9.26 -12.44 11.61
C SER B 75 9.59 -13.92 11.58
N ALA B 76 10.28 -14.36 10.53
CA ALA B 76 10.69 -15.75 10.38
C ALA B 76 11.97 -16.04 11.16
N ALA B 77 12.50 -17.25 10.99
CA ALA B 77 13.64 -17.74 11.76
C ALA B 77 13.28 -17.87 13.24
N PRO B 78 12.64 -18.99 13.61
CA PRO B 78 12.18 -19.26 14.97
C PRO B 78 13.31 -19.28 15.99
N GLY B 79 13.06 -18.67 17.14
CA GLY B 79 14.04 -18.62 18.19
C GLY B 79 13.61 -19.42 19.40
N SER B 80 14.47 -20.30 19.86
CA SER B 80 14.17 -21.15 21.00
C SER B 80 15.22 -21.03 22.08
N ALA B 81 15.14 -21.95 23.02
CA ALA B 81 16.10 -22.08 24.09
C ALA B 81 17.54 -22.09 23.57
N ALA B 82 18.31 -21.09 23.96
CA ALA B 82 19.70 -20.98 23.57
C ALA B 82 20.65 -21.75 24.51
N PRO B 83 20.46 -21.67 25.86
CA PRO B 83 21.32 -22.39 26.81
C PRO B 83 21.42 -23.88 26.51
N ALA B 84 22.65 -24.34 26.28
CA ALA B 84 22.91 -25.74 26.01
C ALA B 84 23.60 -26.38 27.21
N ALA B 85 23.32 -27.65 27.43
CA ALA B 85 23.91 -28.36 28.56
C ALA B 85 25.13 -29.15 28.12
N GLY B 86 26.12 -29.24 29.01
CA GLY B 86 27.31 -29.99 28.69
C GLY B 86 28.57 -29.22 29.03
N SER B 87 28.66 -27.99 28.56
CA SER B 87 29.81 -27.15 28.81
C SER B 87 29.69 -26.44 30.16
N ALA B 88 29.64 -27.25 31.22
CA ALA B 88 29.55 -26.72 32.58
C ALA B 88 30.81 -27.03 33.41
N PRO B 89 31.34 -28.29 33.39
CA PRO B 89 32.57 -28.62 34.10
C PRO B 89 33.80 -28.02 33.42
N ALA B 90 34.88 -27.88 34.19
CA ALA B 90 36.09 -27.25 33.69
C ALA B 90 37.25 -28.25 33.66
N ALA B 91 38.35 -27.84 33.02
CA ALA B 91 39.54 -28.66 32.88
C ALA B 91 39.29 -29.92 32.06
N ALA B 92 40.33 -30.74 31.92
CA ALA B 92 40.26 -32.00 31.17
C ALA B 92 39.80 -31.78 29.73
N GLU B 93 40.66 -31.20 28.93
CA GLU B 93 40.36 -30.90 27.54
C GLU B 93 39.89 -32.14 26.80
N GLU B 94 38.66 -32.09 26.30
CA GLU B 94 38.08 -33.19 25.56
C GLU B 94 38.50 -33.12 24.10
N LYS B 95 38.89 -34.27 23.55
CA LYS B 95 39.34 -34.33 22.16
C LYS B 95 39.00 -35.70 21.56
N LYS B 96 38.91 -35.76 20.24
CA LYS B 96 38.54 -36.99 19.56
C LYS B 96 39.57 -37.32 18.48
N ASP B 97 40.54 -38.17 18.83
CA ASP B 97 41.59 -38.56 17.89
C ASP B 97 41.85 -40.06 18.02
N GLU B 98 41.09 -40.85 17.29
CA GLU B 98 41.15 -42.30 17.40
C GLU B 98 41.15 -42.92 16.00
N LYS B 99 41.96 -43.96 15.82
CA LYS B 99 42.08 -44.62 14.51
C LYS B 99 42.56 -46.06 14.70
N LYS B 100 41.72 -47.03 14.34
CA LYS B 100 42.04 -48.44 14.55
C LYS B 100 42.95 -48.99 13.45
N GLU B 101 43.48 -48.11 12.62
CA GLU B 101 44.23 -48.54 11.45
C GLU B 101 45.72 -48.27 11.59
N GLU B 102 46.12 -47.63 12.68
CA GLU B 102 47.49 -47.32 12.89
C GLU B 102 48.16 -48.41 13.72
N SER B 103 49.11 -49.09 13.11
CA SER B 103 49.83 -50.17 13.74
C SER B 103 50.65 -49.66 14.92
N GLU B 104 50.49 -50.27 16.09
CA GLU B 104 51.11 -49.81 17.33
C GLU B 104 52.57 -49.44 17.13
N GLU B 105 53.36 -50.41 16.67
CA GLU B 105 54.78 -50.20 16.41
C GLU B 105 55.30 -51.26 15.44
N SER B 106 56.56 -51.15 15.04
CA SER B 106 57.15 -52.08 14.10
C SER B 106 57.90 -53.20 14.83
N ASP B 107 58.07 -54.33 14.15
CA ASP B 107 58.73 -55.50 14.73
C ASP B 107 60.07 -55.13 15.37
N ASP B 108 61.02 -54.68 14.55
CA ASP B 108 62.32 -54.24 15.04
C ASP B 108 63.13 -53.58 13.94
N ASP B 109 63.73 -54.38 13.07
CA ASP B 109 64.55 -53.87 11.98
C ASP B 109 63.90 -54.17 10.63
N MET B 110 64.14 -53.30 9.66
CA MET B 110 63.51 -53.43 8.34
C MET B 110 64.54 -53.72 7.25
N GLY B 111 65.61 -54.42 7.59
CA GLY B 111 66.62 -54.76 6.61
C GLY B 111 66.06 -55.59 5.47
N PHE B 112 65.04 -56.39 5.76
CA PHE B 112 64.40 -57.23 4.77
C PHE B 112 63.04 -56.66 4.39
N GLY B 113 62.82 -55.40 4.71
CA GLY B 113 61.56 -54.74 4.40
C GLY B 113 61.76 -53.34 3.90
N LEU B 114 62.85 -53.14 3.16
CA LEU B 114 63.20 -51.85 2.59
C LEU B 114 62.39 -51.59 1.31
N PHE B 115 61.12 -51.93 1.35
CA PHE B 115 60.28 -51.88 0.16
C PHE B 115 58.93 -51.22 0.44
N ASP B 116 58.06 -51.94 1.14
CA ASP B 116 56.70 -51.48 1.37
C ASP B 116 56.44 -51.31 2.86
N MET A 1 -3.62 -18.69 -6.22
CA MET A 1 -2.22 -18.77 -5.75
C MET A 1 -2.00 -17.84 -4.57
N ALA A 2 -1.97 -16.53 -4.81
CA ALA A 2 -1.75 -15.55 -3.74
C ALA A 2 -2.26 -14.17 -4.12
N SER A 3 -3.46 -14.13 -4.69
CA SER A 3 -4.11 -12.87 -5.07
C SER A 3 -3.23 -12.04 -6.01
N VAL A 4 -2.59 -12.70 -6.97
CA VAL A 4 -1.68 -12.04 -7.89
C VAL A 4 -2.45 -11.09 -8.79
N SER A 5 -3.76 -11.28 -8.82
CA SER A 5 -4.65 -10.42 -9.56
C SER A 5 -4.56 -8.97 -9.04
N GLU A 6 -5.03 -8.79 -7.82
CA GLU A 6 -5.04 -7.48 -7.20
C GLU A 6 -3.61 -7.00 -6.97
N LEU A 7 -2.71 -7.95 -6.65
CA LEU A 7 -1.28 -7.65 -6.54
C LEU A 7 -0.79 -6.93 -7.81
N ALA A 8 -1.02 -7.54 -8.96
CA ALA A 8 -0.59 -6.98 -10.24
C ALA A 8 -1.19 -5.60 -10.48
N CYS A 9 -2.48 -5.45 -10.20
CA CYS A 9 -3.14 -4.17 -10.38
C CYS A 9 -2.52 -3.09 -9.50
N ILE A 10 -2.15 -3.47 -8.28
CA ILE A 10 -1.57 -2.52 -7.35
C ILE A 10 -0.16 -2.12 -7.74
N TYR A 11 0.65 -3.07 -8.16
CA TYR A 11 2.03 -2.78 -8.49
C TYR A 11 2.12 -2.06 -9.83
N SER A 12 1.10 -2.22 -10.66
CA SER A 12 1.01 -1.42 -11.89
C SER A 12 0.58 0.01 -11.56
N ALA A 13 -0.37 0.15 -10.62
CA ALA A 13 -0.71 1.47 -10.04
C ALA A 13 0.58 2.18 -9.61
N LEU A 14 1.39 1.47 -8.83
CA LEU A 14 2.64 1.99 -8.30
C LEU A 14 3.59 2.41 -9.43
N ILE A 15 3.79 1.51 -10.39
CA ILE A 15 4.64 1.81 -11.54
C ILE A 15 4.20 3.08 -12.26
N LEU A 16 3.00 3.04 -12.82
CA LEU A 16 2.54 4.10 -13.70
C LEU A 16 2.42 5.44 -12.98
N HIS A 17 2.23 5.42 -11.67
CA HIS A 17 2.11 6.66 -10.92
C HIS A 17 3.39 7.51 -10.97
N ASP A 18 4.54 6.86 -10.95
CA ASP A 18 5.81 7.57 -10.74
C ASP A 18 6.59 7.74 -12.04
N ASP A 19 6.11 7.11 -13.09
CA ASP A 19 6.80 7.09 -14.37
C ASP A 19 6.46 8.30 -15.23
N GLU A 20 6.33 9.47 -14.59
CA GLU A 20 5.97 10.71 -15.27
C GLU A 20 4.75 10.51 -16.16
N VAL A 21 3.88 9.59 -15.76
CA VAL A 21 2.80 9.14 -16.60
C VAL A 21 1.50 9.02 -15.82
N THR A 22 0.38 9.25 -16.49
CA THR A 22 -0.93 9.09 -15.91
C THR A 22 -1.41 7.65 -16.04
N VAL A 23 -1.98 7.10 -14.97
CA VAL A 23 -2.49 5.74 -14.99
C VAL A 23 -3.81 5.66 -15.74
N THR A 24 -3.82 4.93 -16.85
CA THR A 24 -5.02 4.78 -17.65
C THR A 24 -5.26 3.32 -18.01
N GLU A 25 -6.49 3.02 -18.46
CA GLU A 25 -6.91 1.66 -18.80
C GLU A 25 -5.87 0.93 -19.65
N ASP A 26 -5.49 1.56 -20.74
CA ASP A 26 -4.52 0.99 -21.68
C ASP A 26 -3.21 0.64 -20.99
N LYS A 27 -2.78 1.49 -20.07
CA LYS A 27 -1.46 1.35 -19.49
C LYS A 27 -1.44 0.27 -18.42
N ILE A 28 -2.47 0.23 -17.58
CA ILE A 28 -2.57 -0.84 -16.59
C ILE A 28 -2.70 -2.18 -17.28
N ASN A 29 -3.59 -2.26 -18.27
CA ASN A 29 -3.78 -3.51 -19.01
C ASN A 29 -2.50 -3.92 -19.74
N ALA A 30 -1.73 -2.94 -20.19
CA ALA A 30 -0.45 -3.22 -20.84
C ALA A 30 0.55 -3.81 -19.84
N LEU A 31 0.75 -3.11 -18.72
CA LEU A 31 1.65 -3.59 -17.67
C LEU A 31 1.15 -4.92 -17.12
N ILE A 32 -0.16 -5.09 -17.11
CA ILE A 32 -0.79 -6.32 -16.66
C ILE A 32 -0.52 -7.47 -17.64
N LYS A 33 -0.44 -7.18 -18.94
CA LYS A 33 -0.05 -8.19 -19.91
C LYS A 33 1.44 -8.48 -19.81
N ALA A 34 2.19 -7.48 -19.37
CA ALA A 34 3.64 -7.61 -19.22
C ALA A 34 4.01 -8.54 -18.07
N ALA A 35 3.44 -8.32 -16.89
CA ALA A 35 3.81 -9.12 -15.72
C ALA A 35 2.62 -9.64 -14.93
N GLY A 36 1.45 -9.60 -15.52
CA GLY A 36 0.27 -10.11 -14.85
C GLY A 36 0.02 -11.57 -15.17
N VAL A 37 0.54 -12.44 -14.31
CA VAL A 37 0.39 -13.89 -14.49
C VAL A 37 -1.09 -14.30 -14.62
N ASN A 38 -1.94 -13.72 -13.77
CA ASN A 38 -3.39 -13.89 -13.88
C ASN A 38 -4.13 -12.79 -13.14
N VAL A 39 -5.04 -12.13 -13.84
CA VAL A 39 -5.86 -11.08 -13.28
C VAL A 39 -7.03 -10.81 -14.24
N GLU A 40 -8.25 -10.97 -13.74
CA GLU A 40 -9.44 -10.73 -14.55
C GLU A 40 -9.52 -9.24 -14.91
N PRO A 41 -9.70 -8.92 -16.21
CA PRO A 41 -9.64 -7.54 -16.73
C PRO A 41 -10.56 -6.56 -16.01
N PHE A 42 -11.41 -7.10 -15.15
CA PHE A 42 -12.34 -6.32 -14.37
C PHE A 42 -11.58 -5.50 -13.33
N TRP A 43 -10.54 -6.09 -12.73
CA TRP A 43 -9.71 -5.38 -11.77
C TRP A 43 -8.89 -4.28 -12.46
N PRO A 44 -8.09 -4.63 -13.50
CA PRO A 44 -7.32 -3.63 -14.27
C PRO A 44 -8.17 -2.43 -14.71
N GLY A 45 -9.31 -2.72 -15.35
CA GLY A 45 -10.19 -1.66 -15.81
C GLY A 45 -10.74 -0.84 -14.66
N LEU A 46 -11.27 -1.54 -13.66
CA LEU A 46 -11.81 -0.90 -12.48
C LEU A 46 -10.77 0.02 -11.84
N PHE A 47 -9.55 -0.49 -11.67
CA PHE A 47 -8.52 0.23 -10.97
C PHE A 47 -8.07 1.46 -11.77
N ALA A 48 -7.88 1.27 -13.07
CA ALA A 48 -7.47 2.36 -13.94
C ALA A 48 -8.50 3.50 -13.92
N LYS A 49 -9.78 3.15 -13.82
CA LYS A 49 -10.81 4.18 -13.70
C LYS A 49 -11.12 4.46 -12.23
N ALA A 50 -10.46 3.73 -11.33
CA ALA A 50 -10.62 3.93 -9.90
C ALA A 50 -9.74 5.06 -9.40
N LEU A 51 -8.50 5.13 -9.86
CA LEU A 51 -7.65 6.25 -9.45
C LEU A 51 -7.87 7.44 -10.40
N ALA A 52 -6.79 8.05 -10.89
CA ALA A 52 -6.86 9.19 -11.84
C ALA A 52 -7.47 10.44 -11.19
N ASN A 53 -8.03 10.26 -10.00
CA ASN A 53 -8.59 11.37 -9.23
C ASN A 53 -7.98 11.34 -7.85
N VAL A 54 -7.86 10.13 -7.32
CA VAL A 54 -7.08 9.87 -6.12
C VAL A 54 -5.61 9.76 -6.48
N ASN A 55 -4.80 10.68 -5.95
CA ASN A 55 -3.39 10.80 -6.32
C ASN A 55 -2.68 9.46 -6.41
N ILE A 56 -2.49 8.79 -5.28
CA ILE A 56 -1.77 7.53 -5.27
C ILE A 56 -2.16 6.65 -4.08
N GLY A 57 -2.14 7.24 -2.88
CA GLY A 57 -2.34 6.48 -1.64
C GLY A 57 -3.59 5.62 -1.64
N SER A 58 -4.53 5.97 -2.50
CA SER A 58 -5.77 5.25 -2.62
C SER A 58 -5.53 3.80 -3.06
N LEU A 59 -4.32 3.51 -3.52
CA LEU A 59 -4.00 2.17 -3.98
C LEU A 59 -3.97 1.18 -2.81
N ILE A 60 -3.86 1.66 -1.58
CA ILE A 60 -3.95 0.78 -0.42
C ILE A 60 -5.37 0.89 0.19
N CYS A 61 -6.35 1.18 -0.65
CA CYS A 61 -7.74 1.16 -0.22
C CYS A 61 -8.21 -0.27 -0.01
N ASN A 62 -8.85 -0.51 1.13
CA ASN A 62 -9.39 -1.83 1.45
C ASN A 62 -10.64 -2.12 0.62
N VAL A 63 -10.44 -2.20 -0.69
CA VAL A 63 -11.51 -2.55 -1.62
C VAL A 63 -12.10 -3.92 -1.28
N GLY A 64 -11.35 -4.99 -1.58
CA GLY A 64 -11.81 -6.33 -1.27
C GLY A 64 -12.97 -6.77 -2.14
N ALA A 65 -13.34 -8.03 -2.03
CA ALA A 65 -14.44 -8.59 -2.79
C ALA A 65 -14.96 -9.86 -2.14
N GLY A 66 -16.28 -10.01 -2.14
CA GLY A 66 -16.90 -11.19 -1.55
C GLY A 66 -16.84 -12.39 -2.46
N GLY A 67 -15.62 -12.80 -2.79
CA GLY A 67 -15.42 -13.95 -3.66
C GLY A 67 -15.49 -15.26 -2.90
N PRO A 68 -14.53 -15.52 -1.99
CA PRO A 68 -14.53 -16.72 -1.15
C PRO A 68 -15.64 -16.67 -0.10
N ALA A 69 -16.84 -17.04 -0.53
CA ALA A 69 -18.00 -17.05 0.35
C ALA A 69 -18.16 -18.41 1.03
N PRO A 70 -18.83 -18.46 2.20
CA PRO A 70 -19.04 -19.72 2.94
C PRO A 70 -19.57 -20.85 2.06
N ALA A 71 -20.73 -20.62 1.44
CA ALA A 71 -21.38 -21.60 0.56
C ALA A 71 -21.78 -22.86 1.33
N ALA A 72 -23.07 -23.06 1.47
CA ALA A 72 -23.59 -24.19 2.22
C ALA A 72 -24.18 -25.25 1.29
N GLY A 73 -23.53 -26.40 1.23
CA GLY A 73 -24.03 -27.48 0.41
C GLY A 73 -24.36 -28.72 1.21
N ALA A 74 -25.39 -28.62 2.04
CA ALA A 74 -25.80 -29.73 2.90
C ALA A 74 -27.30 -29.69 3.17
N ALA A 75 -27.94 -30.84 3.05
CA ALA A 75 -29.37 -30.95 3.30
C ALA A 75 -29.72 -32.37 3.75
N PRO A 76 -30.44 -32.48 4.88
CA PRO A 76 -30.86 -33.78 5.45
C PRO A 76 -31.82 -34.55 4.55
N ALA A 77 -32.31 -33.88 3.51
CA ALA A 77 -33.23 -34.49 2.56
C ALA A 77 -32.49 -35.24 1.47
N GLY A 78 -32.31 -36.54 1.66
CA GLY A 78 -31.61 -37.35 0.67
C GLY A 78 -32.50 -37.78 -0.49
N GLY A 79 -33.80 -37.88 -0.25
CA GLY A 79 -34.72 -38.24 -1.31
C GLY A 79 -36.18 -38.16 -0.89
N PRO A 80 -36.73 -36.96 -0.72
CA PRO A 80 -38.11 -36.80 -0.27
C PRO A 80 -39.11 -36.81 -1.41
N ALA A 81 -39.88 -37.88 -1.50
CA ALA A 81 -40.93 -37.99 -2.51
C ALA A 81 -42.26 -38.34 -1.86
N PRO A 82 -42.98 -37.32 -1.36
CA PRO A 82 -44.31 -37.49 -0.78
C PRO A 82 -45.32 -38.03 -1.78
N SER A 83 -45.51 -39.34 -1.76
CA SER A 83 -46.44 -40.01 -2.67
C SER A 83 -47.82 -40.14 -2.03
N THR A 84 -48.12 -39.27 -1.08
CA THR A 84 -49.41 -39.26 -0.37
C THR A 84 -49.51 -40.44 0.59
N ALA A 85 -49.42 -41.65 0.07
CA ALA A 85 -49.54 -42.85 0.89
C ALA A 85 -48.50 -43.87 0.48
N ALA A 86 -48.05 -44.66 1.45
CA ALA A 86 -47.05 -45.69 1.21
C ALA A 86 -47.09 -46.73 2.33
N ALA A 87 -47.68 -47.88 2.04
CA ALA A 87 -47.83 -48.93 3.05
C ALA A 87 -47.48 -50.29 2.46
N PRO A 88 -46.99 -51.23 3.31
CA PRO A 88 -46.74 -52.62 2.91
C PRO A 88 -47.99 -53.28 2.35
N ALA A 89 -47.81 -54.11 1.32
CA ALA A 89 -48.92 -54.74 0.62
C ALA A 89 -49.41 -56.00 1.35
N GLU A 90 -49.47 -55.93 2.68
CA GLU A 90 -49.94 -57.03 3.48
C GLU A 90 -51.26 -56.68 4.14
N GLU A 91 -52.26 -57.51 3.91
CA GLU A 91 -53.59 -57.22 4.40
C GLU A 91 -53.97 -58.18 5.54
N LYS A 92 -55.26 -58.48 5.65
CA LYS A 92 -55.77 -59.38 6.67
C LYS A 92 -55.18 -60.78 6.52
N LYS A 93 -54.30 -61.14 7.45
CA LYS A 93 -53.74 -62.49 7.46
C LYS A 93 -54.33 -63.26 8.63
N VAL A 94 -54.70 -64.51 8.39
CA VAL A 94 -55.39 -65.30 9.38
C VAL A 94 -54.43 -66.27 10.09
N GLU A 95 -54.51 -66.26 11.42
CA GLU A 95 -53.65 -67.11 12.24
C GLU A 95 -54.34 -68.43 12.57
N ALA A 96 -55.66 -68.43 12.47
CA ALA A 96 -56.45 -69.56 12.97
C ALA A 96 -57.19 -70.31 11.86
N LYS A 97 -58.10 -69.62 11.18
CA LYS A 97 -58.95 -70.28 10.20
C LYS A 97 -58.71 -69.73 8.80
N LYS A 98 -58.91 -70.58 7.80
CA LYS A 98 -58.69 -70.26 6.39
C LYS A 98 -57.20 -70.15 6.06
N GLU A 99 -56.91 -69.79 4.81
CA GLU A 99 -55.54 -69.69 4.28
C GLU A 99 -54.95 -71.08 4.02
N GLU A 100 -54.02 -71.12 3.09
CA GLU A 100 -53.47 -72.37 2.60
C GLU A 100 -52.45 -72.98 3.56
N SER A 101 -52.47 -74.29 3.68
CA SER A 101 -51.56 -75.01 4.56
C SER A 101 -50.98 -76.22 3.84
N GLU A 102 -50.29 -77.07 4.58
CA GLU A 102 -49.68 -78.27 4.02
C GLU A 102 -50.62 -79.47 4.17
N GLU A 103 -50.41 -80.48 3.32
CA GLU A 103 -51.19 -81.74 3.31
C GLU A 103 -52.68 -81.53 3.58
N SER A 104 -53.25 -80.56 2.89
CA SER A 104 -54.67 -80.24 3.03
C SER A 104 -55.19 -79.59 1.75
N ASP A 105 -56.50 -79.57 1.59
CA ASP A 105 -57.11 -78.96 0.42
C ASP A 105 -58.29 -78.07 0.80
N ASP A 106 -58.93 -77.48 -0.21
CA ASP A 106 -60.00 -76.50 -0.05
C ASP A 106 -61.11 -76.98 0.89
N ASP A 107 -61.56 -76.10 1.78
CA ASP A 107 -62.72 -76.38 2.61
C ASP A 107 -63.91 -75.60 2.06
N MET A 108 -65.09 -76.19 2.14
CA MET A 108 -66.29 -75.59 1.57
C MET A 108 -66.87 -74.54 2.52
N GLY A 109 -66.11 -73.48 2.74
CA GLY A 109 -66.55 -72.42 3.61
C GLY A 109 -66.79 -71.12 2.89
N PHE A 110 -68.05 -70.80 2.64
CA PHE A 110 -68.40 -69.52 2.05
C PHE A 110 -67.93 -68.39 2.95
N GLY A 111 -67.33 -67.37 2.34
CA GLY A 111 -66.62 -66.37 3.12
C GLY A 111 -65.13 -66.43 2.84
N LEU A 112 -64.75 -67.25 1.86
CA LEU A 112 -63.36 -67.39 1.45
C LEU A 112 -63.02 -66.34 0.39
N PHE A 113 -64.04 -65.93 -0.36
CA PHE A 113 -63.88 -64.93 -1.40
C PHE A 113 -64.89 -63.81 -1.17
N ASP A 114 -65.36 -63.72 0.05
CA ASP A 114 -66.35 -62.72 0.42
C ASP A 114 -65.74 -61.77 1.45
N ALA B 1 9.81 7.69 -6.88
CA ALA B 1 10.72 6.53 -6.75
C ALA B 1 9.94 5.22 -6.71
N MET B 2 9.10 4.99 -7.70
CA MET B 2 8.23 3.80 -7.72
C MET B 2 8.46 2.98 -8.99
N ARG B 3 9.31 3.50 -9.88
CA ARG B 3 9.44 2.99 -11.25
C ARG B 3 10.26 1.70 -11.36
N TYR B 4 10.79 1.20 -10.26
CA TYR B 4 11.64 0.00 -10.33
C TYR B 4 11.21 -1.07 -9.31
N VAL B 5 10.90 -0.64 -8.10
CA VAL B 5 10.53 -1.57 -7.05
C VAL B 5 9.31 -2.41 -7.44
N ALA B 6 8.24 -1.76 -7.90
CA ALA B 6 7.02 -2.46 -8.27
C ALA B 6 7.21 -3.24 -9.57
N SER B 7 8.26 -2.91 -10.30
CA SER B 7 8.63 -3.64 -11.49
C SER B 7 9.16 -5.02 -11.11
N TYR B 8 10.08 -5.04 -10.14
CA TYR B 8 10.60 -6.30 -9.60
C TYR B 8 9.46 -7.08 -8.96
N LEU B 9 8.60 -6.35 -8.26
CA LEU B 9 7.44 -6.95 -7.61
C LEU B 9 6.55 -7.68 -8.62
N LEU B 10 6.16 -6.97 -9.70
CA LEU B 10 5.32 -7.56 -10.74
C LEU B 10 5.98 -8.79 -11.34
N ALA B 11 7.21 -8.61 -11.81
CA ALA B 11 7.93 -9.68 -12.49
C ALA B 11 8.10 -10.92 -11.62
N ALA B 12 8.24 -10.73 -10.30
CA ALA B 12 8.40 -11.85 -9.40
C ALA B 12 7.06 -12.55 -9.15
N LEU B 13 5.99 -11.78 -8.92
CA LEU B 13 4.66 -12.38 -8.73
C LEU B 13 4.19 -13.07 -10.00
N GLY B 14 4.76 -12.64 -11.13
CA GLY B 14 4.45 -13.26 -12.41
C GLY B 14 4.90 -14.71 -12.50
N GLY B 15 5.73 -15.13 -11.56
CA GLY B 15 6.13 -16.52 -11.51
C GLY B 15 7.62 -16.73 -11.70
N ASN B 16 8.38 -15.64 -11.67
CA ASN B 16 9.82 -15.74 -11.86
C ASN B 16 10.58 -15.18 -10.65
N SER B 17 11.05 -16.09 -9.80
CA SER B 17 11.59 -15.76 -8.47
C SER B 17 12.53 -14.56 -8.49
N SER B 18 13.49 -14.58 -9.40
CA SER B 18 14.47 -13.51 -9.47
C SER B 18 14.32 -12.74 -10.79
N PRO B 19 13.42 -11.76 -10.81
CA PRO B 19 13.20 -10.87 -11.97
C PRO B 19 14.48 -10.35 -12.59
N SER B 20 14.67 -10.64 -13.88
CA SER B 20 15.83 -10.18 -14.60
C SER B 20 15.68 -8.71 -14.94
N ALA B 21 16.81 -8.02 -14.99
CA ALA B 21 16.85 -6.61 -15.38
C ALA B 21 16.21 -6.43 -16.76
N LYS B 22 16.31 -7.48 -17.56
CA LYS B 22 15.70 -7.50 -18.90
C LYS B 22 14.19 -7.47 -18.79
N ASP B 23 13.68 -8.18 -17.80
CA ASP B 23 12.25 -8.29 -17.58
C ASP B 23 11.69 -7.00 -17.02
N ILE B 24 12.39 -6.41 -16.07
CA ILE B 24 11.96 -5.14 -15.50
C ILE B 24 11.99 -4.07 -16.58
N LYS B 25 13.07 -4.06 -17.36
CA LYS B 25 13.18 -3.18 -18.51
C LYS B 25 11.95 -3.33 -19.40
N LYS B 26 11.75 -4.55 -19.90
CA LYS B 26 10.61 -4.89 -20.75
C LYS B 26 9.30 -4.45 -20.11
N ILE B 27 9.11 -4.83 -18.85
CA ILE B 27 7.89 -4.54 -18.11
C ILE B 27 7.60 -3.04 -18.08
N LEU B 28 8.65 -2.23 -17.95
CA LEU B 28 8.46 -0.79 -17.86
C LEU B 28 8.13 -0.20 -19.24
N ASP B 29 8.89 -0.58 -20.27
CA ASP B 29 8.63 -0.03 -21.60
C ASP B 29 7.59 -0.85 -22.36
N SER B 30 6.91 -1.75 -21.64
CA SER B 30 5.69 -2.37 -22.14
C SER B 30 4.66 -1.30 -22.51
N VAL B 31 4.65 -0.21 -21.74
CA VAL B 31 3.77 0.92 -22.04
C VAL B 31 4.50 1.96 -22.88
N GLY B 32 5.67 2.37 -22.43
CA GLY B 32 6.48 3.29 -23.20
C GLY B 32 7.15 4.38 -22.39
N ILE B 33 7.47 4.08 -21.14
CA ILE B 33 8.22 5.04 -20.33
C ILE B 33 9.68 4.59 -20.26
N GLU B 34 10.59 5.55 -20.14
CA GLU B 34 12.03 5.27 -20.26
C GLU B 34 12.62 4.85 -18.92
N ALA B 35 13.67 4.04 -19.00
CA ALA B 35 14.33 3.50 -17.82
C ALA B 35 15.86 3.60 -17.95
N ASP B 36 16.56 3.53 -16.84
CA ASP B 36 18.02 3.59 -16.83
C ASP B 36 18.61 2.25 -16.41
N ASP B 37 19.49 1.72 -17.26
CA ASP B 37 20.01 0.36 -17.14
C ASP B 37 20.81 0.14 -15.85
N ASP B 38 21.77 1.01 -15.56
CA ASP B 38 22.65 0.78 -14.42
C ASP B 38 21.92 1.08 -13.12
N ARG B 39 21.03 2.06 -13.15
CA ARG B 39 20.24 2.40 -11.98
C ARG B 39 19.26 1.27 -11.64
N LEU B 40 18.56 0.74 -12.66
CA LEU B 40 17.60 -0.32 -12.40
C LEU B 40 18.31 -1.58 -11.92
N ASN B 41 19.49 -1.86 -12.48
CA ASN B 41 20.26 -3.01 -12.07
C ASN B 41 20.76 -2.85 -10.65
N LYS B 42 21.14 -1.63 -10.28
CA LYS B 42 21.61 -1.37 -8.93
C LYS B 42 20.49 -1.58 -7.92
N VAL B 43 19.29 -1.06 -8.21
CA VAL B 43 18.18 -1.19 -7.28
C VAL B 43 17.70 -2.64 -7.26
N ILE B 44 17.82 -3.29 -8.40
CA ILE B 44 17.50 -4.70 -8.51
C ILE B 44 18.55 -5.55 -7.81
N SER B 45 19.78 -5.06 -7.78
CA SER B 45 20.84 -5.69 -7.01
C SER B 45 20.52 -5.59 -5.52
N GLU B 46 19.84 -4.50 -5.15
CA GLU B 46 19.36 -4.35 -3.79
C GLU B 46 18.15 -5.25 -3.54
N LEU B 47 17.37 -5.48 -4.60
CA LEU B 47 16.20 -6.36 -4.55
C LEU B 47 16.58 -7.82 -4.79
N ASN B 48 17.86 -8.07 -4.97
CA ASN B 48 18.34 -9.36 -5.50
C ASN B 48 18.35 -10.45 -4.44
N GLY B 49 18.17 -10.07 -3.19
CA GLY B 49 18.25 -11.03 -2.11
C GLY B 49 16.91 -11.71 -1.81
N LYS B 50 16.57 -11.77 -0.54
CA LYS B 50 15.31 -12.34 -0.12
C LYS B 50 14.30 -11.20 0.13
N ASN B 51 13.29 -11.46 0.95
CA ASN B 51 12.32 -10.43 1.38
C ASN B 51 11.31 -10.09 0.28
N ILE B 52 11.70 -10.27 -0.98
CA ILE B 52 10.78 -10.07 -2.10
C ILE B 52 9.52 -10.93 -1.93
N GLU B 53 9.73 -12.14 -1.43
CA GLU B 53 8.63 -13.05 -1.13
C GLU B 53 7.63 -12.38 -0.20
N ASP B 54 8.15 -11.82 0.88
CA ASP B 54 7.33 -11.19 1.91
C ASP B 54 6.65 -9.93 1.38
N VAL B 55 7.43 -9.11 0.69
CA VAL B 55 6.96 -7.82 0.19
C VAL B 55 5.80 -7.98 -0.79
N ILE B 56 5.83 -9.06 -1.57
CA ILE B 56 4.74 -9.34 -2.50
C ILE B 56 3.57 -9.98 -1.77
N ALA B 57 3.88 -10.90 -0.85
CA ALA B 57 2.86 -11.61 -0.10
C ALA B 57 1.93 -10.65 0.65
N GLN B 58 2.52 -9.74 1.42
CA GLN B 58 1.73 -8.77 2.17
C GLN B 58 2.59 -7.58 2.57
N GLY B 59 2.86 -6.71 1.61
CA GLY B 59 3.74 -5.59 1.87
C GLY B 59 3.86 -4.66 0.68
N ILE B 60 2.71 -4.15 0.22
CA ILE B 60 2.62 -3.24 -0.94
C ILE B 60 3.87 -2.37 -1.08
N GLY B 61 4.22 -1.65 -0.03
CA GLY B 61 5.54 -1.05 0.02
C GLY B 61 5.55 0.33 0.62
N LYS B 62 6.70 0.99 0.51
CA LYS B 62 6.87 2.35 1.00
C LYS B 62 6.40 3.35 -0.03
N LEU B 63 5.73 2.85 -1.07
CA LEU B 63 5.23 3.69 -2.15
C LEU B 63 4.37 4.82 -1.60
N ALA B 64 3.17 4.46 -1.19
CA ALA B 64 2.27 5.41 -0.56
C ALA B 64 1.54 4.77 0.63
N SER B 65 2.27 4.57 1.73
CA SER B 65 1.72 3.94 2.91
C SER B 65 0.98 4.96 3.78
N VAL B 66 -0.34 4.96 3.67
CA VAL B 66 -1.18 5.86 4.45
C VAL B 66 -1.90 5.11 5.56
N PRO B 67 -1.89 5.65 6.79
CA PRO B 67 -2.61 5.06 7.92
C PRO B 67 -4.13 5.09 7.71
N ALA B 68 -4.71 3.90 7.59
CA ALA B 68 -6.15 3.75 7.50
C ALA B 68 -6.84 4.31 8.75
N GLY B 69 -8.02 4.89 8.56
CA GLY B 69 -8.73 5.53 9.66
C GLY B 69 -9.45 4.56 10.57
N GLY B 70 -8.72 3.57 11.07
CA GLY B 70 -9.27 2.61 12.03
C GLY B 70 -10.45 1.83 11.47
N ALA B 71 -11.55 1.85 12.23
CA ALA B 71 -12.79 1.19 11.85
C ALA B 71 -12.57 -0.30 11.58
N VAL B 72 -12.05 -1.00 12.58
CA VAL B 72 -11.69 -2.40 12.45
C VAL B 72 -12.82 -3.30 12.91
N ALA B 73 -13.10 -4.34 12.15
CA ALA B 73 -14.15 -5.28 12.46
C ALA B 73 -13.81 -6.66 11.93
N VAL B 74 -13.87 -7.66 12.78
CA VAL B 74 -13.52 -9.02 12.39
C VAL B 74 -14.72 -9.96 12.49
N SER B 75 -15.54 -9.96 11.43
CA SER B 75 -16.70 -10.86 11.32
C SER B 75 -17.51 -10.98 12.61
N ALA B 76 -18.00 -9.86 13.09
CA ALA B 76 -18.82 -9.83 14.30
C ALA B 76 -20.25 -10.26 13.99
N ALA B 77 -20.47 -11.57 13.97
CA ALA B 77 -21.80 -12.12 13.71
C ALA B 77 -22.37 -12.77 14.96
N PRO B 78 -23.45 -12.18 15.52
CA PRO B 78 -24.15 -12.75 16.67
C PRO B 78 -24.83 -14.07 16.33
N GLY B 79 -24.81 -14.99 17.27
CA GLY B 79 -25.41 -16.28 17.03
C GLY B 79 -25.63 -17.07 18.30
N SER B 80 -26.33 -18.19 18.19
CA SER B 80 -26.61 -19.05 19.32
C SER B 80 -26.96 -20.45 18.86
N ALA B 81 -27.48 -21.25 19.79
CA ALA B 81 -27.97 -22.58 19.50
C ALA B 81 -29.00 -22.59 18.37
N ALA B 82 -29.01 -23.68 17.60
CA ALA B 82 -29.95 -23.82 16.50
C ALA B 82 -31.27 -24.43 16.98
N PRO B 83 -32.41 -23.82 16.59
CA PRO B 83 -33.74 -24.31 16.97
C PRO B 83 -34.08 -25.65 16.29
N ALA B 84 -34.73 -26.53 17.03
CA ALA B 84 -35.11 -27.85 16.52
C ALA B 84 -36.56 -28.16 16.86
N ALA B 85 -37.15 -29.08 16.10
CA ALA B 85 -38.54 -29.46 16.29
C ALA B 85 -38.78 -30.89 15.81
N GLY B 86 -39.72 -31.57 16.46
CA GLY B 86 -40.06 -32.93 16.06
C GLY B 86 -41.53 -33.07 15.69
N SER B 87 -42.39 -33.08 16.71
CA SER B 87 -43.86 -33.15 16.57
C SER B 87 -44.32 -34.45 15.90
N ALA B 88 -45.13 -35.21 16.63
CA ALA B 88 -45.69 -36.45 16.13
C ALA B 88 -47.22 -36.42 16.22
N PRO B 89 -47.92 -37.04 15.24
CA PRO B 89 -49.39 -37.06 15.21
C PRO B 89 -49.99 -37.93 16.31
N ALA B 90 -51.08 -37.46 16.91
CA ALA B 90 -51.75 -38.20 17.97
C ALA B 90 -53.15 -38.63 17.53
N ALA B 91 -53.48 -39.89 17.77
CA ALA B 91 -54.78 -40.43 17.39
C ALA B 91 -55.71 -40.47 18.60
N ALA B 92 -56.92 -40.98 18.40
CA ALA B 92 -57.90 -41.03 19.47
C ALA B 92 -58.34 -42.46 19.76
N GLU B 93 -57.60 -43.12 20.65
CA GLU B 93 -57.95 -44.46 21.11
C GLU B 93 -59.34 -44.47 21.74
N GLU B 94 -60.04 -45.59 21.58
CA GLU B 94 -61.38 -45.79 22.11
C GLU B 94 -62.39 -44.85 21.45
N LYS B 95 -63.24 -45.43 20.60
CA LYS B 95 -64.21 -44.64 19.84
C LYS B 95 -65.63 -45.20 19.98
N LYS B 96 -65.75 -46.52 19.97
CA LYS B 96 -67.07 -47.14 19.95
C LYS B 96 -67.35 -47.99 21.19
N ASP B 97 -67.64 -47.32 22.30
CA ASP B 97 -68.16 -47.97 23.49
C ASP B 97 -68.83 -46.97 24.41
N GLU B 98 -70.03 -47.32 24.83
CA GLU B 98 -70.88 -46.45 25.62
C GLU B 98 -72.20 -47.15 25.88
N LYS B 99 -72.58 -48.00 24.94
CA LYS B 99 -73.84 -48.70 25.01
C LYS B 99 -73.63 -50.17 24.69
N LYS B 100 -73.86 -51.01 25.68
CA LYS B 100 -73.76 -52.45 25.50
C LYS B 100 -74.76 -53.17 26.40
N GLU B 101 -74.75 -52.84 27.68
CA GLU B 101 -75.70 -53.37 28.65
C GLU B 101 -75.57 -54.89 28.77
N GLU B 102 -76.33 -55.60 27.95
CA GLU B 102 -76.32 -57.04 27.94
C GLU B 102 -74.91 -57.57 27.66
N SER B 103 -74.35 -58.27 28.63
CA SER B 103 -73.01 -58.78 28.52
C SER B 103 -73.01 -60.30 28.42
N GLU B 104 -71.87 -60.86 28.00
CA GLU B 104 -71.72 -62.31 27.80
C GLU B 104 -72.64 -62.78 26.67
N GLU B 105 -72.77 -64.10 26.53
CA GLU B 105 -73.63 -64.67 25.51
C GLU B 105 -74.76 -65.47 26.15
N SER B 106 -75.92 -65.44 25.50
CA SER B 106 -77.13 -66.02 26.09
C SER B 106 -77.02 -67.53 26.27
N ASP B 107 -77.44 -68.01 27.42
CA ASP B 107 -77.38 -69.42 27.77
C ASP B 107 -78.78 -69.92 28.09
N ASP B 108 -79.59 -70.11 27.06
CA ASP B 108 -81.00 -70.44 27.21
C ASP B 108 -81.22 -71.94 27.31
N ASP B 109 -80.71 -72.54 28.38
CA ASP B 109 -80.97 -73.93 28.68
C ASP B 109 -81.83 -74.02 29.93
N MET B 110 -82.34 -75.21 30.24
CA MET B 110 -83.20 -75.40 31.40
C MET B 110 -82.36 -75.67 32.66
N GLY B 111 -81.20 -75.01 32.73
CA GLY B 111 -80.35 -75.12 33.90
C GLY B 111 -79.70 -76.47 34.04
N PHE B 112 -79.65 -77.20 32.93
CA PHE B 112 -79.07 -78.54 32.90
C PHE B 112 -79.70 -79.46 33.94
N GLY B 113 -80.94 -79.16 34.33
CA GLY B 113 -81.62 -79.96 35.32
C GLY B 113 -83.12 -79.86 35.19
N LEU B 114 -83.74 -80.86 34.58
CA LEU B 114 -85.20 -80.90 34.42
C LEU B 114 -85.88 -81.23 35.73
N PHE B 115 -85.10 -81.28 36.78
CA PHE B 115 -85.58 -81.66 38.10
C PHE B 115 -86.44 -80.55 38.71
N ASP B 116 -85.94 -79.33 38.64
CA ASP B 116 -86.63 -78.17 39.21
C ASP B 116 -86.15 -76.89 38.55
N MET A 1 3.02 -15.53 -0.41
CA MET A 1 2.23 -15.43 -1.67
C MET A 1 0.77 -15.13 -1.36
N ALA A 2 0.09 -14.41 -2.25
CA ALA A 2 -1.31 -14.02 -2.03
C ALA A 2 -2.04 -13.83 -3.36
N SER A 3 -3.11 -13.04 -3.34
CA SER A 3 -3.92 -12.80 -4.53
C SER A 3 -3.11 -12.10 -5.63
N VAL A 4 -2.70 -12.86 -6.64
CA VAL A 4 -1.83 -12.36 -7.70
C VAL A 4 -2.56 -11.29 -8.49
N SER A 5 -3.88 -11.36 -8.44
CA SER A 5 -4.74 -10.41 -9.11
C SER A 5 -4.51 -8.98 -8.59
N GLU A 6 -4.82 -8.79 -7.31
CA GLU A 6 -4.64 -7.49 -6.68
C GLU A 6 -3.16 -7.11 -6.67
N LEU A 7 -2.30 -8.09 -6.39
CA LEU A 7 -0.86 -7.89 -6.44
C LEU A 7 -0.45 -7.23 -7.75
N ALA A 8 -0.77 -7.89 -8.85
CA ALA A 8 -0.41 -7.39 -10.17
C ALA A 8 -0.98 -6.00 -10.42
N CYS A 9 -2.28 -5.84 -10.21
CA CYS A 9 -2.94 -4.57 -10.52
C CYS A 9 -2.44 -3.43 -9.63
N ILE A 10 -2.17 -3.74 -8.37
CA ILE A 10 -1.77 -2.70 -7.42
C ILE A 10 -0.32 -2.28 -7.65
N TYR A 11 0.53 -3.23 -8.02
CA TYR A 11 1.92 -2.90 -8.32
C TYR A 11 2.00 -2.19 -9.66
N SER A 12 1.06 -2.49 -10.55
CA SER A 12 0.95 -1.76 -11.80
C SER A 12 0.57 -0.30 -11.53
N ALA A 13 -0.37 -0.12 -10.60
CA ALA A 13 -0.70 1.20 -10.10
C ALA A 13 0.57 1.90 -9.60
N LEU A 14 1.39 1.18 -8.84
CA LEU A 14 2.67 1.71 -8.36
C LEU A 14 3.55 2.12 -9.53
N ILE A 15 3.80 1.19 -10.43
CA ILE A 15 4.64 1.40 -11.60
C ILE A 15 4.21 2.63 -12.38
N LEU A 16 2.91 2.76 -12.60
CA LEU A 16 2.39 3.91 -13.33
C LEU A 16 2.37 5.17 -12.46
N HIS A 17 2.45 5.02 -11.16
CA HIS A 17 2.53 6.17 -10.26
C HIS A 17 3.95 6.48 -9.83
N ASP A 18 4.93 5.96 -10.57
CA ASP A 18 6.33 6.24 -10.26
C ASP A 18 7.00 6.98 -11.40
N ASP A 19 6.89 6.43 -12.61
CA ASP A 19 7.54 6.98 -13.80
C ASP A 19 6.87 8.27 -14.32
N GLU A 20 6.25 9.03 -13.41
CA GLU A 20 5.59 10.30 -13.76
C GLU A 20 4.63 10.13 -14.94
N VAL A 21 3.89 9.03 -14.96
CA VAL A 21 3.05 8.71 -16.11
C VAL A 21 1.59 8.56 -15.69
N THR A 22 0.69 8.59 -16.67
CA THR A 22 -0.74 8.54 -16.41
C THR A 22 -1.26 7.11 -16.39
N VAL A 23 -2.10 6.80 -15.40
CA VAL A 23 -2.68 5.49 -15.26
C VAL A 23 -3.84 5.31 -16.25
N THR A 24 -3.76 4.29 -17.08
CA THR A 24 -4.83 3.98 -18.03
C THR A 24 -4.98 2.48 -18.25
N GLU A 25 -6.17 2.09 -18.72
CA GLU A 25 -6.51 0.68 -18.92
C GLU A 25 -5.43 -0.04 -19.74
N ASP A 26 -5.13 0.49 -20.92
CA ASP A 26 -4.10 -0.07 -21.79
C ASP A 26 -2.79 -0.26 -21.05
N LYS A 27 -2.50 0.63 -20.10
CA LYS A 27 -1.22 0.60 -19.39
C LYS A 27 -1.20 -0.56 -18.39
N ILE A 28 -2.24 -0.66 -17.56
CA ILE A 28 -2.31 -1.74 -16.58
C ILE A 28 -2.43 -3.10 -17.26
N ASN A 29 -3.27 -3.18 -18.27
CA ASN A 29 -3.38 -4.40 -19.06
C ASN A 29 -2.05 -4.77 -19.71
N ALA A 30 -1.29 -3.77 -20.14
CA ALA A 30 0.02 -3.99 -20.73
C ALA A 30 1.01 -4.56 -19.71
N LEU A 31 1.02 -3.99 -18.49
CA LEU A 31 1.92 -4.46 -17.43
C LEU A 31 1.57 -5.87 -17.01
N ILE A 32 0.27 -6.11 -16.86
CA ILE A 32 -0.23 -7.42 -16.51
C ILE A 32 0.16 -8.46 -17.57
N LYS A 33 0.00 -8.08 -18.84
CA LYS A 33 0.34 -8.97 -19.94
C LYS A 33 1.87 -9.08 -20.09
N ALA A 34 2.57 -8.04 -19.69
CA ALA A 34 4.03 -8.04 -19.71
C ALA A 34 4.57 -9.06 -18.72
N ALA A 35 3.91 -9.19 -17.57
CA ALA A 35 4.33 -10.16 -16.58
C ALA A 35 3.78 -11.56 -16.89
N GLY A 36 2.56 -11.62 -17.43
CA GLY A 36 2.00 -12.89 -17.85
C GLY A 36 0.96 -13.42 -16.89
N VAL A 37 0.23 -12.54 -16.24
CA VAL A 37 -0.80 -12.94 -15.28
C VAL A 37 -2.18 -12.52 -15.78
N ASN A 38 -3.22 -12.92 -15.04
CA ASN A 38 -4.59 -12.57 -15.41
C ASN A 38 -5.35 -12.06 -14.20
N VAL A 39 -5.58 -10.75 -14.17
CA VAL A 39 -6.40 -10.15 -13.14
C VAL A 39 -7.76 -9.85 -13.72
N GLU A 40 -8.82 -10.17 -12.97
CA GLU A 40 -10.18 -9.96 -13.46
C GLU A 40 -10.36 -8.51 -13.90
N PRO A 41 -10.89 -8.29 -15.12
CA PRO A 41 -10.94 -6.96 -15.76
C PRO A 41 -11.68 -5.91 -14.95
N PHE A 42 -12.22 -6.32 -13.81
CA PHE A 42 -12.92 -5.42 -12.93
C PHE A 42 -11.92 -4.49 -12.23
N TRP A 43 -10.75 -5.03 -11.87
CA TRP A 43 -9.72 -4.20 -11.25
C TRP A 43 -9.11 -3.22 -12.27
N PRO A 44 -8.60 -3.69 -13.43
CA PRO A 44 -8.11 -2.78 -14.48
C PRO A 44 -9.14 -1.72 -14.85
N GLY A 45 -10.39 -2.14 -15.03
CA GLY A 45 -11.45 -1.22 -15.37
C GLY A 45 -11.71 -0.21 -14.26
N LEU A 46 -11.74 -0.69 -13.03
CA LEU A 46 -11.95 0.17 -11.87
C LEU A 46 -10.85 1.22 -11.78
N PHE A 47 -9.63 0.78 -12.00
CA PHE A 47 -8.47 1.67 -11.95
C PHE A 47 -8.47 2.64 -13.13
N ALA A 48 -8.81 2.14 -14.30
CA ALA A 48 -8.81 2.95 -15.51
C ALA A 48 -9.88 4.05 -15.47
N LYS A 49 -11.02 3.74 -14.88
CA LYS A 49 -12.14 4.66 -14.90
C LYS A 49 -12.24 5.48 -13.60
N ALA A 50 -11.69 4.97 -12.51
CA ALA A 50 -11.87 5.63 -11.21
C ALA A 50 -10.54 6.03 -10.56
N LEU A 51 -9.45 5.36 -10.90
CA LEU A 51 -8.16 5.68 -10.30
C LEU A 51 -7.50 6.81 -11.11
N ALA A 52 -6.21 6.65 -11.43
CA ALA A 52 -5.42 7.67 -12.14
C ALA A 52 -5.33 9.01 -11.38
N ASN A 53 -6.14 9.16 -10.36
CA ASN A 53 -6.17 10.34 -9.53
C ASN A 53 -6.00 9.93 -8.08
N VAL A 54 -6.57 8.76 -7.77
CA VAL A 54 -6.41 8.14 -6.47
C VAL A 54 -4.96 8.19 -6.02
N ASN A 55 -4.75 9.05 -5.03
CA ASN A 55 -3.42 9.28 -4.45
C ASN A 55 -2.71 7.99 -4.14
N ILE A 56 -1.41 7.95 -4.39
CA ILE A 56 -0.64 6.73 -4.27
C ILE A 56 -0.84 6.07 -2.89
N GLY A 57 -0.72 6.84 -1.82
CA GLY A 57 -0.94 6.30 -0.48
C GLY A 57 -2.34 5.69 -0.33
N SER A 58 -3.33 6.39 -0.89
CA SER A 58 -4.72 5.97 -0.82
C SER A 58 -4.91 4.58 -1.44
N LEU A 59 -3.93 4.16 -2.24
CA LEU A 59 -3.98 2.90 -2.95
C LEU A 59 -4.07 1.74 -1.99
N ILE A 60 -3.64 1.94 -0.74
CA ILE A 60 -3.66 0.88 0.24
C ILE A 60 -5.09 0.55 0.67
N CYS A 61 -6.04 1.42 0.31
CA CYS A 61 -7.44 1.20 0.60
C CYS A 61 -8.17 0.75 -0.67
N ASN A 62 -7.68 -0.31 -1.28
CA ASN A 62 -8.24 -0.80 -2.55
C ASN A 62 -9.58 -1.52 -2.33
N VAL A 63 -9.97 -1.66 -1.08
CA VAL A 63 -11.19 -2.37 -0.73
C VAL A 63 -12.44 -1.52 -1.03
N GLY A 64 -12.23 -0.24 -1.31
CA GLY A 64 -13.35 0.65 -1.55
C GLY A 64 -13.89 0.55 -2.96
N ALA A 65 -14.21 -0.68 -3.38
CA ALA A 65 -14.67 -0.93 -4.74
C ALA A 65 -16.14 -0.55 -4.89
N GLY A 66 -16.88 -0.59 -3.78
CA GLY A 66 -18.28 -0.23 -3.82
C GLY A 66 -18.53 1.22 -3.43
N GLY A 67 -17.49 1.87 -2.94
CA GLY A 67 -17.63 3.25 -2.50
C GLY A 67 -17.05 3.44 -1.11
N PRO A 68 -16.26 4.52 -0.89
CA PRO A 68 -15.67 4.82 0.40
C PRO A 68 -16.71 5.32 1.41
N ALA A 69 -16.65 4.77 2.63
CA ALA A 69 -17.53 5.22 3.71
C ALA A 69 -16.72 5.98 4.76
N PRO A 70 -16.64 7.31 4.65
CA PRO A 70 -15.90 8.15 5.57
C PRO A 70 -16.76 8.68 6.72
N ALA A 71 -16.26 9.71 7.41
CA ALA A 71 -17.00 10.35 8.48
C ALA A 71 -18.29 10.97 7.97
N ALA A 72 -19.28 11.07 8.85
CA ALA A 72 -20.56 11.65 8.50
C ALA A 72 -20.58 13.16 8.78
N GLY A 73 -20.22 13.94 7.78
CA GLY A 73 -20.29 15.38 7.90
C GLY A 73 -18.93 16.03 7.96
N ALA A 74 -18.87 17.22 8.53
CA ALA A 74 -17.63 17.98 8.64
C ALA A 74 -17.24 18.17 10.10
N ALA A 75 -15.95 18.16 10.37
CA ALA A 75 -15.43 18.28 11.74
C ALA A 75 -14.34 19.34 11.80
N PRO A 76 -14.55 20.34 12.67
CA PRO A 76 -13.64 21.47 12.84
C PRO A 76 -12.23 21.05 13.23
N ALA A 77 -12.10 20.24 14.29
CA ALA A 77 -10.80 19.77 14.76
C ALA A 77 -9.84 20.95 15.02
N GLY A 78 -10.37 22.06 15.51
CA GLY A 78 -9.56 23.24 15.74
C GLY A 78 -9.44 23.60 17.21
N GLY A 79 -9.53 22.60 18.07
CA GLY A 79 -9.45 22.83 19.50
C GLY A 79 -10.75 23.37 20.09
N PRO A 80 -11.54 22.50 20.74
CA PRO A 80 -12.79 22.92 21.39
C PRO A 80 -12.55 23.79 22.62
N ALA A 81 -12.39 25.10 22.38
CA ALA A 81 -12.15 26.05 23.46
C ALA A 81 -13.11 27.25 23.39
N PRO A 82 -13.26 27.91 22.21
CA PRO A 82 -14.20 29.03 22.05
C PRO A 82 -15.62 28.69 22.51
N SER A 83 -16.08 29.40 23.53
CA SER A 83 -17.41 29.19 24.07
C SER A 83 -18.41 30.12 23.38
N THR A 84 -19.58 29.60 23.05
CA THR A 84 -20.60 30.37 22.36
C THR A 84 -21.98 29.80 22.65
N ALA A 85 -22.96 30.67 22.87
CA ALA A 85 -24.32 30.24 23.11
C ALA A 85 -25.30 30.97 22.19
N ALA A 86 -25.61 32.22 22.52
CA ALA A 86 -26.47 33.03 21.70
C ALA A 86 -25.77 33.46 20.42
N ALA A 87 -26.48 33.42 19.30
CA ALA A 87 -25.89 33.74 18.01
C ALA A 87 -26.83 34.61 17.17
N PRO A 88 -26.49 35.90 17.00
CA PRO A 88 -27.24 36.81 16.11
C PRO A 88 -27.26 36.32 14.66
N ALA A 89 -28.25 36.78 13.90
CA ALA A 89 -28.46 36.33 12.53
C ALA A 89 -27.54 37.04 11.53
N GLU A 90 -26.44 37.58 12.04
CA GLU A 90 -25.41 38.27 11.24
C GLU A 90 -25.90 39.60 10.68
N GLU A 91 -25.26 40.68 11.10
CA GLU A 91 -25.53 41.99 10.54
C GLU A 91 -24.25 42.55 9.90
N LYS A 92 -23.23 42.84 10.71
CA LYS A 92 -21.93 43.32 10.20
C LYS A 92 -22.10 44.63 9.45
N LYS A 93 -21.04 45.02 8.73
CA LYS A 93 -21.06 46.21 7.89
C LYS A 93 -21.18 47.48 8.73
N VAL A 94 -21.38 48.59 8.04
CA VAL A 94 -21.62 49.86 8.68
C VAL A 94 -22.84 49.78 9.61
N GLU A 95 -22.62 50.03 10.90
CA GLU A 95 -23.68 49.96 11.87
C GLU A 95 -24.47 51.28 11.90
N ALA A 96 -23.89 52.31 11.31
CA ALA A 96 -24.52 53.62 11.25
C ALA A 96 -25.62 53.65 10.19
N LYS A 97 -26.66 52.86 10.41
CA LYS A 97 -27.81 52.85 9.55
C LYS A 97 -29.02 53.38 10.31
N LYS A 98 -29.71 54.32 9.69
CA LYS A 98 -30.77 55.08 10.35
C LYS A 98 -32.08 54.30 10.37
N GLU A 99 -32.51 53.82 9.19
CA GLU A 99 -33.73 53.00 9.07
C GLU A 99 -34.92 53.67 9.77
N GLU A 100 -35.39 54.76 9.20
CA GLU A 100 -36.49 55.51 9.77
C GLU A 100 -37.84 55.01 9.25
N SER A 101 -38.89 55.76 9.55
CA SER A 101 -40.28 55.36 9.28
C SER A 101 -40.47 54.81 7.87
N GLU A 102 -41.19 53.70 7.78
CA GLU A 102 -41.57 53.14 6.50
C GLU A 102 -42.78 53.89 5.93
N GLU A 103 -42.91 53.87 4.61
CA GLU A 103 -43.99 54.56 3.89
C GLU A 103 -43.85 56.08 4.00
N SER A 104 -44.65 56.81 3.22
CA SER A 104 -44.58 58.27 3.16
C SER A 104 -43.15 58.73 2.85
N ASP A 105 -42.52 58.03 1.91
CA ASP A 105 -41.13 58.26 1.56
C ASP A 105 -40.95 59.56 0.79
N ASP A 106 -41.87 59.81 -0.12
CA ASP A 106 -41.82 60.99 -0.96
C ASP A 106 -43.03 61.87 -0.74
N ASP A 107 -44.20 61.29 -0.94
CA ASP A 107 -45.45 61.99 -0.66
C ASP A 107 -45.96 61.58 0.72
N MET A 108 -46.80 62.44 1.30
CA MET A 108 -47.30 62.23 2.65
C MET A 108 -48.37 61.15 2.70
N GLY A 109 -49.08 60.98 1.60
CA GLY A 109 -50.14 59.99 1.54
C GLY A 109 -51.49 60.57 1.89
N PHE A 110 -52.53 59.74 1.79
CA PHE A 110 -53.89 60.14 2.12
C PHE A 110 -54.28 59.63 3.50
N GLY A 111 -55.20 60.32 4.16
CA GLY A 111 -55.62 59.91 5.49
C GLY A 111 -57.01 60.40 5.86
N LEU A 112 -57.81 60.72 4.83
CA LEU A 112 -59.18 61.23 5.01
C LEU A 112 -59.24 62.33 6.06
N PHE A 113 -58.35 63.31 5.94
CA PHE A 113 -58.33 64.43 6.85
C PHE A 113 -58.81 65.69 6.14
N ASP A 114 -59.52 65.50 5.05
CA ASP A 114 -60.02 66.60 4.23
C ASP A 114 -61.53 66.75 4.45
N ALA B 1 12.69 3.99 -1.29
CA ALA B 1 11.29 3.53 -1.35
C ALA B 1 10.61 4.03 -2.62
N MET B 2 9.81 3.16 -3.24
CA MET B 2 9.07 3.47 -4.47
C MET B 2 10.00 3.69 -5.67
N ARG B 3 9.93 2.78 -6.63
CA ARG B 3 10.71 2.85 -7.87
C ARG B 3 10.58 1.52 -8.63
N TYR B 4 11.67 1.03 -9.23
CA TYR B 4 11.65 -0.22 -10.00
C TYR B 4 11.41 -1.44 -9.12
N VAL B 5 11.22 -1.18 -7.83
CA VAL B 5 10.92 -2.23 -6.88
C VAL B 5 9.64 -2.95 -7.28
N ALA B 6 8.56 -2.19 -7.46
CA ALA B 6 7.28 -2.78 -7.83
C ALA B 6 7.34 -3.42 -9.21
N SER B 7 8.32 -3.00 -10.01
CA SER B 7 8.57 -3.63 -11.29
C SER B 7 9.10 -5.04 -11.07
N TYR B 8 10.03 -5.19 -10.12
CA TYR B 8 10.54 -6.50 -9.74
C TYR B 8 9.40 -7.35 -9.18
N LEU B 9 8.54 -6.71 -8.40
CA LEU B 9 7.34 -7.35 -7.87
C LEU B 9 6.47 -7.90 -8.99
N LEU B 10 6.16 -7.03 -9.95
CA LEU B 10 5.30 -7.39 -11.09
C LEU B 10 5.85 -8.61 -11.83
N ALA B 11 7.13 -8.53 -12.19
CA ALA B 11 7.76 -9.60 -12.95
C ALA B 11 7.86 -10.89 -12.13
N ALA B 12 8.00 -10.74 -10.82
CA ALA B 12 8.07 -11.90 -9.92
C ALA B 12 6.73 -12.62 -9.84
N LEU B 13 5.66 -11.85 -9.63
CA LEU B 13 4.32 -12.42 -9.56
C LEU B 13 3.91 -12.96 -10.92
N GLY B 14 4.57 -12.44 -11.97
CA GLY B 14 4.37 -12.94 -13.31
C GLY B 14 4.62 -14.44 -13.43
N GLY B 15 5.44 -14.97 -12.54
CA GLY B 15 5.72 -16.38 -12.57
C GLY B 15 7.21 -16.68 -12.67
N ASN B 16 8.03 -15.69 -12.37
CA ASN B 16 9.47 -15.86 -12.44
C ASN B 16 10.13 -15.30 -11.18
N SER B 17 10.90 -16.13 -10.50
CA SER B 17 11.56 -15.75 -9.27
C SER B 17 12.76 -14.85 -9.54
N SER B 18 13.29 -14.92 -10.76
CA SER B 18 14.47 -14.17 -11.09
C SER B 18 14.21 -13.22 -12.28
N PRO B 19 13.38 -12.18 -12.07
CA PRO B 19 13.08 -11.15 -13.09
C PRO B 19 14.32 -10.45 -13.61
N SER B 20 15.04 -9.79 -12.71
CA SER B 20 16.24 -9.05 -13.05
C SER B 20 15.98 -7.93 -14.09
N ALA B 21 17.06 -7.29 -14.52
CA ALA B 21 16.96 -6.17 -15.45
C ALA B 21 16.18 -6.54 -16.70
N LYS B 22 16.32 -7.80 -17.13
CA LYS B 22 15.66 -8.28 -18.33
C LYS B 22 14.15 -8.13 -18.23
N ASP B 23 13.54 -8.78 -17.24
CA ASP B 23 12.09 -8.78 -17.11
C ASP B 23 11.54 -7.43 -16.68
N ILE B 24 12.28 -6.70 -15.83
CA ILE B 24 11.81 -5.38 -15.39
C ILE B 24 11.86 -4.39 -16.55
N LYS B 25 12.93 -4.45 -17.34
CA LYS B 25 13.02 -3.64 -18.55
C LYS B 25 11.88 -3.97 -19.49
N LYS B 26 11.61 -5.27 -19.63
CA LYS B 26 10.52 -5.75 -20.47
C LYS B 26 9.19 -5.12 -20.05
N ILE B 27 8.92 -5.16 -18.75
CA ILE B 27 7.67 -4.64 -18.20
C ILE B 27 7.56 -3.11 -18.36
N LEU B 28 8.66 -2.40 -18.14
CA LEU B 28 8.65 -0.95 -18.24
C LEU B 28 8.53 -0.48 -19.69
N ASP B 29 9.28 -1.12 -20.58
CA ASP B 29 9.22 -0.78 -22.00
C ASP B 29 7.91 -1.26 -22.62
N SER B 30 7.27 -2.23 -21.97
CA SER B 30 5.96 -2.71 -22.37
C SER B 30 4.94 -1.56 -22.41
N VAL B 31 4.96 -0.72 -21.38
CA VAL B 31 4.00 0.37 -21.27
C VAL B 31 4.48 1.64 -21.94
N GLY B 32 5.79 1.86 -21.93
CA GLY B 32 6.34 3.01 -22.61
C GLY B 32 6.74 4.12 -21.67
N ILE B 33 7.78 3.90 -20.90
CA ILE B 33 8.39 4.95 -20.10
C ILE B 33 9.90 4.74 -20.05
N GLU B 34 10.59 5.55 -19.26
CA GLU B 34 12.04 5.42 -19.12
C GLU B 34 12.36 4.30 -18.14
N ALA B 35 13.63 4.20 -17.73
CA ALA B 35 14.05 3.16 -16.80
C ALA B 35 15.48 3.37 -16.33
N ASP B 36 16.27 4.10 -17.13
CA ASP B 36 17.68 4.43 -16.78
C ASP B 36 18.46 3.19 -16.37
N ASP B 37 19.21 2.60 -17.30
CA ASP B 37 19.87 1.31 -17.07
C ASP B 37 20.81 1.34 -15.86
N ASP B 38 21.33 2.50 -15.51
CA ASP B 38 22.09 2.65 -14.26
C ASP B 38 21.19 2.39 -13.05
N ARG B 39 20.22 3.28 -12.87
CA ARG B 39 19.28 3.21 -11.74
C ARG B 39 18.54 1.88 -11.72
N LEU B 40 18.15 1.41 -12.90
CA LEU B 40 17.41 0.16 -13.05
C LEU B 40 18.09 -0.97 -12.27
N ASN B 41 19.30 -1.31 -12.68
CA ASN B 41 20.02 -2.41 -12.08
C ASN B 41 20.51 -2.03 -10.68
N LYS B 42 20.71 -0.74 -10.42
CA LYS B 42 21.12 -0.31 -9.09
C LYS B 42 20.03 -0.59 -8.08
N VAL B 43 18.80 -0.22 -8.45
CA VAL B 43 17.65 -0.41 -7.57
C VAL B 43 17.40 -1.88 -7.40
N ILE B 44 17.52 -2.61 -8.51
CA ILE B 44 17.34 -4.05 -8.49
C ILE B 44 18.42 -4.75 -7.67
N SER B 45 19.65 -4.32 -7.82
CA SER B 45 20.76 -4.91 -7.05
C SER B 45 20.68 -4.50 -5.58
N GLU B 46 19.99 -3.40 -5.31
CA GLU B 46 19.80 -2.92 -3.95
C GLU B 46 18.57 -3.59 -3.34
N LEU B 47 17.68 -4.05 -4.19
CA LEU B 47 16.48 -4.77 -3.77
C LEU B 47 16.69 -6.28 -3.96
N ASN B 48 17.89 -6.64 -4.42
CA ASN B 48 18.21 -8.02 -4.81
C ASN B 48 18.35 -8.91 -3.57
N GLY B 49 17.23 -9.16 -2.91
CA GLY B 49 17.24 -9.95 -1.70
C GLY B 49 16.13 -10.98 -1.69
N LYS B 50 16.00 -11.69 -0.58
CA LYS B 50 15.02 -12.76 -0.48
C LYS B 50 13.69 -12.21 0.05
N ASN B 51 13.67 -10.93 0.36
CA ASN B 51 12.50 -10.27 0.92
C ASN B 51 11.47 -9.94 -0.16
N ILE B 52 11.65 -10.48 -1.36
CA ILE B 52 10.69 -10.28 -2.43
C ILE B 52 9.38 -10.98 -2.08
N GLU B 53 9.49 -12.15 -1.46
CA GLU B 53 8.32 -12.87 -0.96
C GLU B 53 7.60 -12.02 0.08
N ASP B 54 8.38 -11.38 0.95
CA ASP B 54 7.85 -10.51 1.99
C ASP B 54 7.07 -9.35 1.37
N VAL B 55 7.69 -8.68 0.40
CA VAL B 55 7.07 -7.51 -0.22
C VAL B 55 5.88 -7.90 -1.11
N ILE B 56 5.87 -9.14 -1.61
CA ILE B 56 4.75 -9.62 -2.39
C ILE B 56 3.58 -9.99 -1.47
N ALA B 57 3.91 -10.57 -0.33
CA ALA B 57 2.89 -10.99 0.62
C ALA B 57 2.36 -9.82 1.43
N GLN B 58 3.13 -8.73 1.48
CA GLN B 58 2.67 -7.52 2.16
C GLN B 58 2.46 -6.38 1.16
N GLY B 59 2.14 -6.77 -0.07
CA GLY B 59 1.90 -5.86 -1.20
C GLY B 59 2.46 -4.46 -1.07
N ILE B 60 1.62 -3.52 -0.63
CA ILE B 60 1.92 -2.09 -0.61
C ILE B 60 3.19 -1.78 0.19
N GLY B 61 3.36 -2.44 1.32
CA GLY B 61 4.59 -2.32 2.10
C GLY B 61 4.94 -0.87 2.43
N LYS B 62 6.12 -0.46 2.03
CA LYS B 62 6.57 0.92 2.17
C LYS B 62 6.80 1.53 0.80
N LEU B 63 6.06 1.03 -0.18
CA LEU B 63 6.22 1.51 -1.54
C LEU B 63 5.28 2.69 -1.76
N ALA B 64 4.23 2.70 -0.97
CA ALA B 64 3.25 3.77 -1.02
C ALA B 64 3.61 4.85 0.00
N SER B 65 3.54 6.10 -0.42
CA SER B 65 3.94 7.19 0.45
C SER B 65 3.13 8.46 0.15
N VAL B 66 3.59 9.58 0.67
CA VAL B 66 2.93 10.87 0.48
C VAL B 66 3.24 11.43 -0.90
N PRO B 67 2.22 11.88 -1.65
CA PRO B 67 2.41 12.52 -2.96
C PRO B 67 3.26 13.79 -2.87
N ALA B 68 4.24 13.89 -3.75
CA ALA B 68 5.13 15.03 -3.82
C ALA B 68 5.54 15.29 -5.25
N GLY B 69 6.05 14.25 -5.92
CA GLY B 69 6.42 14.38 -7.32
C GLY B 69 5.22 14.23 -8.25
N GLY B 70 4.26 15.14 -8.13
CA GLY B 70 3.09 15.10 -8.99
C GLY B 70 3.29 15.90 -10.27
N ALA B 71 4.02 17.00 -10.14
CA ALA B 71 4.32 17.86 -11.28
C ALA B 71 5.60 18.63 -11.02
N VAL B 72 6.57 18.48 -11.92
CA VAL B 72 7.84 19.17 -11.79
C VAL B 72 7.91 20.30 -12.81
N ALA B 73 8.40 21.47 -12.36
CA ALA B 73 8.46 22.67 -13.19
C ALA B 73 7.06 23.21 -13.46
N VAL B 74 6.97 24.48 -13.84
CA VAL B 74 5.70 25.10 -14.10
C VAL B 74 5.72 25.78 -15.48
N SER B 75 4.64 25.64 -16.22
CA SER B 75 4.53 26.24 -17.54
C SER B 75 3.21 26.97 -17.68
N ALA B 76 3.19 28.02 -18.49
CA ALA B 76 1.98 28.81 -18.70
C ALA B 76 2.01 29.45 -20.09
N ALA B 77 0.85 29.89 -20.55
CA ALA B 77 0.73 30.52 -21.85
C ALA B 77 0.50 32.01 -21.72
N PRO B 78 1.50 32.81 -22.13
CA PRO B 78 1.42 34.27 -22.10
C PRO B 78 0.59 34.81 -23.26
N GLY B 79 -0.64 34.35 -23.32
CA GLY B 79 -1.54 34.77 -24.35
C GLY B 79 -2.51 33.66 -24.72
N SER B 80 -3.52 34.00 -25.51
CA SER B 80 -4.52 33.03 -25.95
C SER B 80 -5.14 33.47 -27.26
N ALA B 81 -5.93 32.57 -27.86
CA ALA B 81 -6.66 32.85 -29.08
C ALA B 81 -5.72 33.20 -30.24
N ALA B 82 -4.58 32.53 -30.29
CA ALA B 82 -3.60 32.75 -31.34
C ALA B 82 -3.18 31.43 -31.97
N PRO B 83 -3.84 31.04 -33.07
CA PRO B 83 -3.56 29.79 -33.76
C PRO B 83 -2.30 29.85 -34.65
N ALA B 84 -2.26 30.81 -35.57
CA ALA B 84 -1.15 30.96 -36.48
C ALA B 84 -1.20 32.34 -37.14
N ALA B 85 -0.07 32.79 -37.67
CA ALA B 85 0.00 34.07 -38.31
C ALA B 85 -0.44 33.98 -39.78
N GLY B 86 -1.54 34.64 -40.11
CA GLY B 86 -2.01 34.63 -41.47
C GLY B 86 -3.52 34.75 -41.57
N SER B 87 -4.21 33.72 -41.06
CA SER B 87 -5.67 33.66 -41.10
C SER B 87 -6.20 33.75 -42.54
N ALA B 88 -5.43 33.17 -43.47
CA ALA B 88 -5.76 33.23 -44.89
C ALA B 88 -6.80 32.18 -45.31
N PRO B 89 -6.64 30.89 -44.94
CA PRO B 89 -7.57 29.83 -45.33
C PRO B 89 -8.90 29.90 -44.57
N ALA B 90 -9.62 31.00 -44.76
CA ALA B 90 -10.89 31.21 -44.08
C ALA B 90 -11.99 31.54 -45.08
N ALA B 91 -13.15 30.94 -44.90
CA ALA B 91 -14.29 31.16 -45.78
C ALA B 91 -15.60 30.88 -45.04
N ALA B 92 -16.69 31.41 -45.56
CA ALA B 92 -18.01 31.20 -44.98
C ALA B 92 -18.77 30.17 -45.80
N GLU B 93 -18.99 29.00 -45.22
CA GLU B 93 -19.62 27.91 -45.91
C GLU B 93 -21.11 27.90 -45.65
N GLU B 94 -21.49 27.47 -44.44
CA GLU B 94 -22.89 27.37 -44.03
C GLU B 94 -23.75 26.64 -45.07
N LYS B 95 -23.15 25.72 -45.81
CA LYS B 95 -23.89 24.93 -46.79
C LYS B 95 -23.92 23.46 -46.38
N LYS B 96 -25.01 23.06 -45.75
CA LYS B 96 -25.20 21.66 -45.38
C LYS B 96 -25.98 20.95 -46.48
N ASP B 97 -25.40 20.97 -47.67
CA ASP B 97 -26.02 20.39 -48.86
C ASP B 97 -24.95 19.76 -49.74
N GLU B 98 -25.03 18.45 -49.91
CA GLU B 98 -24.04 17.68 -50.64
C GLU B 98 -24.67 16.37 -51.10
N LYS B 99 -25.37 16.40 -52.23
CA LYS B 99 -26.00 15.20 -52.78
C LYS B 99 -26.55 15.42 -54.18
N LYS B 100 -27.14 16.57 -54.42
CA LYS B 100 -27.80 16.84 -55.69
C LYS B 100 -27.29 18.14 -56.31
N GLU B 101 -26.85 18.07 -57.57
CA GLU B 101 -26.36 19.25 -58.28
C GLU B 101 -27.47 19.86 -59.15
N GLU B 102 -27.69 21.16 -58.97
CA GLU B 102 -28.67 21.88 -59.75
C GLU B 102 -28.13 22.19 -61.14
N SER B 103 -28.57 21.40 -62.12
CA SER B 103 -28.02 21.49 -63.47
C SER B 103 -28.79 22.49 -64.34
N GLU B 104 -28.89 23.73 -63.87
CA GLU B 104 -29.55 24.79 -64.63
C GLU B 104 -28.64 26.02 -64.71
N GLU B 105 -27.36 25.77 -64.99
CA GLU B 105 -26.37 26.84 -65.10
C GLU B 105 -26.36 27.44 -66.50
N SER B 106 -27.24 28.40 -66.75
CA SER B 106 -27.29 29.10 -68.03
C SER B 106 -28.15 30.36 -67.88
N ASP B 107 -27.58 31.37 -67.23
CA ASP B 107 -28.31 32.61 -66.98
C ASP B 107 -27.93 33.64 -68.05
N ASP B 108 -28.09 33.22 -69.30
CA ASP B 108 -27.68 34.00 -70.44
C ASP B 108 -28.82 34.87 -70.94
N ASP B 109 -29.06 35.98 -70.26
CA ASP B 109 -30.13 36.88 -70.62
C ASP B 109 -29.60 38.18 -71.21
N MET B 110 -30.34 38.73 -72.16
CA MET B 110 -30.00 40.02 -72.76
C MET B 110 -31.26 40.83 -73.04
N GLY B 111 -32.37 40.39 -72.46
CA GLY B 111 -33.63 41.08 -72.65
C GLY B 111 -34.35 40.68 -73.93
N PHE B 112 -35.63 40.33 -73.80
CA PHE B 112 -36.45 39.98 -74.95
C PHE B 112 -37.18 41.21 -75.49
N GLY B 113 -36.48 42.34 -75.50
CA GLY B 113 -37.05 43.57 -76.00
C GLY B 113 -35.96 44.60 -76.27
N LEU B 114 -34.90 44.14 -76.90
CA LEU B 114 -33.77 45.01 -77.27
C LEU B 114 -34.10 45.82 -78.52
N PHE B 115 -35.34 46.22 -78.62
CA PHE B 115 -35.86 46.89 -79.80
C PHE B 115 -35.84 48.41 -79.58
N ASP B 116 -35.04 48.85 -78.63
CA ASP B 116 -34.89 50.27 -78.33
C ASP B 116 -33.41 50.62 -78.24
N MET A 1 -0.81 -19.43 -3.38
CA MET A 1 -0.49 -18.05 -2.92
C MET A 1 -1.76 -17.36 -2.47
N ALA A 2 -1.68 -16.07 -2.14
CA ALA A 2 -2.85 -15.34 -1.66
C ALA A 2 -3.68 -14.80 -2.82
N SER A 3 -3.46 -13.55 -3.18
CA SER A 3 -4.25 -12.90 -4.21
C SER A 3 -3.38 -12.32 -5.31
N VAL A 4 -3.00 -13.16 -6.27
CA VAL A 4 -2.10 -12.75 -7.34
C VAL A 4 -2.75 -11.69 -8.20
N SER A 5 -4.08 -11.74 -8.22
CA SER A 5 -4.89 -10.82 -9.01
C SER A 5 -4.63 -9.36 -8.63
N GLU A 6 -5.00 -9.00 -7.41
CA GLU A 6 -4.85 -7.62 -6.97
C GLU A 6 -3.40 -7.32 -6.62
N LEU A 7 -2.62 -8.36 -6.34
CA LEU A 7 -1.18 -8.20 -6.22
C LEU A 7 -0.61 -7.59 -7.50
N ALA A 8 -0.86 -8.28 -8.62
CA ALA A 8 -0.40 -7.82 -9.92
C ALA A 8 -0.95 -6.44 -10.26
N CYS A 9 -2.26 -6.25 -10.07
CA CYS A 9 -2.88 -4.98 -10.43
C CYS A 9 -2.36 -3.84 -9.54
N ILE A 10 -2.08 -4.15 -8.28
CA ILE A 10 -1.59 -3.13 -7.36
C ILE A 10 -0.17 -2.72 -7.74
N TYR A 11 0.64 -3.69 -8.14
CA TYR A 11 1.99 -3.41 -8.57
C TYR A 11 1.97 -2.61 -9.86
N SER A 12 0.97 -2.86 -10.68
CA SER A 12 0.77 -2.08 -11.90
C SER A 12 0.45 -0.62 -11.55
N ALA A 13 -0.45 -0.43 -10.58
CA ALA A 13 -0.76 0.90 -10.06
C ALA A 13 0.51 1.62 -9.59
N LEU A 14 1.38 0.89 -8.87
CA LEU A 14 2.66 1.45 -8.41
C LEU A 14 3.52 1.84 -9.60
N ILE A 15 3.66 0.93 -10.56
CA ILE A 15 4.48 1.15 -11.74
C ILE A 15 4.07 2.43 -12.47
N LEU A 16 2.77 2.64 -12.60
CA LEU A 16 2.27 3.87 -13.21
C LEU A 16 2.55 5.08 -12.31
N HIS A 17 2.48 4.88 -11.00
CA HIS A 17 2.63 5.99 -10.05
C HIS A 17 4.07 6.40 -9.80
N ASP A 18 5.03 5.92 -10.58
CA ASP A 18 6.42 6.29 -10.37
C ASP A 18 6.73 7.64 -11.01
N ASP A 19 6.94 7.64 -12.33
CA ASP A 19 7.32 8.87 -13.04
C ASP A 19 6.10 9.68 -13.47
N GLU A 20 5.10 9.74 -12.59
CA GLU A 20 3.86 10.50 -12.82
C GLU A 20 3.25 10.16 -14.20
N VAL A 21 3.20 8.87 -14.51
CA VAL A 21 2.59 8.42 -15.74
C VAL A 21 1.13 8.09 -15.50
N THR A 22 0.29 8.48 -16.45
CA THR A 22 -1.17 8.42 -16.29
C THR A 22 -1.69 6.98 -16.10
N VAL A 23 -2.18 6.71 -14.89
CA VAL A 23 -2.86 5.45 -14.59
C VAL A 23 -4.03 5.26 -15.54
N THR A 24 -3.90 4.33 -16.48
CA THR A 24 -4.95 4.13 -17.47
C THR A 24 -5.19 2.65 -17.78
N GLU A 25 -6.39 2.35 -18.25
CA GLU A 25 -6.81 0.98 -18.55
C GLU A 25 -5.79 0.29 -19.45
N ASP A 26 -5.50 0.92 -20.58
CA ASP A 26 -4.52 0.43 -21.56
C ASP A 26 -3.19 0.11 -20.88
N LYS A 27 -2.84 0.90 -19.87
CA LYS A 27 -1.54 0.81 -19.24
C LYS A 27 -1.46 -0.40 -18.31
N ILE A 28 -2.50 -0.60 -17.51
CA ILE A 28 -2.54 -1.77 -16.64
C ILE A 28 -2.57 -3.04 -17.49
N ASN A 29 -3.37 -3.01 -18.54
CA ASN A 29 -3.41 -4.13 -19.48
C ASN A 29 -2.03 -4.40 -20.08
N ALA A 30 -1.32 -3.32 -20.41
CA ALA A 30 0.02 -3.44 -20.97
C ALA A 30 0.97 -4.13 -20.02
N LEU A 31 0.99 -3.68 -18.76
CA LEU A 31 1.84 -4.29 -17.73
C LEU A 31 1.44 -5.74 -17.48
N ILE A 32 0.15 -5.98 -17.49
CA ILE A 32 -0.38 -7.33 -17.34
C ILE A 32 0.15 -8.24 -18.46
N LYS A 33 0.27 -7.69 -19.67
CA LYS A 33 0.83 -8.45 -20.80
C LYS A 33 2.35 -8.59 -20.65
N ALA A 34 2.98 -7.60 -20.02
CA ALA A 34 4.42 -7.64 -19.74
C ALA A 34 4.76 -8.78 -18.80
N ALA A 35 3.96 -8.93 -17.75
CA ALA A 35 4.13 -10.01 -16.79
C ALA A 35 3.61 -11.34 -17.35
N GLY A 36 2.39 -11.31 -17.85
CA GLY A 36 1.77 -12.52 -18.39
C GLY A 36 0.66 -13.05 -17.53
N VAL A 37 0.45 -12.43 -16.37
CA VAL A 37 -0.59 -12.84 -15.44
C VAL A 37 -1.93 -12.25 -15.85
N ASN A 38 -2.96 -13.09 -15.89
CA ASN A 38 -4.29 -12.64 -16.29
C ASN A 38 -5.14 -12.36 -15.05
N VAL A 39 -5.22 -11.09 -14.68
CA VAL A 39 -6.04 -10.66 -13.56
C VAL A 39 -7.48 -10.46 -14.01
N GLU A 40 -8.43 -10.86 -13.16
CA GLU A 40 -9.85 -10.64 -13.38
C GLU A 40 -10.13 -9.22 -13.87
N PRO A 41 -10.55 -9.06 -15.15
CA PRO A 41 -10.76 -7.76 -15.82
C PRO A 41 -11.53 -6.72 -15.00
N PHE A 42 -12.20 -7.17 -13.95
CA PHE A 42 -12.98 -6.29 -13.11
C PHE A 42 -12.05 -5.39 -12.29
N TRP A 43 -10.88 -5.91 -11.94
CA TRP A 43 -9.89 -5.13 -11.20
C TRP A 43 -9.24 -4.06 -12.09
N PRO A 44 -8.72 -4.42 -13.28
CA PRO A 44 -8.27 -3.43 -14.27
C PRO A 44 -9.32 -2.36 -14.53
N GLY A 45 -10.56 -2.78 -14.73
CA GLY A 45 -11.63 -1.82 -14.96
C GLY A 45 -11.87 -0.94 -13.75
N LEU A 46 -12.01 -1.59 -12.59
CA LEU A 46 -12.20 -0.86 -11.33
C LEU A 46 -11.10 0.18 -11.19
N PHE A 47 -9.85 -0.25 -11.30
CA PHE A 47 -8.70 0.63 -11.16
C PHE A 47 -8.69 1.73 -12.21
N ALA A 48 -9.07 1.39 -13.43
CA ALA A 48 -9.07 2.34 -14.52
C ALA A 48 -10.07 3.48 -14.26
N LYS A 49 -11.18 3.17 -13.63
CA LYS A 49 -12.18 4.19 -13.33
C LYS A 49 -12.12 4.68 -11.88
N ALA A 50 -11.30 4.04 -11.05
CA ALA A 50 -11.19 4.44 -9.64
C ALA A 50 -9.98 5.32 -9.38
N LEU A 51 -8.85 5.04 -10.05
CA LEU A 51 -7.67 5.86 -9.85
C LEU A 51 -7.63 6.95 -10.93
N ALA A 52 -6.49 7.08 -11.63
CA ALA A 52 -6.31 8.04 -12.73
C ALA A 52 -6.34 9.50 -12.25
N ASN A 53 -6.75 9.72 -11.01
CA ASN A 53 -6.82 11.04 -10.42
C ASN A 53 -6.27 10.96 -9.02
N VAL A 54 -5.80 9.76 -8.67
CA VAL A 54 -5.44 9.45 -7.32
C VAL A 54 -3.98 9.78 -7.06
N ASN A 55 -3.78 10.64 -6.08
CA ASN A 55 -2.43 11.10 -5.68
C ASN A 55 -1.42 9.96 -5.69
N ILE A 56 -1.31 9.24 -4.58
CA ILE A 56 -0.44 8.07 -4.51
C ILE A 56 -0.87 7.11 -3.39
N GLY A 57 -0.90 7.61 -2.16
CA GLY A 57 -1.27 6.77 -1.02
C GLY A 57 -2.68 6.22 -1.13
N SER A 58 -3.50 6.88 -1.93
CA SER A 58 -4.86 6.46 -2.22
C SER A 58 -4.88 5.00 -2.71
N LEU A 59 -3.73 4.52 -3.18
CA LEU A 59 -3.55 3.14 -3.62
C LEU A 59 -4.08 2.15 -2.59
N ILE A 60 -3.77 2.40 -1.32
CA ILE A 60 -4.08 1.46 -0.27
C ILE A 60 -5.54 1.61 0.19
N CYS A 61 -6.19 2.65 -0.31
CA CYS A 61 -7.58 2.93 0.05
C CYS A 61 -8.54 2.20 -0.88
N ASN A 62 -8.09 1.93 -2.11
CA ASN A 62 -8.98 1.36 -3.12
C ASN A 62 -9.08 -0.15 -2.97
N VAL A 63 -8.16 -0.72 -2.22
CA VAL A 63 -8.14 -2.16 -2.01
C VAL A 63 -9.17 -2.56 -0.95
N GLY A 64 -9.71 -1.58 -0.24
CA GLY A 64 -10.74 -1.86 0.74
C GLY A 64 -10.33 -1.46 2.14
N ALA A 65 -9.32 -2.13 2.69
CA ALA A 65 -8.90 -1.90 4.07
C ALA A 65 -7.39 -2.04 4.21
N GLY A 66 -6.81 -1.29 5.15
CA GLY A 66 -5.39 -1.35 5.38
C GLY A 66 -4.96 -0.52 6.58
N GLY A 67 -4.51 -1.21 7.62
CA GLY A 67 -4.07 -0.54 8.82
C GLY A 67 -4.24 -1.41 10.06
N PRO A 68 -3.59 -1.06 11.18
CA PRO A 68 -3.69 -1.83 12.42
C PRO A 68 -4.93 -1.43 13.23
N ALA A 69 -5.33 -2.29 14.16
CA ALA A 69 -6.47 -1.99 15.03
C ALA A 69 -6.01 -1.90 16.48
N PRO A 70 -5.98 -0.70 17.05
CA PRO A 70 -5.57 -0.50 18.43
C PRO A 70 -6.72 -0.70 19.42
N ALA A 71 -6.39 -0.80 20.69
CA ALA A 71 -7.37 -1.00 21.73
C ALA A 71 -6.78 -0.66 23.10
N ALA A 72 -7.61 -0.73 24.13
CA ALA A 72 -7.17 -0.43 25.48
C ALA A 72 -7.87 -1.35 26.48
N GLY A 73 -7.14 -2.33 26.98
CA GLY A 73 -7.72 -3.29 27.90
C GLY A 73 -7.46 -2.95 29.35
N ALA A 74 -6.21 -3.06 29.77
CA ALA A 74 -5.83 -2.83 31.16
C ALA A 74 -5.18 -1.47 31.35
N ALA A 75 -5.31 -0.92 32.55
CA ALA A 75 -4.71 0.37 32.88
C ALA A 75 -4.38 0.42 34.37
N PRO A 76 -3.22 1.00 34.71
CA PRO A 76 -2.72 1.10 36.08
C PRO A 76 -3.72 1.81 37.02
N ALA A 77 -4.50 1.02 37.73
CA ALA A 77 -5.49 1.55 38.63
C ALA A 77 -4.91 1.82 40.02
N GLY A 78 -5.41 2.85 40.66
CA GLY A 78 -4.95 3.21 41.99
C GLY A 78 -6.05 3.89 42.78
N GLY A 79 -5.92 3.91 44.10
CA GLY A 79 -6.91 4.57 44.92
C GLY A 79 -6.47 4.66 46.38
N PRO A 80 -7.26 5.30 47.24
CA PRO A 80 -6.94 5.43 48.66
C PRO A 80 -7.19 4.13 49.43
N ALA A 81 -6.15 3.63 50.09
CA ALA A 81 -6.25 2.41 50.87
C ALA A 81 -6.25 2.69 52.38
N PRO A 82 -5.34 3.55 52.92
CA PRO A 82 -5.33 3.93 54.33
C PRO A 82 -6.71 4.35 54.84
N SER A 83 -7.11 3.79 55.97
CA SER A 83 -8.38 4.15 56.58
C SER A 83 -8.17 5.34 57.52
N THR A 84 -8.83 6.44 57.21
CA THR A 84 -8.70 7.67 57.98
C THR A 84 -9.41 7.57 59.33
N ALA A 85 -8.69 7.84 60.40
CA ALA A 85 -9.26 7.80 61.74
C ALA A 85 -10.19 8.97 61.99
N ALA A 86 -11.24 8.74 62.79
CA ALA A 86 -12.23 9.75 63.11
C ALA A 86 -13.17 9.22 64.18
N ALA A 87 -14.12 10.07 64.59
CA ALA A 87 -15.12 9.73 65.61
C ALA A 87 -14.49 9.42 66.97
N PRO A 88 -14.26 10.46 67.79
CA PRO A 88 -13.74 10.31 69.16
C PRO A 88 -14.64 9.43 70.05
N ALA A 89 -14.01 8.70 70.96
CA ALA A 89 -14.74 7.85 71.88
C ALA A 89 -15.06 8.60 73.18
N GLU A 90 -16.24 9.21 73.23
CA GLU A 90 -16.69 9.90 74.42
C GLU A 90 -17.34 8.92 75.39
N GLU A 91 -16.69 8.70 76.53
CA GLU A 91 -17.23 7.86 77.57
C GLU A 91 -18.49 8.50 78.16
N LYS A 92 -19.38 7.67 78.66
CA LYS A 92 -20.66 8.17 79.16
C LYS A 92 -20.59 8.34 80.68
N LYS A 93 -19.50 7.88 81.27
CA LYS A 93 -19.31 7.99 82.70
C LYS A 93 -17.85 8.34 83.00
N VAL A 94 -17.65 9.41 83.74
CA VAL A 94 -16.30 9.84 84.11
C VAL A 94 -16.08 9.65 85.60
N GLU A 95 -16.83 10.40 86.40
CA GLU A 95 -16.70 10.33 87.85
C GLU A 95 -18.08 10.47 88.48
N ALA A 96 -18.15 10.22 89.78
CA ALA A 96 -19.41 10.31 90.51
C ALA A 96 -19.20 10.99 91.87
N LYS A 97 -18.53 10.28 92.78
CA LYS A 97 -18.27 10.77 94.14
C LYS A 97 -19.58 10.93 94.93
N LYS A 98 -19.56 10.50 96.18
CA LYS A 98 -20.74 10.61 97.03
C LYS A 98 -20.79 11.95 97.77
N GLU A 99 -19.63 12.61 97.85
CA GLU A 99 -19.49 13.92 98.50
C GLU A 99 -19.89 13.87 99.98
N GLU A 100 -21.18 14.08 100.26
CA GLU A 100 -21.67 14.20 101.62
C GLU A 100 -22.05 12.84 102.19
N SER A 101 -22.71 12.85 103.34
CA SER A 101 -23.08 11.61 104.02
C SER A 101 -24.39 11.79 104.80
N GLU A 102 -25.28 10.81 104.69
CA GLU A 102 -26.55 10.86 105.39
C GLU A 102 -26.43 10.30 106.81
N GLU A 103 -25.80 11.09 107.67
CA GLU A 103 -25.65 10.74 109.07
C GLU A 103 -25.27 11.99 109.86
N SER A 104 -26.22 12.92 109.97
CA SER A 104 -26.00 14.18 110.64
C SER A 104 -27.29 14.65 111.32
N ASP A 105 -27.14 15.34 112.46
CA ASP A 105 -28.27 15.85 113.23
C ASP A 105 -29.15 14.71 113.73
N ASP A 106 -30.39 15.02 114.09
CA ASP A 106 -31.32 14.03 114.62
C ASP A 106 -31.55 12.91 113.62
N ASP A 107 -31.32 11.68 114.05
CA ASP A 107 -31.47 10.51 113.18
C ASP A 107 -32.90 9.96 113.26
N MET A 108 -33.84 10.74 112.73
CA MET A 108 -35.27 10.37 112.62
C MET A 108 -35.80 9.60 113.85
N GLY A 109 -35.53 10.12 115.03
CA GLY A 109 -36.02 9.50 116.24
C GLY A 109 -36.29 10.53 117.33
N PHE A 110 -37.09 10.16 118.30
CA PHE A 110 -37.41 11.05 119.41
C PHE A 110 -36.36 10.93 120.50
N GLY A 111 -35.56 11.98 120.67
CA GLY A 111 -34.48 11.94 121.64
C GLY A 111 -34.91 12.32 123.04
N LEU A 112 -35.55 13.48 123.18
CA LEU A 112 -35.87 14.02 124.50
C LEU A 112 -37.38 14.14 124.71
N PHE A 113 -38.15 13.88 123.67
CA PHE A 113 -39.60 14.03 123.74
C PHE A 113 -40.23 13.03 124.69
N ASP A 114 -39.99 11.75 124.44
CA ASP A 114 -40.51 10.69 125.28
C ASP A 114 -39.79 9.38 124.98
N ALA B 1 12.38 6.14 -4.45
CA ALA B 1 11.27 5.33 -3.89
C ALA B 1 10.50 4.63 -4.99
N MET B 2 10.18 3.35 -4.76
CA MET B 2 9.26 2.52 -5.58
C MET B 2 9.65 2.31 -7.05
N ARG B 3 10.47 3.21 -7.62
CA ARG B 3 10.81 3.22 -9.06
C ARG B 3 10.87 1.82 -9.70
N TYR B 4 11.86 1.02 -9.33
CA TYR B 4 12.04 -0.28 -9.96
C TYR B 4 11.76 -1.42 -8.98
N VAL B 5 11.40 -1.04 -7.76
CA VAL B 5 11.05 -2.02 -6.73
C VAL B 5 9.80 -2.79 -7.14
N ALA B 6 8.74 -2.05 -7.45
CA ALA B 6 7.47 -2.68 -7.82
C ALA B 6 7.57 -3.35 -9.18
N SER B 7 8.64 -3.03 -9.90
CA SER B 7 8.90 -3.66 -11.18
C SER B 7 9.51 -5.05 -10.96
N TYR B 8 10.41 -5.15 -9.97
CA TYR B 8 10.96 -6.46 -9.59
C TYR B 8 9.82 -7.32 -9.07
N LEU B 9 8.92 -6.69 -8.30
CA LEU B 9 7.73 -7.36 -7.80
C LEU B 9 6.89 -7.87 -8.95
N LEU B 10 6.60 -6.97 -9.88
CA LEU B 10 5.81 -7.25 -11.07
C LEU B 10 6.37 -8.48 -11.82
N ALA B 11 7.67 -8.47 -12.07
CA ALA B 11 8.32 -9.59 -12.74
C ALA B 11 8.28 -10.86 -11.90
N ALA B 12 8.33 -10.69 -10.58
CA ALA B 12 8.33 -11.84 -9.67
C ALA B 12 7.00 -12.59 -9.72
N LEU B 13 5.88 -11.90 -9.50
CA LEU B 13 4.59 -12.59 -9.53
C LEU B 13 4.17 -12.88 -10.96
N GLY B 14 4.86 -12.25 -11.92
CA GLY B 14 4.68 -12.60 -13.32
C GLY B 14 4.97 -14.06 -13.59
N GLY B 15 5.65 -14.72 -12.65
CA GLY B 15 5.95 -16.13 -12.79
C GLY B 15 7.44 -16.38 -12.74
N ASN B 16 8.19 -15.32 -12.49
CA ASN B 16 9.64 -15.39 -12.51
C ASN B 16 10.20 -15.08 -11.14
N SER B 17 10.57 -16.11 -10.40
CA SER B 17 11.09 -15.96 -9.05
C SER B 17 12.49 -15.37 -9.06
N SER B 18 13.07 -15.24 -10.24
CA SER B 18 14.41 -14.71 -10.35
C SER B 18 14.46 -13.60 -11.40
N PRO B 19 13.75 -12.48 -11.16
CA PRO B 19 13.65 -11.36 -12.10
C PRO B 19 15.01 -10.77 -12.47
N SER B 20 15.18 -10.48 -13.75
CA SER B 20 16.42 -9.93 -14.25
C SER B 20 16.21 -8.52 -14.78
N ALA B 21 17.29 -7.78 -14.99
CA ALA B 21 17.20 -6.39 -15.47
C ALA B 21 16.37 -6.31 -16.73
N LYS B 22 16.59 -7.26 -17.63
CA LYS B 22 15.87 -7.33 -18.90
C LYS B 22 14.37 -7.47 -18.65
N ASP B 23 14.03 -8.33 -17.70
CA ASP B 23 12.64 -8.63 -17.37
C ASP B 23 11.95 -7.39 -16.82
N ILE B 24 12.58 -6.80 -15.81
CA ILE B 24 12.07 -5.59 -15.17
C ILE B 24 11.92 -4.46 -16.19
N LYS B 25 12.95 -4.23 -16.99
CA LYS B 25 12.92 -3.19 -17.99
C LYS B 25 11.93 -3.51 -19.11
N LYS B 26 11.61 -4.79 -19.29
CA LYS B 26 10.63 -5.19 -20.31
C LYS B 26 9.28 -4.72 -19.84
N ILE B 27 9.05 -4.93 -18.56
CA ILE B 27 7.84 -4.49 -17.89
C ILE B 27 7.76 -2.97 -17.83
N LEU B 28 8.89 -2.32 -17.62
CA LEU B 28 8.93 -0.86 -17.56
C LEU B 28 8.73 -0.26 -18.95
N ASP B 29 9.39 -0.85 -19.95
CA ASP B 29 9.31 -0.37 -21.32
C ASP B 29 7.97 -0.72 -21.96
N SER B 30 7.29 -1.73 -21.42
CA SER B 30 5.99 -2.15 -21.96
C SER B 30 5.00 -0.98 -22.00
N VAL B 31 5.09 -0.10 -21.01
CA VAL B 31 4.23 1.07 -20.94
C VAL B 31 4.84 2.26 -21.67
N GLY B 32 6.14 2.43 -21.49
CA GLY B 32 6.83 3.54 -22.11
C GLY B 32 7.28 4.55 -21.09
N ILE B 33 7.67 4.09 -19.91
CA ILE B 33 8.23 4.96 -18.89
C ILE B 33 9.75 4.86 -18.95
N GLU B 34 10.41 6.00 -19.12
CA GLU B 34 11.84 6.04 -19.39
C GLU B 34 12.66 5.43 -18.24
N ALA B 35 13.22 4.26 -18.49
CA ALA B 35 14.00 3.55 -17.46
C ALA B 35 15.49 3.62 -17.78
N ASP B 36 16.29 3.97 -16.78
CA ASP B 36 17.74 4.03 -16.96
C ASP B 36 18.32 2.62 -16.90
N ASP B 37 18.99 2.22 -17.98
CA ASP B 37 19.59 0.88 -18.08
C ASP B 37 20.63 0.62 -16.99
N ASP B 38 21.04 1.68 -16.31
CA ASP B 38 21.99 1.55 -15.21
C ASP B 38 21.26 1.57 -13.87
N ARG B 39 20.39 2.56 -13.70
CA ARG B 39 19.74 2.78 -12.42
C ARG B 39 18.81 1.64 -12.06
N LEU B 40 18.12 1.06 -13.05
CA LEU B 40 17.14 0.02 -12.76
C LEU B 40 17.84 -1.22 -12.19
N ASN B 41 19.06 -1.48 -12.68
CA ASN B 41 19.82 -2.64 -12.25
C ASN B 41 20.48 -2.36 -10.92
N LYS B 42 20.86 -1.11 -10.69
CA LYS B 42 21.40 -0.73 -9.39
C LYS B 42 20.33 -0.87 -8.30
N VAL B 43 19.10 -0.49 -8.64
CA VAL B 43 18.00 -0.64 -7.70
C VAL B 43 17.78 -2.11 -7.45
N ILE B 44 17.72 -2.86 -8.54
CA ILE B 44 17.64 -4.30 -8.47
C ILE B 44 18.77 -4.89 -7.64
N SER B 45 19.98 -4.34 -7.76
CA SER B 45 21.12 -4.80 -6.97
C SER B 45 20.83 -4.65 -5.47
N GLU B 46 20.23 -3.53 -5.08
CA GLU B 46 19.85 -3.30 -3.68
C GLU B 46 18.57 -4.07 -3.34
N LEU B 47 17.81 -4.39 -4.37
CA LEU B 47 16.46 -4.90 -4.23
C LEU B 47 16.36 -6.42 -4.43
N ASN B 48 17.40 -7.05 -4.93
CA ASN B 48 17.40 -8.50 -5.15
C ASN B 48 17.61 -9.27 -3.84
N GLY B 49 16.86 -8.89 -2.81
CA GLY B 49 16.99 -9.53 -1.52
C GLY B 49 16.00 -10.68 -1.37
N LYS B 50 16.32 -11.61 -0.49
CA LYS B 50 15.51 -12.82 -0.30
C LYS B 50 14.28 -12.56 0.57
N ASN B 51 13.65 -11.41 0.38
CA ASN B 51 12.46 -11.05 1.12
C ASN B 51 11.29 -10.87 0.16
N ILE B 52 11.36 -11.58 -0.96
CA ILE B 52 10.41 -11.39 -2.07
C ILE B 52 8.98 -11.77 -1.68
N GLU B 53 8.80 -12.95 -1.13
CA GLU B 53 7.46 -13.40 -0.75
C GLU B 53 6.88 -12.50 0.35
N ASP B 54 7.76 -11.93 1.18
CA ASP B 54 7.33 -10.99 2.21
C ASP B 54 6.82 -9.69 1.60
N VAL B 55 7.60 -9.12 0.67
CA VAL B 55 7.19 -7.87 0.01
C VAL B 55 5.93 -8.08 -0.84
N ILE B 56 5.74 -9.30 -1.32
CA ILE B 56 4.52 -9.66 -2.04
C ILE B 56 3.33 -9.68 -1.08
N ALA B 57 3.46 -10.43 0.00
CA ALA B 57 2.38 -10.59 0.95
C ALA B 57 2.11 -9.29 1.72
N GLN B 58 3.05 -8.36 1.66
CA GLN B 58 2.86 -7.03 2.24
C GLN B 58 2.10 -6.12 1.27
N GLY B 59 1.09 -6.71 0.62
CA GLY B 59 0.33 -6.06 -0.48
C GLY B 59 1.03 -4.89 -1.17
N ILE B 60 0.67 -3.66 -0.77
CA ILE B 60 1.19 -2.47 -1.43
C ILE B 60 2.53 -2.04 -0.84
N GLY B 61 2.75 -2.41 0.41
CA GLY B 61 3.99 -2.11 1.09
C GLY B 61 4.14 -0.66 1.46
N LYS B 62 5.33 -0.28 1.89
CA LYS B 62 5.64 1.11 2.19
C LYS B 62 6.13 1.80 0.92
N LEU B 63 5.70 1.28 -0.23
CA LEU B 63 6.14 1.79 -1.51
C LEU B 63 5.33 3.03 -1.86
N ALA B 64 4.04 2.95 -1.61
CA ALA B 64 3.13 4.06 -1.87
C ALA B 64 2.84 4.82 -0.57
N SER B 65 3.88 5.39 0.02
CA SER B 65 3.74 6.09 1.29
C SER B 65 4.38 7.48 1.23
N VAL B 66 3.59 8.50 1.54
CA VAL B 66 4.06 9.87 1.56
C VAL B 66 3.60 10.57 2.84
N PRO B 67 4.56 11.00 3.68
CA PRO B 67 4.26 11.68 4.95
C PRO B 67 3.77 13.12 4.76
N ALA B 68 4.18 13.74 3.64
CA ALA B 68 3.79 15.09 3.33
C ALA B 68 2.28 15.21 3.16
N GLY B 69 1.65 15.94 4.06
CA GLY B 69 0.22 16.11 4.01
C GLY B 69 -0.43 15.68 5.31
N GLY B 70 -0.05 14.50 5.77
CA GLY B 70 -0.61 13.98 7.01
C GLY B 70 0.16 14.45 8.23
N ALA B 71 0.50 15.73 8.23
CA ALA B 71 1.28 16.32 9.30
C ALA B 71 0.72 17.69 9.68
N VAL B 72 -0.59 17.75 9.86
CA VAL B 72 -1.26 19.00 10.21
C VAL B 72 -1.41 19.10 11.72
N ALA B 73 -1.12 20.27 12.26
CA ALA B 73 -1.23 20.51 13.69
C ALA B 73 -1.37 22.00 13.97
N VAL B 74 -2.47 22.36 14.62
CA VAL B 74 -2.72 23.74 14.97
C VAL B 74 -2.04 24.09 16.28
N SER B 75 -1.38 25.24 16.31
CA SER B 75 -0.68 25.68 17.51
C SER B 75 -1.06 27.11 17.85
N ALA B 76 -1.96 27.26 18.82
CA ALA B 76 -2.40 28.57 19.26
C ALA B 76 -1.91 28.84 20.67
N ALA B 77 -1.17 29.93 20.82
CA ALA B 77 -0.62 30.28 22.12
C ALA B 77 -1.54 31.24 22.86
N PRO B 78 -2.06 30.82 24.02
CA PRO B 78 -2.92 31.66 24.85
C PRO B 78 -2.18 32.87 25.41
N GLY B 79 -2.86 33.99 25.43
CA GLY B 79 -2.26 35.21 25.91
C GLY B 79 -2.80 35.65 27.24
N SER B 80 -1.99 35.56 28.28
CA SER B 80 -2.37 35.98 29.62
C SER B 80 -1.13 36.25 30.46
N ALA B 81 -1.36 36.69 31.70
CA ALA B 81 -0.30 36.86 32.69
C ALA B 81 0.73 37.90 32.27
N ALA B 82 0.39 39.17 32.46
CA ALA B 82 1.30 40.26 32.13
C ALA B 82 2.43 40.34 33.14
N PRO B 83 3.68 40.28 32.67
CA PRO B 83 4.86 40.31 33.54
C PRO B 83 5.18 41.73 34.01
N ALA B 84 4.93 41.99 35.28
CA ALA B 84 5.22 43.29 35.88
C ALA B 84 5.31 43.18 37.40
N ALA B 85 6.34 43.78 37.97
CA ALA B 85 6.56 43.75 39.41
C ALA B 85 7.25 45.03 39.85
N GLY B 86 7.38 45.22 41.16
CA GLY B 86 8.05 46.39 41.68
C GLY B 86 8.38 46.24 43.14
N SER B 87 8.99 47.26 43.72
CA SER B 87 9.36 47.22 45.13
C SER B 87 8.79 48.43 45.86
N ALA B 88 8.17 48.19 47.01
CA ALA B 88 7.57 49.24 47.80
C ALA B 88 7.83 49.02 49.27
N PRO B 89 8.39 50.02 49.96
CA PRO B 89 8.67 49.96 51.39
C PRO B 89 7.46 50.34 52.25
N ALA B 90 7.45 49.89 53.50
CA ALA B 90 6.39 50.23 54.44
C ALA B 90 6.83 51.37 55.34
N ALA B 91 5.94 52.32 55.58
CA ALA B 91 6.26 53.50 56.35
C ALA B 91 5.06 53.99 57.14
N ALA B 92 5.33 54.73 58.22
CA ALA B 92 4.27 55.32 59.03
C ALA B 92 4.05 56.76 58.59
N GLU B 93 2.85 57.03 58.07
CA GLU B 93 2.50 58.35 57.57
C GLU B 93 2.65 59.42 58.66
N GLU B 94 3.24 60.55 58.29
CA GLU B 94 3.50 61.63 59.23
C GLU B 94 2.23 62.31 59.70
N LYS B 95 2.18 62.63 60.98
CA LYS B 95 1.09 63.41 61.53
C LYS B 95 1.64 64.61 62.30
N LYS B 96 1.96 65.67 61.57
CA LYS B 96 2.52 66.89 62.17
C LYS B 96 1.43 67.68 62.90
N ASP B 97 1.10 67.27 64.11
CA ASP B 97 0.05 67.91 64.89
C ASP B 97 0.64 69.00 65.79
N GLU B 98 -0.23 69.84 66.35
CA GLU B 98 0.15 70.99 67.18
C GLU B 98 1.10 71.92 66.41
N LYS B 99 0.69 72.27 65.20
CA LYS B 99 1.46 73.19 64.37
C LYS B 99 1.14 74.64 64.72
N LYS B 100 1.34 74.97 66.00
CA LYS B 100 1.11 76.32 66.54
C LYS B 100 -0.40 76.66 66.57
N GLU B 101 -0.94 76.81 67.77
CA GLU B 101 -2.34 77.16 67.93
C GLU B 101 -2.50 78.66 68.13
N GLU B 102 -3.69 79.08 68.54
CA GLU B 102 -3.98 80.48 68.79
C GLU B 102 -2.98 81.06 69.79
N SER B 103 -2.49 82.25 69.49
CA SER B 103 -1.46 82.87 70.30
C SER B 103 -2.08 83.77 71.37
N GLU B 104 -1.92 83.38 72.62
CA GLU B 104 -2.46 84.14 73.74
C GLU B 104 -1.34 84.85 74.50
N GLU B 105 -1.50 86.14 74.73
CA GLU B 105 -0.49 86.93 75.42
C GLU B 105 -1.10 87.69 76.59
N SER B 106 -0.53 87.49 77.78
CA SER B 106 -0.94 88.20 79.01
C SER B 106 -2.42 87.99 79.35
N ASP B 107 -2.71 86.85 79.96
CA ASP B 107 -4.05 86.58 80.45
C ASP B 107 -4.10 86.76 81.97
N ASP B 108 -4.13 88.01 82.41
CA ASP B 108 -4.14 88.33 83.83
C ASP B 108 -5.56 88.25 84.38
N ASP B 109 -6.51 88.83 83.65
CA ASP B 109 -7.92 88.85 84.03
C ASP B 109 -8.08 89.46 85.44
N MET B 110 -7.22 90.40 85.79
CA MET B 110 -7.21 90.98 87.13
C MET B 110 -8.08 92.24 87.20
N GLY B 111 -9.17 92.25 86.46
CA GLY B 111 -10.07 93.40 86.46
C GLY B 111 -9.42 94.66 85.93
N PHE B 112 -8.63 94.49 84.87
CA PHE B 112 -7.97 95.61 84.20
C PHE B 112 -7.00 96.32 85.15
N GLY B 113 -6.36 95.56 86.02
CA GLY B 113 -5.44 96.14 86.98
C GLY B 113 -4.08 96.43 86.39
N LEU B 114 -4.04 97.36 85.44
CA LEU B 114 -2.78 97.79 84.85
C LEU B 114 -2.41 99.17 85.39
N PHE B 115 -2.89 99.45 86.60
CA PHE B 115 -2.75 100.76 87.20
C PHE B 115 -1.60 100.80 88.20
N ASP B 116 -1.12 99.63 88.59
CA ASP B 116 -0.02 99.54 89.55
C ASP B 116 1.19 98.93 88.87
N MET A 1 1.79 -17.44 -2.07
CA MET A 1 1.05 -16.46 -2.88
C MET A 1 -0.39 -16.38 -2.43
N ALA A 2 -0.93 -15.16 -2.38
CA ALA A 2 -2.31 -14.96 -1.96
C ALA A 2 -3.18 -14.58 -3.14
N SER A 3 -3.14 -13.30 -3.52
CA SER A 3 -3.97 -12.80 -4.59
C SER A 3 -3.11 -12.09 -5.64
N VAL A 4 -2.59 -12.86 -6.59
CA VAL A 4 -1.61 -12.36 -7.55
C VAL A 4 -2.26 -11.36 -8.49
N SER A 5 -3.55 -11.51 -8.68
CA SER A 5 -4.31 -10.67 -9.57
C SER A 5 -4.26 -9.20 -9.13
N GLU A 6 -4.72 -8.94 -7.91
CA GLU A 6 -4.72 -7.60 -7.36
C GLU A 6 -3.31 -7.15 -7.01
N LEU A 7 -2.44 -8.11 -6.67
CA LEU A 7 -1.01 -7.80 -6.51
C LEU A 7 -0.49 -7.15 -7.78
N ALA A 8 -0.73 -7.82 -8.91
CA ALA A 8 -0.33 -7.31 -10.20
C ALA A 8 -0.87 -5.91 -10.46
N CYS A 9 -2.18 -5.76 -10.30
CA CYS A 9 -2.81 -4.47 -10.56
C CYS A 9 -2.30 -3.39 -9.61
N ILE A 10 -1.99 -3.76 -8.36
CA ILE A 10 -1.52 -2.80 -7.38
C ILE A 10 -0.11 -2.33 -7.68
N TYR A 11 0.74 -3.25 -8.10
CA TYR A 11 2.10 -2.87 -8.47
C TYR A 11 2.08 -2.18 -9.83
N SER A 12 1.01 -2.39 -10.58
CA SER A 12 0.78 -1.62 -11.80
C SER A 12 0.40 -0.20 -11.44
N ALA A 13 -0.50 -0.05 -10.47
CA ALA A 13 -0.83 1.25 -9.90
C ALA A 13 0.45 1.98 -9.51
N LEU A 14 1.35 1.26 -8.83
CA LEU A 14 2.63 1.83 -8.43
C LEU A 14 3.42 2.30 -9.66
N ILE A 15 3.59 1.41 -10.62
CA ILE A 15 4.37 1.70 -11.82
C ILE A 15 3.77 2.85 -12.65
N LEU A 16 2.46 2.98 -12.62
CA LEU A 16 1.79 4.03 -13.38
C LEU A 16 1.46 5.26 -12.52
N HIS A 17 1.79 5.21 -11.23
CA HIS A 17 1.62 6.38 -10.39
C HIS A 17 2.94 6.72 -9.70
N ASP A 18 3.97 6.86 -10.52
CA ASP A 18 5.30 7.23 -10.06
C ASP A 18 5.91 8.26 -11.00
N ASP A 19 6.02 7.90 -12.26
CA ASP A 19 6.48 8.81 -13.30
C ASP A 19 5.38 9.84 -13.61
N GLU A 20 5.59 10.68 -14.61
CA GLU A 20 4.60 11.67 -15.00
C GLU A 20 3.48 10.98 -15.81
N VAL A 21 3.79 9.78 -16.31
CA VAL A 21 2.81 8.95 -17.00
C VAL A 21 1.65 8.58 -16.06
N THR A 22 0.44 8.89 -16.50
CA THR A 22 -0.78 8.65 -15.69
C THR A 22 -1.27 7.20 -15.83
N VAL A 23 -1.91 6.70 -14.76
CA VAL A 23 -2.50 5.36 -14.80
C VAL A 23 -3.56 5.29 -15.89
N THR A 24 -3.42 4.33 -16.79
CA THR A 24 -4.30 4.24 -17.93
C THR A 24 -4.56 2.80 -18.34
N GLU A 25 -5.78 2.52 -18.78
CA GLU A 25 -6.20 1.17 -19.15
C GLU A 25 -5.16 0.48 -20.03
N ASP A 26 -4.74 1.19 -21.08
CA ASP A 26 -3.76 0.72 -22.04
C ASP A 26 -2.48 0.26 -21.36
N LYS A 27 -2.02 1.04 -20.40
CA LYS A 27 -0.73 0.79 -19.79
C LYS A 27 -0.80 -0.35 -18.78
N ILE A 28 -1.86 -0.39 -17.99
CA ILE A 28 -2.02 -1.49 -17.06
C ILE A 28 -2.17 -2.81 -17.83
N ASN A 29 -3.06 -2.82 -18.81
CA ASN A 29 -3.24 -4.01 -19.65
C ASN A 29 -1.91 -4.44 -20.27
N ALA A 30 -1.16 -3.48 -20.78
CA ALA A 30 0.17 -3.74 -21.33
C ALA A 30 1.07 -4.40 -20.29
N LEU A 31 1.06 -3.86 -19.09
CA LEU A 31 1.92 -4.34 -18.01
C LEU A 31 1.49 -5.74 -17.54
N ILE A 32 0.18 -5.94 -17.46
CA ILE A 32 -0.36 -7.21 -17.03
C ILE A 32 0.03 -8.30 -18.02
N LYS A 33 0.04 -7.97 -19.32
CA LYS A 33 0.47 -8.94 -20.32
C LYS A 33 2.00 -8.94 -20.43
N ALA A 34 2.64 -7.89 -19.93
CA ALA A 34 4.10 -7.83 -19.86
C ALA A 34 4.63 -8.94 -18.98
N ALA A 35 4.01 -9.09 -17.82
CA ALA A 35 4.37 -10.17 -16.91
C ALA A 35 3.67 -11.47 -17.30
N GLY A 36 2.36 -11.38 -17.54
CA GLY A 36 1.60 -12.55 -17.97
C GLY A 36 0.93 -13.27 -16.82
N VAL A 37 -0.02 -12.61 -16.17
CA VAL A 37 -0.77 -13.23 -15.09
C VAL A 37 -2.26 -13.24 -15.38
N ASN A 38 -3.04 -13.80 -14.46
CA ASN A 38 -4.47 -13.94 -14.63
C ASN A 38 -5.21 -13.06 -13.63
N VAL A 39 -5.91 -12.06 -14.14
CA VAL A 39 -6.66 -11.15 -13.31
C VAL A 39 -7.93 -10.68 -14.03
N GLU A 40 -9.04 -10.65 -13.29
CA GLU A 40 -10.33 -10.21 -13.82
C GLU A 40 -10.21 -8.81 -14.40
N PRO A 41 -10.57 -8.63 -15.69
CA PRO A 41 -10.40 -7.35 -16.41
C PRO A 41 -11.10 -6.18 -15.72
N PHE A 42 -11.87 -6.49 -14.70
CA PHE A 42 -12.63 -5.49 -13.97
C PHE A 42 -11.71 -4.74 -13.03
N TRP A 43 -10.61 -5.38 -12.62
CA TRP A 43 -9.60 -4.73 -11.79
C TRP A 43 -8.90 -3.62 -12.59
N PRO A 44 -8.23 -3.93 -13.73
CA PRO A 44 -7.60 -2.90 -14.57
C PRO A 44 -8.60 -1.83 -15.01
N GLY A 45 -9.80 -2.27 -15.41
CA GLY A 45 -10.84 -1.33 -15.80
C GLY A 45 -11.17 -0.35 -14.69
N LEU A 46 -11.50 -0.91 -13.52
CA LEU A 46 -11.82 -0.09 -12.36
C LEU A 46 -10.65 0.80 -12.00
N PHE A 47 -9.44 0.23 -12.00
CA PHE A 47 -8.25 0.99 -11.64
C PHE A 47 -8.10 2.24 -12.48
N ALA A 48 -8.13 2.08 -13.80
CA ALA A 48 -7.91 3.22 -14.67
C ALA A 48 -9.11 4.16 -14.69
N LYS A 49 -10.29 3.65 -14.39
CA LYS A 49 -11.50 4.47 -14.43
C LYS A 49 -11.93 4.98 -13.04
N ALA A 50 -11.20 4.59 -11.98
CA ALA A 50 -11.56 5.00 -10.62
C ALA A 50 -10.40 5.65 -9.87
N LEU A 51 -9.16 5.45 -10.32
CA LEU A 51 -8.02 6.13 -9.69
C LEU A 51 -7.93 7.58 -10.20
N ALA A 52 -6.86 7.90 -10.95
CA ALA A 52 -6.67 9.25 -11.55
C ALA A 52 -6.62 10.39 -10.52
N ASN A 53 -6.69 10.06 -9.24
CA ASN A 53 -6.78 11.05 -8.17
C ASN A 53 -6.01 10.54 -6.97
N VAL A 54 -6.40 9.32 -6.63
CA VAL A 54 -5.79 8.48 -5.62
C VAL A 54 -4.36 8.89 -5.24
N ASN A 55 -4.24 9.38 -4.02
CA ASN A 55 -2.93 9.49 -3.37
C ASN A 55 -2.32 8.11 -3.35
N ILE A 56 -1.07 8.01 -3.77
CA ILE A 56 -0.44 6.73 -4.08
C ILE A 56 -0.64 5.67 -2.98
N GLY A 57 -0.21 5.95 -1.75
CA GLY A 57 -0.29 4.94 -0.68
C GLY A 57 -1.72 4.45 -0.43
N SER A 58 -2.69 5.30 -0.71
CA SER A 58 -4.09 4.99 -0.47
C SER A 58 -4.54 3.76 -1.27
N LEU A 59 -3.76 3.38 -2.28
CA LEU A 59 -4.10 2.22 -3.11
C LEU A 59 -4.18 0.94 -2.28
N ILE A 60 -3.60 0.96 -1.07
CA ILE A 60 -3.63 -0.22 -0.20
C ILE A 60 -5.06 -0.55 0.24
N CYS A 61 -5.94 0.46 0.19
CA CYS A 61 -7.33 0.25 0.56
C CYS A 61 -8.25 0.75 -0.55
N ASN A 62 -8.31 0.00 -1.65
CA ASN A 62 -9.15 0.36 -2.78
C ASN A 62 -10.35 -0.55 -2.88
N VAL A 63 -10.32 -1.65 -2.13
CA VAL A 63 -11.36 -2.68 -2.20
C VAL A 63 -12.65 -2.22 -1.51
N GLY A 64 -12.50 -1.59 -0.36
CA GLY A 64 -13.64 -1.10 0.37
C GLY A 64 -14.38 -2.19 1.11
N ALA A 65 -15.22 -2.92 0.38
CA ALA A 65 -16.01 -4.00 0.96
C ALA A 65 -15.74 -5.32 0.24
N GLY A 66 -15.80 -5.28 -1.08
CA GLY A 66 -15.60 -6.47 -1.87
C GLY A 66 -16.13 -6.27 -3.28
N GLY A 67 -16.69 -7.33 -3.85
CA GLY A 67 -17.21 -7.23 -5.21
C GLY A 67 -17.81 -8.54 -5.68
N PRO A 68 -18.61 -8.51 -6.76
CA PRO A 68 -19.23 -9.70 -7.32
C PRO A 68 -18.37 -10.38 -8.38
N ALA A 69 -18.59 -11.68 -8.58
CA ALA A 69 -17.86 -12.44 -9.57
C ALA A 69 -18.82 -12.95 -10.64
N PRO A 70 -18.62 -12.59 -11.91
CA PRO A 70 -19.45 -13.06 -13.02
C PRO A 70 -19.21 -14.54 -13.33
N ALA A 71 -18.04 -15.03 -12.92
CA ALA A 71 -17.66 -16.44 -13.08
C ALA A 71 -17.50 -16.83 -14.55
N ALA A 72 -17.60 -18.12 -14.85
CA ALA A 72 -17.43 -18.61 -16.21
C ALA A 72 -18.57 -18.13 -17.11
N GLY A 73 -18.19 -17.72 -18.32
CA GLY A 73 -19.17 -17.23 -19.28
C GLY A 73 -19.84 -18.35 -20.04
N ALA A 74 -19.08 -19.41 -20.33
CA ALA A 74 -19.58 -20.57 -21.08
C ALA A 74 -19.94 -20.21 -22.52
N ALA A 75 -19.03 -20.58 -23.45
CA ALA A 75 -19.18 -20.31 -24.88
C ALA A 75 -18.93 -18.83 -25.20
N PRO A 76 -18.22 -18.57 -26.31
CA PRO A 76 -17.87 -17.20 -26.72
C PRO A 76 -19.08 -16.34 -27.06
N ALA A 77 -18.87 -15.02 -27.06
CA ALA A 77 -19.89 -14.01 -27.34
C ALA A 77 -20.80 -13.78 -26.14
N GLY A 78 -21.26 -12.53 -25.98
CA GLY A 78 -22.04 -12.15 -24.82
C GLY A 78 -23.48 -12.59 -24.90
N GLY A 79 -23.84 -13.25 -25.99
CA GLY A 79 -25.18 -13.76 -26.14
C GLY A 79 -25.93 -13.11 -27.30
N PRO A 80 -26.76 -12.09 -27.03
CA PRO A 80 -27.57 -11.43 -28.06
C PRO A 80 -26.70 -10.66 -29.04
N ALA A 81 -26.54 -11.20 -30.24
CA ALA A 81 -25.75 -10.56 -31.28
C ALA A 81 -26.54 -10.51 -32.59
N PRO A 82 -27.29 -9.42 -32.82
CA PRO A 82 -28.04 -9.21 -34.05
C PRO A 82 -27.12 -9.19 -35.28
N SER A 83 -26.11 -8.33 -35.24
CA SER A 83 -25.14 -8.23 -36.31
C SER A 83 -23.92 -7.44 -35.83
N THR A 84 -22.86 -7.48 -36.61
CA THR A 84 -21.61 -6.79 -36.28
C THR A 84 -20.76 -6.65 -37.53
N ALA A 85 -20.68 -7.74 -38.29
CA ALA A 85 -19.94 -7.73 -39.54
C ALA A 85 -20.91 -7.51 -40.70
N ALA A 86 -20.84 -6.31 -41.27
CA ALA A 86 -21.73 -5.90 -42.36
C ALA A 86 -23.18 -5.80 -41.87
N ALA A 87 -24.11 -5.58 -42.80
CA ALA A 87 -25.52 -5.43 -42.47
C ALA A 87 -25.75 -4.31 -41.45
N PRO A 88 -25.56 -3.04 -41.86
CA PRO A 88 -25.75 -1.87 -40.98
C PRO A 88 -27.15 -1.81 -40.39
N ALA A 89 -27.26 -1.43 -39.12
CA ALA A 89 -28.54 -1.35 -38.45
C ALA A 89 -28.76 0.02 -37.80
N GLU A 90 -28.30 1.05 -38.47
CA GLU A 90 -28.47 2.42 -37.99
C GLU A 90 -29.84 2.95 -38.38
N GLU A 91 -30.28 4.01 -37.70
CA GLU A 91 -31.64 4.52 -37.87
C GLU A 91 -31.72 5.55 -39.02
N LYS A 92 -32.84 6.30 -39.05
CA LYS A 92 -33.12 7.29 -40.09
C LYS A 92 -33.53 6.63 -41.41
N LYS A 93 -33.92 7.45 -42.38
CA LYS A 93 -34.26 6.97 -43.71
C LYS A 93 -33.78 7.96 -44.77
N VAL A 94 -33.28 7.43 -45.87
CA VAL A 94 -32.63 8.24 -46.89
C VAL A 94 -33.64 8.85 -47.87
N GLU A 95 -34.79 8.18 -48.02
CA GLU A 95 -35.84 8.64 -48.93
C GLU A 95 -35.31 8.87 -50.34
N ALA A 96 -35.30 7.80 -51.10
CA ALA A 96 -34.86 7.86 -52.48
C ALA A 96 -35.84 7.11 -53.36
N LYS A 97 -35.86 7.43 -54.64
CA LYS A 97 -36.79 6.84 -55.56
C LYS A 97 -36.24 5.51 -56.09
N LYS A 98 -37.09 4.49 -56.08
CA LYS A 98 -36.69 3.15 -56.51
C LYS A 98 -36.65 3.08 -58.04
N GLU A 99 -37.45 3.91 -58.70
CA GLU A 99 -37.41 4.06 -60.16
C GLU A 99 -37.63 2.72 -60.86
N GLU A 100 -38.90 2.37 -61.09
CA GLU A 100 -39.22 1.13 -61.75
C GLU A 100 -39.35 1.31 -63.25
N SER A 101 -38.59 2.28 -63.75
CA SER A 101 -38.42 2.50 -65.18
C SER A 101 -39.67 3.08 -65.86
N GLU A 102 -39.77 4.41 -65.84
CA GLU A 102 -40.75 5.09 -66.68
C GLU A 102 -40.19 6.44 -67.13
N GLU A 103 -40.54 6.85 -68.34
CA GLU A 103 -40.09 8.10 -68.91
C GLU A 103 -40.83 8.38 -70.21
N SER A 104 -40.53 9.56 -70.79
CA SER A 104 -41.08 10.03 -72.06
C SER A 104 -42.62 10.16 -72.05
N ASP A 105 -43.10 11.36 -72.38
CA ASP A 105 -44.54 11.63 -72.40
C ASP A 105 -45.13 11.24 -73.75
N ASP A 106 -44.96 9.99 -74.13
CA ASP A 106 -45.47 9.49 -75.39
C ASP A 106 -46.99 9.49 -75.43
N ASP A 107 -47.62 8.81 -74.47
CA ASP A 107 -49.08 8.75 -74.43
C ASP A 107 -49.68 10.11 -74.09
N MET A 108 -50.62 10.53 -74.92
CA MET A 108 -51.33 11.79 -74.76
C MET A 108 -50.39 12.98 -74.93
N GLY A 109 -49.31 12.78 -75.67
CA GLY A 109 -48.38 13.84 -75.97
C GLY A 109 -49.00 14.92 -76.83
N PHE A 110 -48.80 16.17 -76.43
CA PHE A 110 -49.35 17.31 -77.16
C PHE A 110 -48.52 17.59 -78.41
N GLY A 111 -49.19 17.95 -79.49
CA GLY A 111 -48.48 18.22 -80.71
C GLY A 111 -49.40 18.47 -81.88
N LEU A 112 -49.13 19.54 -82.61
CA LEU A 112 -49.87 19.86 -83.81
C LEU A 112 -49.05 19.48 -85.04
N PHE A 113 -47.89 18.89 -84.78
CA PHE A 113 -46.99 18.51 -85.85
C PHE A 113 -47.50 17.28 -86.59
N ASP A 114 -47.15 17.19 -87.86
CA ASP A 114 -47.59 16.09 -88.71
C ASP A 114 -46.36 15.35 -89.23
N ALA B 1 7.72 7.48 -5.61
CA ALA B 1 9.07 7.16 -6.12
C ALA B 1 9.34 5.66 -6.04
N MET B 2 8.76 4.93 -6.97
CA MET B 2 8.87 3.47 -7.01
C MET B 2 9.70 3.05 -8.21
N ARG B 3 10.94 3.55 -8.25
CA ARG B 3 11.84 3.46 -9.41
C ARG B 3 11.67 2.16 -10.20
N TYR B 4 12.19 1.07 -9.67
CA TYR B 4 12.08 -0.22 -10.33
C TYR B 4 11.68 -1.30 -9.32
N VAL B 5 11.23 -0.83 -8.16
CA VAL B 5 10.89 -1.72 -7.06
C VAL B 5 9.65 -2.53 -7.40
N ALA B 6 8.57 -1.84 -7.77
CA ALA B 6 7.34 -2.50 -8.13
C ALA B 6 7.46 -3.20 -9.47
N SER B 7 8.52 -2.87 -10.21
CA SER B 7 8.84 -3.57 -11.43
C SER B 7 9.39 -4.96 -11.09
N TYR B 8 10.26 -5.01 -10.08
CA TYR B 8 10.77 -6.28 -9.58
C TYR B 8 9.61 -7.10 -9.03
N LEU B 9 8.75 -6.43 -8.28
CA LEU B 9 7.55 -7.06 -7.72
C LEU B 9 6.65 -7.62 -8.83
N LEU B 10 6.42 -6.79 -9.85
CA LEU B 10 5.58 -7.16 -10.99
C LEU B 10 6.10 -8.43 -11.65
N ALA B 11 7.38 -8.42 -12.01
CA ALA B 11 8.01 -9.55 -12.67
C ALA B 11 8.01 -10.78 -11.77
N ALA B 12 8.16 -10.56 -10.46
CA ALA B 12 8.13 -11.65 -9.48
C ALA B 12 6.78 -12.34 -9.47
N LEU B 13 5.71 -11.56 -9.29
CA LEU B 13 4.36 -12.12 -9.27
C LEU B 13 3.98 -12.69 -10.62
N GLY B 14 4.67 -12.24 -11.67
CA GLY B 14 4.49 -12.79 -13.00
C GLY B 14 4.80 -14.27 -13.07
N GLY B 15 5.50 -14.78 -12.06
CA GLY B 15 5.81 -16.19 -12.03
C GLY B 15 7.31 -16.45 -12.00
N ASN B 16 8.08 -15.38 -11.91
CA ASN B 16 9.53 -15.49 -11.91
C ASN B 16 10.09 -14.97 -10.59
N SER B 17 10.58 -15.89 -9.77
CA SER B 17 11.12 -15.55 -8.45
C SER B 17 12.41 -14.76 -8.57
N SER B 18 13.00 -14.76 -9.75
CA SER B 18 14.28 -14.11 -9.93
C SER B 18 14.24 -13.10 -11.06
N PRO B 19 13.49 -11.99 -10.89
CA PRO B 19 13.42 -10.93 -11.89
C PRO B 19 14.78 -10.31 -12.16
N SER B 20 15.22 -10.36 -13.41
CA SER B 20 16.51 -9.78 -13.76
C SER B 20 16.32 -8.44 -14.45
N ALA B 21 17.43 -7.82 -14.84
CA ALA B 21 17.39 -6.50 -15.45
C ALA B 21 16.53 -6.51 -16.72
N LYS B 22 16.62 -7.60 -17.45
CA LYS B 22 15.91 -7.71 -18.71
C LYS B 22 14.41 -7.93 -18.48
N ASP B 23 14.07 -8.67 -17.41
CA ASP B 23 12.67 -8.85 -17.02
C ASP B 23 12.04 -7.49 -16.72
N ILE B 24 12.67 -6.75 -15.82
CA ILE B 24 12.16 -5.46 -15.41
C ILE B 24 12.14 -4.47 -16.58
N LYS B 25 13.20 -4.47 -17.40
CA LYS B 25 13.25 -3.61 -18.56
C LYS B 25 12.06 -3.86 -19.48
N LYS B 26 11.84 -5.13 -19.83
CA LYS B 26 10.74 -5.49 -20.72
C LYS B 26 9.39 -5.08 -20.12
N ILE B 27 9.25 -5.30 -18.82
CA ILE B 27 8.00 -5.00 -18.14
C ILE B 27 7.69 -3.50 -18.18
N LEU B 28 8.71 -2.67 -17.94
CA LEU B 28 8.50 -1.23 -17.94
C LEU B 28 8.52 -0.69 -19.38
N ASP B 29 9.15 -1.45 -20.27
CA ASP B 29 9.19 -1.11 -21.68
C ASP B 29 7.82 -1.35 -22.31
N SER B 30 7.09 -2.30 -21.73
CA SER B 30 5.76 -2.65 -22.21
C SER B 30 4.78 -1.48 -22.04
N VAL B 31 4.67 -0.95 -20.81
CA VAL B 31 3.79 0.18 -20.54
C VAL B 31 4.20 1.42 -21.35
N GLY B 32 5.50 1.57 -21.58
CA GLY B 32 5.99 2.68 -22.38
C GLY B 32 6.59 3.79 -21.54
N ILE B 33 7.32 3.42 -20.50
CA ILE B 33 8.03 4.40 -19.68
C ILE B 33 9.53 4.15 -19.80
N GLU B 34 10.27 5.20 -20.18
CA GLU B 34 11.72 5.10 -20.38
C GLU B 34 12.41 4.55 -19.13
N ALA B 35 13.46 3.75 -19.34
CA ALA B 35 14.10 3.05 -18.24
C ALA B 35 15.62 3.01 -18.41
N ASP B 36 16.32 3.63 -17.47
CA ASP B 36 17.77 3.59 -17.42
C ASP B 36 18.25 2.18 -17.07
N ASP B 37 18.93 1.53 -18.00
CA ASP B 37 19.46 0.18 -17.78
C ASP B 37 20.39 0.16 -16.56
N ASP B 38 21.20 1.19 -16.43
CA ASP B 38 22.12 1.33 -15.30
C ASP B 38 21.35 1.44 -13.98
N ARG B 39 20.50 2.46 -13.90
CA ARG B 39 19.74 2.73 -12.68
C ARG B 39 18.79 1.58 -12.38
N LEU B 40 18.32 0.90 -13.41
CA LEU B 40 17.44 -0.24 -13.27
C LEU B 40 18.10 -1.32 -12.40
N ASN B 41 19.23 -1.83 -12.85
CA ASN B 41 19.98 -2.84 -12.11
C ASN B 41 20.49 -2.28 -10.78
N LYS B 42 20.71 -0.96 -10.73
CA LYS B 42 21.09 -0.31 -9.48
C LYS B 42 19.99 -0.44 -8.44
N VAL B 43 18.76 -0.14 -8.85
CA VAL B 43 17.64 -0.21 -7.93
C VAL B 43 17.34 -1.66 -7.61
N ILE B 44 17.58 -2.51 -8.58
CA ILE B 44 17.38 -3.94 -8.39
C ILE B 44 18.34 -4.49 -7.34
N SER B 45 19.54 -3.96 -7.32
CA SER B 45 20.49 -4.30 -6.27
C SER B 45 20.11 -3.58 -4.97
N GLU B 46 19.43 -2.46 -5.13
CA GLU B 46 18.95 -1.67 -4.01
C GLU B 46 17.78 -2.37 -3.28
N LEU B 47 16.87 -2.99 -4.03
CA LEU B 47 15.74 -3.70 -3.43
C LEU B 47 15.90 -5.22 -3.55
N ASN B 48 17.12 -5.67 -3.82
CA ASN B 48 17.41 -7.09 -3.98
C ASN B 48 17.11 -7.86 -2.69
N GLY B 49 16.21 -8.83 -2.77
CA GLY B 49 15.86 -9.61 -1.60
C GLY B 49 15.37 -11.00 -1.95
N LYS B 50 15.65 -11.97 -1.10
CA LYS B 50 15.18 -13.33 -1.30
C LYS B 50 13.76 -13.49 -0.77
N ASN B 51 13.39 -12.63 0.18
CA ASN B 51 12.05 -12.63 0.77
C ASN B 51 11.06 -11.91 -0.14
N ILE B 52 10.98 -12.36 -1.38
CA ILE B 52 10.12 -11.72 -2.37
C ILE B 52 8.65 -11.91 -2.05
N GLU B 53 8.23 -13.13 -1.77
CA GLU B 53 6.83 -13.39 -1.53
C GLU B 53 6.39 -12.73 -0.22
N ASP B 54 7.35 -12.53 0.67
CA ASP B 54 7.12 -11.82 1.92
C ASP B 54 6.96 -10.32 1.65
N VAL B 55 7.89 -9.76 0.86
CA VAL B 55 7.86 -8.34 0.53
C VAL B 55 6.66 -7.99 -0.35
N ILE B 56 6.08 -9.02 -0.97
CA ILE B 56 4.85 -8.84 -1.74
C ILE B 56 3.62 -8.91 -0.83
N ALA B 57 3.55 -9.98 -0.03
CA ALA B 57 2.41 -10.23 0.83
C ALA B 57 2.22 -9.11 1.86
N GLN B 58 3.31 -8.51 2.29
CA GLN B 58 3.24 -7.42 3.25
C GLN B 58 3.99 -6.19 2.75
N GLY B 59 3.93 -5.95 1.45
CA GLY B 59 4.68 -4.85 0.86
C GLY B 59 3.87 -4.01 -0.08
N ILE B 60 2.74 -3.48 0.37
CA ILE B 60 1.99 -2.51 -0.42
C ILE B 60 2.39 -1.11 -0.02
N GLY B 61 2.86 -0.97 1.22
CA GLY B 61 3.30 0.33 1.70
C GLY B 61 4.78 0.34 2.04
N LYS B 62 5.57 -0.34 1.22
CA LYS B 62 7.03 -0.35 1.38
C LYS B 62 7.70 0.11 0.08
N LEU B 63 6.91 0.73 -0.80
CA LEU B 63 7.40 1.14 -2.11
C LEU B 63 7.30 2.64 -2.25
N ALA B 64 6.06 3.11 -2.33
CA ALA B 64 5.76 4.53 -2.43
C ALA B 64 6.27 5.30 -1.23
N SER B 65 6.31 4.64 -0.09
CA SER B 65 6.75 5.25 1.14
C SER B 65 7.65 4.30 1.90
N VAL B 66 8.82 4.80 2.29
CA VAL B 66 9.85 4.01 2.96
C VAL B 66 10.28 2.83 2.10
N PRO B 67 11.37 3.00 1.33
CA PRO B 67 11.86 1.98 0.40
C PRO B 67 12.42 0.75 1.11
N ALA B 68 12.81 0.94 2.38
CA ALA B 68 13.42 -0.09 3.18
C ALA B 68 13.81 0.48 4.54
N GLY B 69 14.33 1.70 4.50
CA GLY B 69 14.79 2.35 5.71
C GLY B 69 16.18 2.92 5.53
N GLY B 70 16.89 2.35 4.57
CA GLY B 70 18.24 2.80 4.28
C GLY B 70 18.84 2.03 3.13
N ALA B 71 20.13 2.17 2.93
CA ALA B 71 20.81 1.49 1.84
C ALA B 71 21.51 0.24 2.35
N VAL B 72 20.85 -0.90 2.22
CA VAL B 72 21.42 -2.17 2.65
C VAL B 72 21.63 -3.06 1.43
N ALA B 73 22.77 -3.75 1.39
CA ALA B 73 23.09 -4.61 0.26
C ALA B 73 23.75 -5.89 0.74
N VAL B 74 23.44 -6.99 0.05
CA VAL B 74 23.99 -8.29 0.40
C VAL B 74 25.27 -8.57 -0.37
N SER B 75 26.06 -7.53 -0.58
CA SER B 75 27.29 -7.65 -1.34
C SER B 75 28.50 -7.26 -0.49
N ALA B 76 29.28 -8.27 -0.08
CA ALA B 76 30.49 -8.03 0.69
C ALA B 76 31.71 -8.05 -0.23
N ALA B 77 31.76 -7.10 -1.16
CA ALA B 77 32.83 -6.99 -2.14
C ALA B 77 32.79 -8.15 -3.13
N PRO B 78 32.24 -7.91 -4.32
CA PRO B 78 32.10 -8.92 -5.36
C PRO B 78 33.41 -9.16 -6.10
N GLY B 79 34.39 -9.69 -5.39
CA GLY B 79 35.64 -10.04 -6.00
C GLY B 79 36.81 -9.57 -5.18
N SER B 80 38.02 -9.74 -5.72
CA SER B 80 39.25 -9.36 -5.02
C SER B 80 39.42 -10.20 -3.75
N ALA B 81 40.40 -9.82 -2.94
CA ALA B 81 40.61 -10.45 -1.63
C ALA B 81 40.92 -11.93 -1.78
N ALA B 82 41.60 -12.29 -2.86
CA ALA B 82 42.01 -13.66 -3.09
C ALA B 82 43.14 -14.05 -2.15
N PRO B 83 43.08 -15.26 -1.57
CA PRO B 83 44.10 -15.74 -0.64
C PRO B 83 45.41 -16.11 -1.34
N ALA B 84 45.97 -15.13 -2.04
CA ALA B 84 47.24 -15.30 -2.73
C ALA B 84 48.19 -14.17 -2.33
N ALA B 85 48.04 -13.69 -1.11
CA ALA B 85 48.86 -12.60 -0.60
C ALA B 85 49.42 -12.94 0.77
N GLY B 86 50.67 -13.38 0.77
CA GLY B 86 51.35 -13.72 2.01
C GLY B 86 52.84 -13.47 1.93
N SER B 87 53.50 -14.14 0.99
CA SER B 87 54.93 -13.97 0.78
C SER B 87 55.24 -12.60 0.16
N ALA B 88 55.47 -11.61 1.02
CA ALA B 88 55.74 -10.25 0.56
C ALA B 88 57.22 -10.01 0.24
N PRO B 89 58.15 -10.34 1.18
CA PRO B 89 59.58 -10.07 0.97
C PRO B 89 60.22 -11.10 0.03
N ALA B 90 60.96 -10.63 -0.96
CA ALA B 90 61.63 -11.51 -1.89
C ALA B 90 63.02 -10.96 -2.23
N ALA B 91 64.01 -11.85 -2.28
CA ALA B 91 65.36 -11.46 -2.64
C ALA B 91 65.59 -11.65 -4.13
N ALA B 92 66.34 -10.75 -4.73
CA ALA B 92 66.60 -10.79 -6.17
C ALA B 92 68.07 -10.60 -6.46
N GLU B 93 68.90 -10.99 -5.50
CA GLU B 93 70.33 -10.86 -5.64
C GLU B 93 70.87 -11.72 -6.79
N GLU B 94 71.07 -11.11 -7.94
CA GLU B 94 71.67 -11.77 -9.09
C GLU B 94 73.18 -11.92 -8.90
N LYS B 95 73.57 -12.46 -7.74
CA LYS B 95 74.97 -12.75 -7.41
C LYS B 95 75.88 -11.53 -7.53
N LYS B 96 75.82 -10.67 -6.52
CA LYS B 96 76.65 -9.48 -6.47
C LYS B 96 77.93 -9.75 -5.68
N ASP B 97 78.98 -8.97 -5.96
CA ASP B 97 80.21 -9.04 -5.19
C ASP B 97 80.62 -7.65 -4.73
N GLU B 98 81.20 -7.60 -3.54
CA GLU B 98 81.66 -6.36 -2.92
C GLU B 98 82.75 -6.68 -1.91
N LYS B 99 82.66 -7.87 -1.31
CA LYS B 99 83.53 -8.25 -0.21
C LYS B 99 83.91 -9.72 -0.26
N LYS B 100 84.01 -10.30 -1.45
CA LYS B 100 84.44 -11.68 -1.58
C LYS B 100 85.97 -11.78 -1.60
N GLU B 101 86.57 -11.12 -2.59
CA GLU B 101 88.03 -10.96 -2.66
C GLU B 101 88.76 -12.31 -2.63
N GLU B 102 88.73 -13.02 -3.75
CA GLU B 102 89.38 -14.31 -3.85
C GLU B 102 90.74 -14.21 -4.55
N SER B 103 91.40 -13.09 -4.34
CA SER B 103 92.66 -12.81 -4.98
C SER B 103 93.77 -12.72 -3.94
N GLU B 104 94.93 -13.28 -4.26
CA GLU B 104 96.08 -13.25 -3.36
C GLU B 104 96.76 -11.88 -3.43
N GLU B 105 96.89 -11.22 -2.29
CA GLU B 105 97.47 -9.88 -2.24
C GLU B 105 98.98 -9.96 -2.05
N SER B 106 99.66 -8.83 -2.15
CA SER B 106 101.10 -8.79 -1.99
C SER B 106 101.50 -8.21 -0.62
N ASP B 107 101.96 -9.08 0.27
CA ASP B 107 102.38 -8.69 1.62
C ASP B 107 103.90 -8.63 1.71
N ASP B 108 104.54 -8.36 0.58
CA ASP B 108 105.98 -8.38 0.48
C ASP B 108 106.62 -7.11 1.08
N ASP B 109 106.63 -7.04 2.40
CA ASP B 109 107.34 -5.96 3.11
C ASP B 109 108.83 -6.31 3.18
N MET B 110 109.48 -6.21 2.02
CA MET B 110 110.91 -6.57 1.83
C MET B 110 111.30 -7.87 2.53
N GLY B 111 110.34 -8.79 2.63
CA GLY B 111 110.60 -10.11 3.17
C GLY B 111 111.23 -10.08 4.56
N PHE B 112 110.66 -9.26 5.43
CA PHE B 112 111.09 -9.17 6.83
C PHE B 112 112.53 -8.67 6.92
N GLY B 113 112.98 -7.96 5.90
CA GLY B 113 114.32 -7.43 5.88
C GLY B 113 115.34 -8.48 5.51
N LEU B 114 115.62 -9.36 6.47
CA LEU B 114 116.63 -10.41 6.32
C LEU B 114 117.99 -9.82 5.92
N PHE B 115 118.22 -8.58 6.31
CA PHE B 115 119.45 -7.88 5.96
C PHE B 115 119.98 -7.08 7.14
N ASP B 116 119.12 -6.23 7.68
CA ASP B 116 119.47 -5.38 8.81
C ASP B 116 118.22 -5.13 9.65
N MET A 1 1.17 -18.62 -4.62
CA MET A 1 0.77 -17.48 -3.79
C MET A 1 -0.64 -17.03 -4.16
N ALA A 2 -1.39 -16.56 -3.18
CA ALA A 2 -2.76 -16.11 -3.42
C ALA A 2 -2.79 -14.59 -3.58
N SER A 3 -3.98 -14.04 -3.78
CA SER A 3 -4.18 -12.59 -3.97
C SER A 3 -3.25 -12.02 -5.05
N VAL A 4 -2.91 -12.84 -6.03
CA VAL A 4 -1.98 -12.43 -7.08
C VAL A 4 -2.64 -11.46 -8.03
N SER A 5 -3.96 -11.51 -8.09
CA SER A 5 -4.70 -10.59 -8.92
C SER A 5 -4.54 -9.17 -8.37
N GLU A 6 -4.87 -9.00 -7.11
CA GLU A 6 -4.74 -7.73 -6.43
C GLU A 6 -3.29 -7.27 -6.45
N LEU A 7 -2.37 -8.19 -6.18
CA LEU A 7 -0.93 -7.90 -6.26
C LEU A 7 -0.59 -7.29 -7.62
N ALA A 8 -1.00 -7.98 -8.69
CA ALA A 8 -0.69 -7.57 -10.05
C ALA A 8 -1.22 -6.17 -10.34
N CYS A 9 -2.49 -5.95 -10.06
CA CYS A 9 -3.13 -4.69 -10.38
C CYS A 9 -2.63 -3.57 -9.45
N ILE A 10 -2.15 -3.93 -8.26
CA ILE A 10 -1.67 -2.93 -7.33
C ILE A 10 -0.23 -2.54 -7.64
N TYR A 11 0.59 -3.51 -8.02
CA TYR A 11 1.95 -3.20 -8.40
C TYR A 11 1.95 -2.42 -9.70
N SER A 12 1.07 -2.78 -10.62
CA SER A 12 0.93 -1.98 -11.83
C SER A 12 0.42 -0.58 -11.50
N ALA A 13 -0.61 -0.50 -10.65
CA ALA A 13 -1.13 0.77 -10.14
C ALA A 13 0.02 1.69 -9.69
N LEU A 14 0.89 1.21 -8.81
CA LEU A 14 1.99 2.04 -8.32
C LEU A 14 3.15 2.14 -9.33
N ILE A 15 3.33 1.14 -10.17
CA ILE A 15 4.37 1.19 -11.20
C ILE A 15 4.09 2.31 -12.21
N LEU A 16 2.83 2.45 -12.58
CA LEU A 16 2.43 3.55 -13.45
C LEU A 16 2.35 4.85 -12.64
N HIS A 17 2.08 4.71 -11.34
CA HIS A 17 2.04 5.88 -10.45
C HIS A 17 3.44 6.34 -10.05
N ASP A 18 4.46 5.86 -10.73
CA ASP A 18 5.84 6.25 -10.44
C ASP A 18 6.16 7.57 -11.15
N ASP A 19 5.54 7.76 -12.30
CA ASP A 19 5.73 8.97 -13.10
C ASP A 19 4.36 9.60 -13.41
N GLU A 20 4.27 10.41 -14.47
CA GLU A 20 3.02 11.07 -14.83
C GLU A 20 2.16 10.16 -15.72
N VAL A 21 2.74 9.02 -16.09
CA VAL A 21 2.07 8.06 -16.95
C VAL A 21 0.75 7.60 -16.32
N THR A 22 -0.31 7.59 -17.13
CA THR A 22 -1.64 7.28 -16.67
C THR A 22 -1.79 5.81 -16.23
N VAL A 23 -2.68 5.58 -15.30
CA VAL A 23 -2.94 4.24 -14.78
C VAL A 23 -4.21 3.65 -15.41
N THR A 24 -4.42 3.97 -16.68
CA THR A 24 -5.64 3.59 -17.37
C THR A 24 -5.54 2.21 -18.00
N GLU A 25 -6.65 1.80 -18.64
CA GLU A 25 -6.79 0.49 -19.26
C GLU A 25 -5.55 0.10 -20.06
N ASP A 26 -5.12 1.02 -20.92
CA ASP A 26 -4.01 0.79 -21.82
C ASP A 26 -2.75 0.38 -21.06
N LYS A 27 -2.51 1.03 -19.93
CA LYS A 27 -1.25 0.88 -19.23
C LYS A 27 -1.26 -0.35 -18.32
N ILE A 28 -2.34 -0.54 -17.57
CA ILE A 28 -2.44 -1.70 -16.70
C ILE A 28 -2.52 -2.97 -17.53
N ASN A 29 -3.31 -2.94 -18.60
CA ASN A 29 -3.41 -4.08 -19.52
C ASN A 29 -2.06 -4.39 -20.16
N ALA A 30 -1.38 -3.36 -20.64
CA ALA A 30 -0.08 -3.53 -21.29
C ALA A 30 0.95 -4.12 -20.33
N LEU A 31 1.01 -3.60 -19.11
CA LEU A 31 2.01 -4.02 -18.14
C LEU A 31 1.68 -5.41 -17.59
N ILE A 32 0.40 -5.63 -17.36
CA ILE A 32 -0.07 -6.95 -16.95
C ILE A 32 0.24 -7.97 -18.03
N LYS A 33 0.21 -7.55 -19.30
CA LYS A 33 0.60 -8.41 -20.41
C LYS A 33 2.12 -8.54 -20.48
N ALA A 34 2.83 -7.51 -20.01
CA ALA A 34 4.29 -7.52 -19.98
C ALA A 34 4.81 -8.60 -19.04
N ALA A 35 4.10 -8.81 -17.94
CA ALA A 35 4.46 -9.89 -17.02
C ALA A 35 3.70 -11.18 -17.30
N GLY A 36 2.42 -11.04 -17.59
CA GLY A 36 1.58 -12.20 -17.87
C GLY A 36 0.94 -12.77 -16.62
N VAL A 37 0.37 -11.90 -15.78
CA VAL A 37 -0.20 -12.35 -14.52
C VAL A 37 -1.71 -12.54 -14.63
N ASN A 38 -2.29 -13.23 -13.66
CA ASN A 38 -3.73 -13.55 -13.68
C ASN A 38 -4.51 -12.63 -12.74
N VAL A 39 -5.12 -11.60 -13.31
CA VAL A 39 -5.98 -10.69 -12.56
C VAL A 39 -7.30 -10.50 -13.31
N GLU A 40 -8.42 -10.67 -12.61
CA GLU A 40 -9.73 -10.55 -13.23
C GLU A 40 -9.94 -9.12 -13.75
N PRO A 41 -10.45 -8.98 -15.01
CA PRO A 41 -10.59 -7.69 -15.70
C PRO A 41 -11.37 -6.63 -14.89
N PHE A 42 -11.93 -7.07 -13.78
CA PHE A 42 -12.69 -6.21 -12.90
C PHE A 42 -11.76 -5.21 -12.20
N TRP A 43 -10.56 -5.66 -11.86
CA TRP A 43 -9.59 -4.77 -11.22
C TRP A 43 -9.04 -3.74 -12.23
N PRO A 44 -8.50 -4.16 -13.40
CA PRO A 44 -8.07 -3.22 -14.45
C PRO A 44 -9.14 -2.19 -14.79
N GLY A 45 -10.36 -2.65 -15.06
CA GLY A 45 -11.44 -1.75 -15.38
C GLY A 45 -11.73 -0.78 -14.26
N LEU A 46 -11.88 -1.32 -13.05
CA LEU A 46 -12.14 -0.52 -11.87
C LEU A 46 -11.06 0.54 -11.68
N PHE A 47 -9.81 0.10 -11.68
CA PHE A 47 -8.67 1.00 -11.47
C PHE A 47 -8.62 2.09 -12.53
N ALA A 48 -8.88 1.72 -13.78
CA ALA A 48 -8.87 2.67 -14.88
C ALA A 48 -9.96 3.73 -14.73
N LYS A 49 -11.13 3.32 -14.22
CA LYS A 49 -12.24 4.24 -14.06
C LYS A 49 -12.26 4.88 -12.67
N ALA A 50 -11.40 4.40 -11.77
CA ALA A 50 -11.39 4.92 -10.40
C ALA A 50 -10.21 5.84 -10.12
N LEU A 51 -8.99 5.46 -10.52
CA LEU A 51 -7.83 6.26 -10.17
C LEU A 51 -7.66 7.42 -11.19
N ALA A 52 -6.43 7.59 -11.72
CA ALA A 52 -6.13 8.62 -12.73
C ALA A 52 -6.22 10.03 -12.16
N ASN A 53 -6.49 10.14 -10.86
CA ASN A 53 -6.57 11.43 -10.19
C ASN A 53 -6.04 11.25 -8.78
N VAL A 54 -6.60 10.25 -8.12
CA VAL A 54 -6.16 9.82 -6.79
C VAL A 54 -4.67 9.56 -6.76
N ASN A 55 -3.99 10.28 -5.87
CA ASN A 55 -2.57 10.08 -5.63
C ASN A 55 -2.24 8.67 -5.19
N ILE A 56 -1.00 8.29 -5.39
CA ILE A 56 -0.50 6.93 -5.18
C ILE A 56 -1.07 6.22 -3.93
N GLY A 57 -1.09 6.91 -2.79
CA GLY A 57 -1.51 6.27 -1.54
C GLY A 57 -2.90 5.65 -1.60
N SER A 58 -3.70 6.08 -2.58
CA SER A 58 -5.05 5.59 -2.77
C SER A 58 -5.07 4.07 -2.91
N LEU A 59 -3.95 3.51 -3.36
CA LEU A 59 -3.84 2.06 -3.58
C LEU A 59 -4.17 1.27 -2.31
N ILE A 60 -3.87 1.81 -1.14
CA ILE A 60 -4.07 1.04 0.09
C ILE A 60 -5.44 1.35 0.70
N CYS A 61 -6.16 2.28 0.09
CA CYS A 61 -7.44 2.70 0.62
C CYS A 61 -8.58 2.33 -0.32
N ASN A 62 -8.50 2.79 -1.56
CA ASN A 62 -9.56 2.62 -2.52
C ASN A 62 -9.31 1.43 -3.42
N VAL A 63 -9.33 0.24 -2.83
CA VAL A 63 -9.18 -0.99 -3.57
C VAL A 63 -10.47 -1.35 -4.31
N GLY A 64 -11.57 -0.71 -3.91
CA GLY A 64 -12.84 -0.95 -4.55
C GLY A 64 -14.00 -0.45 -3.72
N ALA A 65 -14.79 0.46 -4.28
CA ALA A 65 -15.95 1.02 -3.60
C ALA A 65 -16.95 1.55 -4.61
N GLY A 66 -17.92 2.34 -4.14
CA GLY A 66 -18.89 2.94 -5.03
C GLY A 66 -18.56 4.38 -5.35
N GLY A 67 -18.96 5.29 -4.47
CA GLY A 67 -18.69 6.70 -4.67
C GLY A 67 -19.90 7.56 -4.38
N PRO A 68 -20.19 7.85 -3.10
CA PRO A 68 -21.37 8.62 -2.71
C PRO A 68 -21.10 10.12 -2.78
N ALA A 69 -20.99 10.62 -4.00
CA ALA A 69 -20.77 12.05 -4.24
C ALA A 69 -22.05 12.84 -4.01
N PRO A 70 -21.95 13.99 -3.32
CA PRO A 70 -23.10 14.85 -3.02
C PRO A 70 -23.73 15.45 -4.28
N ALA A 71 -22.91 16.17 -5.06
CA ALA A 71 -23.36 16.83 -6.29
C ALA A 71 -24.42 17.90 -6.03
N ALA A 72 -24.83 18.60 -7.08
CA ALA A 72 -25.85 19.63 -6.96
C ALA A 72 -26.53 19.88 -8.30
N GLY A 73 -27.76 20.35 -8.26
CA GLY A 73 -28.51 20.64 -9.48
C GLY A 73 -29.99 20.75 -9.22
N ALA A 74 -30.78 20.85 -10.28
CA ALA A 74 -32.22 21.01 -10.16
C ALA A 74 -32.94 19.68 -10.16
N ALA A 75 -33.03 19.07 -8.98
CA ALA A 75 -33.68 17.77 -8.83
C ALA A 75 -35.14 17.95 -8.43
N PRO A 76 -36.03 17.17 -9.09
CA PRO A 76 -37.47 17.21 -8.87
C PRO A 76 -37.88 16.93 -7.42
N ALA A 77 -39.12 17.28 -7.09
CA ALA A 77 -39.63 17.13 -5.73
C ALA A 77 -39.70 15.66 -5.32
N GLY A 78 -39.12 15.35 -4.17
CA GLY A 78 -39.15 13.99 -3.67
C GLY A 78 -39.45 13.94 -2.19
N GLY A 79 -40.72 14.12 -1.86
CA GLY A 79 -41.12 14.14 -0.46
C GLY A 79 -42.50 14.74 -0.27
N PRO A 80 -42.60 16.08 -0.29
CA PRO A 80 -43.87 16.78 -0.04
C PRO A 80 -44.89 16.57 -1.16
N ALA A 81 -46.17 16.72 -0.83
CA ALA A 81 -47.24 16.54 -1.79
C ALA A 81 -47.88 17.88 -2.12
N PRO A 82 -47.92 18.25 -3.41
CA PRO A 82 -48.54 19.50 -3.87
C PRO A 82 -50.07 19.51 -3.73
N SER A 83 -50.53 19.28 -2.51
CA SER A 83 -51.95 19.30 -2.20
C SER A 83 -52.19 20.10 -0.93
N THR A 84 -53.29 20.87 -0.91
CA THR A 84 -53.66 21.71 0.23
C THR A 84 -52.74 22.92 0.36
N ALA A 85 -53.35 24.12 0.34
CA ALA A 85 -52.58 25.35 0.39
C ALA A 85 -52.55 25.94 1.80
N ALA A 86 -52.24 25.07 2.77
CA ALA A 86 -52.11 25.47 4.18
C ALA A 86 -53.42 25.97 4.77
N ALA A 87 -53.38 26.35 6.04
CA ALA A 87 -54.56 26.85 6.73
C ALA A 87 -54.16 27.86 7.83
N PRO A 88 -54.59 29.12 7.68
CA PRO A 88 -54.32 30.17 8.68
C PRO A 88 -54.86 29.81 10.07
N ALA A 89 -53.96 29.43 10.98
CA ALA A 89 -54.35 29.09 12.34
C ALA A 89 -54.16 30.29 13.28
N GLU A 90 -55.12 31.20 13.27
CA GLU A 90 -55.06 32.38 14.13
C GLU A 90 -55.94 32.20 15.36
N GLU A 91 -55.37 32.46 16.54
CA GLU A 91 -56.14 32.47 17.77
C GLU A 91 -56.42 33.91 18.19
N LYS A 92 -55.38 34.55 18.75
CA LYS A 92 -55.46 35.95 19.19
C LYS A 92 -56.55 36.13 20.25
N LYS A 93 -56.18 35.84 21.49
CA LYS A 93 -57.11 35.94 22.62
C LYS A 93 -57.59 37.38 22.78
N VAL A 94 -58.90 37.57 22.76
CA VAL A 94 -59.49 38.89 22.86
C VAL A 94 -59.20 39.52 24.23
N GLU A 95 -58.96 40.83 24.22
CA GLU A 95 -58.64 41.56 25.44
C GLU A 95 -59.91 42.11 26.09
N ALA A 96 -61.06 41.61 25.64
CA ALA A 96 -62.33 42.09 26.14
C ALA A 96 -62.62 41.55 27.54
N LYS A 97 -62.57 42.43 28.53
CA LYS A 97 -62.91 42.08 29.90
C LYS A 97 -64.37 41.67 30.00
N LYS A 98 -64.64 40.73 30.91
CA LYS A 98 -65.98 40.23 31.13
C LYS A 98 -66.79 41.17 32.02
N GLU A 99 -66.14 41.67 33.08
CA GLU A 99 -66.75 42.62 34.00
C GLU A 99 -65.81 42.87 35.18
N GLU A 100 -65.72 41.88 36.08
CA GLU A 100 -64.86 41.94 37.28
C GLU A 100 -65.40 42.92 38.32
N SER A 101 -65.42 42.49 39.57
CA SER A 101 -65.94 43.31 40.64
C SER A 101 -65.08 43.19 41.91
N GLU A 102 -64.65 44.34 42.41
CA GLU A 102 -63.85 44.41 43.63
C GLU A 102 -64.48 45.41 44.59
N GLU A 103 -65.72 45.83 44.30
CA GLU A 103 -66.37 46.93 45.01
C GLU A 103 -65.67 48.26 44.70
N SER A 104 -66.18 49.35 45.25
CA SER A 104 -65.62 50.66 44.97
C SER A 104 -64.56 51.01 46.02
N ASP A 105 -63.39 50.42 45.87
CA ASP A 105 -62.25 50.71 46.74
C ASP A 105 -61.46 51.89 46.19
N ASP A 106 -61.48 53.01 46.91
CA ASP A 106 -60.83 54.22 46.45
C ASP A 106 -59.37 54.25 46.87
N ASP A 107 -58.69 55.33 46.50
CA ASP A 107 -57.26 55.48 46.78
C ASP A 107 -56.98 56.91 47.22
N MET A 108 -57.59 57.32 48.32
CA MET A 108 -57.39 58.65 48.87
C MET A 108 -57.22 58.59 50.37
N GLY A 109 -56.27 59.37 50.88
CA GLY A 109 -56.05 59.45 52.31
C GLY A 109 -57.19 60.19 53.00
N PHE A 110 -57.79 59.54 53.98
CA PHE A 110 -58.92 60.14 54.70
C PHE A 110 -58.44 61.09 55.79
N GLY A 111 -59.38 61.60 56.59
CA GLY A 111 -59.05 62.54 57.65
C GLY A 111 -58.22 61.93 58.76
N LEU A 112 -58.87 61.59 59.87
CA LEU A 112 -58.16 61.00 61.00
C LEU A 112 -59.06 60.02 61.76
N PHE A 113 -59.38 58.90 61.13
CA PHE A 113 -60.04 57.80 61.82
C PHE A 113 -59.00 56.81 62.34
N ASP A 114 -57.74 57.20 62.24
CA ASP A 114 -56.63 56.37 62.70
C ASP A 114 -56.13 56.86 64.05
N ALA B 1 9.43 4.80 0.41
CA ALA B 1 9.66 5.40 -0.94
C ALA B 1 9.29 4.39 -2.03
N MET B 2 9.33 4.83 -3.28
CA MET B 2 9.06 3.95 -4.42
C MET B 2 10.29 3.83 -5.30
N ARG B 3 10.29 2.81 -6.16
CA ARG B 3 11.41 2.53 -7.06
C ARG B 3 11.13 1.24 -7.83
N TYR B 4 12.14 0.71 -8.52
CA TYR B 4 12.00 -0.50 -9.34
C TYR B 4 11.70 -1.74 -8.49
N VAL B 5 11.57 -1.53 -7.17
CA VAL B 5 11.27 -2.61 -6.25
C VAL B 5 10.00 -3.37 -6.65
N ALA B 6 8.89 -2.66 -6.80
CA ALA B 6 7.62 -3.30 -7.12
C ALA B 6 7.60 -3.75 -8.57
N SER B 7 8.60 -3.34 -9.33
CA SER B 7 8.75 -3.82 -10.69
C SER B 7 9.35 -5.23 -10.65
N TYR B 8 10.28 -5.43 -9.71
CA TYR B 8 10.83 -6.75 -9.46
C TYR B 8 9.72 -7.65 -8.94
N LEU B 9 8.91 -7.10 -8.04
CA LEU B 9 7.71 -7.77 -7.53
C LEU B 9 6.78 -8.16 -8.68
N LEU B 10 6.52 -7.21 -9.56
CA LEU B 10 5.64 -7.41 -10.71
C LEU B 10 6.11 -8.60 -11.54
N ALA B 11 7.39 -8.57 -11.92
CA ALA B 11 7.98 -9.64 -12.73
C ALA B 11 7.95 -10.99 -12.00
N ALA B 12 8.21 -10.98 -10.69
CA ALA B 12 8.24 -12.22 -9.91
C ALA B 12 6.84 -12.80 -9.77
N LEU B 13 5.92 -11.95 -9.34
CA LEU B 13 4.52 -12.31 -9.17
C LEU B 13 3.91 -12.82 -10.47
N GLY B 14 4.34 -12.24 -11.59
CA GLY B 14 3.85 -12.67 -12.89
C GLY B 14 4.04 -14.15 -13.11
N GLY B 15 5.25 -14.62 -12.91
CA GLY B 15 5.52 -16.02 -13.05
C GLY B 15 7.01 -16.31 -13.19
N ASN B 16 7.83 -15.48 -12.56
CA ASN B 16 9.27 -15.59 -12.66
C ASN B 16 9.92 -15.43 -11.29
N SER B 17 10.38 -16.54 -10.72
CA SER B 17 11.04 -16.50 -9.41
C SER B 17 12.30 -15.65 -9.46
N SER B 18 12.85 -15.46 -10.64
CA SER B 18 14.11 -14.77 -10.79
C SER B 18 14.01 -13.65 -11.82
N PRO B 19 13.35 -12.53 -11.45
CA PRO B 19 13.26 -11.33 -12.31
C PRO B 19 14.62 -10.75 -12.67
N SER B 20 14.90 -10.67 -13.95
CA SER B 20 16.14 -10.07 -14.39
C SER B 20 15.96 -8.57 -14.61
N ALA B 21 17.06 -7.82 -14.59
CA ALA B 21 17.00 -6.41 -14.89
C ALA B 21 16.35 -6.18 -16.25
N LYS B 22 16.64 -7.10 -17.16
CA LYS B 22 16.05 -7.09 -18.49
C LYS B 22 14.52 -7.27 -18.42
N ASP B 23 14.06 -8.05 -17.44
CA ASP B 23 12.63 -8.30 -17.28
C ASP B 23 11.93 -7.08 -16.71
N ILE B 24 12.50 -6.50 -15.67
CA ILE B 24 11.95 -5.30 -15.07
C ILE B 24 11.90 -4.17 -16.11
N LYS B 25 12.99 -4.00 -16.86
CA LYS B 25 13.03 -3.02 -17.93
C LYS B 25 12.01 -3.35 -19.01
N LYS B 26 11.81 -4.64 -19.29
CA LYS B 26 10.79 -5.04 -20.26
C LYS B 26 9.40 -4.58 -19.81
N ILE B 27 9.08 -4.79 -18.53
CA ILE B 27 7.80 -4.41 -17.99
C ILE B 27 7.61 -2.88 -18.02
N LEU B 28 8.68 -2.15 -17.73
CA LEU B 28 8.63 -0.70 -17.71
C LEU B 28 8.62 -0.11 -19.11
N ASP B 29 9.51 -0.60 -19.97
CA ASP B 29 9.60 -0.11 -21.35
C ASP B 29 8.44 -0.64 -22.19
N SER B 30 7.74 -1.64 -21.67
CA SER B 30 6.50 -2.12 -22.29
C SER B 30 5.53 -0.96 -22.49
N VAL B 31 5.36 -0.16 -21.45
CA VAL B 31 4.52 1.02 -21.53
C VAL B 31 5.34 2.22 -21.97
N GLY B 32 6.60 2.23 -21.53
CA GLY B 32 7.52 3.27 -21.93
C GLY B 32 7.54 4.44 -20.96
N ILE B 33 8.12 4.24 -19.78
CA ILE B 33 8.23 5.32 -18.82
C ILE B 33 9.62 5.98 -18.94
N GLU B 34 10.56 5.59 -18.09
CA GLU B 34 11.94 6.06 -18.21
C GLU B 34 12.90 4.90 -18.02
N ALA B 35 13.11 4.52 -16.76
CA ALA B 35 13.91 3.35 -16.40
C ALA B 35 15.36 3.47 -16.89
N ASP B 36 16.17 4.19 -16.12
CA ASP B 36 17.58 4.40 -16.45
C ASP B 36 18.31 3.06 -16.46
N ASP B 37 19.11 2.83 -17.51
CA ASP B 37 19.92 1.61 -17.63
C ASP B 37 21.12 1.63 -16.69
N ASP B 38 20.90 2.20 -15.51
CA ASP B 38 21.89 2.26 -14.45
C ASP B 38 21.14 2.20 -13.12
N ARG B 39 20.24 3.18 -12.95
CA ARG B 39 19.41 3.28 -11.76
C ARG B 39 18.61 1.99 -11.56
N LEU B 40 18.07 1.46 -12.65
CA LEU B 40 17.23 0.27 -12.60
C LEU B 40 17.96 -0.92 -11.97
N ASN B 41 19.04 -1.35 -12.60
CA ASN B 41 19.80 -2.49 -12.11
C ASN B 41 20.49 -2.18 -10.79
N LYS B 42 20.66 -0.90 -10.48
CA LYS B 42 21.21 -0.50 -9.20
C LYS B 42 20.23 -0.85 -8.08
N VAL B 43 18.97 -0.50 -8.30
CA VAL B 43 17.93 -0.78 -7.32
C VAL B 43 17.73 -2.28 -7.22
N ILE B 44 17.79 -2.93 -8.36
CA ILE B 44 17.69 -4.37 -8.43
C ILE B 44 18.88 -5.05 -7.74
N SER B 45 20.04 -4.41 -7.81
CA SER B 45 21.18 -4.86 -7.03
C SER B 45 20.84 -4.78 -5.54
N GLU B 46 20.13 -3.73 -5.16
CA GLU B 46 19.64 -3.59 -3.78
C GLU B 46 18.63 -4.70 -3.42
N LEU B 47 17.54 -4.79 -4.19
CA LEU B 47 16.44 -5.66 -3.79
C LEU B 47 16.39 -6.97 -4.59
N ASN B 48 17.56 -7.51 -4.90
CA ASN B 48 17.65 -8.80 -5.60
C ASN B 48 16.92 -9.88 -4.79
N GLY B 49 16.47 -10.91 -5.50
CA GLY B 49 15.63 -11.95 -4.90
C GLY B 49 16.21 -12.56 -3.63
N LYS B 50 15.59 -12.21 -2.51
CA LYS B 50 15.95 -12.79 -1.22
C LYS B 50 14.67 -13.16 -0.47
N ASN B 51 13.98 -12.16 0.04
CA ASN B 51 12.69 -12.36 0.69
C ASN B 51 11.59 -11.80 -0.20
N ILE B 52 11.52 -12.33 -1.41
CA ILE B 52 10.57 -11.84 -2.41
C ILE B 52 9.13 -12.07 -1.99
N GLU B 53 8.85 -13.22 -1.39
CA GLU B 53 7.50 -13.51 -0.94
C GLU B 53 7.10 -12.58 0.19
N ASP B 54 8.05 -12.26 1.06
CA ASP B 54 7.81 -11.30 2.15
C ASP B 54 7.48 -9.93 1.57
N VAL B 55 8.31 -9.48 0.63
CA VAL B 55 8.15 -8.15 0.04
C VAL B 55 6.87 -8.08 -0.81
N ILE B 56 6.39 -9.23 -1.26
CA ILE B 56 5.11 -9.28 -1.97
C ILE B 56 3.95 -9.23 -0.98
N ALA B 57 4.05 -10.02 0.08
CA ALA B 57 3.01 -10.08 1.11
C ALA B 57 2.84 -8.72 1.78
N GLN B 58 3.90 -7.94 1.81
CA GLN B 58 3.86 -6.57 2.30
C GLN B 58 4.30 -5.62 1.18
N GLY B 59 3.68 -5.79 0.01
CA GLY B 59 4.13 -5.08 -1.17
C GLY B 59 3.82 -3.61 -1.16
N ILE B 60 2.59 -3.25 -0.80
CA ILE B 60 2.19 -1.85 -0.77
C ILE B 60 2.98 -1.08 0.28
N GLY B 61 3.11 -1.66 1.47
CA GLY B 61 3.93 -1.07 2.53
C GLY B 61 3.67 0.42 2.72
N LYS B 62 4.65 1.21 2.35
CA LYS B 62 4.51 2.66 2.31
C LYS B 62 4.98 3.17 0.95
N LEU B 63 4.55 2.49 -0.10
CA LEU B 63 4.90 2.89 -1.46
C LEU B 63 4.07 4.07 -1.89
N ALA B 64 4.63 5.23 -1.62
CA ALA B 64 4.02 6.50 -1.97
C ALA B 64 5.08 7.47 -2.47
N SER B 65 6.24 6.92 -2.83
CA SER B 65 7.38 7.68 -3.33
C SER B 65 8.03 8.50 -2.21
N VAL B 66 7.21 9.25 -1.47
CA VAL B 66 7.67 10.08 -0.36
C VAL B 66 8.46 9.24 0.65
N PRO B 67 9.62 9.77 1.08
CA PRO B 67 10.47 9.11 2.09
C PRO B 67 9.79 8.99 3.45
N ALA B 68 9.25 10.11 3.93
CA ALA B 68 8.60 10.15 5.22
C ALA B 68 7.86 11.47 5.38
N GLY B 69 6.77 11.45 6.14
CA GLY B 69 5.97 12.64 6.33
C GLY B 69 6.42 13.43 7.53
N GLY B 70 7.52 14.16 7.38
CA GLY B 70 8.04 14.97 8.46
C GLY B 70 7.20 16.22 8.72
N ALA B 71 6.03 16.02 9.29
CA ALA B 71 5.11 17.12 9.57
C ALA B 71 5.16 17.50 11.04
N VAL B 72 6.05 18.41 11.39
CA VAL B 72 6.18 18.86 12.77
C VAL B 72 5.37 20.13 12.99
N ALA B 73 4.68 20.19 14.12
CA ALA B 73 3.84 21.33 14.45
C ALA B 73 4.37 22.02 15.70
N VAL B 74 4.30 23.34 15.70
CA VAL B 74 4.79 24.14 16.81
C VAL B 74 3.74 25.20 17.19
N SER B 75 3.52 25.37 18.48
CA SER B 75 2.55 26.35 18.96
C SER B 75 3.27 27.57 19.53
N ALA B 76 2.64 28.73 19.42
CA ALA B 76 3.23 29.98 19.91
C ALA B 76 2.48 30.50 21.13
N ALA B 77 3.09 31.43 21.84
CA ALA B 77 2.48 32.05 23.00
C ALA B 77 2.69 33.56 23.00
N PRO B 78 1.69 34.28 22.52
CA PRO B 78 1.72 35.73 22.41
C PRO B 78 1.36 36.46 23.71
N GLY B 79 1.90 37.66 23.86
CA GLY B 79 1.58 38.49 25.00
C GLY B 79 0.61 39.58 24.64
N SER B 80 0.29 40.46 25.59
CA SER B 80 -0.65 41.53 25.33
C SER B 80 -0.06 42.91 25.59
N ALA B 81 -0.95 43.89 25.63
CA ALA B 81 -0.60 45.28 25.88
C ALA B 81 0.06 45.45 27.25
N ALA B 82 0.96 46.42 27.34
CA ALA B 82 1.64 46.73 28.59
C ALA B 82 1.58 48.23 28.87
N PRO B 83 0.53 48.68 29.57
CA PRO B 83 0.36 50.09 29.94
C PRO B 83 1.41 50.55 30.94
N ALA B 84 1.98 51.72 30.69
CA ALA B 84 3.02 52.28 31.55
C ALA B 84 2.51 53.52 32.27
N ALA B 85 2.77 53.60 33.57
CA ALA B 85 2.37 54.76 34.36
C ALA B 85 3.19 56.00 33.95
N GLY B 86 2.51 57.01 33.46
CA GLY B 86 3.17 58.22 33.01
C GLY B 86 3.36 59.23 34.13
N SER B 87 2.26 59.61 34.77
CA SER B 87 2.26 60.59 35.87
C SER B 87 2.52 62.01 35.36
N ALA B 88 1.65 62.93 35.73
CA ALA B 88 1.83 64.34 35.37
C ALA B 88 1.69 65.22 36.61
N PRO B 89 2.81 65.81 37.06
CA PRO B 89 2.85 66.57 38.31
C PRO B 89 2.08 67.89 38.23
N ALA B 90 1.41 68.25 39.32
CA ALA B 90 0.74 69.53 39.43
C ALA B 90 1.61 70.48 40.24
N ALA B 91 2.00 71.59 39.63
CA ALA B 91 2.90 72.54 40.26
C ALA B 91 2.25 73.19 41.47
N ALA B 92 2.88 73.04 42.62
CA ALA B 92 2.42 73.71 43.82
C ALA B 92 2.78 75.19 43.76
N GLU B 93 1.99 76.02 44.41
CA GLU B 93 2.20 77.46 44.41
C GLU B 93 3.65 77.79 44.76
N GLU B 94 4.03 77.57 46.03
CA GLU B 94 5.38 77.85 46.52
C GLU B 94 5.79 79.29 46.17
N LYS B 95 4.81 80.17 46.14
CA LYS B 95 5.05 81.59 45.90
C LYS B 95 4.55 82.38 47.08
N LYS B 96 5.39 83.25 47.61
CA LYS B 96 5.01 84.05 48.77
C LYS B 96 4.30 85.32 48.33
N ASP B 97 3.12 85.54 48.90
CA ASP B 97 2.34 86.72 48.54
C ASP B 97 2.35 87.73 49.69
N GLU B 98 2.52 88.99 49.34
CA GLU B 98 2.57 90.08 50.30
C GLU B 98 1.51 91.11 49.95
N LYS B 99 1.13 91.93 50.91
CA LYS B 99 0.15 92.98 50.67
C LYS B 99 0.51 94.24 51.43
N LYS B 100 -0.09 95.35 51.01
CA LYS B 100 0.14 96.63 51.66
C LYS B 100 -1.20 97.19 52.14
N GLU B 101 -1.16 98.39 52.72
CA GLU B 101 -2.34 99.06 53.27
C GLU B 101 -2.85 98.34 54.52
N GLU B 102 -3.93 98.88 55.10
CA GLU B 102 -4.59 98.33 56.31
C GLU B 102 -3.59 97.95 57.40
N SER B 103 -2.54 98.74 57.53
CA SER B 103 -1.53 98.54 58.55
C SER B 103 -0.89 99.87 58.94
N GLU B 104 -1.29 100.40 60.08
CA GLU B 104 -0.81 101.69 60.54
C GLU B 104 0.23 101.51 61.65
N GLU B 105 1.08 102.50 61.82
CA GLU B 105 2.13 102.46 62.84
C GLU B 105 1.63 103.10 64.13
N SER B 106 2.35 102.88 65.22
CA SER B 106 1.97 103.43 66.52
C SER B 106 2.83 104.65 66.85
N ASP B 107 2.27 105.83 66.69
CA ASP B 107 2.99 107.07 66.96
C ASP B 107 2.76 107.53 68.40
N ASP B 108 2.60 106.56 69.30
CA ASP B 108 2.31 106.83 70.70
C ASP B 108 3.45 107.55 71.40
N ASP B 109 4.67 107.08 71.18
CA ASP B 109 5.85 107.58 71.89
C ASP B 109 6.09 109.06 71.62
N MET B 110 6.33 109.41 70.37
CA MET B 110 6.64 110.79 69.99
C MET B 110 5.38 111.65 69.95
N GLY B 111 4.67 111.72 71.07
CA GLY B 111 3.48 112.55 71.15
C GLY B 111 3.81 114.00 71.51
N PHE B 112 4.22 114.21 72.75
CA PHE B 112 4.54 115.55 73.23
C PHE B 112 6.03 115.71 73.49
N GLY B 113 6.82 114.85 72.89
CA GLY B 113 8.25 114.88 73.13
C GLY B 113 8.97 115.82 72.19
N LEU B 114 8.44 117.03 72.09
CA LEU B 114 9.07 118.07 71.29
C LEU B 114 9.95 118.93 72.20
N PHE B 115 10.03 118.50 73.44
CA PHE B 115 10.66 119.28 74.49
C PHE B 115 12.10 118.83 74.74
N ASP B 116 12.27 117.52 74.86
CA ASP B 116 13.57 116.91 75.16
C ASP B 116 14.05 117.31 76.56
N MET A 1 0.07 -19.25 -3.78
CA MET A 1 0.28 -17.91 -3.21
C MET A 1 -1.06 -17.36 -2.69
N ALA A 2 -1.13 -16.05 -2.47
CA ALA A 2 -2.31 -15.44 -1.90
C ALA A 2 -3.08 -14.61 -2.92
N SER A 3 -3.00 -13.28 -2.77
CA SER A 3 -3.79 -12.37 -3.60
C SER A 3 -2.97 -11.84 -4.78
N VAL A 4 -2.67 -12.72 -5.73
CA VAL A 4 -1.82 -12.38 -6.86
C VAL A 4 -2.54 -11.38 -7.76
N SER A 5 -3.86 -11.43 -7.70
CA SER A 5 -4.70 -10.54 -8.48
C SER A 5 -4.46 -9.08 -8.10
N GLU A 6 -4.79 -8.73 -6.86
CA GLU A 6 -4.69 -7.36 -6.39
C GLU A 6 -3.23 -6.93 -6.29
N LEU A 7 -2.34 -7.88 -5.98
CA LEU A 7 -0.91 -7.59 -6.01
C LEU A 7 -0.52 -7.07 -7.39
N ALA A 8 -0.87 -7.84 -8.41
CA ALA A 8 -0.55 -7.49 -9.79
C ALA A 8 -1.08 -6.12 -10.17
N CYS A 9 -2.38 -5.90 -9.96
CA CYS A 9 -3.00 -4.66 -10.42
C CYS A 9 -2.55 -3.46 -9.60
N ILE A 10 -2.15 -3.70 -8.35
CA ILE A 10 -1.70 -2.61 -7.50
C ILE A 10 -0.27 -2.20 -7.83
N TYR A 11 0.56 -3.17 -8.13
CA TYR A 11 1.92 -2.88 -8.51
C TYR A 11 1.93 -2.27 -9.91
N SER A 12 0.92 -2.61 -10.69
CA SER A 12 0.71 -1.97 -11.98
C SER A 12 0.26 -0.51 -11.78
N ALA A 13 -0.78 -0.33 -10.95
CA ALA A 13 -1.27 1.01 -10.59
C ALA A 13 -0.13 1.94 -10.18
N LEU A 14 0.68 1.50 -9.22
CA LEU A 14 1.74 2.37 -8.73
C LEU A 14 2.92 2.44 -9.71
N ILE A 15 3.17 1.37 -10.47
CA ILE A 15 4.19 1.42 -11.53
C ILE A 15 3.85 2.51 -12.55
N LEU A 16 2.56 2.74 -12.73
CA LEU A 16 2.10 3.80 -13.62
C LEU A 16 2.00 5.14 -12.88
N HIS A 17 1.82 5.09 -11.57
CA HIS A 17 1.67 6.32 -10.77
C HIS A 17 3.02 6.90 -10.37
N ASP A 18 3.83 7.31 -11.33
CA ASP A 18 5.06 8.02 -11.04
C ASP A 18 5.30 9.19 -12.01
N ASP A 19 5.34 8.90 -13.30
CA ASP A 19 5.64 9.92 -14.32
C ASP A 19 4.36 10.58 -14.84
N GLU A 20 4.39 11.05 -16.09
CA GLU A 20 3.26 11.69 -16.73
C GLU A 20 2.38 10.63 -17.42
N VAL A 21 2.89 9.41 -17.43
CA VAL A 21 2.17 8.29 -18.02
C VAL A 21 0.87 8.02 -17.24
N THR A 22 -0.25 8.39 -17.85
CA THR A 22 -1.56 8.25 -17.23
C THR A 22 -1.94 6.79 -17.02
N VAL A 23 -2.74 6.54 -15.99
CA VAL A 23 -3.11 5.19 -15.58
C VAL A 23 -4.31 4.65 -16.37
N THR A 24 -4.25 4.75 -17.69
CA THR A 24 -5.38 4.36 -18.52
C THR A 24 -5.42 2.85 -18.78
N GLU A 25 -6.59 2.37 -19.23
CA GLU A 25 -6.81 0.95 -19.50
C GLU A 25 -5.70 0.35 -20.34
N ASP A 26 -5.34 1.07 -21.40
CA ASP A 26 -4.29 0.63 -22.32
C ASP A 26 -2.96 0.43 -21.59
N LYS A 27 -2.71 1.26 -20.59
CA LYS A 27 -1.44 1.23 -19.87
C LYS A 27 -1.39 0.04 -18.91
N ILE A 28 -2.42 -0.11 -18.08
CA ILE A 28 -2.49 -1.26 -17.18
C ILE A 28 -2.56 -2.55 -17.98
N ASN A 29 -3.33 -2.53 -19.06
CA ASN A 29 -3.38 -3.66 -19.99
C ASN A 29 -1.97 -4.01 -20.49
N ALA A 30 -1.25 -3.01 -20.99
CA ALA A 30 0.11 -3.22 -21.50
C ALA A 30 1.03 -3.84 -20.44
N LEU A 31 0.95 -3.33 -19.21
CA LEU A 31 1.78 -3.82 -18.11
C LEU A 31 1.42 -5.28 -17.79
N ILE A 32 0.12 -5.53 -17.69
CA ILE A 32 -0.40 -6.87 -17.42
C ILE A 32 0.00 -7.85 -18.53
N LYS A 33 0.07 -7.35 -19.76
CA LYS A 33 0.51 -8.18 -20.90
C LYS A 33 2.04 -8.35 -20.90
N ALA A 34 2.74 -7.41 -20.29
CA ALA A 34 4.19 -7.47 -20.16
C ALA A 34 4.60 -8.55 -19.17
N ALA A 35 3.89 -8.65 -18.06
CA ALA A 35 4.22 -9.63 -17.05
C ALA A 35 3.50 -10.96 -17.28
N GLY A 36 2.23 -10.86 -17.66
CA GLY A 36 1.44 -12.04 -17.92
C GLY A 36 0.61 -12.48 -16.73
N VAL A 37 0.52 -11.65 -15.70
CA VAL A 37 -0.25 -11.99 -14.51
C VAL A 37 -1.74 -11.97 -14.83
N ASN A 38 -2.48 -12.93 -14.27
CA ASN A 38 -3.90 -13.06 -14.52
C ASN A 38 -4.73 -12.35 -13.45
N VAL A 39 -5.02 -11.08 -13.69
CA VAL A 39 -5.92 -10.34 -12.83
C VAL A 39 -7.20 -10.05 -13.61
N GLU A 40 -8.35 -10.40 -13.03
CA GLU A 40 -9.62 -10.27 -13.73
C GLU A 40 -9.89 -8.83 -14.14
N PRO A 41 -10.34 -8.62 -15.41
CA PRO A 41 -10.51 -7.29 -16.02
C PRO A 41 -11.38 -6.32 -15.23
N PHE A 42 -11.96 -6.80 -14.15
CA PHE A 42 -12.77 -5.99 -13.26
C PHE A 42 -11.88 -5.01 -12.49
N TRP A 43 -10.72 -5.51 -12.05
CA TRP A 43 -9.76 -4.66 -11.33
C TRP A 43 -9.14 -3.61 -12.28
N PRO A 44 -8.49 -4.03 -13.40
CA PRO A 44 -7.97 -3.08 -14.40
C PRO A 44 -9.05 -2.10 -14.86
N GLY A 45 -10.26 -2.62 -15.08
CA GLY A 45 -11.35 -1.78 -15.54
C GLY A 45 -11.66 -0.64 -14.58
N LEU A 46 -11.91 -0.99 -13.32
CA LEU A 46 -12.19 0.01 -12.30
C LEU A 46 -11.02 0.99 -12.19
N PHE A 47 -9.82 0.44 -12.05
CA PHE A 47 -8.62 1.25 -11.92
C PHE A 47 -8.49 2.24 -13.08
N ALA A 48 -8.59 1.71 -14.29
CA ALA A 48 -8.40 2.49 -15.48
C ALA A 48 -9.36 3.67 -15.56
N LYS A 49 -10.64 3.41 -15.33
CA LYS A 49 -11.62 4.48 -15.50
C LYS A 49 -12.05 5.12 -14.18
N ALA A 50 -11.43 4.74 -13.07
CA ALA A 50 -11.82 5.31 -11.78
C ALA A 50 -10.65 5.76 -10.91
N LEU A 51 -9.40 5.64 -11.37
CA LEU A 51 -8.32 6.27 -10.62
C LEU A 51 -8.19 7.74 -11.04
N ALA A 52 -6.96 8.20 -11.31
CA ALA A 52 -6.69 9.57 -11.75
C ALA A 52 -7.07 10.64 -10.71
N ASN A 53 -7.83 10.23 -9.71
CA ASN A 53 -8.20 11.10 -8.60
C ASN A 53 -7.86 10.37 -7.31
N VAL A 54 -7.25 9.21 -7.49
CA VAL A 54 -6.95 8.32 -6.40
C VAL A 54 -5.53 8.53 -5.93
N ASN A 55 -5.40 9.22 -4.82
CA ASN A 55 -4.10 9.39 -4.16
C ASN A 55 -3.45 8.03 -3.96
N ILE A 56 -2.19 7.93 -4.35
CA ILE A 56 -1.46 6.67 -4.43
C ILE A 56 -1.68 5.75 -3.21
N GLY A 57 -1.61 6.31 -2.01
CA GLY A 57 -1.77 5.52 -0.80
C GLY A 57 -3.10 4.78 -0.74
N SER A 58 -4.11 5.31 -1.41
CA SER A 58 -5.44 4.74 -1.36
C SER A 58 -5.45 3.35 -2.01
N LEU A 59 -4.37 3.00 -2.69
CA LEU A 59 -4.25 1.68 -3.27
C LEU A 59 -4.37 0.60 -2.20
N ILE A 60 -3.99 0.94 -0.97
CA ILE A 60 -4.04 -0.04 0.11
C ILE A 60 -5.27 0.20 1.02
N CYS A 61 -6.34 0.72 0.42
CA CYS A 61 -7.61 0.87 1.15
C CYS A 61 -8.39 -0.44 1.12
N ASN A 62 -9.59 -0.43 1.68
CA ASN A 62 -10.43 -1.64 1.71
C ASN A 62 -11.11 -1.86 0.36
N VAL A 63 -10.33 -1.78 -0.71
CA VAL A 63 -10.85 -1.93 -2.06
C VAL A 63 -11.26 -3.39 -2.34
N GLY A 64 -10.51 -4.32 -1.75
CA GLY A 64 -10.82 -5.73 -1.92
C GLY A 64 -11.88 -6.18 -0.94
N ALA A 65 -13.07 -5.62 -1.07
CA ALA A 65 -14.17 -5.94 -0.18
C ALA A 65 -15.42 -6.31 -0.97
N GLY A 66 -16.27 -7.13 -0.36
CA GLY A 66 -17.48 -7.54 -1.02
C GLY A 66 -18.62 -6.56 -0.79
N GLY A 67 -18.54 -5.40 -1.41
CA GLY A 67 -19.55 -4.38 -1.25
C GLY A 67 -19.47 -3.33 -2.34
N PRO A 68 -20.51 -2.49 -2.49
CA PRO A 68 -20.55 -1.44 -3.52
C PRO A 68 -19.62 -0.27 -3.20
N ALA A 69 -19.39 -0.04 -1.92
CA ALA A 69 -18.54 1.06 -1.49
C ALA A 69 -17.80 0.68 -0.21
N PRO A 70 -16.49 0.96 -0.14
CA PRO A 70 -15.69 0.65 1.04
C PRO A 70 -15.81 1.73 2.11
N ALA A 71 -17.05 2.05 2.49
CA ALA A 71 -17.34 3.06 3.52
C ALA A 71 -16.91 4.45 3.05
N ALA A 72 -16.94 5.41 3.97
CA ALA A 72 -16.53 6.79 3.69
C ALA A 72 -17.35 7.40 2.55
N GLY A 73 -18.60 7.72 2.83
CA GLY A 73 -19.46 8.35 1.83
C GLY A 73 -19.31 9.86 1.87
N ALA A 74 -18.09 10.32 2.09
CA ALA A 74 -17.82 11.75 2.15
C ALA A 74 -17.35 12.26 0.79
N ALA A 75 -17.45 13.56 0.58
CA ALA A 75 -17.08 14.14 -0.70
C ALA A 75 -16.02 15.22 -0.50
N PRO A 76 -14.83 15.00 -1.09
CA PRO A 76 -13.71 15.94 -1.01
C PRO A 76 -13.95 17.24 -1.79
N ALA A 77 -14.98 17.96 -1.40
CA ALA A 77 -15.34 19.22 -2.03
C ALA A 77 -16.10 20.10 -1.04
N GLY A 78 -15.43 21.14 -0.55
CA GLY A 78 -16.04 21.99 0.46
C GLY A 78 -16.44 23.34 -0.09
N GLY A 79 -17.66 23.44 -0.59
CA GLY A 79 -18.15 24.71 -1.09
C GLY A 79 -18.80 24.57 -2.46
N PRO A 80 -19.56 25.58 -2.91
CA PRO A 80 -20.24 25.55 -4.21
C PRO A 80 -19.28 25.88 -5.36
N ALA A 81 -18.71 27.07 -5.33
CA ALA A 81 -17.79 27.51 -6.37
C ALA A 81 -16.62 28.30 -5.77
N PRO A 82 -15.53 27.60 -5.40
CA PRO A 82 -14.33 28.24 -4.85
C PRO A 82 -13.82 29.42 -5.68
N SER A 83 -13.66 30.56 -5.03
CA SER A 83 -13.18 31.77 -5.70
C SER A 83 -12.56 32.71 -4.67
N THR A 84 -11.41 33.29 -5.01
CA THR A 84 -10.73 34.21 -4.13
C THR A 84 -10.80 35.63 -4.68
N ALA A 85 -12.00 36.20 -4.67
CA ALA A 85 -12.25 37.52 -5.22
C ALA A 85 -11.58 38.62 -4.38
N ALA A 86 -10.41 39.06 -4.84
CA ALA A 86 -9.69 40.18 -4.23
C ALA A 86 -9.35 39.89 -2.76
N ALA A 87 -8.88 38.69 -2.50
CA ALA A 87 -8.49 38.30 -1.16
C ALA A 87 -7.06 37.77 -1.15
N PRO A 88 -6.12 38.54 -0.58
CA PRO A 88 -4.72 38.12 -0.43
C PRO A 88 -4.57 36.78 0.29
N ALA A 89 -3.55 36.03 -0.08
CA ALA A 89 -3.31 34.72 0.52
C ALA A 89 -2.02 34.74 1.34
N GLU A 90 -1.47 35.94 1.50
CA GLU A 90 -0.25 36.13 2.26
C GLU A 90 -0.53 36.08 3.75
N GLU A 91 -0.86 34.91 4.22
CA GLU A 91 -1.24 34.70 5.61
C GLU A 91 -0.02 34.42 6.49
N LYS A 92 -0.28 34.33 7.80
CA LYS A 92 0.76 34.18 8.81
C LYS A 92 1.37 32.79 8.78
N LYS A 93 2.63 32.73 8.34
CA LYS A 93 3.36 31.48 8.28
C LYS A 93 4.63 31.58 9.11
N VAL A 94 4.54 31.13 10.36
CA VAL A 94 5.66 31.20 11.28
C VAL A 94 5.87 29.86 11.95
N GLU A 95 6.86 29.12 11.48
CA GLU A 95 7.16 27.82 12.04
C GLU A 95 8.56 27.81 12.66
N ALA A 96 9.48 28.57 12.08
CA ALA A 96 10.86 28.59 12.53
C ALA A 96 10.99 29.08 13.96
N LYS A 97 10.83 30.39 14.16
CA LYS A 97 11.01 31.03 15.46
C LYS A 97 12.45 30.93 15.95
N LYS A 98 12.73 31.62 17.04
CA LYS A 98 14.05 31.59 17.66
C LYS A 98 13.91 31.69 19.18
N GLU A 99 14.86 31.09 19.88
CA GLU A 99 14.89 31.12 21.33
C GLU A 99 15.37 32.48 21.82
N GLU A 100 14.88 32.89 22.98
CA GLU A 100 15.29 34.15 23.57
C GLU A 100 15.64 34.01 25.05
N SER A 101 16.01 32.80 25.41
CA SER A 101 16.32 32.49 26.80
C SER A 101 17.82 32.28 27.00
N GLU A 102 18.39 33.00 27.97
CA GLU A 102 19.81 32.90 28.24
C GLU A 102 20.07 32.55 29.71
N GLU A 103 19.73 31.31 30.07
CA GLU A 103 19.97 30.76 31.42
C GLU A 103 19.34 31.62 32.51
N SER A 104 18.01 31.57 32.56
CA SER A 104 17.26 32.35 33.53
C SER A 104 16.28 31.47 34.30
N ASP A 105 16.18 31.73 35.59
CA ASP A 105 15.26 30.98 36.47
C ASP A 105 14.17 31.91 36.99
N ASP A 106 13.45 31.47 38.01
CA ASP A 106 12.38 32.26 38.59
C ASP A 106 12.88 33.60 39.15
N ASP A 107 13.93 33.55 39.95
CA ASP A 107 14.54 34.76 40.53
C ASP A 107 13.51 35.53 41.37
N MET A 108 13.26 35.05 42.57
CA MET A 108 12.30 35.67 43.47
C MET A 108 13.02 36.43 44.58
N GLY A 109 12.47 37.59 44.92
CA GLY A 109 13.12 38.46 45.91
C GLY A 109 13.02 37.94 47.34
N PHE A 110 11.98 37.15 47.62
CA PHE A 110 11.84 36.56 48.93
C PHE A 110 12.47 35.17 48.96
N GLY A 111 13.67 35.08 49.51
CA GLY A 111 14.40 33.83 49.54
C GLY A 111 13.88 32.85 50.60
N LEU A 112 12.83 33.25 51.30
CA LEU A 112 12.21 32.41 52.32
C LEU A 112 13.21 32.05 53.42
N PHE A 113 13.64 33.07 54.16
CA PHE A 113 14.60 32.88 55.24
C PHE A 113 13.91 32.26 56.46
N ASP A 114 12.65 32.63 56.64
CA ASP A 114 11.83 32.10 57.73
C ASP A 114 10.51 31.59 57.17
N ALA B 1 10.82 7.70 -3.48
CA ALA B 1 10.37 7.49 -4.88
C ALA B 1 10.54 6.03 -5.27
N MET B 2 9.83 5.63 -6.31
CA MET B 2 9.81 4.24 -6.76
C MET B 2 10.03 4.17 -8.26
N ARG B 3 10.32 2.97 -8.76
CA ARG B 3 10.37 2.69 -10.20
C ARG B 3 10.66 1.21 -10.43
N TYR B 4 11.83 0.76 -10.03
CA TYR B 4 12.27 -0.61 -10.30
C TYR B 4 11.84 -1.57 -9.20
N VAL B 5 11.57 -1.02 -8.01
CA VAL B 5 11.19 -1.83 -6.86
C VAL B 5 9.97 -2.67 -7.18
N ALA B 6 8.83 -2.01 -7.42
CA ALA B 6 7.59 -2.72 -7.69
C ALA B 6 7.64 -3.42 -9.04
N SER B 7 8.70 -3.17 -9.80
CA SER B 7 8.91 -3.85 -11.06
C SER B 7 9.47 -5.25 -10.80
N TYR B 8 10.41 -5.35 -9.86
CA TYR B 8 10.90 -6.66 -9.42
C TYR B 8 9.76 -7.39 -8.73
N LEU B 9 8.96 -6.63 -7.95
CA LEU B 9 7.74 -7.17 -7.33
C LEU B 9 6.83 -7.75 -8.40
N LEU B 10 6.57 -6.97 -9.44
CA LEU B 10 5.68 -7.37 -10.53
C LEU B 10 6.15 -8.67 -11.18
N ALA B 11 7.38 -8.66 -11.70
CA ALA B 11 7.93 -9.82 -12.40
C ALA B 11 8.04 -11.05 -11.49
N ALA B 12 8.28 -10.86 -10.19
CA ALA B 12 8.35 -11.99 -9.27
C ALA B 12 6.97 -12.46 -8.85
N LEU B 13 6.04 -11.52 -8.77
CA LEU B 13 4.65 -11.80 -8.43
C LEU B 13 4.03 -12.66 -9.53
N GLY B 14 4.30 -12.31 -10.77
CA GLY B 14 3.81 -13.08 -11.89
C GLY B 14 4.71 -12.96 -13.11
N GLY B 15 5.68 -13.85 -13.20
CA GLY B 15 6.57 -13.87 -14.34
C GLY B 15 7.72 -14.85 -14.15
N ASN B 16 8.54 -14.59 -13.13
CA ASN B 16 9.67 -15.44 -12.83
C ASN B 16 10.15 -15.18 -11.40
N SER B 17 10.56 -16.25 -10.72
CA SER B 17 11.02 -16.17 -9.34
C SER B 17 12.30 -15.34 -9.24
N SER B 18 13.03 -15.28 -10.34
CA SER B 18 14.28 -14.56 -10.37
C SER B 18 14.24 -13.51 -11.48
N PRO B 19 13.48 -12.41 -11.28
CA PRO B 19 13.36 -11.32 -12.25
C PRO B 19 14.72 -10.72 -12.61
N SER B 20 15.10 -10.84 -13.87
CA SER B 20 16.37 -10.32 -14.30
C SER B 20 16.25 -8.82 -14.60
N ALA B 21 17.38 -8.12 -14.65
CA ALA B 21 17.38 -6.71 -14.99
C ALA B 21 16.68 -6.49 -16.32
N LYS B 22 16.84 -7.44 -17.23
CA LYS B 22 16.25 -7.36 -18.55
C LYS B 22 14.73 -7.50 -18.46
N ASP B 23 14.28 -8.33 -17.53
CA ASP B 23 12.84 -8.54 -17.33
C ASP B 23 12.18 -7.32 -16.74
N ILE B 24 12.81 -6.71 -15.76
CA ILE B 24 12.28 -5.49 -15.15
C ILE B 24 12.28 -4.36 -16.17
N LYS B 25 13.38 -4.23 -16.92
CA LYS B 25 13.45 -3.29 -18.01
C LYS B 25 12.31 -3.54 -19.00
N LYS B 26 12.07 -4.81 -19.31
CA LYS B 26 10.99 -5.20 -20.21
C LYS B 26 9.64 -4.67 -19.71
N ILE B 27 9.34 -4.93 -18.44
CA ILE B 27 8.06 -4.53 -17.87
C ILE B 27 7.94 -3.00 -17.74
N LEU B 28 9.04 -2.34 -17.43
CA LEU B 28 9.02 -0.89 -17.28
C LEU B 28 8.95 -0.22 -18.65
N ASP B 29 9.60 -0.83 -19.62
CA ASP B 29 9.68 -0.29 -20.98
C ASP B 29 8.36 -0.52 -21.72
N SER B 30 7.67 -1.60 -21.36
CA SER B 30 6.40 -1.97 -22.00
C SER B 30 5.39 -0.82 -21.94
N VAL B 31 5.27 -0.21 -20.78
CA VAL B 31 4.33 0.89 -20.59
C VAL B 31 4.86 2.17 -21.24
N GLY B 32 6.18 2.32 -21.20
CA GLY B 32 6.82 3.46 -21.82
C GLY B 32 7.27 4.50 -20.82
N ILE B 33 7.79 4.05 -19.68
CA ILE B 33 8.30 4.96 -18.67
C ILE B 33 9.82 4.85 -18.62
N GLU B 34 10.51 5.99 -18.56
CA GLU B 34 11.97 6.01 -18.65
C GLU B 34 12.63 5.33 -17.44
N ALA B 35 13.36 4.27 -17.73
CA ALA B 35 14.07 3.51 -16.70
C ALA B 35 15.57 3.57 -16.95
N ASP B 36 16.34 3.79 -15.89
CA ASP B 36 17.80 3.94 -16.02
C ASP B 36 18.50 2.59 -15.97
N ASP B 37 19.13 2.23 -17.10
CA ASP B 37 19.69 0.89 -17.31
C ASP B 37 20.51 0.38 -16.11
N ASP B 38 21.55 1.11 -15.75
CA ASP B 38 22.42 0.74 -14.62
C ASP B 38 21.68 0.75 -13.27
N ARG B 39 20.86 1.76 -13.05
CA ARG B 39 20.23 1.96 -11.76
C ARG B 39 19.24 0.83 -11.45
N LEU B 40 18.56 0.35 -12.48
CA LEU B 40 17.59 -0.73 -12.27
C LEU B 40 18.30 -2.03 -11.91
N ASN B 41 19.37 -2.36 -12.61
CA ASN B 41 20.16 -3.54 -12.28
C ASN B 41 20.83 -3.39 -10.92
N LYS B 42 21.21 -2.18 -10.57
CA LYS B 42 21.82 -1.91 -9.28
C LYS B 42 20.85 -2.25 -8.15
N VAL B 43 19.65 -1.70 -8.24
CA VAL B 43 18.66 -1.89 -7.19
C VAL B 43 18.26 -3.36 -7.17
N ILE B 44 18.15 -3.93 -8.35
CA ILE B 44 17.85 -5.35 -8.50
C ILE B 44 18.98 -6.22 -7.98
N SER B 45 20.21 -5.74 -8.08
CA SER B 45 21.34 -6.47 -7.53
C SER B 45 21.23 -6.52 -6.01
N GLU B 46 20.67 -5.48 -5.42
CA GLU B 46 20.42 -5.47 -3.97
C GLU B 46 19.06 -6.11 -3.62
N LEU B 47 18.12 -6.06 -4.58
CA LEU B 47 16.81 -6.71 -4.43
C LEU B 47 16.93 -8.22 -4.61
N ASN B 48 18.03 -8.64 -5.24
CA ASN B 48 18.25 -10.02 -5.61
C ASN B 48 18.35 -10.91 -4.36
N GLY B 49 17.24 -11.56 -4.02
CA GLY B 49 17.21 -12.38 -2.83
C GLY B 49 15.83 -12.95 -2.55
N LYS B 50 15.70 -13.64 -1.43
CA LYS B 50 14.44 -14.31 -1.10
C LYS B 50 13.48 -13.37 -0.39
N ASN B 51 13.89 -12.13 -0.18
CA ASN B 51 13.08 -11.18 0.58
C ASN B 51 11.96 -10.60 -0.27
N ILE B 52 11.90 -11.02 -1.53
CA ILE B 52 10.88 -10.54 -2.45
C ILE B 52 9.47 -10.90 -1.94
N GLU B 53 9.33 -12.08 -1.38
CA GLU B 53 8.03 -12.51 -0.87
C GLU B 53 7.61 -11.62 0.31
N ASP B 54 8.60 -11.20 1.09
CA ASP B 54 8.36 -10.32 2.23
C ASP B 54 7.92 -8.93 1.76
N VAL B 55 8.60 -8.40 0.75
CA VAL B 55 8.24 -7.08 0.20
C VAL B 55 6.97 -7.17 -0.65
N ILE B 56 6.54 -8.39 -0.95
CA ILE B 56 5.22 -8.60 -1.54
C ILE B 56 4.15 -8.51 -0.46
N ALA B 57 4.32 -9.30 0.59
CA ALA B 57 3.36 -9.37 1.68
C ALA B 57 3.21 -8.03 2.38
N GLN B 58 4.34 -7.38 2.62
CA GLN B 58 4.32 -6.07 3.26
C GLN B 58 4.94 -5.04 2.33
N GLY B 59 4.37 -4.93 1.13
CA GLY B 59 4.84 -3.93 0.19
C GLY B 59 3.86 -2.77 0.06
N ILE B 60 3.04 -2.82 -1.00
CA ILE B 60 2.01 -1.80 -1.32
C ILE B 60 2.28 -0.44 -0.66
N GLY B 61 1.78 -0.25 0.57
CA GLY B 61 2.13 0.91 1.37
C GLY B 61 2.01 2.24 0.64
N LYS B 62 3.14 2.91 0.53
CA LYS B 62 3.22 4.19 -0.13
C LYS B 62 4.52 4.27 -0.91
N LEU B 63 4.74 3.27 -1.76
CA LEU B 63 6.01 3.10 -2.49
C LEU B 63 6.37 4.36 -3.26
N ALA B 64 5.35 5.03 -3.73
CA ALA B 64 5.50 6.28 -4.47
C ALA B 64 6.24 7.31 -3.61
N SER B 65 5.70 7.52 -2.41
CA SER B 65 6.20 8.54 -1.48
C SER B 65 5.81 9.93 -1.97
N VAL B 66 5.22 10.72 -1.08
CA VAL B 66 4.76 12.05 -1.40
C VAL B 66 5.91 12.98 -1.76
N PRO B 67 5.71 13.84 -2.78
CA PRO B 67 6.75 14.71 -3.33
C PRO B 67 7.05 15.91 -2.45
N ALA B 68 6.40 15.96 -1.28
CA ALA B 68 6.67 16.96 -0.24
C ALA B 68 6.88 18.35 -0.83
N GLY B 69 5.85 18.89 -1.46
CA GLY B 69 5.95 20.21 -2.07
C GLY B 69 5.82 20.16 -3.58
N GLY B 70 6.56 19.25 -4.20
CA GLY B 70 6.51 19.13 -5.65
C GLY B 70 7.82 19.53 -6.31
N ALA B 71 8.92 18.96 -5.83
CA ALA B 71 10.23 19.24 -6.38
C ALA B 71 11.06 17.97 -6.46
N VAL B 72 10.72 17.13 -7.42
CA VAL B 72 11.42 15.85 -7.58
C VAL B 72 12.03 15.76 -8.97
N ALA B 73 13.16 15.06 -9.05
CA ALA B 73 13.87 14.84 -10.32
C ALA B 73 14.28 16.14 -10.98
N VAL B 74 14.84 17.00 -10.17
CA VAL B 74 15.36 18.27 -10.64
C VAL B 74 16.88 18.26 -10.59
N SER B 75 17.50 17.63 -11.58
CA SER B 75 18.95 17.53 -11.64
C SER B 75 19.46 17.73 -13.06
N ALA B 76 20.34 18.72 -13.23
CA ALA B 76 20.95 19.03 -14.53
C ALA B 76 19.89 19.31 -15.58
N ALA B 77 18.94 20.17 -15.24
CA ALA B 77 17.87 20.51 -16.16
C ALA B 77 18.32 21.59 -17.15
N PRO B 78 18.34 21.25 -18.45
CA PRO B 78 18.72 22.17 -19.52
C PRO B 78 17.66 23.24 -19.73
N GLY B 79 17.71 24.25 -18.89
CA GLY B 79 16.77 25.34 -19.02
C GLY B 79 17.43 26.69 -18.76
N SER B 80 18.70 26.79 -19.12
CA SER B 80 19.41 28.04 -18.97
C SER B 80 19.50 28.76 -20.30
N ALA B 81 19.62 30.08 -20.24
CA ALA B 81 19.83 30.90 -21.41
C ALA B 81 18.62 30.84 -22.35
N ALA B 82 18.79 31.38 -23.55
CA ALA B 82 17.72 31.42 -24.55
C ALA B 82 16.47 32.11 -24.02
N PRO B 83 16.51 33.46 -23.93
CA PRO B 83 15.43 34.24 -23.31
C PRO B 83 14.10 34.13 -24.03
N ALA B 84 13.15 33.47 -23.38
CA ALA B 84 11.76 33.36 -23.84
C ALA B 84 11.63 32.54 -25.11
N ALA B 85 10.41 32.09 -25.38
CA ALA B 85 10.13 31.28 -26.55
C ALA B 85 9.22 32.03 -27.52
N GLY B 86 9.18 33.35 -27.36
CA GLY B 86 8.38 34.18 -28.24
C GLY B 86 9.15 35.39 -28.74
N SER B 87 10.46 35.30 -28.65
CA SER B 87 11.34 36.39 -29.06
C SER B 87 11.42 36.50 -30.59
N ALA B 88 10.91 37.61 -31.11
CA ALA B 88 10.90 37.84 -32.56
C ALA B 88 11.17 39.33 -32.84
N PRO B 89 12.09 39.62 -33.79
CA PRO B 89 12.39 41.00 -34.19
C PRO B 89 11.19 41.71 -34.82
N ALA B 90 10.56 42.59 -34.05
CA ALA B 90 9.41 43.33 -34.55
C ALA B 90 9.61 44.83 -34.33
N ALA B 91 10.49 45.41 -35.12
CA ALA B 91 10.77 46.84 -35.04
C ALA B 91 9.78 47.63 -35.89
N ALA B 92 9.19 48.64 -35.28
CA ALA B 92 8.21 49.47 -35.96
C ALA B 92 8.29 50.90 -35.46
N GLU B 93 9.40 51.57 -35.78
CA GLU B 93 9.64 52.92 -35.33
C GLU B 93 8.67 53.91 -35.98
N GLU B 94 8.63 53.89 -37.31
CA GLU B 94 7.81 54.81 -38.06
C GLU B 94 6.34 54.37 -38.01
N LYS B 95 5.67 54.66 -36.90
CA LYS B 95 4.26 54.32 -36.73
C LYS B 95 3.50 55.37 -35.93
N LYS B 96 4.04 56.58 -35.86
CA LYS B 96 3.37 57.67 -35.15
C LYS B 96 3.24 58.88 -36.05
N ASP B 97 2.00 59.28 -36.34
CA ASP B 97 1.74 60.48 -37.13
C ASP B 97 0.34 60.99 -36.89
N GLU B 98 0.23 62.00 -36.04
CA GLU B 98 -1.03 62.69 -35.86
C GLU B 98 -1.04 63.95 -36.72
N LYS B 99 -1.07 63.74 -38.04
CA LYS B 99 -1.11 64.83 -39.02
C LYS B 99 -2.24 65.82 -38.73
N LYS B 100 -2.16 67.00 -39.34
CA LYS B 100 -3.14 68.06 -39.10
C LYS B 100 -3.02 68.54 -37.66
N GLU B 101 -1.79 68.54 -37.15
CA GLU B 101 -1.50 68.95 -35.78
C GLU B 101 -1.63 70.46 -35.68
N GLU B 102 -1.12 71.13 -36.70
CA GLU B 102 -1.19 72.57 -36.81
C GLU B 102 -2.65 73.04 -36.68
N SER B 103 -2.91 73.90 -35.70
CA SER B 103 -4.26 74.37 -35.45
C SER B 103 -4.68 75.43 -36.47
N GLU B 104 -5.11 74.95 -37.64
CA GLU B 104 -5.61 75.78 -38.73
C GLU B 104 -4.49 76.62 -39.35
N GLU B 105 -4.84 77.39 -40.37
CA GLU B 105 -3.88 78.23 -41.08
C GLU B 105 -3.18 79.19 -40.12
N SER B 106 -1.91 78.96 -39.89
CA SER B 106 -1.12 79.80 -39.00
C SER B 106 -0.20 80.72 -39.80
N ASP B 107 -0.39 82.03 -39.65
CA ASP B 107 0.46 83.02 -40.30
C ASP B 107 1.71 83.27 -39.46
N ASP B 108 1.67 82.75 -38.23
CA ASP B 108 2.81 82.79 -37.30
C ASP B 108 3.17 84.23 -36.93
N ASP B 109 4.39 84.46 -36.47
CA ASP B 109 4.85 85.77 -36.05
C ASP B 109 6.31 85.95 -36.47
N MET B 110 6.70 85.25 -37.51
CA MET B 110 8.04 85.36 -38.07
C MET B 110 8.11 86.51 -39.07
N GLY B 111 6.95 87.03 -39.45
CA GLY B 111 6.91 88.15 -40.38
C GLY B 111 6.33 87.76 -41.73
N PHE B 112 5.01 87.87 -41.84
CA PHE B 112 4.31 87.63 -43.10
C PHE B 112 4.48 86.19 -43.58
N GLY B 113 3.74 85.27 -42.95
CA GLY B 113 3.79 83.88 -43.35
C GLY B 113 2.72 83.56 -44.37
N LEU B 114 2.45 84.53 -45.24
CA LEU B 114 1.48 84.39 -46.31
C LEU B 114 2.04 83.44 -47.37
N PHE B 115 3.35 83.22 -47.29
CA PHE B 115 4.04 82.36 -48.23
C PHE B 115 3.69 80.88 -47.99
N ASP B 116 4.33 80.27 -47.02
CA ASP B 116 4.08 78.88 -46.67
C ASP B 116 4.81 78.54 -45.38
N MET A 1 1.19 -17.74 -4.01
CA MET A 1 0.54 -16.60 -4.69
C MET A 1 -0.97 -16.74 -4.63
N ALA A 2 -1.60 -16.00 -3.72
CA ALA A 2 -3.04 -16.04 -3.59
C ALA A 2 -3.68 -14.86 -4.31
N SER A 3 -3.55 -13.68 -3.72
CA SER A 3 -4.06 -12.46 -4.33
C SER A 3 -3.11 -11.98 -5.43
N VAL A 4 -2.82 -12.84 -6.39
CA VAL A 4 -1.85 -12.54 -7.44
C VAL A 4 -2.43 -11.50 -8.40
N SER A 5 -3.74 -11.53 -8.53
CA SER A 5 -4.45 -10.57 -9.34
C SER A 5 -4.29 -9.18 -8.76
N GLU A 6 -4.61 -9.09 -7.48
CA GLU A 6 -4.53 -7.85 -6.73
C GLU A 6 -3.11 -7.30 -6.76
N LEU A 7 -2.14 -8.20 -6.55
CA LEU A 7 -0.73 -7.84 -6.64
C LEU A 7 -0.44 -7.20 -7.98
N ALA A 8 -0.80 -7.90 -9.05
CA ALA A 8 -0.55 -7.44 -10.40
C ALA A 8 -1.07 -6.03 -10.64
N CYS A 9 -2.36 -5.80 -10.38
CA CYS A 9 -2.96 -4.50 -10.64
C CYS A 9 -2.40 -3.42 -9.72
N ILE A 10 -2.03 -3.81 -8.51
CA ILE A 10 -1.54 -2.84 -7.53
C ILE A 10 -0.11 -2.43 -7.82
N TYR A 11 0.70 -3.39 -8.27
CA TYR A 11 2.07 -3.09 -8.62
C TYR A 11 2.10 -2.36 -9.94
N SER A 12 1.09 -2.58 -10.77
CA SER A 12 0.92 -1.80 -11.99
C SER A 12 0.54 -0.35 -11.63
N ALA A 13 -0.40 -0.22 -10.69
CA ALA A 13 -0.74 1.09 -10.14
C ALA A 13 0.51 1.79 -9.64
N LEU A 14 1.43 1.05 -9.02
CA LEU A 14 2.72 1.60 -8.65
C LEU A 14 3.46 2.07 -9.89
N ILE A 15 3.72 1.16 -10.82
CA ILE A 15 4.46 1.46 -12.05
C ILE A 15 3.96 2.75 -12.73
N LEU A 16 2.67 3.01 -12.64
CA LEU A 16 2.09 4.15 -13.35
C LEU A 16 1.55 5.22 -12.40
N HIS A 17 1.79 5.06 -11.09
CA HIS A 17 1.34 6.05 -10.09
C HIS A 17 1.70 7.48 -10.50
N ASP A 18 3.00 7.76 -10.62
CA ASP A 18 3.44 9.11 -10.93
C ASP A 18 4.25 9.15 -12.23
N ASP A 19 5.54 8.81 -12.14
CA ASP A 19 6.43 8.77 -13.30
C ASP A 19 6.29 10.03 -14.16
N GLU A 20 6.57 9.89 -15.45
CA GLU A 20 6.26 10.91 -16.44
C GLU A 20 5.15 10.38 -17.36
N VAL A 21 4.41 9.41 -16.85
CA VAL A 21 3.38 8.75 -17.61
C VAL A 21 2.06 8.77 -16.81
N THR A 22 0.94 8.62 -17.49
CA THR A 22 -0.35 8.64 -16.83
C THR A 22 -0.95 7.24 -16.73
N VAL A 23 -1.39 6.87 -15.54
CA VAL A 23 -2.06 5.59 -15.32
C VAL A 23 -3.40 5.56 -16.07
N THR A 24 -3.42 4.81 -17.17
CA THR A 24 -4.61 4.69 -18.00
C THR A 24 -4.87 3.24 -18.37
N GLU A 25 -6.07 2.99 -18.93
CA GLU A 25 -6.49 1.64 -19.30
C GLU A 25 -5.43 0.91 -20.10
N ASP A 26 -4.89 1.57 -21.11
CA ASP A 26 -3.91 0.97 -22.01
C ASP A 26 -2.60 0.69 -21.29
N LYS A 27 -2.29 1.48 -20.27
CA LYS A 27 -1.02 1.36 -19.57
C LYS A 27 -1.06 0.17 -18.62
N ILE A 28 -2.16 0.04 -17.88
CA ILE A 28 -2.31 -1.11 -16.99
C ILE A 28 -2.47 -2.37 -17.83
N ASN A 29 -3.26 -2.26 -18.90
CA ASN A 29 -3.42 -3.37 -19.84
C ASN A 29 -2.06 -3.84 -20.37
N ALA A 30 -1.23 -2.89 -20.76
CA ALA A 30 0.09 -3.21 -21.29
C ALA A 30 0.96 -3.89 -20.25
N LEU A 31 1.02 -3.30 -19.06
CA LEU A 31 1.87 -3.81 -17.99
C LEU A 31 1.36 -5.17 -17.52
N ILE A 32 0.05 -5.32 -17.47
CA ILE A 32 -0.58 -6.58 -17.13
C ILE A 32 -0.26 -7.64 -18.18
N LYS A 33 -0.17 -7.22 -19.43
CA LYS A 33 0.23 -8.13 -20.50
C LYS A 33 1.74 -8.38 -20.45
N ALA A 34 2.47 -7.46 -19.83
CA ALA A 34 3.93 -7.59 -19.72
C ALA A 34 4.35 -8.62 -18.67
N ALA A 35 3.78 -8.57 -17.46
CA ALA A 35 4.13 -9.55 -16.42
C ALA A 35 2.93 -9.95 -15.55
N GLY A 36 1.73 -9.53 -15.94
CA GLY A 36 0.56 -9.80 -15.12
C GLY A 36 -0.10 -11.11 -15.51
N VAL A 37 0.33 -12.19 -14.87
CA VAL A 37 -0.14 -13.55 -15.21
C VAL A 37 -1.68 -13.65 -15.27
N ASN A 38 -2.37 -13.18 -14.24
CA ASN A 38 -3.84 -13.15 -14.27
C ASN A 38 -4.39 -12.20 -13.23
N VAL A 39 -5.24 -11.29 -13.68
CA VAL A 39 -5.96 -10.40 -12.79
C VAL A 39 -7.39 -10.24 -13.27
N GLU A 40 -8.34 -10.47 -12.37
CA GLU A 40 -9.76 -10.36 -12.68
C GLU A 40 -10.06 -8.96 -13.21
N PRO A 41 -10.69 -8.88 -14.41
CA PRO A 41 -10.85 -7.61 -15.18
C PRO A 41 -11.48 -6.46 -14.39
N PHE A 42 -12.03 -6.74 -13.21
CA PHE A 42 -12.74 -5.73 -12.47
C PHE A 42 -11.74 -4.84 -11.74
N TRP A 43 -10.57 -5.40 -11.40
CA TRP A 43 -9.51 -4.59 -10.79
C TRP A 43 -9.01 -3.53 -11.77
N PRO A 44 -8.47 -3.93 -12.96
CA PRO A 44 -8.01 -2.96 -13.95
C PRO A 44 -9.14 -2.06 -14.43
N GLY A 45 -10.36 -2.59 -14.50
CA GLY A 45 -11.51 -1.79 -14.86
C GLY A 45 -11.74 -0.65 -13.88
N LEU A 46 -11.75 -0.99 -12.59
CA LEU A 46 -11.95 0.03 -11.55
C LEU A 46 -10.81 1.02 -11.56
N PHE A 47 -9.59 0.50 -11.61
CA PHE A 47 -8.40 1.36 -11.62
C PHE A 47 -8.38 2.27 -12.84
N ALA A 48 -8.64 1.74 -14.01
CA ALA A 48 -8.57 2.53 -15.23
C ALA A 48 -9.65 3.61 -15.26
N LYS A 49 -10.84 3.31 -14.74
CA LYS A 49 -11.92 4.28 -14.81
C LYS A 49 -11.99 5.18 -13.58
N ALA A 50 -11.52 4.71 -12.43
CA ALA A 50 -11.74 5.44 -11.18
C ALA A 50 -10.44 5.94 -10.53
N LEU A 51 -9.30 5.36 -10.88
CA LEU A 51 -8.04 5.77 -10.27
C LEU A 51 -7.49 7.00 -11.01
N ALA A 52 -6.20 7.00 -11.33
CA ALA A 52 -5.53 8.15 -11.96
C ALA A 52 -5.64 9.43 -11.11
N ASN A 53 -6.24 9.30 -9.93
CA ASN A 53 -6.48 10.40 -9.03
C ASN A 53 -6.34 9.88 -7.61
N VAL A 54 -6.96 8.71 -7.40
CA VAL A 54 -6.84 7.95 -6.16
C VAL A 54 -5.41 7.98 -5.64
N ASN A 55 -5.23 8.64 -4.51
CA ASN A 55 -3.92 8.74 -3.88
C ASN A 55 -3.30 7.37 -3.64
N ILE A 56 -2.00 7.28 -3.86
CA ILE A 56 -1.28 6.01 -3.83
C ILE A 56 -1.67 5.12 -2.64
N GLY A 57 -1.64 5.67 -1.43
CA GLY A 57 -1.94 4.87 -0.24
C GLY A 57 -3.35 4.30 -0.26
N SER A 58 -4.26 5.04 -0.89
CA SER A 58 -5.67 4.67 -0.93
C SER A 58 -5.84 3.37 -1.71
N LEU A 59 -4.76 2.97 -2.40
CA LEU A 59 -4.67 1.66 -3.03
C LEU A 59 -5.21 0.59 -2.10
N ILE A 60 -4.76 0.62 -0.86
CA ILE A 60 -5.18 -0.38 0.11
C ILE A 60 -6.09 0.27 1.16
N CYS A 61 -7.02 1.09 0.69
CA CYS A 61 -8.00 1.70 1.56
C CYS A 61 -9.40 1.29 1.14
N ASN A 62 -9.62 1.16 -0.16
CA ASN A 62 -10.93 0.84 -0.69
C ASN A 62 -11.04 -0.66 -1.05
N VAL A 63 -9.97 -1.40 -0.76
CA VAL A 63 -9.95 -2.84 -1.04
C VAL A 63 -11.04 -3.58 -0.23
N GLY A 64 -11.36 -3.05 0.94
CA GLY A 64 -12.38 -3.65 1.77
C GLY A 64 -11.85 -4.82 2.58
N ALA A 65 -11.69 -5.96 1.92
CA ALA A 65 -11.21 -7.16 2.60
C ALA A 65 -10.76 -8.21 1.59
N GLY A 66 -11.65 -8.54 0.66
CA GLY A 66 -11.35 -9.55 -0.34
C GLY A 66 -12.07 -10.84 -0.05
N GLY A 67 -11.32 -11.93 0.03
CA GLY A 67 -11.91 -13.22 0.34
C GLY A 67 -10.86 -14.25 0.70
N PRO A 68 -11.22 -15.30 1.44
CA PRO A 68 -10.29 -16.35 1.84
C PRO A 68 -10.18 -17.46 0.79
N ALA A 69 -11.25 -18.22 0.64
CA ALA A 69 -11.30 -19.29 -0.35
C ALA A 69 -12.73 -19.56 -0.76
N PRO A 70 -13.18 -18.95 -1.88
CA PRO A 70 -14.54 -19.15 -2.40
C PRO A 70 -14.75 -20.57 -2.95
N ALA A 71 -16.02 -20.89 -3.24
CA ALA A 71 -16.42 -22.21 -3.74
C ALA A 71 -16.29 -23.28 -2.66
N ALA A 72 -15.04 -23.64 -2.33
CA ALA A 72 -14.75 -24.65 -1.31
C ALA A 72 -15.43 -25.98 -1.64
N GLY A 73 -15.05 -26.55 -2.78
CA GLY A 73 -15.62 -27.81 -3.20
C GLY A 73 -16.91 -27.62 -3.95
N ALA A 74 -17.94 -27.17 -3.23
CA ALA A 74 -19.26 -26.90 -3.80
C ALA A 74 -19.82 -28.11 -4.53
N ALA A 75 -19.76 -29.25 -3.85
CA ALA A 75 -20.25 -30.53 -4.39
C ALA A 75 -19.40 -31.03 -5.56
N PRO A 76 -18.77 -32.19 -5.35
CA PRO A 76 -17.89 -32.83 -6.33
C PRO A 76 -18.51 -32.91 -7.72
N ALA A 77 -17.73 -32.52 -8.73
CA ALA A 77 -18.18 -32.52 -10.10
C ALA A 77 -18.18 -33.94 -10.67
N GLY A 78 -18.52 -34.05 -11.95
CA GLY A 78 -18.59 -35.36 -12.59
C GLY A 78 -17.25 -36.03 -12.71
N GLY A 79 -17.26 -37.33 -12.98
CA GLY A 79 -16.04 -38.07 -13.19
C GLY A 79 -16.26 -39.56 -13.03
N PRO A 80 -15.18 -40.36 -12.96
CA PRO A 80 -15.27 -41.80 -12.78
C PRO A 80 -15.63 -42.18 -11.33
N ALA A 81 -16.21 -43.37 -11.15
CA ALA A 81 -16.59 -43.84 -9.84
C ALA A 81 -15.40 -44.51 -9.16
N PRO A 82 -15.23 -44.31 -7.83
CA PRO A 82 -14.13 -44.88 -7.05
C PRO A 82 -14.09 -46.41 -7.06
N SER A 83 -13.59 -46.95 -8.16
CA SER A 83 -13.39 -48.40 -8.33
C SER A 83 -14.72 -49.13 -8.49
N THR A 84 -14.75 -50.12 -9.37
CA THR A 84 -15.96 -50.88 -9.63
C THR A 84 -16.14 -52.02 -8.62
N ALA A 85 -16.08 -51.68 -7.33
CA ALA A 85 -16.29 -52.65 -6.27
C ALA A 85 -17.77 -52.69 -5.89
N ALA A 86 -18.37 -51.49 -5.84
CA ALA A 86 -19.79 -51.32 -5.50
C ALA A 86 -20.10 -51.85 -4.10
N ALA A 87 -21.39 -52.01 -3.80
CA ALA A 87 -21.82 -52.52 -2.52
C ALA A 87 -23.14 -53.29 -2.67
N PRO A 88 -23.06 -54.59 -3.00
CA PRO A 88 -24.23 -55.47 -3.15
C PRO A 88 -25.10 -55.50 -1.88
N ALA A 89 -26.22 -54.81 -1.95
CA ALA A 89 -27.13 -54.75 -0.81
C ALA A 89 -28.06 -55.97 -0.80
N GLU A 90 -27.55 -57.10 -0.33
CA GLU A 90 -28.36 -58.30 -0.18
C GLU A 90 -29.14 -58.23 1.13
N GLU A 91 -30.44 -58.46 1.05
CA GLU A 91 -31.31 -58.33 2.20
C GLU A 91 -31.52 -59.68 2.88
N LYS A 92 -32.48 -59.74 3.80
CA LYS A 92 -32.72 -60.95 4.59
C LYS A 92 -33.33 -62.05 3.74
N LYS A 93 -34.55 -61.83 3.27
CA LYS A 93 -35.24 -62.81 2.43
C LYS A 93 -36.01 -62.09 1.33
N VAL A 94 -35.98 -62.65 0.13
CA VAL A 94 -36.66 -62.06 -1.00
C VAL A 94 -37.39 -63.12 -1.83
N GLU A 95 -38.68 -62.88 -2.06
CA GLU A 95 -39.50 -63.78 -2.87
C GLU A 95 -40.73 -63.04 -3.37
N ALA A 96 -41.18 -63.39 -4.58
CA ALA A 96 -42.39 -62.83 -5.17
C ALA A 96 -42.26 -61.33 -5.40
N LYS A 97 -41.63 -60.97 -6.52
CA LYS A 97 -41.44 -59.57 -6.88
C LYS A 97 -42.77 -58.87 -7.14
N LYS A 98 -42.85 -57.60 -6.80
CA LYS A 98 -44.05 -56.80 -7.05
C LYS A 98 -44.03 -56.27 -8.48
N GLU A 99 -45.20 -56.08 -9.05
CA GLU A 99 -45.33 -55.61 -10.41
C GLU A 99 -46.57 -54.73 -10.54
N GLU A 100 -46.52 -53.73 -11.42
CA GLU A 100 -47.56 -52.71 -11.54
C GLU A 100 -47.62 -51.82 -10.29
N SER A 101 -48.47 -50.79 -10.32
CA SER A 101 -48.47 -49.79 -9.26
C SER A 101 -49.87 -49.29 -8.93
N GLU A 102 -50.84 -50.05 -9.33
CA GLU A 102 -52.22 -49.66 -9.16
C GLU A 102 -52.86 -50.49 -8.03
N GLU A 103 -53.04 -49.86 -6.88
CA GLU A 103 -53.57 -50.53 -5.71
C GLU A 103 -55.09 -50.53 -5.72
N SER A 104 -55.66 -51.04 -6.80
CA SER A 104 -57.10 -51.07 -6.96
C SER A 104 -57.69 -52.42 -6.53
N ASP A 105 -56.99 -53.08 -5.61
CA ASP A 105 -57.38 -54.39 -5.10
C ASP A 105 -57.59 -55.37 -6.26
N ASP A 106 -56.66 -55.31 -7.22
CA ASP A 106 -56.69 -56.15 -8.43
C ASP A 106 -57.88 -55.80 -9.33
N ASP A 107 -57.58 -55.24 -10.51
CA ASP A 107 -58.60 -54.76 -11.44
C ASP A 107 -59.34 -55.94 -12.07
N MET A 108 -60.16 -56.60 -11.29
CA MET A 108 -60.92 -57.75 -11.75
C MET A 108 -62.20 -57.34 -12.49
N GLY A 109 -62.04 -56.69 -13.62
CA GLY A 109 -63.17 -56.42 -14.49
C GLY A 109 -63.68 -55.00 -14.43
N PHE A 110 -63.45 -54.32 -13.32
CA PHE A 110 -63.92 -52.94 -13.16
C PHE A 110 -62.82 -51.95 -13.54
N GLY A 111 -62.99 -50.70 -13.13
CA GLY A 111 -61.99 -49.69 -13.40
C GLY A 111 -61.42 -49.13 -12.12
N LEU A 112 -60.85 -47.95 -12.23
CA LEU A 112 -60.10 -47.37 -11.13
C LEU A 112 -60.92 -46.32 -10.36
N PHE A 113 -61.96 -46.77 -9.65
CA PHE A 113 -62.78 -45.86 -8.86
C PHE A 113 -63.29 -46.53 -7.57
N ASP A 114 -62.40 -47.15 -6.81
CA ASP A 114 -62.79 -47.78 -5.54
C ASP A 114 -62.33 -46.92 -4.38
N ALA B 1 12.67 3.85 -3.53
CA ALA B 1 12.37 3.65 -4.97
C ALA B 1 11.12 2.81 -5.14
N MET B 2 10.36 3.04 -6.21
CA MET B 2 9.11 2.30 -6.42
C MET B 2 8.95 1.83 -7.87
N ARG B 3 9.48 2.60 -8.82
CA ARG B 3 9.27 2.35 -10.24
C ARG B 3 10.09 1.16 -10.75
N TYR B 4 10.84 0.53 -9.84
CA TYR B 4 11.69 -0.59 -10.21
C TYR B 4 11.40 -1.80 -9.33
N VAL B 5 11.11 -1.53 -8.06
CA VAL B 5 10.82 -2.58 -7.10
C VAL B 5 9.55 -3.31 -7.48
N ALA B 6 8.52 -2.55 -7.85
CA ALA B 6 7.24 -3.15 -8.22
C ALA B 6 7.33 -3.83 -9.58
N SER B 7 8.33 -3.44 -10.37
CA SER B 7 8.60 -4.11 -11.63
C SER B 7 9.16 -5.51 -11.34
N TYR B 8 10.07 -5.55 -10.35
CA TYR B 8 10.62 -6.82 -9.89
C TYR B 8 9.48 -7.69 -9.34
N LEU B 9 8.56 -7.05 -8.62
CA LEU B 9 7.38 -7.72 -8.10
C LEU B 9 6.50 -8.25 -9.23
N LEU B 10 6.34 -7.43 -10.27
CA LEU B 10 5.57 -7.82 -11.45
C LEU B 10 6.10 -9.12 -12.05
N ALA B 11 7.40 -9.14 -12.35
CA ALA B 11 8.00 -10.32 -12.96
C ALA B 11 8.01 -11.50 -11.98
N ALA B 12 8.04 -11.21 -10.69
CA ALA B 12 7.98 -12.25 -9.67
C ALA B 12 6.64 -12.97 -9.68
N LEU B 13 5.54 -12.22 -9.68
CA LEU B 13 4.21 -12.80 -9.70
C LEU B 13 3.88 -13.36 -11.09
N GLY B 14 4.54 -12.80 -12.11
CA GLY B 14 4.33 -13.24 -13.48
C GLY B 14 4.75 -14.68 -13.73
N GLY B 15 5.48 -15.25 -12.78
CA GLY B 15 5.88 -16.63 -12.90
C GLY B 15 7.38 -16.81 -12.95
N ASN B 16 8.10 -15.97 -12.20
CA ASN B 16 9.55 -16.09 -12.11
C ASN B 16 10.05 -15.55 -10.79
N SER B 17 10.60 -16.43 -9.97
CA SER B 17 11.09 -16.05 -8.65
C SER B 17 12.41 -15.31 -8.74
N SER B 18 13.01 -15.33 -9.92
CA SER B 18 14.32 -14.72 -10.09
C SER B 18 14.31 -13.66 -11.20
N PRO B 19 13.54 -12.56 -11.02
CA PRO B 19 13.52 -11.43 -11.97
C PRO B 19 14.89 -10.79 -12.11
N SER B 20 15.22 -10.33 -13.31
CA SER B 20 16.49 -9.65 -13.52
C SER B 20 16.29 -8.32 -14.23
N ALA B 21 17.33 -7.50 -14.28
CA ALA B 21 17.27 -6.17 -14.90
C ALA B 21 16.62 -6.24 -16.28
N LYS B 22 16.96 -7.28 -17.02
CA LYS B 22 16.46 -7.50 -18.36
C LYS B 22 14.94 -7.57 -18.39
N ASP B 23 14.39 -8.40 -17.51
CA ASP B 23 12.96 -8.70 -17.50
C ASP B 23 12.19 -7.49 -16.99
N ILE B 24 12.74 -6.83 -16.00
CA ILE B 24 12.15 -5.62 -15.46
C ILE B 24 12.16 -4.53 -16.54
N LYS B 25 13.27 -4.46 -17.28
CA LYS B 25 13.38 -3.57 -18.42
C LYS B 25 12.26 -3.84 -19.42
N LYS B 26 12.02 -5.12 -19.70
CA LYS B 26 10.96 -5.52 -20.61
C LYS B 26 9.59 -5.04 -20.14
N ILE B 27 9.34 -5.19 -18.85
CA ILE B 27 8.08 -4.74 -18.27
C ILE B 27 7.92 -3.23 -18.40
N LEU B 28 9.00 -2.49 -18.18
CA LEU B 28 8.94 -1.04 -18.34
C LEU B 28 8.97 -0.66 -19.83
N ASP B 29 9.43 -1.60 -20.64
CA ASP B 29 9.51 -1.43 -22.10
C ASP B 29 8.11 -1.51 -22.71
N SER B 30 7.26 -2.38 -22.15
CA SER B 30 5.90 -2.56 -22.65
C SER B 30 5.12 -1.24 -22.68
N VAL B 31 5.30 -0.42 -21.63
CA VAL B 31 4.65 0.88 -21.55
C VAL B 31 5.49 1.99 -22.17
N GLY B 32 6.77 1.68 -22.41
CA GLY B 32 7.65 2.62 -23.09
C GLY B 32 8.14 3.75 -22.20
N ILE B 33 8.33 3.47 -20.92
CA ILE B 33 8.85 4.46 -19.99
C ILE B 33 10.37 4.37 -19.95
N GLU B 34 11.05 5.50 -20.08
CA GLU B 34 12.52 5.53 -20.06
C GLU B 34 13.05 5.16 -18.68
N ALA B 35 13.47 3.91 -18.55
CA ALA B 35 13.99 3.41 -17.29
C ALA B 35 15.49 3.62 -17.19
N ASP B 36 15.90 4.51 -16.28
CA ASP B 36 17.32 4.77 -16.02
C ASP B 36 18.07 3.49 -15.71
N ASP B 37 18.85 3.02 -16.69
CA ASP B 37 19.55 1.74 -16.60
C ASP B 37 20.43 1.64 -15.36
N ASP B 38 21.07 2.74 -15.01
CA ASP B 38 21.92 2.79 -13.82
C ASP B 38 21.15 2.36 -12.57
N ARG B 39 20.20 3.18 -12.15
CA ARG B 39 19.48 2.93 -10.91
C ARG B 39 18.59 1.69 -11.03
N LEU B 40 18.33 1.29 -12.27
CA LEU B 40 17.56 0.07 -12.55
C LEU B 40 18.29 -1.14 -11.97
N ASN B 41 19.44 -1.48 -12.54
CA ASN B 41 20.17 -2.66 -12.10
C ASN B 41 20.85 -2.39 -10.76
N LYS B 42 20.98 -1.12 -10.38
CA LYS B 42 21.46 -0.79 -9.03
C LYS B 42 20.49 -1.28 -7.98
N VAL B 43 19.23 -0.85 -8.09
CA VAL B 43 18.24 -1.20 -7.08
C VAL B 43 17.99 -2.69 -7.13
N ILE B 44 18.02 -3.23 -8.34
CA ILE B 44 17.82 -4.64 -8.54
C ILE B 44 19.04 -5.46 -8.08
N SER B 45 20.20 -4.82 -8.06
CA SER B 45 21.39 -5.45 -7.49
C SER B 45 21.26 -5.52 -5.97
N GLU B 46 20.57 -4.52 -5.39
CA GLU B 46 20.26 -4.54 -3.97
C GLU B 46 19.01 -5.38 -3.71
N LEU B 47 18.20 -5.53 -4.74
CA LEU B 47 16.90 -6.19 -4.68
C LEU B 47 16.89 -7.45 -5.55
N ASN B 48 17.59 -8.48 -5.11
CA ASN B 48 17.68 -9.71 -5.87
C ASN B 48 17.26 -10.93 -5.05
N GLY B 49 15.95 -11.14 -4.94
CA GLY B 49 15.42 -12.31 -4.26
C GLY B 49 15.27 -12.13 -2.76
N LYS B 50 15.90 -11.11 -2.22
CA LYS B 50 15.90 -10.88 -0.77
C LYS B 50 14.50 -10.50 -0.27
N ASN B 51 13.89 -11.42 0.47
CA ASN B 51 12.60 -11.20 1.13
C ASN B 51 11.49 -10.88 0.12
N ILE B 52 11.47 -11.60 -0.99
CA ILE B 52 10.50 -11.35 -2.07
C ILE B 52 9.05 -11.44 -1.59
N GLU B 53 8.69 -12.55 -0.98
CA GLU B 53 7.31 -12.75 -0.57
C GLU B 53 6.93 -11.77 0.53
N ASP B 54 7.93 -11.32 1.29
CA ASP B 54 7.71 -10.34 2.34
C ASP B 54 7.45 -8.96 1.73
N VAL B 55 8.27 -8.56 0.75
CA VAL B 55 8.06 -7.28 0.07
C VAL B 55 6.79 -7.30 -0.76
N ILE B 56 6.30 -8.50 -1.10
CA ILE B 56 5.00 -8.64 -1.75
C ILE B 56 3.87 -8.41 -0.76
N ALA B 57 3.88 -9.17 0.33
CA ALA B 57 2.78 -9.15 1.29
C ALA B 57 2.71 -7.82 2.04
N GLN B 58 3.86 -7.26 2.38
CA GLN B 58 3.91 -6.06 3.20
C GLN B 58 4.18 -4.82 2.35
N GLY B 59 4.62 -5.02 1.11
CA GLY B 59 5.05 -3.92 0.27
C GLY B 59 4.05 -3.57 -0.82
N ILE B 60 2.82 -3.26 -0.42
CA ILE B 60 1.78 -2.93 -1.39
C ILE B 60 1.82 -1.44 -1.77
N GLY B 61 1.47 -0.57 -0.83
CA GLY B 61 1.46 0.86 -1.11
C GLY B 61 2.48 1.62 -0.27
N LYS B 62 3.53 0.93 0.15
CA LYS B 62 4.54 1.54 0.99
C LYS B 62 5.80 1.87 0.17
N LEU B 63 5.69 1.69 -1.14
CA LEU B 63 6.81 1.95 -2.04
C LEU B 63 6.83 3.42 -2.41
N ALA B 64 5.76 3.80 -3.07
CA ALA B 64 5.57 5.17 -3.52
C ALA B 64 5.08 6.07 -2.40
N SER B 65 6.00 6.59 -1.62
CA SER B 65 5.70 7.49 -0.54
C SER B 65 6.61 8.71 -0.60
N VAL B 66 6.01 9.90 -0.55
CA VAL B 66 6.76 11.14 -0.59
C VAL B 66 6.08 12.18 0.30
N PRO B 67 6.81 12.74 1.28
CA PRO B 67 6.27 13.75 2.20
C PRO B 67 5.78 15.01 1.48
N ALA B 68 4.47 15.05 1.22
CA ALA B 68 3.78 16.19 0.59
C ALA B 68 4.14 16.35 -0.88
N GLY B 69 5.43 16.31 -1.19
CA GLY B 69 5.88 16.46 -2.56
C GLY B 69 7.10 17.36 -2.64
N GLY B 70 7.33 18.10 -1.56
CA GLY B 70 8.46 19.01 -1.52
C GLY B 70 8.01 20.43 -1.22
N ALA B 71 8.91 21.25 -0.70
CA ALA B 71 8.58 22.63 -0.36
C ALA B 71 9.43 23.58 -1.18
N VAL B 72 8.79 24.58 -1.77
CA VAL B 72 9.52 25.56 -2.56
C VAL B 72 9.62 26.86 -1.79
N ALA B 73 10.84 27.36 -1.62
CA ALA B 73 11.08 28.57 -0.85
C ALA B 73 11.02 29.79 -1.74
N VAL B 74 9.80 30.25 -2.00
CA VAL B 74 9.59 31.43 -2.83
C VAL B 74 9.19 32.61 -1.95
N SER B 75 10.09 33.57 -1.83
CA SER B 75 9.83 34.76 -1.03
C SER B 75 10.22 36.01 -1.82
N ALA B 76 9.37 37.02 -1.77
CA ALA B 76 9.61 38.25 -2.50
C ALA B 76 9.31 39.45 -1.62
N ALA B 77 10.21 40.41 -1.62
CA ALA B 77 10.04 41.61 -0.82
C ALA B 77 10.35 42.85 -1.65
N PRO B 78 9.42 43.82 -1.65
CA PRO B 78 9.61 45.11 -2.32
C PRO B 78 10.69 45.94 -1.66
N GLY B 79 11.38 46.74 -2.48
CA GLY B 79 12.45 47.56 -1.99
C GLY B 79 11.99 48.55 -0.94
N SER B 80 12.67 48.57 0.19
CA SER B 80 12.33 49.48 1.28
C SER B 80 12.86 50.88 1.04
N ALA B 81 12.27 51.83 1.78
CA ALA B 81 12.69 53.23 1.75
C ALA B 81 12.29 53.92 0.45
N ALA B 82 12.54 55.22 0.38
CA ALA B 82 12.18 56.01 -0.78
C ALA B 82 13.18 57.15 -0.97
N PRO B 83 14.02 57.07 -2.01
CA PRO B 83 14.97 58.11 -2.35
C PRO B 83 14.36 59.21 -3.21
N ALA B 84 15.02 60.38 -3.23
CA ALA B 84 14.54 61.50 -4.04
C ALA B 84 15.65 62.02 -4.94
N ALA B 85 15.47 61.86 -6.24
CA ALA B 85 16.48 62.26 -7.21
C ALA B 85 16.25 63.69 -7.67
N GLY B 86 16.42 64.64 -6.76
CA GLY B 86 16.28 66.04 -7.11
C GLY B 86 15.84 66.89 -5.94
N SER B 87 15.70 68.18 -6.19
CA SER B 87 15.29 69.13 -5.16
C SER B 87 14.69 70.38 -5.80
N ALA B 88 14.06 71.22 -5.00
CA ALA B 88 13.41 72.42 -5.50
C ALA B 88 13.64 73.59 -4.55
N PRO B 89 14.39 74.61 -4.98
CA PRO B 89 14.65 75.80 -4.17
C PRO B 89 13.43 76.71 -4.11
N ALA B 90 12.85 76.82 -2.93
CA ALA B 90 11.69 77.68 -2.72
C ALA B 90 11.98 78.72 -1.64
N ALA B 91 13.09 79.42 -1.81
CA ALA B 91 13.51 80.41 -0.84
C ALA B 91 13.19 81.83 -1.32
N ALA B 92 13.99 82.32 -2.26
CA ALA B 92 13.88 83.69 -2.74
C ALA B 92 14.83 83.91 -3.91
N GLU B 93 15.92 83.15 -3.87
CA GLU B 93 16.87 83.05 -4.98
C GLU B 93 17.62 84.37 -5.20
N GLU B 94 17.63 85.21 -4.17
CA GLU B 94 18.37 86.46 -4.20
C GLU B 94 19.30 86.54 -2.98
N LYS B 95 19.28 87.66 -2.28
CA LYS B 95 20.08 87.83 -1.08
C LYS B 95 19.52 86.95 0.04
N LYS B 96 20.33 86.67 1.05
CA LYS B 96 19.89 85.79 2.13
C LYS B 96 20.38 86.28 3.49
N ASP B 97 19.65 87.23 4.07
CA ASP B 97 19.97 87.75 5.39
C ASP B 97 18.70 88.03 6.18
N GLU B 98 18.80 87.95 7.50
CA GLU B 98 17.64 88.12 8.38
C GLU B 98 17.38 89.60 8.67
N LYS B 99 16.85 90.29 7.68
CA LYS B 99 16.44 91.68 7.83
C LYS B 99 15.13 91.90 7.10
N LYS B 100 14.19 92.58 7.75
CA LYS B 100 12.91 92.90 7.13
C LYS B 100 13.11 93.79 5.90
N GLU B 101 12.52 93.36 4.79
CA GLU B 101 12.57 94.09 3.52
C GLU B 101 12.07 95.51 3.70
N GLU B 102 12.98 96.48 3.52
CA GLU B 102 12.73 97.90 3.79
C GLU B 102 12.42 98.13 5.27
N SER B 103 13.45 98.44 6.02
CA SER B 103 13.34 98.62 7.46
C SER B 103 13.02 100.08 7.79
N GLU B 104 12.98 100.38 9.08
CA GLU B 104 12.64 101.72 9.55
C GLU B 104 13.83 102.67 9.34
N GLU B 105 14.78 102.66 10.29
CA GLU B 105 15.98 103.52 10.24
C GLU B 105 15.60 105.01 10.32
N SER B 106 16.62 105.86 10.51
CA SER B 106 16.43 107.31 10.64
C SER B 106 15.67 107.67 11.91
N ASP B 107 15.43 108.96 12.10
CA ASP B 107 14.68 109.46 13.25
C ASP B 107 13.68 110.52 12.81
N ASP B 108 13.25 110.41 11.56
CA ASP B 108 12.26 111.31 10.99
C ASP B 108 10.85 110.91 11.38
N ASP B 109 10.45 111.23 12.60
CA ASP B 109 9.11 110.87 13.08
C ASP B 109 8.07 111.89 12.62
N MET B 110 7.61 111.71 11.38
CA MET B 110 6.60 112.58 10.77
C MET B 110 7.01 114.05 10.79
N GLY B 111 8.31 114.29 10.78
CA GLY B 111 8.84 115.64 10.76
C GLY B 111 8.53 116.40 12.03
N PHE B 112 8.39 115.65 13.12
CA PHE B 112 8.12 116.22 14.43
C PHE B 112 6.76 116.94 14.47
N GLY B 113 5.91 116.63 13.51
CA GLY B 113 4.61 117.25 13.47
C GLY B 113 4.23 117.69 12.07
N LEU B 114 3.08 117.25 11.62
CA LEU B 114 2.54 117.62 10.32
C LEU B 114 1.95 119.03 10.37
N PHE B 115 2.73 119.93 10.93
CA PHE B 115 2.25 121.28 11.19
C PHE B 115 3.27 122.31 10.69
N ASP B 116 4.53 122.11 11.07
CA ASP B 116 5.63 123.00 10.66
C ASP B 116 5.52 124.37 11.34
N MET A 1 1.76 -17.05 -1.74
CA MET A 1 1.29 -16.20 -2.86
C MET A 1 -0.10 -16.63 -3.27
N ALA A 2 -1.05 -15.68 -3.29
CA ALA A 2 -2.44 -16.02 -3.60
C ALA A 2 -3.07 -15.02 -4.56
N SER A 3 -3.24 -13.79 -4.10
CA SER A 3 -3.94 -12.77 -4.87
C SER A 3 -3.05 -12.14 -5.93
N VAL A 4 -2.60 -12.96 -6.88
CA VAL A 4 -1.65 -12.52 -7.89
C VAL A 4 -2.29 -11.48 -8.80
N SER A 5 -3.60 -11.61 -8.97
CA SER A 5 -4.36 -10.70 -9.78
C SER A 5 -4.29 -9.28 -9.20
N GLU A 6 -4.66 -9.16 -7.95
CA GLU A 6 -4.62 -7.88 -7.23
C GLU A 6 -3.18 -7.38 -7.17
N LEU A 7 -2.24 -8.29 -6.90
CA LEU A 7 -0.83 -7.95 -6.85
C LEU A 7 -0.38 -7.29 -8.16
N ALA A 8 -0.60 -7.98 -9.27
CA ALA A 8 -0.18 -7.48 -10.57
C ALA A 8 -0.82 -6.13 -10.88
N CYS A 9 -2.13 -6.04 -10.69
CA CYS A 9 -2.86 -4.82 -11.03
C CYS A 9 -2.45 -3.66 -10.12
N ILE A 10 -2.22 -3.96 -8.84
CA ILE A 10 -1.90 -2.93 -7.87
C ILE A 10 -0.46 -2.45 -8.04
N TYR A 11 0.44 -3.39 -8.32
CA TYR A 11 1.83 -3.04 -8.50
C TYR A 11 2.01 -2.39 -9.86
N SER A 12 1.05 -2.60 -10.75
CA SER A 12 1.00 -1.85 -12.01
C SER A 12 0.60 -0.39 -11.72
N ALA A 13 -0.49 -0.22 -10.97
CA ALA A 13 -0.94 1.09 -10.53
C ALA A 13 0.21 1.90 -9.92
N LEU A 14 0.95 1.28 -9.01
CA LEU A 14 2.05 1.95 -8.35
C LEU A 14 3.33 1.97 -9.21
N ILE A 15 3.41 1.09 -10.23
CA ILE A 15 4.47 1.22 -11.25
C ILE A 15 4.32 2.54 -11.98
N LEU A 16 3.08 2.88 -12.30
CA LEU A 16 2.79 4.10 -13.03
C LEU A 16 2.79 5.32 -12.09
N HIS A 17 2.48 5.09 -10.82
CA HIS A 17 2.50 6.18 -9.83
C HIS A 17 3.90 6.49 -9.33
N ASP A 18 4.75 6.98 -10.23
CA ASP A 18 6.07 7.49 -9.83
C ASP A 18 6.25 8.86 -10.45
N ASP A 19 6.02 8.92 -11.75
CA ASP A 19 6.11 10.16 -12.50
C ASP A 19 4.73 10.71 -12.78
N GLU A 20 3.73 10.11 -12.12
CA GLU A 20 2.32 10.47 -12.27
C GLU A 20 1.89 10.44 -13.74
N VAL A 21 2.18 9.32 -14.39
CA VAL A 21 1.78 9.10 -15.76
C VAL A 21 0.36 8.50 -15.79
N THR A 22 -0.30 8.57 -16.95
CA THR A 22 -1.68 8.12 -17.08
C THR A 22 -1.86 6.66 -16.66
N VAL A 23 -2.56 6.45 -15.55
CA VAL A 23 -2.80 5.11 -15.02
C VAL A 23 -4.03 4.48 -15.68
N THR A 24 -4.07 4.56 -17.00
CA THR A 24 -5.26 4.17 -17.74
C THR A 24 -5.26 2.68 -18.08
N GLU A 25 -6.39 2.19 -18.56
CA GLU A 25 -6.58 0.79 -18.89
C GLU A 25 -5.49 0.30 -19.83
N ASP A 26 -5.17 1.13 -20.81
CA ASP A 26 -4.10 0.85 -21.76
C ASP A 26 -2.82 0.43 -21.04
N LYS A 27 -2.48 1.18 -19.99
CA LYS A 27 -1.23 1.00 -19.30
C LYS A 27 -1.27 -0.22 -18.40
N ILE A 28 -2.33 -0.33 -17.59
CA ILE A 28 -2.47 -1.48 -16.70
C ILE A 28 -2.58 -2.78 -17.48
N ASN A 29 -3.41 -2.77 -18.52
CA ASN A 29 -3.59 -3.95 -19.35
C ASN A 29 -2.27 -4.36 -20.01
N ALA A 30 -1.54 -3.40 -20.55
CA ALA A 30 -0.30 -3.72 -21.26
C ALA A 30 0.81 -4.14 -20.29
N LEU A 31 0.85 -3.56 -19.09
CA LEU A 31 1.87 -3.93 -18.10
C LEU A 31 1.57 -5.33 -17.57
N ILE A 32 0.31 -5.57 -17.24
CA ILE A 32 -0.16 -6.88 -16.81
C ILE A 32 0.11 -7.94 -17.89
N LYS A 33 -0.04 -7.53 -19.14
CA LYS A 33 0.19 -8.42 -20.27
C LYS A 33 1.68 -8.63 -20.48
N ALA A 34 2.47 -7.61 -20.15
CA ALA A 34 3.92 -7.70 -20.17
C ALA A 34 4.41 -8.79 -19.24
N ALA A 35 3.85 -8.84 -18.04
CA ALA A 35 4.20 -9.89 -17.09
C ALA A 35 3.53 -11.22 -17.47
N GLY A 36 2.34 -11.13 -18.05
CA GLY A 36 1.67 -12.32 -18.53
C GLY A 36 0.71 -12.92 -17.51
N VAL A 37 0.35 -12.14 -16.49
CA VAL A 37 -0.54 -12.62 -15.44
C VAL A 37 -1.99 -12.22 -15.74
N ASN A 38 -2.92 -13.14 -15.49
CA ASN A 38 -4.33 -12.92 -15.80
C ASN A 38 -5.08 -12.36 -14.60
N VAL A 39 -5.25 -11.05 -14.58
CA VAL A 39 -6.10 -10.41 -13.60
C VAL A 39 -7.47 -10.15 -14.23
N GLU A 40 -8.55 -10.43 -13.49
CA GLU A 40 -9.89 -10.24 -14.02
C GLU A 40 -10.10 -8.77 -14.40
N PRO A 41 -10.53 -8.51 -15.66
CA PRO A 41 -10.63 -7.16 -16.24
C PRO A 41 -11.47 -6.18 -15.42
N PHE A 42 -12.09 -6.68 -14.37
CA PHE A 42 -12.88 -5.86 -13.47
C PHE A 42 -11.96 -4.90 -12.71
N TRP A 43 -10.76 -5.38 -12.36
CA TRP A 43 -9.78 -4.55 -11.67
C TRP A 43 -9.20 -3.49 -12.62
N PRO A 44 -8.60 -3.88 -13.78
CA PRO A 44 -8.10 -2.91 -14.76
C PRO A 44 -9.14 -1.87 -15.14
N GLY A 45 -10.37 -2.34 -15.36
CA GLY A 45 -11.45 -1.43 -15.74
C GLY A 45 -11.76 -0.45 -14.64
N LEU A 46 -12.08 -0.96 -13.47
CA LEU A 46 -12.40 -0.12 -12.32
C LEU A 46 -11.24 0.82 -12.02
N PHE A 47 -10.03 0.29 -12.06
CA PHE A 47 -8.84 1.07 -11.77
C PHE A 47 -8.70 2.23 -12.74
N ALA A 48 -8.81 1.94 -14.03
CA ALA A 48 -8.66 2.95 -15.05
C ALA A 48 -9.73 4.02 -14.92
N LYS A 49 -10.91 3.62 -14.50
CA LYS A 49 -12.04 4.54 -14.43
C LYS A 49 -12.25 5.11 -13.02
N ALA A 50 -11.44 4.69 -12.05
CA ALA A 50 -11.57 5.21 -10.69
C ALA A 50 -10.28 5.84 -10.15
N LEU A 51 -9.14 5.56 -10.80
CA LEU A 51 -7.87 6.15 -10.36
C LEU A 51 -7.69 7.56 -10.98
N ALA A 52 -6.52 7.86 -11.56
CA ALA A 52 -6.21 9.17 -12.16
C ALA A 52 -6.26 10.31 -11.14
N ASN A 53 -6.53 9.98 -9.88
CA ASN A 53 -6.60 10.93 -8.79
C ASN A 53 -5.93 10.31 -7.58
N VAL A 54 -6.50 9.15 -7.20
CA VAL A 54 -5.91 8.17 -6.28
C VAL A 54 -4.51 8.54 -5.77
N ASN A 55 -4.47 9.13 -4.59
CA ASN A 55 -3.22 9.33 -3.88
C ASN A 55 -2.57 7.98 -3.63
N ILE A 56 -1.31 7.86 -4.00
CA ILE A 56 -0.61 6.57 -4.04
C ILE A 56 -0.82 5.73 -2.77
N GLY A 57 -0.69 6.34 -1.59
CA GLY A 57 -0.83 5.59 -0.34
C GLY A 57 -2.18 4.90 -0.22
N SER A 58 -3.20 5.59 -0.69
CA SER A 58 -4.58 5.09 -0.62
C SER A 58 -4.74 3.78 -1.39
N LEU A 59 -3.74 3.43 -2.19
CA LEU A 59 -3.75 2.21 -2.98
C LEU A 59 -3.83 0.99 -2.08
N ILE A 60 -3.36 1.10 -0.84
CA ILE A 60 -3.41 -0.03 0.08
C ILE A 60 -4.60 0.12 1.03
N CYS A 61 -5.58 0.89 0.61
CA CYS A 61 -6.78 1.08 1.42
C CYS A 61 -8.02 1.11 0.55
N ASN A 62 -8.11 2.10 -0.33
CA ASN A 62 -9.29 2.26 -1.16
C ASN A 62 -9.04 1.73 -2.56
N VAL A 63 -8.88 0.42 -2.64
CA VAL A 63 -8.68 -0.27 -3.90
C VAL A 63 -9.88 -0.14 -4.83
N GLY A 64 -10.98 0.41 -4.31
CA GLY A 64 -12.16 0.62 -5.12
C GLY A 64 -12.11 1.91 -5.90
N ALA A 65 -11.32 2.88 -5.42
CA ALA A 65 -11.19 4.18 -6.08
C ALA A 65 -10.21 5.07 -5.33
N GLY A 66 -10.61 5.56 -4.16
CA GLY A 66 -9.74 6.41 -3.37
C GLY A 66 -10.33 7.79 -3.15
N GLY A 67 -9.50 8.81 -3.31
CA GLY A 67 -9.95 10.18 -3.16
C GLY A 67 -9.04 11.15 -3.90
N PRO A 68 -9.57 12.29 -4.37
CA PRO A 68 -8.80 13.28 -5.11
C PRO A 68 -8.14 14.33 -4.21
N ALA A 69 -6.85 14.16 -3.94
CA ALA A 69 -6.09 15.15 -3.20
C ALA A 69 -4.68 15.29 -3.78
N PRO A 70 -4.56 15.84 -5.00
CA PRO A 70 -3.28 15.94 -5.70
C PRO A 70 -2.46 17.16 -5.25
N ALA A 71 -1.44 16.92 -4.46
CA ALA A 71 -0.59 17.99 -3.97
C ALA A 71 0.68 18.11 -4.80
N ALA A 72 1.20 16.95 -5.23
CA ALA A 72 2.40 16.87 -6.08
C ALA A 72 3.67 17.24 -5.32
N GLY A 73 3.56 17.33 -4.01
CA GLY A 73 4.73 17.61 -3.18
C GLY A 73 4.73 19.03 -2.64
N ALA A 74 5.61 19.30 -1.69
CA ALA A 74 5.72 20.63 -1.11
C ALA A 74 6.91 21.37 -1.72
N ALA A 75 6.68 21.99 -2.87
CA ALA A 75 7.73 22.71 -3.57
C ALA A 75 7.42 24.20 -3.61
N PRO A 76 8.46 25.04 -3.45
CA PRO A 76 8.32 26.50 -3.47
C PRO A 76 7.95 27.05 -4.84
N ALA A 77 6.68 26.91 -5.22
CA ALA A 77 6.20 27.41 -6.49
C ALA A 77 5.92 28.90 -6.41
N GLY A 78 6.51 29.65 -7.32
CA GLY A 78 6.32 31.09 -7.36
C GLY A 78 7.52 31.79 -7.97
N GLY A 79 7.35 33.07 -8.30
CA GLY A 79 8.46 33.82 -8.87
C GLY A 79 8.26 35.31 -8.79
N PRO A 80 9.34 36.09 -8.67
CA PRO A 80 9.27 37.55 -8.56
C PRO A 80 9.00 38.23 -9.91
N ALA A 81 9.64 37.72 -10.98
CA ALA A 81 9.56 38.33 -12.30
C ALA A 81 9.91 39.83 -12.24
N PRO A 82 11.21 40.15 -12.11
CA PRO A 82 11.68 41.53 -11.95
C PRO A 82 11.12 42.47 -13.01
N SER A 83 10.12 43.25 -12.61
CA SER A 83 9.50 44.21 -13.49
C SER A 83 9.30 45.55 -12.78
N THR A 84 10.34 46.36 -12.78
CA THR A 84 10.30 47.68 -12.17
C THR A 84 11.34 48.58 -12.84
N ALA A 85 11.20 49.90 -12.66
CA ALA A 85 12.11 50.87 -13.29
C ALA A 85 12.12 50.69 -14.81
N ALA A 86 10.94 50.44 -15.37
CA ALA A 86 10.79 50.20 -16.80
C ALA A 86 11.33 51.37 -17.62
N ALA A 87 12.08 51.04 -18.66
CA ALA A 87 12.68 52.06 -19.51
C ALA A 87 12.03 52.05 -20.89
N PRO A 88 11.03 52.93 -21.12
CA PRO A 88 10.38 53.10 -22.43
C PRO A 88 11.34 53.61 -23.49
N ALA A 89 10.92 53.52 -24.75
CA ALA A 89 11.76 53.95 -25.87
C ALA A 89 11.44 55.39 -26.29
N GLU A 90 10.92 56.17 -25.36
CA GLU A 90 10.54 57.57 -25.61
C GLU A 90 9.61 57.71 -26.81
N GLU A 91 8.36 57.30 -26.59
CA GLU A 91 7.32 57.45 -27.60
C GLU A 91 6.41 58.61 -27.23
N LYS A 92 5.36 58.82 -28.03
CA LYS A 92 4.40 59.90 -27.82
C LYS A 92 5.08 61.26 -28.01
N LYS A 93 4.84 61.87 -29.17
CA LYS A 93 5.47 63.15 -29.51
C LYS A 93 4.76 64.32 -28.82
N VAL A 94 5.01 64.47 -27.54
CA VAL A 94 4.42 65.54 -26.75
C VAL A 94 5.51 66.51 -26.27
N GLU A 95 5.46 67.73 -26.76
CA GLU A 95 6.46 68.73 -26.40
C GLU A 95 5.80 70.02 -25.91
N ALA A 96 5.34 70.84 -26.85
CA ALA A 96 4.76 72.13 -26.50
C ALA A 96 3.26 72.12 -26.74
N LYS A 97 2.85 71.61 -27.89
CA LYS A 97 1.46 71.55 -28.24
C LYS A 97 1.04 70.11 -28.50
N LYS A 98 -0.20 69.80 -28.18
CA LYS A 98 -0.77 68.47 -28.41
C LYS A 98 -1.39 68.45 -29.81
N GLU A 99 -1.77 67.26 -30.29
CA GLU A 99 -2.43 67.12 -31.59
C GLU A 99 -3.50 68.19 -31.79
N GLU A 100 -3.21 69.19 -32.62
CA GLU A 100 -4.15 70.25 -32.89
C GLU A 100 -5.33 69.72 -33.70
N SER A 101 -6.53 70.09 -33.28
CA SER A 101 -7.75 69.57 -33.87
C SER A 101 -8.08 70.27 -35.19
N GLU A 102 -7.32 69.93 -36.22
CA GLU A 102 -7.59 70.42 -37.56
C GLU A 102 -8.51 69.48 -38.31
N GLU A 103 -9.05 69.96 -39.44
CA GLU A 103 -9.96 69.21 -40.32
C GLU A 103 -10.98 68.36 -39.55
N SER A 104 -11.56 68.94 -38.50
CA SER A 104 -12.51 68.23 -37.67
C SER A 104 -13.82 69.00 -37.58
N ASP A 105 -14.89 68.31 -37.18
CA ASP A 105 -16.18 68.95 -36.93
C ASP A 105 -16.74 68.43 -35.61
N ASP A 106 -16.43 69.13 -34.54
CA ASP A 106 -16.88 68.77 -33.23
C ASP A 106 -18.30 69.27 -32.97
N ASP A 107 -19.27 68.54 -33.53
CA ASP A 107 -20.68 68.85 -33.39
C ASP A 107 -21.02 70.19 -34.02
N MET A 108 -20.78 70.28 -35.33
CA MET A 108 -21.12 71.46 -36.13
C MET A 108 -20.24 72.67 -35.81
N GLY A 109 -19.24 72.88 -36.66
CA GLY A 109 -18.39 74.05 -36.52
C GLY A 109 -18.76 75.16 -37.51
N PHE A 110 -17.96 76.22 -37.55
CA PHE A 110 -18.17 77.33 -38.48
C PHE A 110 -18.02 76.87 -39.94
N GLY A 111 -18.50 77.68 -40.86
CA GLY A 111 -18.42 77.33 -42.26
C GLY A 111 -18.65 78.52 -43.16
N LEU A 112 -19.89 78.66 -43.63
CA LEU A 112 -20.26 79.73 -44.55
C LEU A 112 -20.59 81.02 -43.80
N PHE A 113 -20.53 80.97 -42.48
CA PHE A 113 -20.78 82.13 -41.64
C PHE A 113 -19.82 82.17 -40.47
N ASP A 114 -19.73 83.32 -39.80
CA ASP A 114 -18.81 83.51 -38.68
C ASP A 114 -19.59 83.85 -37.43
N ALA B 1 11.16 5.15 -6.50
CA ALA B 1 11.57 3.73 -6.65
C ALA B 1 10.46 2.92 -7.31
N MET B 2 9.21 3.23 -6.92
CA MET B 2 7.97 2.71 -7.52
C MET B 2 8.17 1.87 -8.79
N ARG B 3 8.51 2.53 -9.89
CA ARG B 3 8.49 1.91 -11.21
C ARG B 3 9.50 0.77 -11.38
N TYR B 4 10.51 0.71 -10.52
CA TYR B 4 11.53 -0.34 -10.61
C TYR B 4 11.19 -1.50 -9.68
N VAL B 5 10.97 -1.18 -8.41
CA VAL B 5 10.76 -2.20 -7.39
C VAL B 5 9.57 -3.10 -7.73
N ALA B 6 8.45 -2.49 -8.10
CA ALA B 6 7.27 -3.26 -8.41
C ALA B 6 7.42 -3.97 -9.73
N SER B 7 8.35 -3.52 -10.56
CA SER B 7 8.69 -4.23 -11.78
C SER B 7 9.30 -5.57 -11.41
N TYR B 8 10.20 -5.55 -10.42
CA TYR B 8 10.76 -6.79 -9.89
C TYR B 8 9.63 -7.65 -9.30
N LEU B 9 8.74 -7.01 -8.56
CA LEU B 9 7.57 -7.69 -7.98
C LEU B 9 6.74 -8.37 -9.07
N LEU B 10 6.42 -7.65 -10.13
CA LEU B 10 5.60 -8.19 -11.21
C LEU B 10 6.27 -9.38 -11.89
N ALA B 11 7.57 -9.26 -12.15
CA ALA B 11 8.31 -10.37 -12.72
C ALA B 11 8.31 -11.58 -11.77
N ALA B 12 8.34 -11.32 -10.47
CA ALA B 12 8.32 -12.40 -9.48
C ALA B 12 6.94 -13.06 -9.44
N LEU B 13 5.90 -12.26 -9.23
CA LEU B 13 4.53 -12.77 -9.15
C LEU B 13 4.06 -13.31 -10.50
N GLY B 14 4.76 -12.90 -11.55
CA GLY B 14 4.45 -13.38 -12.88
C GLY B 14 4.73 -14.85 -13.04
N GLY B 15 5.56 -15.39 -12.15
CA GLY B 15 5.85 -16.79 -12.19
C GLY B 15 7.34 -17.10 -12.14
N ASN B 16 8.15 -16.07 -11.92
CA ASN B 16 9.60 -16.23 -11.88
C ASN B 16 10.16 -15.83 -10.52
N SER B 17 10.79 -16.77 -9.83
CA SER B 17 11.38 -16.49 -8.52
C SER B 17 12.74 -15.83 -8.66
N SER B 18 13.19 -15.62 -9.87
CA SER B 18 14.51 -15.08 -10.10
C SER B 18 14.48 -14.00 -11.19
N PRO B 19 13.75 -12.90 -10.96
CA PRO B 19 13.66 -11.79 -11.92
C PRO B 19 15.00 -11.11 -12.16
N SER B 20 15.37 -10.92 -13.42
CA SER B 20 16.59 -10.24 -13.76
C SER B 20 16.30 -8.87 -14.38
N ALA B 21 17.33 -8.05 -14.54
CA ALA B 21 17.17 -6.71 -15.12
C ALA B 21 16.53 -6.80 -16.50
N LYS B 22 16.76 -7.92 -17.18
CA LYS B 22 16.17 -8.16 -18.50
C LYS B 22 14.65 -8.19 -18.41
N ASP B 23 14.13 -9.02 -17.51
CA ASP B 23 12.69 -9.19 -17.33
C ASP B 23 12.08 -7.88 -16.87
N ILE B 24 12.71 -7.27 -15.87
CA ILE B 24 12.20 -6.03 -15.30
C ILE B 24 12.17 -4.91 -16.35
N LYS B 25 13.28 -4.74 -17.08
CA LYS B 25 13.32 -3.70 -18.09
C LYS B 25 12.27 -3.97 -19.17
N LYS B 26 12.06 -5.23 -19.53
CA LYS B 26 11.03 -5.58 -20.49
C LYS B 26 9.67 -5.07 -20.01
N ILE B 27 9.32 -5.42 -18.78
CA ILE B 27 8.03 -5.04 -18.22
C ILE B 27 7.87 -3.52 -18.17
N LEU B 28 8.92 -2.83 -17.73
CA LEU B 28 8.88 -1.38 -17.59
C LEU B 28 8.82 -0.70 -18.96
N ASP B 29 9.63 -1.20 -19.90
CA ASP B 29 9.71 -0.64 -21.24
C ASP B 29 8.42 -0.93 -22.03
N SER B 30 7.73 -2.00 -21.65
CA SER B 30 6.47 -2.38 -22.29
C SER B 30 5.48 -1.22 -22.39
N VAL B 31 5.25 -0.52 -21.28
CA VAL B 31 4.25 0.54 -21.25
C VAL B 31 4.29 1.34 -19.95
N GLY B 32 5.40 1.27 -19.23
CA GLY B 32 5.47 1.89 -17.94
C GLY B 32 5.78 3.37 -18.03
N ILE B 33 7.06 3.69 -17.90
CA ILE B 33 7.48 5.08 -17.89
C ILE B 33 8.82 5.24 -18.63
N GLU B 34 9.92 5.10 -17.89
CA GLU B 34 11.26 5.10 -18.49
C GLU B 34 12.15 4.19 -17.66
N ALA B 35 13.26 3.75 -18.22
CA ALA B 35 14.14 2.84 -17.51
C ALA B 35 15.59 3.00 -17.95
N ASP B 36 16.35 3.74 -17.16
CA ASP B 36 17.77 3.90 -17.37
C ASP B 36 18.46 2.56 -17.10
N ASP B 37 19.26 2.11 -18.08
CA ASP B 37 19.74 0.73 -18.11
C ASP B 37 20.67 0.38 -16.95
N ASP B 38 21.54 1.30 -16.58
CA ASP B 38 22.47 1.06 -15.48
C ASP B 38 21.77 1.29 -14.14
N ARG B 39 20.93 2.31 -14.11
CA ARG B 39 20.21 2.71 -12.91
C ARG B 39 19.20 1.63 -12.50
N LEU B 40 18.55 1.04 -13.49
CA LEU B 40 17.58 -0.02 -13.27
C LEU B 40 18.22 -1.21 -12.56
N ASN B 41 19.34 -1.69 -13.09
CA ASN B 41 20.03 -2.83 -12.49
C ASN B 41 20.65 -2.44 -11.16
N LYS B 42 21.02 -1.18 -11.01
CA LYS B 42 21.60 -0.70 -9.76
C LYS B 42 20.53 -0.72 -8.65
N VAL B 43 19.33 -0.22 -8.95
CA VAL B 43 18.27 -0.19 -7.95
C VAL B 43 17.80 -1.60 -7.67
N ILE B 44 17.85 -2.44 -8.69
CA ILE B 44 17.62 -3.86 -8.51
C ILE B 44 18.71 -4.47 -7.63
N SER B 45 19.93 -4.00 -7.82
CA SER B 45 21.06 -4.44 -7.00
C SER B 45 20.96 -3.86 -5.59
N GLU B 46 20.09 -2.88 -5.41
CA GLU B 46 19.79 -2.37 -4.08
C GLU B 46 18.64 -3.15 -3.44
N LEU B 47 17.74 -3.65 -4.28
CA LEU B 47 16.56 -4.38 -3.79
C LEU B 47 16.77 -5.90 -3.88
N ASN B 48 17.96 -6.32 -4.28
CA ASN B 48 18.24 -7.74 -4.58
C ASN B 48 18.45 -8.58 -3.31
N GLY B 49 17.66 -8.31 -2.29
CA GLY B 49 17.84 -8.98 -1.01
C GLY B 49 17.13 -10.32 -0.92
N LYS B 50 16.24 -10.44 0.06
CA LYS B 50 15.47 -11.66 0.27
C LYS B 50 14.02 -11.31 0.61
N ASN B 51 13.23 -12.32 0.95
CA ASN B 51 11.84 -12.13 1.37
C ASN B 51 10.99 -11.55 0.25
N ILE B 52 11.08 -12.17 -0.94
CA ILE B 52 10.31 -11.70 -2.09
C ILE B 52 8.82 -11.77 -1.83
N GLU B 53 8.34 -12.89 -1.31
CA GLU B 53 6.92 -13.04 -1.05
C GLU B 53 6.49 -12.12 0.09
N ASP B 54 7.45 -11.74 0.93
CA ASP B 54 7.18 -10.82 2.03
C ASP B 54 6.92 -9.42 1.48
N VAL B 55 7.78 -8.98 0.55
CA VAL B 55 7.60 -7.67 -0.07
C VAL B 55 6.40 -7.66 -1.00
N ILE B 56 6.02 -8.83 -1.50
CA ILE B 56 4.81 -8.95 -2.31
C ILE B 56 3.57 -8.99 -1.41
N ALA B 57 3.69 -9.55 -0.22
CA ALA B 57 2.56 -9.69 0.68
C ALA B 57 2.20 -8.38 1.38
N GLN B 58 3.21 -7.65 1.84
CA GLN B 58 2.97 -6.44 2.61
C GLN B 58 3.70 -5.24 2.00
N GLY B 59 3.76 -5.20 0.68
CA GLY B 59 4.45 -4.11 0.02
C GLY B 59 3.56 -3.40 -0.97
N ILE B 60 2.29 -3.28 -0.63
CA ILE B 60 1.32 -2.64 -1.51
C ILE B 60 1.56 -1.12 -1.58
N GLY B 61 1.13 -0.41 -0.56
CA GLY B 61 1.28 1.04 -0.56
C GLY B 61 2.67 1.47 -0.11
N LYS B 62 3.48 0.49 0.26
CA LYS B 62 4.84 0.74 0.69
C LYS B 62 5.77 -0.20 -0.06
N LEU B 63 5.58 -0.21 -1.39
CA LEU B 63 6.28 -1.12 -2.31
C LEU B 63 7.77 -1.29 -2.04
N ALA B 64 8.44 -0.21 -1.65
CA ALA B 64 9.86 -0.28 -1.35
C ALA B 64 10.17 0.40 -0.02
N SER B 65 9.22 0.34 0.89
CA SER B 65 9.38 0.97 2.19
C SER B 65 8.78 0.11 3.30
N VAL B 66 9.59 -0.79 3.83
CA VAL B 66 9.16 -1.68 4.90
C VAL B 66 8.93 -0.90 6.19
N PRO B 67 7.69 -0.87 6.68
CA PRO B 67 7.34 -0.14 7.91
C PRO B 67 7.87 -0.81 9.18
N ALA B 68 7.77 -2.15 9.22
CA ALA B 68 8.29 -2.96 10.34
C ALA B 68 7.87 -2.40 11.70
N GLY B 69 6.57 -2.43 11.96
CA GLY B 69 6.06 -1.92 13.23
C GLY B 69 4.77 -1.13 13.05
N GLY B 70 4.57 -0.60 11.85
CA GLY B 70 3.37 0.13 11.55
C GLY B 70 2.16 -0.76 11.41
N ALA B 71 2.42 -2.05 11.32
CA ALA B 71 1.38 -3.05 11.21
C ALA B 71 1.69 -4.23 12.12
N VAL B 72 1.42 -4.05 13.41
CA VAL B 72 1.65 -5.09 14.40
C VAL B 72 0.55 -6.16 14.34
N ALA B 73 0.76 -7.27 15.01
CA ALA B 73 -0.20 -8.36 15.01
C ALA B 73 -0.62 -8.72 16.43
N VAL B 74 -1.67 -9.55 16.53
CA VAL B 74 -2.22 -10.00 17.80
C VAL B 74 -2.93 -8.86 18.55
N SER B 75 -4.25 -8.87 18.49
CA SER B 75 -5.07 -7.90 19.19
C SER B 75 -5.21 -8.29 20.65
N ALA B 76 -5.06 -7.32 21.55
CA ALA B 76 -5.09 -7.61 22.98
C ALA B 76 -6.41 -7.18 23.61
N ALA B 77 -7.43 -8.01 23.45
CA ALA B 77 -8.74 -7.74 24.04
C ALA B 77 -8.96 -8.61 25.28
N PRO B 78 -9.06 -7.98 26.47
CA PRO B 78 -9.24 -8.68 27.73
C PRO B 78 -10.66 -9.19 27.91
N GLY B 79 -10.91 -10.38 27.39
CA GLY B 79 -12.22 -10.97 27.50
C GLY B 79 -13.14 -10.58 26.37
N SER B 80 -12.58 -10.49 25.15
CA SER B 80 -13.34 -10.12 23.96
C SER B 80 -13.81 -8.68 24.03
N ALA B 81 -14.82 -8.37 23.22
CA ALA B 81 -15.43 -7.06 23.18
C ALA B 81 -15.84 -6.57 24.58
N ALA B 82 -15.36 -5.39 24.95
CA ALA B 82 -15.69 -4.81 26.25
C ALA B 82 -16.09 -3.34 26.09
N PRO B 83 -17.17 -2.90 26.77
CA PRO B 83 -17.63 -1.51 26.72
C PRO B 83 -16.64 -0.57 27.42
N ALA B 84 -16.52 0.64 26.88
CA ALA B 84 -15.57 1.60 27.41
C ALA B 84 -16.26 2.64 28.28
N ALA B 85 -17.19 2.17 29.11
CA ALA B 85 -17.96 3.05 30.01
C ALA B 85 -18.81 4.05 29.22
N GLY B 86 -19.29 5.09 29.87
CA GLY B 86 -20.12 6.08 29.19
C GLY B 86 -21.19 6.65 30.10
N SER B 87 -22.41 6.15 29.95
CA SER B 87 -23.53 6.62 30.76
C SER B 87 -23.44 6.04 32.17
N ALA B 88 -22.69 6.70 33.04
CA ALA B 88 -22.57 6.28 34.43
C ALA B 88 -22.14 7.41 35.36
N PRO B 89 -20.99 8.09 35.10
CA PRO B 89 -20.48 9.11 36.02
C PRO B 89 -21.20 10.45 35.91
N ALA B 90 -22.45 10.48 36.34
CA ALA B 90 -23.24 11.71 36.33
C ALA B 90 -23.30 12.32 37.72
N ALA B 91 -22.26 12.08 38.50
CA ALA B 91 -22.20 12.54 39.87
C ALA B 91 -21.72 14.00 39.94
N ALA B 92 -22.55 14.90 39.44
CA ALA B 92 -22.21 16.33 39.46
C ALA B 92 -23.45 17.18 39.71
N GLU B 93 -24.49 16.56 40.25
CA GLU B 93 -25.75 17.23 40.52
C GLU B 93 -25.60 18.27 41.63
N GLU B 94 -25.08 17.85 42.78
CA GLU B 94 -24.90 18.72 43.94
C GLU B 94 -26.22 19.25 44.48
N LYS B 95 -26.13 20.10 45.51
CA LYS B 95 -27.30 20.74 46.13
C LYS B 95 -28.23 19.68 46.75
N LYS B 96 -29.32 19.35 46.05
CA LYS B 96 -30.31 18.36 46.50
C LYS B 96 -31.14 18.89 47.68
N ASP B 97 -32.29 18.25 47.92
CA ASP B 97 -33.26 18.63 48.96
C ASP B 97 -33.53 20.14 48.99
N GLU B 98 -34.01 20.64 50.12
CA GLU B 98 -34.46 22.03 50.20
C GLU B 98 -33.30 23.00 50.49
N LYS B 99 -33.65 24.25 50.81
CA LYS B 99 -32.66 25.29 50.99
C LYS B 99 -31.82 25.09 52.25
N LYS B 100 -30.51 25.26 52.09
CA LYS B 100 -29.57 25.09 53.19
C LYS B 100 -29.16 26.46 53.75
N GLU B 101 -29.48 26.68 55.02
CA GLU B 101 -29.05 27.89 55.72
C GLU B 101 -27.54 27.85 55.95
N GLU B 102 -26.87 28.94 55.66
CA GLU B 102 -25.43 29.01 55.83
C GLU B 102 -25.07 29.65 57.16
N SER B 103 -24.97 28.82 58.19
CA SER B 103 -24.59 29.27 59.51
C SER B 103 -23.48 28.39 60.05
N GLU B 104 -22.35 29.02 60.35
CA GLU B 104 -21.20 28.31 60.86
C GLU B 104 -20.57 29.07 62.02
N GLU B 105 -19.87 28.35 62.89
CA GLU B 105 -19.23 28.96 64.04
C GLU B 105 -17.77 29.26 63.74
N SER B 106 -17.27 30.35 64.30
CA SER B 106 -15.87 30.73 64.13
C SER B 106 -15.36 31.43 65.40
N ASP B 107 -14.14 31.13 65.78
CA ASP B 107 -13.51 31.77 66.93
C ASP B 107 -12.96 33.14 66.53
N ASP B 108 -13.84 34.12 66.43
CA ASP B 108 -13.44 35.46 66.02
C ASP B 108 -13.75 36.46 67.13
N ASP B 109 -12.97 37.55 67.16
CA ASP B 109 -13.16 38.58 68.17
C ASP B 109 -13.65 39.87 67.54
N MET B 110 -14.64 40.47 68.17
CA MET B 110 -15.23 41.71 67.69
C MET B 110 -14.91 42.87 68.63
N GLY B 111 -13.94 42.65 69.51
CA GLY B 111 -13.54 43.70 70.43
C GLY B 111 -13.91 43.36 71.86
N PHE B 112 -15.08 42.77 72.02
CA PHE B 112 -15.59 42.41 73.34
C PHE B 112 -15.60 40.90 73.52
N GLY B 113 -14.79 40.19 72.74
CA GLY B 113 -14.73 38.76 72.82
C GLY B 113 -13.65 38.27 73.76
N LEU B 114 -13.66 38.78 74.98
CA LEU B 114 -12.66 38.40 75.99
C LEU B 114 -13.00 37.04 76.59
N PHE B 115 -13.65 36.23 75.80
CA PHE B 115 -14.16 34.95 76.24
C PHE B 115 -13.29 33.79 75.75
N ASP B 116 -12.83 33.90 74.50
CA ASP B 116 -12.10 32.82 73.83
C ASP B 116 -12.90 31.53 73.86
N MET A 1 0.74 -17.26 -4.97
CA MET A 1 0.85 -17.23 -3.50
C MET A 1 -0.39 -16.57 -2.90
N ALA A 2 -0.39 -15.25 -2.88
CA ALA A 2 -1.55 -14.49 -2.45
C ALA A 2 -2.33 -14.04 -3.68
N SER A 3 -3.18 -13.04 -3.53
CA SER A 3 -3.94 -12.52 -4.66
C SER A 3 -3.02 -11.78 -5.65
N VAL A 4 -2.47 -12.53 -6.60
CA VAL A 4 -1.57 -11.96 -7.61
C VAL A 4 -2.32 -11.00 -8.50
N SER A 5 -3.64 -11.13 -8.49
CA SER A 5 -4.50 -10.23 -9.24
C SER A 5 -4.32 -8.79 -8.76
N GLU A 6 -4.66 -8.55 -7.50
CA GLU A 6 -4.54 -7.22 -6.93
C GLU A 6 -3.08 -6.83 -6.77
N LEU A 7 -2.22 -7.81 -6.44
CA LEU A 7 -0.79 -7.58 -6.42
C LEU A 7 -0.35 -6.89 -7.71
N ALA A 8 -0.51 -7.60 -8.82
CA ALA A 8 -0.08 -7.10 -10.13
C ALA A 8 -0.77 -5.78 -10.48
N CYS A 9 -2.06 -5.70 -10.18
CA CYS A 9 -2.85 -4.54 -10.55
C CYS A 9 -2.35 -3.26 -9.89
N ILE A 10 -2.17 -3.26 -8.56
CA ILE A 10 -1.74 -2.03 -7.91
C ILE A 10 -0.22 -1.88 -7.98
N TYR A 11 0.48 -2.95 -8.29
CA TYR A 11 1.90 -2.85 -8.60
C TYR A 11 2.06 -2.14 -9.94
N SER A 12 1.09 -2.36 -10.83
CA SER A 12 0.99 -1.57 -12.05
C SER A 12 0.65 -0.13 -11.69
N ALA A 13 -0.29 0.05 -10.76
CA ALA A 13 -0.60 1.37 -10.20
C ALA A 13 0.69 2.07 -9.76
N LEU A 14 1.56 1.32 -9.08
CA LEU A 14 2.86 1.83 -8.64
C LEU A 14 3.68 2.30 -9.84
N ILE A 15 3.88 1.40 -10.80
CA ILE A 15 4.72 1.65 -11.96
C ILE A 15 4.25 2.84 -12.80
N LEU A 16 2.95 3.07 -12.86
CA LEU A 16 2.42 4.17 -13.65
C LEU A 16 2.33 5.47 -12.86
N HIS A 17 2.25 5.38 -11.54
CA HIS A 17 2.05 6.56 -10.71
C HIS A 17 3.17 7.61 -10.86
N ASP A 18 4.41 7.17 -10.73
CA ASP A 18 5.54 8.08 -10.52
C ASP A 18 6.21 8.49 -11.84
N ASP A 19 6.02 7.69 -12.88
CA ASP A 19 6.76 7.87 -14.13
C ASP A 19 6.11 8.87 -15.09
N GLU A 20 5.38 9.85 -14.54
CA GLU A 20 4.80 10.95 -15.35
C GLU A 20 3.73 10.43 -16.32
N VAL A 21 3.37 9.17 -16.20
CA VAL A 21 2.43 8.54 -17.11
C VAL A 21 1.05 8.38 -16.44
N THR A 22 0.00 8.60 -17.22
CA THR A 22 -1.36 8.45 -16.72
C THR A 22 -1.72 6.98 -16.53
N VAL A 23 -2.19 6.63 -15.34
CA VAL A 23 -2.59 5.26 -15.04
C VAL A 23 -3.95 4.94 -15.68
N THR A 24 -3.93 4.51 -16.93
CA THR A 24 -5.15 4.16 -17.63
C THR A 24 -5.22 2.67 -17.92
N GLU A 25 -6.35 2.23 -18.48
CA GLU A 25 -6.56 0.82 -18.76
C GLU A 25 -5.48 0.33 -19.71
N ASP A 26 -5.10 1.19 -20.65
CA ASP A 26 -4.03 0.90 -21.59
C ASP A 26 -2.79 0.46 -20.84
N LYS A 27 -2.48 1.20 -19.78
CA LYS A 27 -1.20 1.05 -19.10
C LYS A 27 -1.22 -0.17 -18.20
N ILE A 28 -2.27 -0.31 -17.40
CA ILE A 28 -2.37 -1.47 -16.52
C ILE A 28 -2.51 -2.75 -17.34
N ASN A 29 -3.38 -2.73 -18.34
CA ASN A 29 -3.60 -3.91 -19.17
C ASN A 29 -2.33 -4.30 -19.94
N ALA A 30 -1.58 -3.32 -20.43
CA ALA A 30 -0.34 -3.60 -21.15
C ALA A 30 0.73 -4.15 -20.21
N LEU A 31 0.84 -3.55 -19.04
CA LEU A 31 1.84 -3.98 -18.07
C LEU A 31 1.44 -5.33 -17.47
N ILE A 32 0.13 -5.55 -17.37
CA ILE A 32 -0.41 -6.85 -16.94
C ILE A 32 -0.24 -7.89 -18.05
N LYS A 33 -0.22 -7.43 -19.29
CA LYS A 33 0.10 -8.32 -20.41
C LYS A 33 1.58 -8.71 -20.33
N ALA A 34 2.40 -7.78 -19.87
CA ALA A 34 3.84 -8.02 -19.71
C ALA A 34 4.13 -9.00 -18.58
N ALA A 35 3.79 -8.63 -17.33
CA ALA A 35 4.13 -9.46 -16.18
C ALA A 35 2.92 -9.73 -15.28
N GLY A 36 1.74 -9.69 -15.86
CA GLY A 36 0.55 -9.95 -15.09
C GLY A 36 0.05 -11.36 -15.30
N VAL A 37 0.45 -12.27 -14.42
CA VAL A 37 0.06 -13.68 -14.55
C VAL A 37 -1.46 -13.85 -14.62
N ASN A 38 -2.20 -13.24 -13.70
CA ASN A 38 -3.67 -13.30 -13.75
C ASN A 38 -4.30 -12.20 -12.90
N VAL A 39 -5.23 -11.47 -13.50
CA VAL A 39 -6.03 -10.48 -12.80
C VAL A 39 -7.32 -10.24 -13.58
N GLU A 40 -8.45 -10.24 -12.88
CA GLU A 40 -9.73 -10.03 -13.53
C GLU A 40 -9.87 -8.55 -13.91
N PRO A 41 -10.29 -8.27 -15.16
CA PRO A 41 -10.31 -6.91 -15.75
C PRO A 41 -11.10 -5.88 -14.93
N PHE A 42 -11.75 -6.34 -13.87
CA PHE A 42 -12.52 -5.48 -13.00
C PHE A 42 -11.55 -4.58 -12.21
N TRP A 43 -10.41 -5.15 -11.81
CA TRP A 43 -9.41 -4.37 -11.09
C TRP A 43 -8.77 -3.31 -12.02
N PRO A 44 -8.20 -3.71 -13.21
CA PRO A 44 -7.67 -2.74 -14.17
C PRO A 44 -8.66 -1.62 -14.49
N GLY A 45 -9.89 -2.01 -14.85
CA GLY A 45 -10.91 -1.03 -15.20
C GLY A 45 -11.18 -0.05 -14.06
N LEU A 46 -11.40 -0.61 -12.87
CA LEU A 46 -11.63 0.19 -11.68
C LEU A 46 -10.49 1.19 -11.50
N PHE A 47 -9.28 0.68 -11.32
CA PHE A 47 -8.12 1.51 -11.07
C PHE A 47 -7.94 2.59 -12.12
N ALA A 48 -8.08 2.21 -13.37
CA ALA A 48 -7.88 3.14 -14.48
C ALA A 48 -8.88 4.28 -14.46
N LYS A 49 -10.13 3.98 -14.11
CA LYS A 49 -11.16 5.00 -14.12
C LYS A 49 -11.53 5.46 -12.70
N ALA A 50 -10.74 5.03 -11.70
CA ALA A 50 -10.95 5.49 -10.34
C ALA A 50 -9.78 6.32 -9.80
N LEU A 51 -8.55 6.03 -10.24
CA LEU A 51 -7.40 6.76 -9.70
C LEU A 51 -7.23 8.12 -10.41
N ALA A 52 -5.98 8.44 -10.81
CA ALA A 52 -5.65 9.67 -11.55
C ALA A 52 -5.85 10.95 -10.71
N ASN A 53 -6.52 10.83 -9.57
CA ASN A 53 -6.73 11.95 -8.66
C ASN A 53 -6.59 11.46 -7.24
N VAL A 54 -6.17 10.22 -7.11
CA VAL A 54 -6.11 9.54 -5.84
C VAL A 54 -4.66 9.29 -5.50
N ASN A 55 -4.23 9.94 -4.42
CA ASN A 55 -2.89 9.77 -3.89
C ASN A 55 -2.53 8.29 -3.86
N ILE A 56 -1.32 8.00 -4.27
CA ILE A 56 -0.88 6.64 -4.52
C ILE A 56 -1.25 5.66 -3.39
N GLY A 57 -1.06 6.07 -2.13
CA GLY A 57 -1.33 5.19 -1.00
C GLY A 57 -2.73 4.59 -1.02
N SER A 58 -3.65 5.25 -1.72
CA SER A 58 -5.04 4.81 -1.82
C SER A 58 -5.13 3.36 -2.29
N LEU A 59 -4.21 2.95 -3.17
CA LEU A 59 -4.29 1.61 -3.76
C LEU A 59 -4.19 0.49 -2.73
N ILE A 60 -3.79 0.83 -1.51
CA ILE A 60 -3.66 -0.17 -0.46
C ILE A 60 -5.03 -0.73 -0.09
N CYS A 61 -6.09 0.05 -0.34
CA CYS A 61 -7.44 -0.41 -0.14
C CYS A 61 -8.41 0.45 -0.94
N ASN A 62 -8.39 0.27 -2.25
CA ASN A 62 -9.24 1.05 -3.14
C ASN A 62 -10.54 0.29 -3.43
N VAL A 63 -11.03 -0.41 -2.40
CA VAL A 63 -12.28 -1.14 -2.51
C VAL A 63 -13.14 -0.94 -1.26
N GLY A 64 -12.49 -0.85 -0.10
CA GLY A 64 -13.21 -0.62 1.14
C GLY A 64 -13.94 -1.85 1.63
N ALA A 65 -15.22 -1.96 1.23
CA ALA A 65 -16.12 -3.02 1.70
C ALA A 65 -16.52 -2.78 3.17
N GLY A 66 -17.82 -2.81 3.44
CA GLY A 66 -18.31 -2.51 4.78
C GLY A 66 -18.36 -3.74 5.67
N GLY A 67 -17.45 -4.69 5.42
CA GLY A 67 -17.41 -5.89 6.22
C GLY A 67 -18.31 -6.98 5.68
N PRO A 68 -18.27 -8.17 6.29
CA PRO A 68 -19.14 -9.29 5.92
C PRO A 68 -20.58 -9.07 6.32
N ALA A 69 -21.50 -9.45 5.45
CA ALA A 69 -22.92 -9.30 5.70
C ALA A 69 -23.55 -10.65 6.04
N PRO A 70 -23.73 -10.95 7.34
CA PRO A 70 -24.30 -12.21 7.78
C PRO A 70 -25.82 -12.22 7.67
N ALA A 71 -26.33 -12.85 6.61
CA ALA A 71 -27.75 -13.03 6.44
C ALA A 71 -28.29 -13.96 7.53
N ALA A 72 -29.19 -13.43 8.34
CA ALA A 72 -29.73 -14.15 9.48
C ALA A 72 -31.25 -14.18 9.44
N GLY A 73 -31.84 -15.05 10.24
CA GLY A 73 -33.29 -15.15 10.30
C GLY A 73 -33.78 -15.69 11.63
N ALA A 74 -35.00 -16.21 11.66
CA ALA A 74 -35.58 -16.75 12.87
C ALA A 74 -35.19 -18.22 13.06
N ALA A 75 -34.86 -18.59 14.29
CA ALA A 75 -34.51 -19.96 14.60
C ALA A 75 -35.73 -20.76 15.02
N PRO A 76 -36.03 -21.80 14.24
CA PRO A 76 -37.25 -22.62 14.38
C PRO A 76 -37.62 -22.94 15.83
N ALA A 77 -36.67 -23.53 16.56
CA ALA A 77 -36.87 -23.92 17.95
C ALA A 77 -38.07 -24.86 18.11
N GLY A 78 -37.87 -26.12 17.79
CA GLY A 78 -38.93 -27.11 17.89
C GLY A 78 -38.45 -28.49 17.50
N GLY A 79 -39.27 -29.51 17.75
CA GLY A 79 -38.90 -30.86 17.39
C GLY A 79 -39.82 -31.88 18.02
N PRO A 80 -39.61 -33.17 17.73
CA PRO A 80 -40.43 -34.25 18.29
C PRO A 80 -39.93 -34.72 19.66
N ALA A 81 -40.80 -35.38 20.40
CA ALA A 81 -40.45 -35.93 21.69
C ALA A 81 -40.58 -37.45 21.66
N PRO A 82 -39.79 -38.18 22.48
CA PRO A 82 -39.79 -39.64 22.55
C PRO A 82 -41.17 -40.28 22.37
N SER A 83 -42.11 -39.92 23.25
CA SER A 83 -43.49 -40.40 23.15
C SER A 83 -43.53 -41.94 23.20
N THR A 84 -42.99 -42.52 24.26
CA THR A 84 -42.93 -43.96 24.41
C THR A 84 -44.13 -44.47 25.22
N ALA A 85 -45.19 -44.85 24.53
CA ALA A 85 -46.40 -45.32 25.18
C ALA A 85 -46.38 -46.84 25.30
N ALA A 86 -46.80 -47.34 26.45
CA ALA A 86 -46.84 -48.76 26.70
C ALA A 86 -48.15 -49.15 27.37
N ALA A 87 -48.85 -50.11 26.78
CA ALA A 87 -50.13 -50.57 27.32
C ALA A 87 -50.42 -52.00 26.90
N PRO A 88 -49.93 -52.98 27.69
CA PRO A 88 -50.24 -54.41 27.50
C PRO A 88 -51.71 -54.72 27.73
N ALA A 89 -52.22 -55.72 27.02
CA ALA A 89 -53.63 -56.09 27.14
C ALA A 89 -53.78 -57.55 27.58
N GLU A 90 -52.66 -58.13 28.00
CA GLU A 90 -52.60 -59.55 28.42
C GLU A 90 -53.02 -60.48 27.27
N GLU A 91 -52.08 -60.66 26.34
CA GLU A 91 -52.27 -61.51 25.16
C GLU A 91 -53.32 -60.95 24.20
N LYS A 92 -53.66 -61.72 23.18
CA LYS A 92 -54.57 -61.27 22.13
C LYS A 92 -56.00 -61.69 22.45
N LYS A 93 -56.20 -62.97 22.72
CA LYS A 93 -57.51 -63.51 23.03
C LYS A 93 -57.67 -63.65 24.54
N VAL A 94 -58.54 -62.83 25.11
CA VAL A 94 -58.78 -62.85 26.54
C VAL A 94 -59.87 -63.86 26.87
N GLU A 95 -60.86 -63.96 25.99
CA GLU A 95 -61.99 -64.85 26.22
C GLU A 95 -61.65 -66.28 25.81
N ALA A 96 -61.97 -67.23 26.67
CA ALA A 96 -61.72 -68.62 26.37
C ALA A 96 -62.97 -69.47 26.52
N LYS A 97 -63.36 -69.77 27.76
CA LYS A 97 -64.50 -70.62 28.04
C LYS A 97 -65.26 -70.12 29.26
N LYS A 98 -66.58 -70.28 29.26
CA LYS A 98 -67.39 -69.97 30.43
C LYS A 98 -68.12 -71.22 30.91
N GLU A 99 -67.97 -72.30 30.14
CA GLU A 99 -68.52 -73.59 30.50
C GLU A 99 -67.67 -74.25 31.58
N GLU A 100 -66.35 -74.10 31.42
CA GLU A 100 -65.36 -74.67 32.34
C GLU A 100 -65.47 -76.19 32.40
N SER A 101 -64.86 -76.78 33.42
CA SER A 101 -64.90 -78.22 33.59
C SER A 101 -66.04 -78.60 34.53
N GLU A 102 -66.10 -79.88 34.89
CA GLU A 102 -67.11 -80.38 35.81
C GLU A 102 -66.87 -79.79 37.21
N GLU A 103 -67.84 -79.02 37.69
CA GLU A 103 -67.76 -78.38 39.01
C GLU A 103 -66.64 -77.34 39.04
N SER A 104 -66.41 -76.75 40.20
CA SER A 104 -65.41 -75.70 40.32
C SER A 104 -64.20 -76.18 41.11
N ASP A 105 -63.54 -77.20 40.56
CA ASP A 105 -62.30 -77.77 41.12
C ASP A 105 -62.54 -78.50 42.44
N ASP A 106 -62.12 -79.76 42.49
CA ASP A 106 -62.20 -80.55 43.71
C ASP A 106 -61.08 -80.17 44.67
N ASP A 107 -61.44 -80.02 45.93
CA ASP A 107 -60.49 -79.68 47.01
C ASP A 107 -59.97 -78.24 46.90
N MET A 108 -60.07 -77.51 48.00
CA MET A 108 -59.64 -76.12 48.04
C MET A 108 -58.15 -76.01 48.35
N GLY A 109 -57.35 -75.71 47.33
CA GLY A 109 -55.94 -75.56 47.54
C GLY A 109 -55.20 -75.20 46.26
N PHE A 110 -53.94 -75.62 46.17
CA PHE A 110 -53.11 -75.31 45.01
C PHE A 110 -53.50 -76.19 43.81
N GLY A 111 -54.30 -75.62 42.92
CA GLY A 111 -54.76 -76.37 41.77
C GLY A 111 -54.07 -75.94 40.48
N LEU A 112 -54.84 -75.40 39.56
CA LEU A 112 -54.31 -75.01 38.26
C LEU A 112 -54.16 -73.49 38.16
N PHE A 113 -53.98 -72.85 39.30
CA PHE A 113 -53.88 -71.39 39.33
C PHE A 113 -52.74 -70.93 40.24
N ASP A 114 -51.64 -71.67 40.23
CA ASP A 114 -50.47 -71.35 41.05
C ASP A 114 -49.20 -71.62 40.25
N ALA B 1 10.74 6.03 -4.70
CA ALA B 1 11.32 4.88 -5.46
C ALA B 1 10.30 3.76 -5.58
N MET B 2 9.47 3.82 -6.61
CA MET B 2 8.37 2.87 -6.78
C MET B 2 8.29 2.33 -8.20
N ARG B 3 9.22 2.76 -9.04
CA ARG B 3 9.19 2.43 -10.46
C ARG B 3 9.60 0.97 -10.71
N TYR B 4 10.89 0.69 -10.61
CA TYR B 4 11.43 -0.60 -11.02
C TYR B 4 11.19 -1.67 -9.97
N VAL B 5 10.91 -1.25 -8.76
CA VAL B 5 10.68 -2.19 -7.67
C VAL B 5 9.41 -2.99 -7.92
N ALA B 6 8.36 -2.32 -8.39
CA ALA B 6 7.11 -2.99 -8.68
C ALA B 6 7.24 -3.81 -9.96
N SER B 7 8.20 -3.45 -10.80
CA SER B 7 8.54 -4.27 -11.96
C SER B 7 9.08 -5.62 -11.51
N TYR B 8 10.02 -5.60 -10.55
CA TYR B 8 10.57 -6.82 -9.98
C TYR B 8 9.44 -7.62 -9.32
N LEU B 9 8.55 -6.88 -8.65
CA LEU B 9 7.40 -7.49 -8.00
C LEU B 9 6.54 -8.24 -9.01
N LEU B 10 6.20 -7.58 -10.12
CA LEU B 10 5.36 -8.18 -11.14
C LEU B 10 6.01 -9.44 -11.70
N ALA B 11 7.23 -9.30 -12.19
CA ALA B 11 7.95 -10.43 -12.79
C ALA B 11 8.10 -11.59 -11.82
N ALA B 12 8.20 -11.28 -10.52
CA ALA B 12 8.32 -12.32 -9.51
C ALA B 12 6.97 -13.03 -9.28
N LEU B 13 5.92 -12.25 -9.04
CA LEU B 13 4.60 -12.82 -8.79
C LEU B 13 4.07 -13.53 -10.04
N GLY B 14 4.62 -13.18 -11.20
CA GLY B 14 4.21 -13.79 -12.43
C GLY B 14 4.59 -15.25 -12.52
N GLY B 15 5.56 -15.65 -11.71
CA GLY B 15 5.97 -17.05 -11.68
C GLY B 15 7.46 -17.23 -11.85
N ASN B 16 8.24 -16.27 -11.34
CA ASN B 16 9.70 -16.33 -11.45
C ASN B 16 10.33 -15.75 -10.19
N SER B 17 11.01 -16.59 -9.43
CA SER B 17 11.66 -16.15 -8.20
C SER B 17 12.86 -15.26 -8.48
N SER B 18 13.34 -15.31 -9.71
CA SER B 18 14.54 -14.58 -10.07
C SER B 18 14.29 -13.67 -11.28
N PRO B 19 13.54 -12.58 -11.09
CA PRO B 19 13.28 -11.59 -12.14
C PRO B 19 14.55 -10.91 -12.63
N SER B 20 14.93 -11.19 -13.86
CA SER B 20 16.12 -10.60 -14.43
C SER B 20 15.88 -9.15 -14.81
N ALA B 21 16.86 -8.30 -14.50
CA ALA B 21 16.77 -6.86 -14.73
C ALA B 21 16.44 -6.53 -16.18
N LYS B 22 16.86 -7.40 -17.08
CA LYS B 22 16.59 -7.24 -18.51
C LYS B 22 15.11 -7.42 -18.80
N ASP B 23 14.48 -8.35 -18.09
CA ASP B 23 13.07 -8.64 -18.29
C ASP B 23 12.22 -7.58 -17.60
N ILE B 24 12.75 -7.04 -16.50
CA ILE B 24 12.11 -5.89 -15.83
C ILE B 24 12.10 -4.70 -16.78
N LYS B 25 13.24 -4.47 -17.43
CA LYS B 25 13.34 -3.40 -18.41
C LYS B 25 12.38 -3.65 -19.56
N LYS B 26 12.30 -4.90 -19.99
CA LYS B 26 11.33 -5.32 -21.01
C LYS B 26 9.91 -4.99 -20.54
N ILE B 27 9.64 -5.27 -19.28
CA ILE B 27 8.33 -5.00 -18.68
C ILE B 27 8.03 -3.49 -18.72
N LEU B 28 9.06 -2.68 -18.53
CA LEU B 28 8.89 -1.23 -18.54
C LEU B 28 8.70 -0.74 -19.99
N ASP B 29 9.46 -1.33 -20.92
CA ASP B 29 9.32 -1.06 -22.34
C ASP B 29 7.93 -1.43 -22.84
N SER B 30 7.34 -2.45 -22.22
CA SER B 30 6.01 -2.94 -22.60
C SER B 30 4.99 -1.81 -22.62
N VAL B 31 4.85 -1.06 -21.53
CA VAL B 31 3.93 0.07 -21.49
C VAL B 31 4.50 1.25 -22.29
N GLY B 32 5.82 1.39 -22.24
CA GLY B 32 6.47 2.48 -22.95
C GLY B 32 6.92 3.57 -21.99
N ILE B 33 7.51 3.16 -20.88
CA ILE B 33 7.99 4.11 -19.89
C ILE B 33 9.51 4.22 -20.00
N GLU B 34 10.04 5.40 -19.76
CA GLU B 34 11.48 5.64 -19.87
C GLU B 34 12.21 4.91 -18.73
N ALA B 35 13.07 3.97 -19.11
CA ALA B 35 13.77 3.15 -18.15
C ALA B 35 15.20 3.63 -17.89
N ASP B 36 15.38 4.36 -16.79
CA ASP B 36 16.71 4.72 -16.32
C ASP B 36 17.49 3.45 -15.99
N ASP B 37 18.50 3.16 -16.81
CA ASP B 37 19.24 1.90 -16.72
C ASP B 37 20.00 1.82 -15.40
N ASP B 38 20.54 2.96 -14.98
CA ASP B 38 21.26 3.06 -13.70
C ASP B 38 20.35 2.68 -12.54
N ARG B 39 19.26 3.43 -12.41
CA ARG B 39 18.37 3.32 -11.26
C ARG B 39 17.74 1.93 -11.22
N LEU B 40 17.45 1.38 -12.40
CA LEU B 40 16.84 0.07 -12.53
C LEU B 40 17.66 -1.00 -11.80
N ASN B 41 18.89 -1.19 -12.23
CA ASN B 41 19.76 -2.22 -11.67
C ASN B 41 20.16 -1.84 -10.25
N LYS B 42 20.19 -0.56 -9.93
CA LYS B 42 20.49 -0.13 -8.56
C LYS B 42 19.43 -0.65 -7.58
N VAL B 43 18.17 -0.38 -7.88
CA VAL B 43 17.10 -0.75 -6.96
C VAL B 43 16.91 -2.27 -6.98
N ILE B 44 17.18 -2.86 -8.13
CA ILE B 44 17.15 -4.30 -8.25
C ILE B 44 18.31 -4.92 -7.48
N SER B 45 19.46 -4.25 -7.48
CA SER B 45 20.59 -4.69 -6.69
C SER B 45 20.20 -4.69 -5.22
N GLU B 46 19.42 -3.69 -4.82
CA GLU B 46 18.88 -3.65 -3.46
C GLU B 46 17.81 -4.73 -3.25
N LEU B 47 17.01 -4.99 -4.28
CA LEU B 47 15.98 -6.04 -4.21
C LEU B 47 16.60 -7.43 -4.23
N ASN B 48 17.73 -7.53 -4.91
CA ASN B 48 18.42 -8.81 -5.11
C ASN B 48 18.67 -9.53 -3.78
N GLY B 49 18.95 -8.74 -2.74
CA GLY B 49 19.26 -9.31 -1.45
C GLY B 49 18.15 -9.11 -0.43
N LYS B 50 16.90 -9.16 -0.88
CA LYS B 50 15.76 -9.03 0.00
C LYS B 50 14.71 -10.09 -0.31
N ASN B 51 13.91 -10.45 0.69
CA ASN B 51 12.92 -11.51 0.55
C ASN B 51 11.71 -11.05 -0.27
N ILE B 52 11.89 -11.14 -1.59
CA ILE B 52 10.87 -10.73 -2.55
C ILE B 52 9.55 -11.47 -2.35
N GLU B 53 9.62 -12.76 -2.04
CA GLU B 53 8.42 -13.57 -1.89
C GLU B 53 7.56 -13.07 -0.73
N ASP B 54 8.22 -12.65 0.35
CA ASP B 54 7.50 -12.10 1.49
C ASP B 54 7.00 -10.70 1.18
N VAL B 55 7.81 -9.90 0.49
CA VAL B 55 7.44 -8.52 0.19
C VAL B 55 6.17 -8.49 -0.69
N ILE B 56 6.02 -9.52 -1.53
CA ILE B 56 4.81 -9.70 -2.32
C ILE B 56 3.68 -10.29 -1.46
N ALA B 57 4.02 -11.21 -0.57
CA ALA B 57 3.03 -11.85 0.30
C ALA B 57 2.40 -10.85 1.27
N GLN B 58 3.07 -9.73 1.48
CA GLN B 58 2.52 -8.67 2.33
C GLN B 58 1.34 -7.96 1.67
N GLY B 59 1.64 -7.02 0.77
CA GLY B 59 0.58 -6.29 0.09
C GLY B 59 1.09 -5.21 -0.84
N ILE B 60 1.84 -4.27 -0.29
CA ILE B 60 2.38 -3.14 -1.05
C ILE B 60 3.84 -2.90 -0.71
N GLY B 61 4.10 -2.43 0.51
CA GLY B 61 5.45 -2.15 0.93
C GLY B 61 5.71 -0.67 1.04
N LYS B 62 6.96 -0.30 1.31
CA LYS B 62 7.35 1.10 1.44
C LYS B 62 7.57 1.73 0.07
N LEU B 63 6.63 1.48 -0.83
CA LEU B 63 6.71 1.96 -2.21
C LEU B 63 5.78 3.14 -2.39
N ALA B 64 4.79 3.21 -1.53
CA ALA B 64 3.74 4.24 -1.63
C ALA B 64 3.98 5.37 -0.63
N SER B 65 5.14 5.35 0.01
CA SER B 65 5.51 6.35 0.98
C SER B 65 7.02 6.41 1.08
N VAL B 66 7.55 7.55 1.47
CA VAL B 66 8.99 7.74 1.58
C VAL B 66 9.53 7.02 2.83
N PRO B 67 10.40 6.02 2.63
CA PRO B 67 11.01 5.26 3.74
C PRO B 67 11.81 6.16 4.69
N ALA B 68 11.20 6.53 5.80
CA ALA B 68 11.84 7.34 6.81
C ALA B 68 13.09 6.65 7.37
N GLY B 69 14.24 6.97 6.80
CA GLY B 69 15.49 6.37 7.23
C GLY B 69 15.87 5.17 6.40
N GLY B 70 14.95 4.71 5.56
CA GLY B 70 15.19 3.52 4.76
C GLY B 70 15.05 2.26 5.58
N ALA B 71 16.09 1.92 6.31
CA ALA B 71 16.10 0.74 7.15
C ALA B 71 15.82 1.11 8.60
N VAL B 72 14.69 0.65 9.12
CA VAL B 72 14.30 0.95 10.48
C VAL B 72 14.14 -0.34 11.27
N ALA B 73 14.54 -0.32 12.53
CA ALA B 73 14.47 -1.50 13.37
C ALA B 73 13.96 -1.16 14.76
N VAL B 74 12.77 -1.64 15.07
CA VAL B 74 12.17 -1.42 16.38
C VAL B 74 12.72 -2.42 17.38
N SER B 75 13.38 -1.92 18.42
CA SER B 75 14.02 -2.79 19.39
C SER B 75 13.71 -2.33 20.82
N ALA B 76 14.08 -3.16 21.79
CA ALA B 76 13.79 -2.93 23.21
C ALA B 76 12.30 -3.11 23.52
N ALA B 77 11.99 -3.32 24.80
CA ALA B 77 10.63 -3.59 25.25
C ALA B 77 10.05 -4.83 24.59
N PRO B 78 10.48 -6.02 25.07
CA PRO B 78 10.00 -7.31 24.55
C PRO B 78 8.49 -7.47 24.60
N GLY B 79 7.85 -7.18 23.49
CA GLY B 79 6.42 -7.33 23.39
C GLY B 79 6.00 -8.29 22.30
N SER B 80 6.98 -8.76 21.54
CA SER B 80 6.74 -9.69 20.45
C SER B 80 7.44 -11.01 20.72
N ALA B 81 7.20 -11.97 19.83
CA ALA B 81 7.91 -13.25 19.85
C ALA B 81 7.59 -14.07 21.10
N ALA B 82 6.33 -14.48 21.19
CA ALA B 82 5.88 -15.30 22.30
C ALA B 82 6.50 -16.69 22.22
N PRO B 83 7.19 -17.13 23.29
CA PRO B 83 7.97 -18.37 23.31
C PRO B 83 7.25 -19.55 22.66
N ALA B 84 6.04 -19.82 23.15
CA ALA B 84 5.23 -20.95 22.65
C ALA B 84 6.00 -22.26 22.76
N ALA B 85 6.27 -22.69 24.00
CA ALA B 85 7.03 -23.90 24.23
C ALA B 85 6.14 -25.13 24.11
N GLY B 86 5.50 -25.28 22.96
CA GLY B 86 4.59 -26.39 22.76
C GLY B 86 3.52 -26.08 21.72
N SER B 87 3.62 -26.71 20.55
CA SER B 87 2.65 -26.50 19.48
C SER B 87 1.34 -27.25 19.79
N ALA B 88 0.49 -26.61 20.57
CA ALA B 88 -0.77 -27.20 20.99
C ALA B 88 -1.90 -26.84 20.02
N PRO B 89 -2.72 -27.83 19.63
CA PRO B 89 -3.88 -27.60 18.77
C PRO B 89 -5.03 -26.99 19.56
N ALA B 90 -5.30 -25.71 19.32
CA ALA B 90 -6.31 -24.97 20.08
C ALA B 90 -7.70 -25.59 19.93
N ALA B 91 -7.94 -26.24 18.80
CA ALA B 91 -9.24 -26.87 18.55
C ALA B 91 -9.36 -28.23 19.25
N ALA B 92 -8.21 -28.72 19.75
CA ALA B 92 -8.14 -30.02 20.43
C ALA B 92 -8.65 -31.16 19.55
N GLU B 93 -8.51 -30.99 18.24
CA GLU B 93 -9.01 -31.94 17.23
C GLU B 93 -10.53 -32.01 17.24
N GLU B 94 -11.10 -32.66 18.27
CA GLU B 94 -12.54 -32.79 18.41
C GLU B 94 -13.17 -33.39 17.15
N LYS B 95 -12.59 -34.48 16.64
CA LYS B 95 -13.05 -35.05 15.38
C LYS B 95 -12.44 -36.43 15.12
N LYS B 96 -11.14 -36.57 15.35
CA LYS B 96 -10.43 -37.81 15.00
C LYS B 96 -10.51 -38.85 16.14
N ASP B 97 -10.63 -40.12 15.74
CA ASP B 97 -10.78 -41.24 16.69
C ASP B 97 -9.45 -41.63 17.34
N GLU B 98 -8.74 -40.64 17.87
CA GLU B 98 -7.46 -40.86 18.56
C GLU B 98 -6.47 -41.64 17.67
N LYS B 99 -6.24 -42.91 17.99
CA LYS B 99 -5.42 -43.78 17.13
C LYS B 99 -6.15 -45.10 16.89
N LYS B 100 -7.45 -45.08 17.22
CA LYS B 100 -8.37 -46.21 17.00
C LYS B 100 -7.84 -47.55 17.54
N GLU B 101 -7.01 -47.52 18.57
CA GLU B 101 -6.49 -48.77 19.13
C GLU B 101 -6.80 -48.88 20.63
N GLU B 102 -6.50 -47.84 21.38
CA GLU B 102 -6.73 -47.83 22.82
C GLU B 102 -8.23 -47.76 23.15
N SER B 103 -8.85 -48.92 23.28
CA SER B 103 -10.27 -49.02 23.63
C SER B 103 -10.51 -50.22 24.52
N GLU B 104 -11.05 -49.94 25.71
CA GLU B 104 -11.34 -50.96 26.72
C GLU B 104 -11.87 -50.28 27.98
N GLU B 105 -11.40 -49.05 28.19
CA GLU B 105 -11.95 -48.12 29.16
C GLU B 105 -11.69 -48.54 30.61
N SER B 106 -12.01 -47.62 31.53
CA SER B 106 -11.84 -47.80 32.97
C SER B 106 -10.37 -47.85 33.37
N ASP B 107 -10.10 -47.93 34.66
CA ASP B 107 -8.73 -47.85 35.19
C ASP B 107 -8.37 -49.11 35.96
N ASP B 108 -9.06 -50.20 35.66
CA ASP B 108 -8.89 -51.43 36.42
C ASP B 108 -7.83 -52.33 35.78
N ASP B 109 -6.57 -51.95 35.93
CA ASP B 109 -5.45 -52.74 35.43
C ASP B 109 -5.20 -53.97 36.30
N MET B 110 -5.99 -54.10 37.36
CA MET B 110 -5.79 -55.16 38.35
C MET B 110 -6.16 -56.53 37.79
N GLY B 111 -6.98 -56.54 36.76
CA GLY B 111 -7.43 -57.80 36.17
C GLY B 111 -8.52 -58.46 36.99
N PHE B 112 -8.23 -58.73 38.25
CA PHE B 112 -9.19 -59.40 39.14
C PHE B 112 -10.16 -58.39 39.76
N GLY B 113 -10.26 -57.22 39.16
CA GLY B 113 -11.18 -56.21 39.62
C GLY B 113 -12.41 -56.12 38.76
N LEU B 114 -13.08 -57.25 38.59
CA LEU B 114 -14.30 -57.33 37.79
C LEU B 114 -15.52 -57.15 38.67
N PHE B 115 -15.28 -56.62 39.84
CA PHE B 115 -16.32 -56.48 40.85
C PHE B 115 -16.93 -55.08 40.84
N ASP B 116 -16.30 -54.18 40.11
CA ASP B 116 -16.80 -52.81 40.01
C ASP B 116 -17.57 -52.60 38.72
N MET A 1 -2.42 -19.65 -7.65
CA MET A 1 -2.71 -18.53 -6.73
C MET A 1 -3.35 -17.38 -7.49
N ALA A 2 -4.48 -16.89 -6.98
CA ALA A 2 -5.24 -15.86 -7.68
C ALA A 2 -4.88 -14.48 -7.16
N SER A 3 -4.04 -14.42 -6.14
CA SER A 3 -3.64 -13.17 -5.53
C SER A 3 -2.86 -12.27 -6.51
N VAL A 4 -2.30 -12.88 -7.56
CA VAL A 4 -1.51 -12.15 -8.52
C VAL A 4 -2.36 -11.14 -9.28
N SER A 5 -3.68 -11.31 -9.22
CA SER A 5 -4.58 -10.41 -9.88
C SER A 5 -4.45 -9.00 -9.29
N GLU A 6 -4.86 -8.87 -8.03
CA GLU A 6 -4.80 -7.60 -7.33
C GLU A 6 -3.35 -7.18 -7.09
N LEU A 7 -2.47 -8.15 -6.92
CA LEU A 7 -1.03 -7.88 -6.76
C LEU A 7 -0.49 -7.16 -7.99
N ALA A 8 -0.80 -7.72 -9.15
CA ALA A 8 -0.35 -7.14 -10.42
C ALA A 8 -0.91 -5.75 -10.62
N CYS A 9 -2.22 -5.61 -10.44
CA CYS A 9 -2.87 -4.32 -10.64
C CYS A 9 -2.34 -3.26 -9.67
N ILE A 10 -2.04 -3.67 -8.45
CA ILE A 10 -1.56 -2.73 -7.45
C ILE A 10 -0.12 -2.31 -7.71
N TYR A 11 0.69 -3.23 -8.19
CA TYR A 11 2.06 -2.91 -8.51
C TYR A 11 2.15 -2.16 -9.83
N SER A 12 1.16 -2.36 -10.69
CA SER A 12 1.04 -1.57 -11.90
C SER A 12 0.55 -0.16 -11.56
N ALA A 13 -0.36 -0.09 -10.59
CA ALA A 13 -0.77 1.18 -10.02
C ALA A 13 0.45 1.95 -9.53
N LEU A 14 1.36 1.24 -8.85
CA LEU A 14 2.64 1.83 -8.46
C LEU A 14 3.39 2.34 -9.68
N ILE A 15 3.65 1.44 -10.62
CA ILE A 15 4.43 1.74 -11.83
C ILE A 15 3.92 2.99 -12.54
N LEU A 16 2.61 3.20 -12.52
CA LEU A 16 2.01 4.31 -13.25
C LEU A 16 1.55 5.44 -12.32
N HIS A 17 1.70 5.25 -11.00
CA HIS A 17 1.26 6.28 -10.05
C HIS A 17 2.08 7.56 -10.15
N ASP A 18 3.28 7.47 -10.72
CA ASP A 18 4.18 8.62 -10.76
C ASP A 18 4.66 8.93 -12.19
N ASP A 19 5.97 8.84 -12.42
CA ASP A 19 6.65 9.28 -13.66
C ASP A 19 5.87 10.31 -14.50
N GLU A 20 5.89 10.14 -15.82
CA GLU A 20 5.15 11.03 -16.71
C GLU A 20 4.10 10.21 -17.46
N VAL A 21 3.73 9.10 -16.87
CA VAL A 21 2.80 8.18 -17.50
C VAL A 21 1.52 8.07 -16.68
N THR A 22 0.40 8.37 -17.32
CA THR A 22 -0.89 8.39 -16.67
C THR A 22 -1.48 6.99 -16.52
N VAL A 23 -2.22 6.77 -15.44
CA VAL A 23 -2.83 5.49 -15.15
C VAL A 23 -4.05 5.24 -16.06
N THR A 24 -3.89 4.40 -17.06
CA THR A 24 -5.01 4.06 -17.94
C THR A 24 -5.12 2.55 -18.10
N GLU A 25 -6.32 2.09 -18.47
CA GLU A 25 -6.60 0.67 -18.62
C GLU A 25 -5.56 0.02 -19.51
N ASP A 26 -5.34 0.64 -20.66
CA ASP A 26 -4.42 0.13 -21.67
C ASP A 26 -3.03 -0.09 -21.09
N LYS A 27 -2.65 0.77 -20.15
CA LYS A 27 -1.30 0.75 -19.63
C LYS A 27 -1.15 -0.26 -18.50
N ILE A 28 -2.14 -0.33 -17.63
CA ILE A 28 -2.16 -1.36 -16.59
C ILE A 28 -2.26 -2.73 -17.25
N ASN A 29 -3.14 -2.82 -18.24
CA ASN A 29 -3.30 -4.03 -19.02
C ASN A 29 -1.98 -4.42 -19.68
N ALA A 30 -1.29 -3.42 -20.23
CA ALA A 30 0.01 -3.63 -20.86
C ALA A 30 1.03 -4.18 -19.85
N LEU A 31 1.05 -3.60 -18.66
CA LEU A 31 1.95 -4.05 -17.60
C LEU A 31 1.61 -5.47 -17.16
N ILE A 32 0.32 -5.74 -16.97
CA ILE A 32 -0.13 -7.07 -16.59
C ILE A 32 0.29 -8.10 -17.64
N LYS A 33 0.09 -7.75 -18.92
CA LYS A 33 0.48 -8.61 -20.02
C LYS A 33 1.99 -8.76 -20.10
N ALA A 34 2.70 -7.71 -19.70
CA ALA A 34 4.15 -7.73 -19.67
C ALA A 34 4.63 -8.75 -18.64
N ALA A 35 3.93 -8.83 -17.53
CA ALA A 35 4.27 -9.81 -16.49
C ALA A 35 3.74 -11.20 -16.84
N GLY A 36 2.67 -11.24 -17.62
CA GLY A 36 2.18 -12.50 -18.14
C GLY A 36 1.02 -13.07 -17.34
N VAL A 37 0.53 -12.30 -16.37
CA VAL A 37 -0.56 -12.77 -15.52
C VAL A 37 -1.92 -12.37 -16.09
N ASN A 38 -2.98 -12.73 -15.38
CA ASN A 38 -4.34 -12.47 -15.80
C ASN A 38 -5.15 -11.92 -14.64
N VAL A 39 -5.68 -10.72 -14.81
CA VAL A 39 -6.47 -10.07 -13.77
C VAL A 39 -7.89 -9.79 -14.30
N GLU A 40 -8.88 -9.93 -13.41
CA GLU A 40 -10.27 -9.65 -13.77
C GLU A 40 -10.40 -8.23 -14.29
N PRO A 41 -10.91 -8.05 -15.53
CA PRO A 41 -10.90 -6.76 -16.26
C PRO A 41 -11.48 -5.58 -15.47
N PHE A 42 -12.16 -5.88 -14.37
CA PHE A 42 -12.83 -4.84 -13.61
C PHE A 42 -11.82 -4.09 -12.74
N TRP A 43 -10.71 -4.75 -12.41
CA TRP A 43 -9.64 -4.10 -11.67
C TRP A 43 -8.98 -3.03 -12.54
N PRO A 44 -8.40 -3.39 -13.72
CA PRO A 44 -7.82 -2.40 -14.64
C PRO A 44 -8.82 -1.34 -15.05
N GLY A 45 -10.08 -1.74 -15.23
CA GLY A 45 -11.12 -0.79 -15.59
C GLY A 45 -11.40 0.21 -14.48
N LEU A 46 -11.62 -0.30 -13.28
CA LEU A 46 -11.90 0.55 -12.12
C LEU A 46 -10.74 1.51 -11.89
N PHE A 47 -9.51 1.00 -11.92
CA PHE A 47 -8.34 1.84 -11.76
C PHE A 47 -8.28 2.90 -12.85
N ALA A 48 -8.57 2.50 -14.08
CA ALA A 48 -8.49 3.39 -15.22
C ALA A 48 -9.43 4.59 -15.10
N LYS A 49 -10.70 4.34 -14.78
CA LYS A 49 -11.70 5.40 -14.81
C LYS A 49 -12.10 5.89 -13.42
N ALA A 50 -11.52 5.31 -12.37
CA ALA A 50 -11.87 5.74 -11.02
C ALA A 50 -10.65 6.01 -10.13
N LEU A 51 -9.44 5.62 -10.56
CA LEU A 51 -8.25 5.94 -9.80
C LEU A 51 -7.72 7.29 -10.32
N ALA A 52 -6.42 7.40 -10.59
CA ALA A 52 -5.80 8.66 -11.07
C ALA A 52 -5.94 9.81 -10.07
N ASN A 53 -6.78 9.62 -9.08
CA ASN A 53 -7.07 10.61 -8.06
C ASN A 53 -6.88 9.95 -6.71
N VAL A 54 -7.23 8.67 -6.66
CA VAL A 54 -6.95 7.81 -5.53
C VAL A 54 -5.46 7.91 -5.16
N ASN A 55 -5.22 8.54 -4.02
CA ASN A 55 -3.87 8.76 -3.50
C ASN A 55 -3.08 7.45 -3.48
N ILE A 56 -1.77 7.53 -3.63
CA ILE A 56 -0.93 6.36 -3.77
C ILE A 56 -1.13 5.37 -2.62
N GLY A 57 -1.08 5.85 -1.39
CA GLY A 57 -1.22 4.98 -0.23
C GLY A 57 -2.57 4.26 -0.19
N SER A 58 -3.56 4.87 -0.81
CA SER A 58 -4.91 4.33 -0.83
C SER A 58 -4.97 3.02 -1.62
N LEU A 59 -3.84 2.60 -2.20
CA LEU A 59 -3.74 1.28 -2.81
C LEU A 59 -4.08 0.20 -1.80
N ILE A 60 -3.89 0.50 -0.52
CA ILE A 60 -4.21 -0.46 0.53
C ILE A 60 -5.68 -0.27 0.97
N CYS A 61 -6.51 0.20 0.04
CA CYS A 61 -7.93 0.36 0.30
C CYS A 61 -8.59 -0.99 0.55
N ASN A 62 -9.70 -0.97 1.28
CA ASN A 62 -10.42 -2.19 1.63
C ASN A 62 -11.22 -2.70 0.43
N VAL A 63 -10.53 -2.88 -0.68
CA VAL A 63 -11.14 -3.39 -1.90
C VAL A 63 -10.48 -4.70 -2.31
N GLY A 64 -9.26 -4.92 -1.85
CA GLY A 64 -8.53 -6.12 -2.21
C GLY A 64 -8.66 -7.19 -1.15
N ALA A 65 -7.78 -8.18 -1.20
CA ALA A 65 -7.82 -9.27 -0.27
C ALA A 65 -6.49 -9.42 0.47
N GLY A 66 -5.39 -9.37 -0.27
CA GLY A 66 -4.08 -9.55 0.33
C GLY A 66 -3.92 -10.95 0.88
N GLY A 67 -3.92 -11.92 -0.01
CA GLY A 67 -3.78 -13.30 0.38
C GLY A 67 -2.34 -13.73 0.52
N PRO A 68 -1.97 -14.37 1.64
CA PRO A 68 -0.60 -14.83 1.87
C PRO A 68 -0.30 -16.13 1.14
N ALA A 69 0.99 -16.47 1.06
CA ALA A 69 1.42 -17.69 0.41
C ALA A 69 1.31 -18.88 1.35
N PRO A 70 0.47 -19.87 1.02
CA PRO A 70 0.22 -21.02 1.89
C PRO A 70 1.36 -22.02 1.90
N ALA A 71 2.16 -22.04 0.83
CA ALA A 71 3.24 -22.99 0.69
C ALA A 71 4.10 -22.64 -0.51
N ALA A 72 5.06 -23.51 -0.83
CA ALA A 72 5.99 -23.31 -1.94
C ALA A 72 6.94 -22.15 -1.67
N GLY A 73 7.74 -21.79 -2.67
CA GLY A 73 8.69 -20.71 -2.51
C GLY A 73 9.90 -20.88 -3.40
N ALA A 74 11.01 -20.25 -3.03
CA ALA A 74 12.23 -20.35 -3.81
C ALA A 74 13.45 -20.20 -2.90
N ALA A 75 14.54 -20.82 -3.29
CA ALA A 75 15.78 -20.76 -2.53
C ALA A 75 16.96 -20.56 -3.45
N PRO A 76 17.88 -19.69 -3.05
CA PRO A 76 19.09 -19.39 -3.83
C PRO A 76 19.97 -20.62 -4.04
N ALA A 77 19.83 -21.24 -5.21
CA ALA A 77 20.61 -22.43 -5.55
C ALA A 77 22.08 -22.09 -5.79
N GLY A 78 22.87 -22.16 -4.73
CA GLY A 78 24.28 -21.89 -4.86
C GLY A 78 24.61 -20.45 -4.55
N GLY A 79 24.58 -19.62 -5.58
CA GLY A 79 24.86 -18.21 -5.41
C GLY A 79 25.89 -17.73 -6.41
N PRO A 80 26.12 -16.41 -6.48
CA PRO A 80 27.09 -15.83 -7.40
C PRO A 80 28.53 -15.90 -6.85
N ALA A 81 29.50 -15.56 -7.68
CA ALA A 81 30.90 -15.61 -7.29
C ALA A 81 31.53 -14.22 -7.42
N PRO A 82 31.70 -13.52 -6.28
CA PRO A 82 32.33 -12.20 -6.24
C PRO A 82 33.73 -12.21 -6.81
N SER A 83 34.60 -13.08 -6.25
CA SER A 83 35.98 -13.24 -6.71
C SER A 83 36.77 -11.96 -6.50
N THR A 84 37.51 -11.90 -5.39
CA THR A 84 38.33 -10.75 -5.03
C THR A 84 37.52 -9.44 -5.06
N ALA A 85 36.70 -9.26 -4.02
CA ALA A 85 35.88 -8.06 -3.92
C ALA A 85 36.66 -6.89 -3.32
N ALA A 86 37.92 -6.79 -3.70
CA ALA A 86 38.78 -5.75 -3.22
C ALA A 86 39.28 -4.92 -4.39
N ALA A 87 38.46 -3.93 -4.79
CA ALA A 87 38.72 -3.09 -5.96
C ALA A 87 38.48 -3.89 -7.25
N PRO A 88 38.27 -3.22 -8.41
CA PRO A 88 37.97 -3.91 -9.67
C PRO A 88 38.98 -5.01 -10.01
N ALA A 89 40.23 -4.60 -10.18
CA ALA A 89 41.32 -5.53 -10.49
C ALA A 89 42.65 -4.81 -10.45
N GLU A 90 42.68 -3.61 -11.02
CA GLU A 90 43.90 -2.80 -11.07
C GLU A 90 44.30 -2.32 -9.67
N GLU A 91 45.57 -2.52 -9.34
CA GLU A 91 46.11 -2.06 -8.06
C GLU A 91 46.42 -0.57 -8.10
N LYS A 92 46.36 0.05 -6.94
CA LYS A 92 46.63 1.48 -6.82
C LYS A 92 47.32 1.74 -5.48
N LYS A 93 48.62 2.00 -5.53
CA LYS A 93 49.42 2.16 -4.33
C LYS A 93 50.00 3.57 -4.26
N VAL A 94 50.05 4.14 -3.05
CA VAL A 94 50.67 5.44 -2.84
C VAL A 94 52.16 5.26 -2.54
N GLU A 95 52.97 6.17 -3.10
CA GLU A 95 54.45 6.20 -2.95
C GLU A 95 55.09 4.86 -3.34
N ALA A 96 56.40 4.77 -3.18
CA ALA A 96 57.15 3.60 -3.59
C ALA A 96 58.23 3.26 -2.60
N LYS A 97 58.49 1.98 -2.43
CA LYS A 97 59.46 1.51 -1.47
C LYS A 97 60.84 1.44 -2.10
N LYS A 98 61.85 1.84 -1.33
CA LYS A 98 63.23 1.72 -1.77
C LYS A 98 63.61 0.25 -1.89
N GLU A 99 64.47 -0.07 -2.85
CA GLU A 99 64.94 -1.42 -3.03
C GLU A 99 65.99 -1.77 -1.97
N GLU A 100 66.33 -0.76 -1.16
CA GLU A 100 67.27 -0.90 -0.04
C GLU A 100 68.70 -1.12 -0.55
N SER A 101 69.60 -1.42 0.36
CA SER A 101 71.02 -1.51 0.03
C SER A 101 71.69 -2.65 0.80
N GLU A 102 72.51 -3.42 0.11
CA GLU A 102 73.25 -4.50 0.74
C GLU A 102 74.73 -4.14 0.86
N GLU A 103 75.02 -2.84 0.84
CA GLU A 103 76.38 -2.35 0.97
C GLU A 103 77.03 -2.82 2.27
N SER A 104 78.27 -3.29 2.15
CA SER A 104 79.07 -3.70 3.30
C SER A 104 78.55 -5.00 3.91
N ASP A 105 79.27 -6.10 3.62
CA ASP A 105 78.92 -7.45 4.11
C ASP A 105 77.65 -7.95 3.42
N ASP A 106 77.82 -8.63 2.29
CA ASP A 106 76.71 -9.10 1.48
C ASP A 106 75.86 -10.12 2.21
N ASP A 107 74.56 -9.82 2.32
CA ASP A 107 73.62 -10.67 3.06
C ASP A 107 73.43 -12.01 2.36
N MET A 108 73.59 -13.09 3.12
CA MET A 108 73.51 -14.44 2.58
C MET A 108 72.06 -14.93 2.50
N GLY A 109 71.32 -14.38 1.55
CA GLY A 109 69.95 -14.83 1.32
C GLY A 109 69.89 -16.07 0.46
N PHE A 110 69.90 -17.24 1.11
CA PHE A 110 69.76 -18.53 0.42
C PHE A 110 68.50 -18.54 -0.45
N GLY A 111 68.66 -18.86 -1.72
CA GLY A 111 67.55 -18.82 -2.63
C GLY A 111 67.74 -19.74 -3.81
N LEU A 112 68.34 -19.23 -4.86
CA LEU A 112 68.59 -20.02 -6.07
C LEU A 112 69.81 -20.92 -5.87
N PHE A 113 70.67 -20.52 -4.94
CA PHE A 113 71.84 -21.32 -4.60
C PHE A 113 71.73 -21.80 -3.16
N ASP A 114 72.30 -22.96 -2.90
CA ASP A 114 72.26 -23.55 -1.58
C ASP A 114 73.62 -24.15 -1.24
N ALA B 1 8.68 10.39 -9.93
CA ALA B 1 9.15 9.12 -10.52
C ALA B 1 9.33 8.07 -9.44
N MET B 2 9.13 6.80 -9.79
CA MET B 2 9.28 5.71 -8.83
C MET B 2 10.58 4.95 -9.09
N ARG B 3 10.70 3.81 -8.41
CA ARG B 3 11.85 2.95 -8.55
C ARG B 3 11.41 1.59 -9.08
N TYR B 4 12.34 0.87 -9.71
CA TYR B 4 12.04 -0.38 -10.42
C TYR B 4 11.70 -1.54 -9.46
N VAL B 5 11.36 -1.19 -8.23
CA VAL B 5 11.03 -2.16 -7.20
C VAL B 5 9.75 -2.90 -7.57
N ALA B 6 8.68 -2.16 -7.85
CA ALA B 6 7.40 -2.77 -8.17
C ALA B 6 7.45 -3.44 -9.55
N SER B 7 8.47 -3.07 -10.33
CA SER B 7 8.74 -3.75 -11.58
C SER B 7 9.25 -5.16 -11.29
N TYR B 8 10.21 -5.24 -10.37
CA TYR B 8 10.70 -6.53 -9.89
C TYR B 8 9.54 -7.35 -9.34
N LEU B 9 8.63 -6.67 -8.64
CA LEU B 9 7.44 -7.30 -8.09
C LEU B 9 6.56 -7.89 -9.20
N LEU B 10 6.28 -7.10 -10.24
CA LEU B 10 5.47 -7.57 -11.35
C LEU B 10 6.08 -8.82 -11.97
N ALA B 11 7.38 -8.76 -12.23
CA ALA B 11 8.07 -9.86 -12.88
C ALA B 11 8.12 -11.09 -11.97
N ALA B 12 8.13 -10.86 -10.65
CA ALA B 12 8.13 -11.94 -9.68
C ALA B 12 6.78 -12.62 -9.62
N LEU B 13 5.73 -11.83 -9.44
CA LEU B 13 4.37 -12.38 -9.32
C LEU B 13 3.93 -12.93 -10.68
N GLY B 14 4.61 -12.47 -11.73
CA GLY B 14 4.37 -12.96 -13.06
C GLY B 14 4.62 -14.45 -13.21
N GLY B 15 5.38 -15.01 -12.28
CA GLY B 15 5.64 -16.43 -12.31
C GLY B 15 7.12 -16.74 -12.23
N ASN B 16 7.95 -15.73 -12.07
CA ASN B 16 9.39 -15.91 -12.03
C ASN B 16 9.96 -15.38 -10.72
N SER B 17 10.49 -16.28 -9.91
CA SER B 17 11.03 -15.92 -8.61
C SER B 17 12.33 -15.14 -8.74
N SER B 18 12.90 -15.14 -9.94
CA SER B 18 14.16 -14.46 -10.16
C SER B 18 14.03 -13.41 -11.27
N PRO B 19 13.27 -12.32 -11.03
CA PRO B 19 13.08 -11.23 -12.00
C PRO B 19 14.40 -10.65 -12.51
N SER B 20 14.72 -10.97 -13.75
CA SER B 20 15.94 -10.48 -14.37
C SER B 20 15.75 -9.03 -14.82
N ALA B 21 16.83 -8.27 -14.80
CA ALA B 21 16.80 -6.85 -15.16
C ALA B 21 16.25 -6.65 -16.56
N LYS B 22 16.46 -7.64 -17.40
CA LYS B 22 15.98 -7.61 -18.77
C LYS B 22 14.46 -7.69 -18.82
N ASP B 23 13.90 -8.36 -17.82
CA ASP B 23 12.46 -8.58 -17.75
C ASP B 23 11.78 -7.41 -17.06
N ILE B 24 12.50 -6.78 -16.13
CA ILE B 24 12.00 -5.53 -15.53
C ILE B 24 11.97 -4.44 -16.60
N LYS B 25 13.05 -4.37 -17.37
CA LYS B 25 13.13 -3.46 -18.48
C LYS B 25 12.02 -3.77 -19.48
N LYS B 26 11.83 -5.06 -19.75
CA LYS B 26 10.77 -5.53 -20.62
C LYS B 26 9.41 -5.06 -20.12
N ILE B 27 9.18 -5.18 -18.83
CA ILE B 27 7.91 -4.77 -18.23
C ILE B 27 7.68 -3.27 -18.42
N LEU B 28 8.72 -2.46 -18.18
CA LEU B 28 8.58 -1.02 -18.26
C LEU B 28 8.55 -0.56 -19.73
N ASP B 29 9.27 -1.28 -20.58
CA ASP B 29 9.34 -0.96 -22.01
C ASP B 29 8.02 -1.32 -22.68
N SER B 30 7.35 -2.33 -22.12
CA SER B 30 6.05 -2.78 -22.59
C SER B 30 5.02 -1.65 -22.50
N VAL B 31 5.09 -0.86 -21.44
CA VAL B 31 4.10 0.17 -21.19
C VAL B 31 4.58 1.54 -21.67
N GLY B 32 5.90 1.72 -21.76
CA GLY B 32 6.45 2.91 -22.36
C GLY B 32 6.97 3.93 -21.35
N ILE B 33 7.91 3.52 -20.50
CA ILE B 33 8.58 4.44 -19.59
C ILE B 33 10.10 4.24 -19.69
N GLU B 34 10.87 5.31 -19.52
CA GLU B 34 12.32 5.27 -19.69
C GLU B 34 12.99 4.40 -18.63
N ALA B 35 13.86 3.49 -19.07
CA ALA B 35 14.52 2.55 -18.16
C ALA B 35 16.04 2.56 -18.34
N ASP B 36 16.74 3.15 -17.37
CA ASP B 36 18.20 3.20 -17.39
C ASP B 36 18.77 1.89 -16.85
N ASP B 37 19.61 1.25 -17.67
CA ASP B 37 20.11 -0.09 -17.40
C ASP B 37 20.94 -0.17 -16.14
N ASP B 38 21.82 0.80 -15.94
CA ASP B 38 22.65 0.83 -14.75
C ASP B 38 21.78 1.07 -13.53
N ARG B 39 20.86 2.01 -13.64
CA ARG B 39 19.99 2.38 -12.54
C ARG B 39 19.09 1.21 -12.14
N LEU B 40 18.42 0.59 -13.13
CA LEU B 40 17.48 -0.50 -12.85
C LEU B 40 18.19 -1.71 -12.25
N ASN B 41 19.37 -2.04 -12.76
CA ASN B 41 20.11 -3.19 -12.27
C ASN B 41 20.65 -2.93 -10.87
N LYS B 42 21.04 -1.68 -10.62
CA LYS B 42 21.55 -1.33 -9.30
C LYS B 42 20.45 -1.31 -8.25
N VAL B 43 19.26 -0.81 -8.59
CA VAL B 43 18.17 -0.82 -7.61
C VAL B 43 17.72 -2.24 -7.39
N ILE B 44 17.83 -3.05 -8.44
CA ILE B 44 17.54 -4.46 -8.37
C ILE B 44 18.56 -5.20 -7.52
N SER B 45 19.82 -4.78 -7.59
CA SER B 45 20.86 -5.41 -6.80
C SER B 45 20.71 -5.05 -5.32
N GLU B 46 20.22 -3.83 -5.05
CA GLU B 46 19.99 -3.42 -3.68
C GLU B 46 18.75 -4.10 -3.10
N LEU B 47 17.75 -4.32 -3.95
CA LEU B 47 16.52 -4.99 -3.54
C LEU B 47 16.69 -6.51 -3.62
N ASN B 48 17.78 -6.93 -4.24
CA ASN B 48 18.08 -8.35 -4.49
C ASN B 48 17.98 -9.17 -3.20
N GLY B 49 18.71 -8.74 -2.19
CA GLY B 49 18.77 -9.49 -0.94
C GLY B 49 17.77 -8.99 0.08
N LYS B 50 16.50 -9.02 -0.29
CA LYS B 50 15.44 -8.58 0.59
C LYS B 50 14.27 -9.58 0.55
N ASN B 51 13.39 -9.49 1.54
CA ASN B 51 12.26 -10.41 1.64
C ASN B 51 11.22 -10.15 0.54
N ILE B 52 11.46 -10.74 -0.64
CA ILE B 52 10.52 -10.64 -1.76
C ILE B 52 9.12 -11.11 -1.37
N GLU B 53 9.10 -12.16 -0.57
CA GLU B 53 7.84 -12.75 -0.15
C GLU B 53 7.05 -11.77 0.73
N ASP B 54 7.76 -10.99 1.54
CA ASP B 54 7.11 -9.99 2.40
C ASP B 54 6.61 -8.82 1.55
N VAL B 55 7.47 -8.35 0.64
CA VAL B 55 7.13 -7.18 -0.17
C VAL B 55 5.94 -7.46 -1.09
N ILE B 56 5.82 -8.71 -1.54
CA ILE B 56 4.71 -9.12 -2.40
C ILE B 56 3.46 -9.42 -1.58
N ALA B 57 3.64 -10.01 -0.40
CA ALA B 57 2.51 -10.36 0.43
C ALA B 57 1.79 -9.14 0.98
N GLN B 58 2.53 -8.25 1.62
CA GLN B 58 1.90 -7.09 2.26
C GLN B 58 2.86 -5.91 2.36
N GLY B 59 3.67 -5.72 1.31
CA GLY B 59 4.64 -4.65 1.34
C GLY B 59 4.23 -3.46 0.50
N ILE B 60 2.93 -3.15 0.50
CA ILE B 60 2.41 -2.04 -0.30
C ILE B 60 3.00 -0.70 0.14
N GLY B 61 3.56 -0.66 1.35
CA GLY B 61 4.17 0.55 1.82
C GLY B 61 5.66 0.41 2.04
N LYS B 62 6.33 -0.31 1.14
CA LYS B 62 7.79 -0.39 1.14
C LYS B 62 8.30 0.04 -0.23
N LEU B 63 7.49 0.85 -0.91
CA LEU B 63 7.75 1.25 -2.28
C LEU B 63 7.70 2.77 -2.42
N ALA B 64 6.54 3.33 -2.10
CA ALA B 64 6.34 4.76 -2.14
C ALA B 64 5.74 5.24 -0.83
N SER B 65 5.44 6.53 -0.73
CA SER B 65 4.93 7.09 0.50
C SER B 65 4.27 8.44 0.23
N VAL B 66 3.36 8.85 1.11
CA VAL B 66 2.64 10.11 0.97
C VAL B 66 3.19 11.15 1.96
N PRO B 67 3.52 12.35 1.47
CA PRO B 67 4.04 13.43 2.31
C PRO B 67 2.94 14.07 3.15
N ALA B 68 3.07 13.94 4.47
CA ALA B 68 2.13 14.54 5.42
C ALA B 68 0.71 14.01 5.25
N GLY B 69 -0.24 14.64 5.94
CA GLY B 69 -1.61 14.20 5.88
C GLY B 69 -2.40 14.90 4.78
N GLY B 70 -1.97 14.70 3.54
CA GLY B 70 -2.68 15.27 2.41
C GLY B 70 -3.86 14.42 1.97
N ALA B 71 -5.05 14.97 2.06
CA ALA B 71 -6.26 14.25 1.70
C ALA B 71 -6.78 14.72 0.34
N VAL B 72 -7.20 13.77 -0.48
CA VAL B 72 -7.68 14.07 -1.82
C VAL B 72 -9.15 13.67 -1.96
N ALA B 73 -9.91 14.47 -2.70
CA ALA B 73 -11.32 14.18 -2.94
C ALA B 73 -11.50 13.33 -4.18
N VAL B 74 -12.04 12.14 -4.00
CA VAL B 74 -12.29 11.24 -5.11
C VAL B 74 -13.38 11.79 -6.03
N SER B 75 -13.14 11.70 -7.32
CA SER B 75 -14.08 12.23 -8.31
C SER B 75 -14.40 11.18 -9.35
N ALA B 76 -15.21 11.55 -10.34
CA ALA B 76 -15.62 10.66 -11.42
C ALA B 76 -16.46 9.50 -10.89
N ALA B 77 -17.15 9.76 -9.79
CA ALA B 77 -17.98 8.75 -9.16
C ALA B 77 -19.43 9.24 -9.08
N PRO B 78 -20.31 8.68 -9.92
CA PRO B 78 -21.72 9.03 -9.95
C PRO B 78 -22.51 8.33 -8.86
N GLY B 79 -22.12 8.57 -7.63
CA GLY B 79 -22.85 8.04 -6.50
C GLY B 79 -22.60 6.56 -6.30
N SER B 80 -23.66 5.82 -6.00
CA SER B 80 -23.57 4.39 -5.82
C SER B 80 -24.92 3.73 -6.11
N ALA B 81 -24.89 2.43 -6.37
CA ALA B 81 -26.10 1.66 -6.56
C ALA B 81 -26.87 2.14 -7.78
N ALA B 82 -28.12 1.71 -7.93
CA ALA B 82 -28.95 2.14 -9.04
C ALA B 82 -30.41 2.26 -8.64
N PRO B 83 -30.79 3.39 -8.02
CA PRO B 83 -32.16 3.65 -7.61
C PRO B 83 -33.01 4.20 -8.74
N ALA B 84 -34.05 3.46 -9.12
CA ALA B 84 -34.95 3.87 -10.18
C ALA B 84 -36.19 4.53 -9.59
N ALA B 85 -36.03 5.77 -9.11
CA ALA B 85 -37.14 6.49 -8.49
C ALA B 85 -37.15 7.93 -8.96
N GLY B 86 -38.33 8.54 -8.93
CA GLY B 86 -38.46 9.92 -9.34
C GLY B 86 -39.10 10.05 -10.70
N SER B 87 -39.38 11.28 -11.11
CA SER B 87 -40.05 11.53 -12.37
C SER B 87 -39.04 11.69 -13.51
N ALA B 88 -38.05 10.80 -13.54
CA ALA B 88 -37.01 10.86 -14.55
C ALA B 88 -37.53 10.41 -15.94
N PRO B 89 -38.18 9.23 -16.07
CA PRO B 89 -38.66 8.76 -17.35
C PRO B 89 -40.03 9.31 -17.69
N ALA B 90 -40.20 10.58 -17.43
CA ALA B 90 -41.45 11.28 -17.68
C ALA B 90 -41.20 12.71 -18.11
N ALA B 91 -39.99 12.98 -18.58
CA ALA B 91 -39.61 14.31 -19.02
C ALA B 91 -40.19 14.63 -20.39
N ALA B 92 -40.77 15.80 -20.53
CA ALA B 92 -41.35 16.23 -21.79
C ALA B 92 -40.99 17.67 -22.10
N GLU B 93 -39.98 17.86 -22.92
CA GLU B 93 -39.52 19.18 -23.31
C GLU B 93 -40.05 19.56 -24.69
N GLU B 94 -41.10 18.86 -25.11
CA GLU B 94 -41.73 19.10 -26.40
C GLU B 94 -42.54 20.39 -26.39
N LYS B 95 -43.17 20.70 -27.53
CA LYS B 95 -43.87 21.96 -27.68
C LYS B 95 -45.19 21.78 -28.43
N LYS B 96 -45.90 20.72 -28.10
CA LYS B 96 -47.19 20.45 -28.73
C LYS B 96 -48.23 20.10 -27.68
N ASP B 97 -49.26 20.95 -27.58
CA ASP B 97 -50.37 20.75 -26.64
C ASP B 97 -49.94 20.94 -25.19
N GLU B 98 -50.91 20.78 -24.29
CA GLU B 98 -50.69 21.04 -22.88
C GLU B 98 -51.44 20.04 -22.02
N LYS B 99 -52.71 19.81 -22.32
CA LYS B 99 -53.56 18.91 -21.52
C LYS B 99 -53.54 19.33 -20.06
N LYS B 100 -53.95 20.56 -19.81
CA LYS B 100 -53.93 21.15 -18.47
C LYS B 100 -55.11 20.64 -17.64
N GLU B 101 -55.13 21.02 -16.37
CA GLU B 101 -56.19 20.62 -15.46
C GLU B 101 -57.53 21.20 -15.91
N GLU B 102 -58.60 20.41 -15.74
CA GLU B 102 -59.94 20.80 -16.13
C GLU B 102 -59.99 21.23 -17.59
N SER B 103 -59.55 20.34 -18.48
CA SER B 103 -59.60 20.60 -19.91
C SER B 103 -61.04 20.52 -20.42
N GLU B 104 -61.57 21.67 -20.84
CA GLU B 104 -62.92 21.73 -21.41
C GLU B 104 -62.98 20.94 -22.72
N GLU B 105 -61.90 20.99 -23.47
CA GLU B 105 -61.80 20.27 -24.73
C GLU B 105 -61.39 18.83 -24.44
N SER B 106 -62.08 17.88 -25.06
CA SER B 106 -61.88 16.48 -24.78
C SER B 106 -60.58 15.97 -25.41
N ASP B 107 -59.96 14.99 -24.78
CA ASP B 107 -58.70 14.44 -25.28
C ASP B 107 -58.88 13.86 -26.67
N ASP B 108 -59.77 12.87 -26.77
CA ASP B 108 -60.14 12.22 -28.04
C ASP B 108 -58.98 11.43 -28.64
N ASP B 109 -59.09 10.11 -28.57
CA ASP B 109 -58.03 9.20 -28.99
C ASP B 109 -58.00 9.02 -30.51
N MET B 110 -59.10 9.35 -31.18
CA MET B 110 -59.24 9.03 -32.59
C MET B 110 -58.69 10.13 -33.49
N GLY B 111 -58.75 11.37 -32.97
CA GLY B 111 -58.16 12.54 -33.61
C GLY B 111 -58.07 12.50 -35.12
N PHE B 112 -56.96 11.96 -35.60
CA PHE B 112 -56.64 11.94 -37.02
C PHE B 112 -56.39 10.51 -37.50
N GLY B 113 -57.12 9.55 -36.94
CA GLY B 113 -56.90 8.16 -37.28
C GLY B 113 -57.79 7.70 -38.42
N LEU B 114 -58.18 8.63 -39.28
CA LEU B 114 -59.00 8.29 -40.44
C LEU B 114 -58.09 7.91 -41.61
N PHE B 115 -57.17 7.00 -41.35
CA PHE B 115 -56.17 6.61 -42.33
C PHE B 115 -56.07 5.09 -42.42
N ASP B 116 -55.98 4.44 -41.26
CA ASP B 116 -55.87 2.98 -41.17
C ASP B 116 -54.47 2.50 -41.58
N MET A 1 1.97 -15.62 -0.86
CA MET A 1 1.32 -15.00 -2.04
C MET A 1 -0.10 -15.51 -2.19
N ALA A 2 -1.08 -14.63 -2.02
CA ALA A 2 -2.48 -15.04 -2.09
C ALA A 2 -3.20 -14.34 -3.23
N SER A 3 -3.57 -13.09 -3.01
CA SER A 3 -4.29 -12.33 -4.02
C SER A 3 -3.34 -11.82 -5.10
N VAL A 4 -2.93 -12.72 -6.00
CA VAL A 4 -1.98 -12.38 -7.05
C VAL A 4 -2.62 -11.45 -8.06
N SER A 5 -3.93 -11.52 -8.16
CA SER A 5 -4.67 -10.63 -9.03
C SER A 5 -4.60 -9.20 -8.49
N GLU A 6 -4.97 -9.05 -7.22
CA GLU A 6 -4.92 -7.76 -6.56
C GLU A 6 -3.48 -7.24 -6.51
N LEU A 7 -2.54 -8.14 -6.21
CA LEU A 7 -1.11 -7.82 -6.25
C LEU A 7 -0.74 -7.23 -7.60
N ALA A 8 -1.20 -7.89 -8.67
CA ALA A 8 -0.91 -7.46 -10.03
C ALA A 8 -1.39 -6.03 -10.27
N CYS A 9 -2.66 -5.76 -9.98
CA CYS A 9 -3.21 -4.43 -10.26
C CYS A 9 -2.58 -3.37 -9.36
N ILE A 10 -2.14 -3.76 -8.17
CA ILE A 10 -1.53 -2.80 -7.25
C ILE A 10 -0.10 -2.47 -7.68
N TYR A 11 0.65 -3.49 -8.13
CA TYR A 11 2.01 -3.28 -8.57
C TYR A 11 2.02 -2.53 -9.89
N SER A 12 0.95 -2.71 -10.67
CA SER A 12 0.78 -1.94 -11.87
C SER A 12 0.49 -0.48 -11.53
N ALA A 13 -0.41 -0.25 -10.56
CA ALA A 13 -0.67 1.09 -10.03
C ALA A 13 0.64 1.80 -9.68
N LEU A 14 1.48 1.11 -8.91
CA LEU A 14 2.78 1.67 -8.51
C LEU A 14 3.66 1.96 -9.72
N ILE A 15 3.79 0.99 -10.62
CA ILE A 15 4.65 1.15 -11.81
C ILE A 15 4.17 2.28 -12.71
N LEU A 16 2.85 2.44 -12.81
CA LEU A 16 2.29 3.53 -13.59
C LEU A 16 2.44 4.86 -12.86
N HIS A 17 2.59 4.81 -11.55
CA HIS A 17 2.89 6.03 -10.81
C HIS A 17 4.40 6.19 -10.63
N ASP A 18 5.14 6.29 -11.72
CA ASP A 18 6.56 6.57 -11.65
C ASP A 18 6.89 7.80 -12.50
N ASP A 19 6.51 7.76 -13.77
CA ASP A 19 6.72 8.90 -14.67
C ASP A 19 5.37 9.42 -15.15
N GLU A 20 5.36 10.19 -16.24
CA GLU A 20 4.12 10.80 -16.76
C GLU A 20 3.33 9.80 -17.62
N VAL A 21 3.21 8.58 -17.14
CA VAL A 21 2.48 7.55 -17.87
C VAL A 21 1.03 7.50 -17.37
N THR A 22 0.10 7.56 -18.31
CA THR A 22 -1.32 7.55 -18.00
C THR A 22 -1.71 6.32 -17.18
N VAL A 23 -2.31 6.55 -16.01
CA VAL A 23 -2.68 5.48 -15.08
C VAL A 23 -3.97 4.75 -15.56
N THR A 24 -4.21 4.81 -16.86
CA THR A 24 -5.43 4.28 -17.45
C THR A 24 -5.24 2.83 -17.90
N GLU A 25 -6.37 2.18 -18.22
CA GLU A 25 -6.40 0.74 -18.43
C GLU A 25 -5.61 0.30 -19.64
N ASP A 26 -5.43 1.20 -20.61
CA ASP A 26 -4.51 0.93 -21.72
C ASP A 26 -3.18 0.46 -21.17
N LYS A 27 -2.67 1.24 -20.22
CA LYS A 27 -1.34 1.03 -19.70
C LYS A 27 -1.33 -0.06 -18.64
N ILE A 28 -2.37 -0.11 -17.81
CA ILE A 28 -2.46 -1.16 -16.80
C ILE A 28 -2.55 -2.53 -17.48
N ASN A 29 -3.44 -2.66 -18.44
CA ASN A 29 -3.58 -3.91 -19.20
C ASN A 29 -2.30 -4.22 -19.98
N ALA A 30 -1.68 -3.19 -20.56
CA ALA A 30 -0.41 -3.37 -21.26
C ALA A 30 0.64 -3.96 -20.34
N LEU A 31 0.78 -3.39 -19.15
CA LEU A 31 1.73 -3.86 -18.17
C LEU A 31 1.35 -5.25 -17.63
N ILE A 32 0.06 -5.50 -17.49
CA ILE A 32 -0.43 -6.82 -17.10
C ILE A 32 0.02 -7.87 -18.11
N LYS A 33 0.04 -7.50 -19.39
CA LYS A 33 0.53 -8.37 -20.45
C LYS A 33 2.06 -8.42 -20.46
N ALA A 34 2.68 -7.32 -20.02
CA ALA A 34 4.13 -7.25 -19.89
C ALA A 34 4.65 -8.32 -18.95
N ALA A 35 3.97 -8.49 -17.83
CA ALA A 35 4.35 -9.52 -16.87
C ALA A 35 3.70 -10.86 -17.23
N GLY A 36 2.40 -10.83 -17.42
CA GLY A 36 1.67 -12.04 -17.78
C GLY A 36 0.89 -12.60 -16.62
N VAL A 37 0.32 -11.71 -15.82
CA VAL A 37 -0.42 -12.12 -14.63
C VAL A 37 -1.92 -12.16 -14.92
N ASN A 38 -2.57 -13.23 -14.46
CA ASN A 38 -4.00 -13.40 -14.67
C ASN A 38 -4.79 -12.71 -13.57
N VAL A 39 -5.20 -11.48 -13.83
CA VAL A 39 -6.03 -10.72 -12.89
C VAL A 39 -7.42 -10.49 -13.48
N GLU A 40 -8.44 -10.71 -12.64
CA GLU A 40 -9.83 -10.43 -12.99
C GLU A 40 -9.96 -9.02 -13.59
N PRO A 41 -10.23 -8.94 -14.92
CA PRO A 41 -10.26 -7.66 -15.69
C PRO A 41 -11.06 -6.55 -15.01
N PHE A 42 -11.92 -6.93 -14.08
CA PHE A 42 -12.76 -5.99 -13.37
C PHE A 42 -11.90 -5.10 -12.47
N TRP A 43 -10.89 -5.70 -11.86
CA TRP A 43 -9.98 -4.95 -10.99
C TRP A 43 -9.15 -3.94 -11.80
N PRO A 44 -8.35 -4.37 -12.81
CA PRO A 44 -7.58 -3.44 -13.64
C PRO A 44 -8.43 -2.33 -14.24
N GLY A 45 -9.58 -2.71 -14.82
CA GLY A 45 -10.45 -1.74 -15.42
C GLY A 45 -10.95 -0.71 -14.43
N LEU A 46 -11.61 -1.20 -13.38
CA LEU A 46 -12.15 -0.33 -12.34
C LEU A 46 -11.04 0.51 -11.73
N PHE A 47 -9.91 -0.12 -11.46
CA PHE A 47 -8.79 0.57 -10.82
C PHE A 47 -8.31 1.74 -11.68
N ALA A 48 -7.99 1.45 -12.93
CA ALA A 48 -7.47 2.46 -13.83
C ALA A 48 -8.47 3.59 -14.06
N LYS A 49 -9.75 3.25 -14.03
CA LYS A 49 -10.80 4.23 -14.24
C LYS A 49 -11.19 4.92 -12.93
N ALA A 50 -10.79 4.34 -11.80
CA ALA A 50 -11.11 4.90 -10.49
C ALA A 50 -10.03 5.83 -9.98
N LEU A 51 -8.78 5.60 -10.40
CA LEU A 51 -7.70 6.48 -10.00
C LEU A 51 -7.78 7.80 -10.78
N ALA A 52 -6.79 8.07 -11.66
CA ALA A 52 -6.77 9.30 -12.50
C ALA A 52 -6.71 10.59 -11.69
N ASN A 53 -6.84 10.48 -10.38
CA ASN A 53 -6.83 11.64 -9.48
C ASN A 53 -6.13 11.26 -8.20
N VAL A 54 -6.40 10.03 -7.78
CA VAL A 54 -5.74 9.42 -6.63
C VAL A 54 -4.25 9.66 -6.68
N ASN A 55 -3.77 10.58 -5.83
CA ASN A 55 -2.37 11.00 -5.81
C ASN A 55 -1.44 9.81 -6.00
N ILE A 56 -1.17 9.09 -4.92
CA ILE A 56 -0.41 7.85 -5.02
C ILE A 56 -0.68 6.94 -3.83
N GLY A 57 -0.25 7.34 -2.64
CA GLY A 57 -0.30 6.46 -1.47
C GLY A 57 -1.69 5.97 -1.14
N SER A 58 -2.70 6.72 -1.57
CA SER A 58 -4.09 6.35 -1.34
C SER A 58 -4.42 5.00 -1.97
N LEU A 59 -3.56 4.51 -2.86
CA LEU A 59 -3.77 3.22 -3.52
C LEU A 59 -3.78 2.09 -2.50
N ILE A 60 -3.30 2.40 -1.29
CA ILE A 60 -3.22 1.41 -0.23
C ILE A 60 -4.60 1.15 0.40
N CYS A 61 -5.59 1.92 -0.03
CA CYS A 61 -6.95 1.75 0.47
C CYS A 61 -7.55 0.44 0.00
N ASN A 62 -7.60 -0.52 0.91
CA ASN A 62 -8.16 -1.84 0.61
C ASN A 62 -9.69 -1.80 0.57
N VAL A 63 -10.20 -1.07 -0.41
CA VAL A 63 -11.64 -0.92 -0.61
C VAL A 63 -12.25 -2.16 -1.25
N GLY A 64 -11.45 -3.20 -1.40
CA GLY A 64 -11.91 -4.44 -2.01
C GLY A 64 -13.04 -5.08 -1.24
N ALA A 65 -12.75 -5.56 -0.03
CA ALA A 65 -13.76 -6.17 0.83
C ALA A 65 -13.27 -6.27 2.27
N GLY A 66 -12.56 -7.35 2.61
CA GLY A 66 -12.01 -7.49 3.94
C GLY A 66 -13.03 -7.99 4.94
N GLY A 67 -13.43 -9.25 4.81
CA GLY A 67 -14.42 -9.82 5.69
C GLY A 67 -13.81 -10.72 6.75
N PRO A 68 -13.66 -10.25 7.99
CA PRO A 68 -13.04 -11.02 9.06
C PRO A 68 -14.05 -11.90 9.82
N ALA A 69 -14.02 -13.20 9.54
CA ALA A 69 -14.94 -14.14 10.18
C ALA A 69 -14.18 -15.31 10.80
N PRO A 70 -13.68 -15.14 12.02
CA PRO A 70 -13.00 -16.19 12.77
C PRO A 70 -13.95 -16.98 13.69
N ALA A 71 -13.46 -18.10 14.21
CA ALA A 71 -14.23 -18.95 15.08
C ALA A 71 -13.31 -19.96 15.78
N ALA A 72 -13.77 -20.48 16.91
CA ALA A 72 -13.03 -21.49 17.69
C ALA A 72 -11.73 -20.92 18.26
N GLY A 73 -11.01 -21.75 19.00
CA GLY A 73 -9.76 -21.35 19.61
C GLY A 73 -9.26 -22.37 20.61
N ALA A 74 -8.96 -23.57 20.13
CA ALA A 74 -8.54 -24.65 21.00
C ALA A 74 -7.04 -24.64 21.21
N ALA A 75 -6.60 -24.85 22.44
CA ALA A 75 -5.18 -24.89 22.75
C ALA A 75 -4.90 -25.91 23.84
N PRO A 76 -4.17 -26.96 23.47
CA PRO A 76 -3.81 -28.05 24.38
C PRO A 76 -3.07 -27.58 25.63
N ALA A 77 -3.57 -28.01 26.78
CA ALA A 77 -2.99 -27.64 28.06
C ALA A 77 -2.58 -28.89 28.84
N GLY A 78 -2.42 -29.99 28.14
CA GLY A 78 -2.04 -31.25 28.76
C GLY A 78 -1.10 -32.04 27.88
N GLY A 79 -0.25 -32.85 28.49
CA GLY A 79 0.71 -33.63 27.72
C GLY A 79 0.87 -35.05 28.22
N PRO A 80 1.78 -35.30 29.19
CA PRO A 80 2.02 -36.64 29.73
C PRO A 80 0.78 -37.22 30.42
N ALA A 81 0.66 -38.55 30.38
CA ALA A 81 -0.48 -39.23 30.98
C ALA A 81 -0.01 -40.31 31.95
N PRO A 82 -0.05 -40.02 33.26
CA PRO A 82 0.35 -40.96 34.31
C PRO A 82 -0.43 -42.27 34.29
N SER A 83 0.22 -43.34 34.70
CA SER A 83 -0.44 -44.62 34.84
C SER A 83 0.00 -45.30 36.13
N THR A 84 0.50 -44.49 37.06
CA THR A 84 1.03 -45.01 38.31
C THR A 84 0.09 -44.67 39.47
N ALA A 85 -0.28 -45.69 40.22
CA ALA A 85 -1.12 -45.53 41.39
C ALA A 85 -1.04 -46.76 42.27
N ALA A 86 -0.59 -46.56 43.50
CA ALA A 86 -0.45 -47.64 44.49
C ALA A 86 0.66 -48.62 44.11
N ALA A 87 1.03 -49.46 45.07
CA ALA A 87 2.06 -50.46 44.84
C ALA A 87 1.76 -51.70 45.69
N PRO A 88 1.30 -52.78 45.04
CA PRO A 88 0.95 -54.03 45.72
C PRO A 88 2.10 -54.62 46.52
N ALA A 89 1.82 -54.98 47.77
CA ALA A 89 2.78 -55.63 48.63
C ALA A 89 2.12 -56.79 49.37
N GLU A 90 2.13 -57.96 48.76
CA GLU A 90 1.52 -59.16 49.35
C GLU A 90 2.60 -60.12 49.85
N GLU A 91 2.49 -60.50 51.13
CA GLU A 91 3.47 -61.39 51.76
C GLU A 91 3.20 -62.85 51.46
N LYS A 92 4.09 -63.71 51.94
CA LYS A 92 3.97 -65.15 51.79
C LYS A 92 4.88 -65.86 52.81
N LYS A 93 4.59 -67.14 53.07
CA LYS A 93 5.27 -67.91 54.13
C LYS A 93 4.83 -67.43 55.52
N VAL A 94 3.69 -67.92 55.96
CA VAL A 94 3.15 -67.53 57.25
C VAL A 94 3.18 -68.69 58.25
N GLU A 95 3.78 -69.80 57.85
CA GLU A 95 3.90 -70.96 58.74
C GLU A 95 5.31 -71.03 59.31
N ALA A 96 5.50 -71.84 60.34
CA ALA A 96 6.81 -71.95 60.98
C ALA A 96 7.20 -73.40 61.24
N LYS A 97 6.59 -74.00 62.26
CA LYS A 97 6.94 -75.35 62.70
C LYS A 97 8.37 -75.40 63.26
N LYS A 98 8.71 -76.49 63.93
CA LYS A 98 10.01 -76.60 64.56
C LYS A 98 10.45 -78.05 64.75
N GLU A 99 11.75 -78.27 64.67
CA GLU A 99 12.36 -79.56 64.94
C GLU A 99 13.51 -79.39 65.94
N GLU A 100 13.26 -78.57 66.95
CA GLU A 100 14.23 -78.28 68.00
C GLU A 100 14.78 -79.55 68.64
N SER A 101 16.06 -79.52 68.99
CA SER A 101 16.68 -80.63 69.67
C SER A 101 16.18 -80.71 71.11
N GLU A 102 15.30 -81.67 71.35
CA GLU A 102 14.71 -81.87 72.66
C GLU A 102 15.70 -82.55 73.62
N GLU A 103 15.20 -82.94 74.79
CA GLU A 103 15.99 -83.61 75.81
C GLU A 103 16.65 -84.87 75.25
N SER A 104 17.98 -84.90 75.34
CA SER A 104 18.75 -86.01 74.79
C SER A 104 19.84 -86.43 75.77
N ASP A 105 19.41 -86.76 76.99
CA ASP A 105 20.32 -87.15 78.06
C ASP A 105 20.35 -88.69 78.17
N ASP A 106 20.61 -89.34 77.04
CA ASP A 106 20.63 -90.80 76.97
C ASP A 106 21.81 -91.38 77.74
N ASP A 107 21.52 -92.11 78.81
CA ASP A 107 22.55 -92.74 79.64
C ASP A 107 22.98 -94.08 79.07
N MET A 108 24.16 -94.54 79.46
CA MET A 108 24.73 -95.79 78.96
C MET A 108 24.49 -96.93 79.95
N GLY A 109 23.42 -97.66 79.73
CA GLY A 109 23.11 -98.79 80.59
C GLY A 109 21.72 -99.34 80.34
N PHE A 110 21.34 -100.34 81.12
CA PHE A 110 20.02 -100.95 81.00
C PHE A 110 18.96 -100.12 81.70
N GLY A 111 18.80 -98.88 81.24
CA GLY A 111 17.82 -97.97 81.79
C GLY A 111 17.02 -97.30 80.71
N LEU A 112 16.34 -98.11 79.90
CA LEU A 112 15.59 -97.60 78.75
C LEU A 112 14.10 -97.89 78.90
N PHE A 113 13.70 -98.15 80.14
CA PHE A 113 12.30 -98.47 80.43
C PHE A 113 11.86 -97.75 81.70
N ASP A 114 12.65 -96.76 82.10
CA ASP A 114 12.41 -96.02 83.33
C ASP A 114 11.49 -94.83 83.06
N ALA B 1 9.89 7.60 -3.06
CA ALA B 1 9.88 6.17 -2.68
C ALA B 1 9.59 5.27 -3.89
N MET B 2 8.78 5.78 -4.82
CA MET B 2 8.49 5.06 -6.05
C MET B 2 9.78 4.71 -6.79
N ARG B 3 10.00 3.41 -7.01
CA ARG B 3 11.18 2.91 -7.68
C ARG B 3 10.87 1.62 -8.42
N TYR B 4 11.90 1.02 -9.01
CA TYR B 4 11.75 -0.22 -9.80
C TYR B 4 11.47 -1.44 -8.90
N VAL B 5 11.21 -1.16 -7.62
CA VAL B 5 10.87 -2.20 -6.65
C VAL B 5 9.63 -2.95 -7.07
N ALA B 6 8.57 -2.23 -7.42
CA ALA B 6 7.30 -2.87 -7.78
C ALA B 6 7.41 -3.51 -9.15
N SER B 7 8.43 -3.13 -9.91
CA SER B 7 8.74 -3.77 -11.17
C SER B 7 9.26 -5.19 -10.90
N TYR B 8 10.24 -5.27 -9.99
CA TYR B 8 10.76 -6.57 -9.56
C TYR B 8 9.63 -7.38 -8.93
N LEU B 9 8.80 -6.69 -8.14
CA LEU B 9 7.65 -7.32 -7.50
C LEU B 9 6.69 -7.91 -8.52
N LEU B 10 6.30 -7.11 -9.50
CA LEU B 10 5.36 -7.53 -10.54
C LEU B 10 5.91 -8.73 -11.30
N ALA B 11 7.17 -8.62 -11.75
CA ALA B 11 7.82 -9.66 -12.52
C ALA B 11 7.96 -10.96 -11.72
N ALA B 12 8.17 -10.85 -10.41
CA ALA B 12 8.28 -12.04 -9.57
C ALA B 12 6.90 -12.61 -9.24
N LEU B 13 5.94 -11.70 -9.06
CA LEU B 13 4.56 -12.08 -8.80
C LEU B 13 4.00 -12.96 -9.92
N GLY B 14 4.22 -12.55 -11.15
CA GLY B 14 3.71 -13.33 -12.26
C GLY B 14 4.55 -13.21 -13.50
N GLY B 15 5.75 -13.77 -13.45
CA GLY B 15 6.63 -13.76 -14.60
C GLY B 15 7.82 -14.68 -14.43
N ASN B 16 8.69 -14.35 -13.49
CA ASN B 16 9.89 -15.14 -13.24
C ASN B 16 10.38 -14.90 -11.82
N SER B 17 10.67 -15.99 -11.12
CA SER B 17 11.12 -15.95 -9.72
C SER B 17 12.29 -15.00 -9.51
N SER B 18 13.12 -14.85 -10.53
CA SER B 18 14.29 -14.03 -10.43
C SER B 18 14.26 -12.91 -11.50
N PRO B 19 13.44 -11.87 -11.26
CA PRO B 19 13.30 -10.73 -12.19
C PRO B 19 14.63 -10.08 -12.53
N SER B 20 15.09 -10.28 -13.75
CA SER B 20 16.35 -9.70 -14.18
C SER B 20 16.16 -8.27 -14.66
N ALA B 21 17.22 -7.46 -14.60
CA ALA B 21 17.15 -6.07 -15.02
C ALA B 21 16.53 -5.95 -16.42
N LYS B 22 16.91 -6.88 -17.28
CA LYS B 22 16.41 -6.92 -18.65
C LYS B 22 14.89 -7.10 -18.70
N ASP B 23 14.34 -7.81 -17.72
CA ASP B 23 12.91 -8.09 -17.70
C ASP B 23 12.14 -6.97 -17.05
N ILE B 24 12.75 -6.28 -16.09
CA ILE B 24 12.12 -5.07 -15.54
C ILE B 24 12.08 -3.99 -16.61
N LYS B 25 13.18 -3.88 -17.37
CA LYS B 25 13.22 -2.97 -18.51
C LYS B 25 12.17 -3.37 -19.53
N LYS B 26 12.10 -4.66 -19.83
CA LYS B 26 11.10 -5.18 -20.76
C LYS B 26 9.69 -4.80 -20.30
N ILE B 27 9.44 -4.94 -19.00
CA ILE B 27 8.15 -4.57 -18.43
C ILE B 27 7.85 -3.08 -18.64
N LEU B 28 8.86 -2.24 -18.45
CA LEU B 28 8.68 -0.80 -18.63
C LEU B 28 8.54 -0.44 -20.11
N ASP B 29 9.31 -1.10 -20.96
CA ASP B 29 9.22 -0.87 -22.41
C ASP B 29 7.89 -1.35 -22.96
N SER B 30 7.32 -2.37 -22.34
CA SER B 30 6.03 -2.91 -22.76
C SER B 30 4.90 -1.93 -22.44
N VAL B 31 4.89 -1.40 -21.22
CA VAL B 31 3.85 -0.46 -20.83
C VAL B 31 4.14 0.95 -21.36
N GLY B 32 5.41 1.26 -21.57
CA GLY B 32 5.77 2.52 -22.19
C GLY B 32 6.31 3.55 -21.20
N ILE B 33 7.36 3.18 -20.48
CA ILE B 33 8.00 4.09 -19.54
C ILE B 33 9.52 4.05 -19.72
N GLU B 34 10.13 5.19 -19.94
CA GLU B 34 11.59 5.27 -20.06
C GLU B 34 12.26 4.78 -18.76
N ALA B 35 13.25 3.89 -18.92
CA ALA B 35 13.95 3.34 -17.78
C ALA B 35 15.43 3.69 -17.83
N ASP B 36 16.05 3.76 -16.66
CA ASP B 36 17.47 4.08 -16.55
C ASP B 36 18.23 2.90 -15.94
N ASP B 37 19.12 2.31 -16.75
CA ASP B 37 19.83 1.08 -16.38
C ASP B 37 20.57 1.20 -15.07
N ASP B 38 21.16 2.37 -14.81
CA ASP B 38 21.90 2.59 -13.58
C ASP B 38 20.97 2.47 -12.38
N ARG B 39 19.99 3.35 -12.31
CA ARG B 39 19.06 3.39 -11.19
C ARG B 39 18.24 2.11 -11.10
N LEU B 40 17.91 1.52 -12.24
CA LEU B 40 17.12 0.29 -12.29
C LEU B 40 17.86 -0.86 -11.60
N ASN B 41 19.07 -1.15 -12.09
CA ASN B 41 19.88 -2.22 -11.53
C ASN B 41 20.32 -1.88 -10.11
N LYS B 42 20.33 -0.59 -9.80
CA LYS B 42 20.65 -0.11 -8.46
C LYS B 42 19.55 -0.50 -7.48
N VAL B 43 18.30 -0.25 -7.87
CA VAL B 43 17.16 -0.58 -7.02
C VAL B 43 17.06 -2.09 -6.90
N ILE B 44 17.45 -2.76 -7.97
CA ILE B 44 17.48 -4.21 -7.99
C ILE B 44 18.71 -4.72 -7.22
N SER B 45 19.71 -3.87 -7.08
CA SER B 45 20.88 -4.19 -6.27
C SER B 45 20.53 -4.18 -4.79
N GLU B 46 19.67 -3.25 -4.38
CA GLU B 46 19.21 -3.22 -2.99
C GLU B 46 18.00 -4.16 -2.81
N LEU B 47 17.28 -4.38 -3.89
CA LEU B 47 16.08 -5.20 -3.89
C LEU B 47 16.25 -6.37 -4.87
N ASN B 48 16.62 -7.53 -4.34
CA ASN B 48 16.78 -8.74 -5.16
C ASN B 48 16.40 -9.99 -4.36
N GLY B 49 17.27 -10.40 -3.45
CA GLY B 49 17.04 -11.61 -2.68
C GLY B 49 16.67 -11.27 -1.25
N LYS B 50 15.65 -10.45 -1.10
CA LYS B 50 15.20 -10.00 0.21
C LYS B 50 13.79 -10.49 0.50
N ASN B 51 13.61 -11.80 0.47
CA ASN B 51 12.32 -12.42 0.77
C ASN B 51 11.23 -11.95 -0.18
N ILE B 52 11.36 -12.35 -1.45
CA ILE B 52 10.42 -11.96 -2.48
C ILE B 52 9.00 -12.46 -2.18
N GLU B 53 8.90 -13.73 -1.85
CA GLU B 53 7.62 -14.32 -1.57
C GLU B 53 6.94 -13.61 -0.40
N ASP B 54 7.75 -13.08 0.51
CA ASP B 54 7.24 -12.36 1.68
C ASP B 54 6.76 -10.96 1.30
N VAL B 55 7.57 -10.23 0.54
CA VAL B 55 7.22 -8.88 0.12
C VAL B 55 5.96 -8.87 -0.75
N ILE B 56 5.75 -9.96 -1.49
CA ILE B 56 4.54 -10.10 -2.27
C ILE B 56 3.41 -10.73 -1.45
N ALA B 57 3.77 -11.50 -0.42
CA ALA B 57 2.78 -12.09 0.47
C ALA B 57 2.04 -11.03 1.27
N GLN B 58 2.77 -10.00 1.71
CA GLN B 58 2.17 -8.93 2.50
C GLN B 58 1.22 -8.06 1.65
N GLY B 59 1.78 -7.11 0.92
CA GLY B 59 0.96 -6.25 0.09
C GLY B 59 1.77 -5.17 -0.58
N ILE B 60 1.86 -4.04 0.11
CA ILE B 60 2.59 -2.88 -0.39
C ILE B 60 3.98 -2.79 0.24
N GLY B 61 4.11 -1.99 1.29
CA GLY B 61 5.40 -1.82 1.94
C GLY B 61 5.85 -0.38 1.92
N LYS B 62 7.16 -0.15 1.87
CA LYS B 62 7.70 1.21 1.83
C LYS B 62 7.68 1.75 0.41
N LEU B 63 6.80 1.19 -0.42
CA LEU B 63 6.73 1.52 -1.83
C LEU B 63 6.02 2.86 -2.01
N ALA B 64 4.84 2.95 -1.42
CA ALA B 64 4.02 4.15 -1.50
C ALA B 64 3.30 4.39 -0.19
N SER B 65 4.05 4.43 0.90
CA SER B 65 3.48 4.67 2.21
C SER B 65 3.92 6.02 2.77
N VAL B 66 5.11 6.05 3.38
CA VAL B 66 5.62 7.28 3.98
C VAL B 66 7.02 7.59 3.45
N PRO B 67 7.19 8.79 2.86
CA PRO B 67 8.43 9.21 2.19
C PRO B 67 9.66 9.16 3.09
N ALA B 68 9.47 9.42 4.38
CA ALA B 68 10.56 9.44 5.31
C ALA B 68 10.34 8.44 6.43
N GLY B 69 9.55 7.42 6.15
CA GLY B 69 9.29 6.37 7.13
C GLY B 69 8.24 6.75 8.17
N GLY B 70 8.17 8.03 8.50
CA GLY B 70 7.24 8.50 9.49
C GLY B 70 7.79 8.38 10.89
N ALA B 71 9.05 8.79 11.04
CA ALA B 71 9.79 8.70 12.30
C ALA B 71 10.06 7.24 12.67
N VAL B 72 10.74 7.02 13.79
CA VAL B 72 11.06 5.67 14.22
C VAL B 72 10.42 5.37 15.57
N ALA B 73 9.81 4.20 15.67
CA ALA B 73 9.11 3.78 16.88
C ALA B 73 9.42 2.33 17.20
N VAL B 74 9.71 2.04 18.46
CA VAL B 74 10.06 0.70 18.90
C VAL B 74 8.87 -0.25 18.80
N SER B 75 9.14 -1.49 18.42
CA SER B 75 8.11 -2.50 18.26
C SER B 75 8.20 -3.53 19.39
N ALA B 76 7.30 -4.52 19.37
CA ALA B 76 7.28 -5.60 20.34
C ALA B 76 7.04 -5.07 21.75
N ALA B 77 5.80 -4.69 22.04
CA ALA B 77 5.42 -4.22 23.35
C ALA B 77 4.42 -5.19 24.00
N PRO B 78 4.92 -5.98 24.95
CA PRO B 78 4.10 -6.95 25.68
C PRO B 78 3.28 -6.31 26.78
N GLY B 79 2.06 -6.81 26.94
CA GLY B 79 1.17 -6.26 27.93
C GLY B 79 0.95 -7.20 29.10
N SER B 80 0.84 -8.49 28.78
CA SER B 80 0.54 -9.53 29.79
C SER B 80 -0.86 -9.35 30.36
N ALA B 81 -1.16 -10.13 31.39
CA ALA B 81 -2.42 -10.02 32.12
C ALA B 81 -3.62 -10.08 31.16
N ALA B 82 -3.68 -11.16 30.40
CA ALA B 82 -4.72 -11.31 29.38
C ALA B 82 -4.94 -12.78 29.02
N PRO B 83 -3.89 -13.54 28.61
CA PRO B 83 -4.05 -14.96 28.25
C PRO B 83 -4.34 -15.83 29.48
N ALA B 84 -4.98 -16.96 29.24
CA ALA B 84 -5.32 -17.89 30.30
C ALA B 84 -4.18 -18.87 30.56
N ALA B 85 -3.65 -18.85 31.78
CA ALA B 85 -2.59 -19.76 32.18
C ALA B 85 -2.91 -20.40 33.51
N GLY B 86 -4.12 -20.89 33.65
CA GLY B 86 -4.56 -21.49 34.90
C GLY B 86 -3.99 -22.88 35.08
N SER B 87 -2.76 -22.95 35.54
CA SER B 87 -2.12 -24.24 35.80
C SER B 87 -2.67 -24.86 37.09
N ALA B 88 -3.84 -25.45 37.00
CA ALA B 88 -4.46 -26.15 38.10
C ALA B 88 -5.11 -27.44 37.61
N PRO B 89 -4.30 -28.49 37.36
CA PRO B 89 -4.82 -29.77 36.84
C PRO B 89 -5.71 -30.50 37.85
N ALA B 90 -7.00 -30.19 37.81
CA ALA B 90 -7.98 -30.81 38.68
C ALA B 90 -8.60 -32.06 38.04
N ALA B 91 -8.11 -33.22 38.43
CA ALA B 91 -8.70 -34.48 37.98
C ALA B 91 -9.98 -34.73 38.75
N ALA B 92 -11.09 -34.81 38.04
CA ALA B 92 -12.39 -34.96 38.67
C ALA B 92 -12.94 -36.36 38.43
N GLU B 93 -13.54 -36.54 37.26
CA GLU B 93 -14.13 -37.82 36.86
C GLU B 93 -15.20 -38.27 37.87
N GLU B 94 -15.68 -39.51 37.70
CA GLU B 94 -16.73 -40.08 38.55
C GLU B 94 -18.02 -39.27 38.52
N LYS B 95 -19.03 -39.77 37.82
CA LYS B 95 -20.32 -39.09 37.78
C LYS B 95 -21.19 -39.53 38.95
N LYS B 96 -20.53 -39.88 40.05
CA LYS B 96 -21.20 -40.31 41.25
C LYS B 96 -20.54 -39.71 42.49
N ASP B 97 -21.23 -38.79 43.14
CA ASP B 97 -20.75 -38.25 44.40
C ASP B 97 -21.35 -39.01 45.55
N GLU B 98 -21.17 -38.53 46.77
CA GLU B 98 -21.53 -39.29 47.96
C GLU B 98 -20.66 -40.53 48.02
N LYS B 99 -19.37 -40.31 47.81
CA LYS B 99 -18.40 -41.39 47.69
C LYS B 99 -18.08 -42.04 49.03
N LYS B 100 -19.08 -42.68 49.63
CA LYS B 100 -18.92 -43.37 50.90
C LYS B 100 -20.15 -44.22 51.23
N GLU B 101 -20.19 -45.44 50.72
CA GLU B 101 -21.25 -46.38 51.08
C GLU B 101 -20.67 -47.49 51.93
N GLU B 102 -19.38 -47.74 51.72
CA GLU B 102 -18.62 -48.73 52.47
C GLU B 102 -18.68 -48.40 53.97
N SER B 103 -19.57 -49.08 54.69
CA SER B 103 -19.77 -48.83 56.11
C SER B 103 -20.18 -50.11 56.83
N GLU B 104 -19.85 -50.21 58.11
CA GLU B 104 -20.18 -51.40 58.89
C GLU B 104 -21.38 -51.14 59.80
N GLU B 105 -21.82 -49.89 59.83
CA GLU B 105 -22.90 -49.47 60.72
C GLU B 105 -24.27 -49.78 60.13
N SER B 106 -24.61 -51.06 60.07
CA SER B 106 -25.91 -51.49 59.60
C SER B 106 -26.94 -51.33 60.72
N ASP B 107 -28.10 -50.78 60.38
CA ASP B 107 -29.13 -50.49 61.36
C ASP B 107 -30.00 -51.73 61.62
N ASP B 108 -30.10 -52.60 60.60
CA ASP B 108 -30.88 -53.82 60.71
C ASP B 108 -30.16 -54.87 61.52
N ASP B 109 -30.58 -55.04 62.78
CA ASP B 109 -30.02 -56.06 63.65
C ASP B 109 -30.74 -57.39 63.49
N MET B 110 -32.07 -57.34 63.55
CA MET B 110 -32.89 -58.55 63.49
C MET B 110 -33.21 -58.93 62.05
N GLY B 111 -32.18 -58.90 61.20
CA GLY B 111 -32.36 -59.17 59.79
C GLY B 111 -32.81 -60.60 59.51
N PHE B 112 -32.21 -61.56 60.19
CA PHE B 112 -32.55 -62.96 59.99
C PHE B 112 -33.24 -63.55 61.21
N GLY B 113 -34.33 -62.92 61.63
CA GLY B 113 -35.03 -63.38 62.81
C GLY B 113 -36.53 -63.46 62.61
N LEU B 114 -36.96 -64.15 61.56
CA LEU B 114 -38.38 -64.39 61.35
C LEU B 114 -38.80 -65.62 62.15
N PHE B 115 -37.91 -66.62 62.16
CA PHE B 115 -38.00 -67.84 62.98
C PHE B 115 -39.33 -68.58 62.83
N ASP B 116 -40.08 -68.28 61.77
CA ASP B 116 -41.36 -68.92 61.53
C ASP B 116 -41.67 -68.92 60.04
N MET A 1 0.75 -20.70 -5.76
CA MET A 1 0.68 -19.33 -5.22
C MET A 1 -0.76 -18.82 -5.27
N ALA A 2 -1.05 -17.76 -4.53
CA ALA A 2 -2.40 -17.22 -4.47
C ALA A 2 -2.37 -15.69 -4.46
N SER A 3 -3.54 -15.08 -4.58
CA SER A 3 -3.69 -13.62 -4.56
C SER A 3 -2.91 -12.94 -5.68
N VAL A 4 -2.72 -13.65 -6.78
CA VAL A 4 -1.98 -13.12 -7.91
C VAL A 4 -2.82 -12.06 -8.61
N SER A 5 -4.10 -12.06 -8.31
CA SER A 5 -5.01 -11.07 -8.84
C SER A 5 -4.70 -9.69 -8.27
N GLU A 6 -4.94 -9.52 -6.98
CA GLU A 6 -4.66 -8.27 -6.29
C GLU A 6 -3.21 -7.88 -6.47
N LEU A 7 -2.29 -8.86 -6.34
CA LEU A 7 -0.87 -8.57 -6.56
C LEU A 7 -0.66 -7.94 -7.93
N ALA A 8 -1.08 -8.65 -8.98
CA ALA A 8 -0.87 -8.19 -10.35
C ALA A 8 -1.41 -6.78 -10.60
N CYS A 9 -2.66 -6.56 -10.21
CA CYS A 9 -3.31 -5.29 -10.53
C CYS A 9 -2.74 -4.13 -9.71
N ILE A 10 -2.32 -4.42 -8.48
CA ILE A 10 -1.76 -3.41 -7.59
C ILE A 10 -0.30 -3.14 -7.96
N TYR A 11 0.34 -4.13 -8.55
CA TYR A 11 1.68 -3.95 -9.08
C TYR A 11 1.61 -3.17 -10.38
N SER A 12 0.50 -3.32 -11.07
CA SER A 12 0.24 -2.54 -12.26
C SER A 12 0.03 -1.08 -11.88
N ALA A 13 -0.85 -0.83 -10.90
CA ALA A 13 -1.04 0.53 -10.35
C ALA A 13 0.29 1.11 -9.91
N LEU A 14 1.06 0.30 -9.16
CA LEU A 14 2.40 0.69 -8.71
C LEU A 14 3.28 1.17 -9.86
N ILE A 15 3.53 0.28 -10.81
CA ILE A 15 4.41 0.59 -11.93
C ILE A 15 3.85 1.73 -12.77
N LEU A 16 2.58 1.64 -13.08
CA LEU A 16 1.95 2.58 -13.99
C LEU A 16 1.83 3.97 -13.37
N HIS A 17 1.98 4.08 -12.06
CA HIS A 17 2.01 5.40 -11.44
C HIS A 17 3.26 5.62 -10.61
N ASP A 18 4.38 5.09 -11.09
CA ASP A 18 5.67 5.47 -10.53
C ASP A 18 6.09 6.79 -11.14
N ASP A 19 6.17 6.80 -12.47
CA ASP A 19 6.48 8.01 -13.21
C ASP A 19 5.20 8.85 -13.37
N GLU A 20 5.33 10.05 -13.93
CA GLU A 20 4.20 10.96 -14.02
C GLU A 20 3.35 10.67 -15.27
N VAL A 21 3.19 9.39 -15.55
CA VAL A 21 2.38 8.93 -16.67
C VAL A 21 0.95 8.65 -16.21
N THR A 22 -0.01 8.98 -17.08
CA THR A 22 -1.42 8.79 -16.76
C THR A 22 -1.80 7.31 -16.79
N VAL A 23 -2.53 6.88 -15.76
CA VAL A 23 -2.95 5.50 -15.67
C VAL A 23 -4.27 5.27 -16.41
N THR A 24 -4.32 4.23 -17.22
CA THR A 24 -5.54 3.89 -17.94
C THR A 24 -5.67 2.38 -18.11
N GLU A 25 -6.91 1.93 -18.35
CA GLU A 25 -7.21 0.51 -18.52
C GLU A 25 -6.22 -0.17 -19.46
N ASP A 26 -6.10 0.38 -20.66
CA ASP A 26 -5.24 -0.19 -21.69
C ASP A 26 -3.79 -0.32 -21.22
N LYS A 27 -3.36 0.58 -20.35
CA LYS A 27 -1.98 0.56 -19.88
C LYS A 27 -1.80 -0.49 -18.79
N ILE A 28 -2.80 -0.62 -17.91
CA ILE A 28 -2.77 -1.69 -16.92
C ILE A 28 -2.84 -3.04 -17.61
N ASN A 29 -3.76 -3.15 -18.56
CA ASN A 29 -3.91 -4.35 -19.37
C ASN A 29 -2.57 -4.69 -20.04
N ALA A 30 -1.91 -3.66 -20.57
CA ALA A 30 -0.61 -3.82 -21.20
C ALA A 30 0.44 -4.37 -20.22
N LEU A 31 0.52 -3.79 -19.03
CA LEU A 31 1.47 -4.25 -18.02
C LEU A 31 1.18 -5.68 -17.60
N ILE A 32 -0.10 -6.00 -17.47
CA ILE A 32 -0.52 -7.35 -17.14
C ILE A 32 -0.04 -8.34 -18.20
N LYS A 33 -0.22 -7.97 -19.46
CA LYS A 33 0.21 -8.83 -20.57
C LYS A 33 1.73 -8.82 -20.70
N ALA A 34 2.36 -7.75 -20.22
CA ALA A 34 3.82 -7.65 -20.21
C ALA A 34 4.40 -8.64 -19.23
N ALA A 35 3.71 -8.83 -18.11
CA ALA A 35 4.18 -9.74 -17.07
C ALA A 35 3.75 -11.19 -17.34
N GLY A 36 2.53 -11.38 -17.85
CA GLY A 36 2.12 -12.72 -18.25
C GLY A 36 0.85 -13.20 -17.56
N VAL A 37 0.73 -12.93 -16.27
CA VAL A 37 -0.42 -13.41 -15.50
C VAL A 37 -1.51 -12.34 -15.40
N ASN A 38 -2.76 -12.78 -15.27
CA ASN A 38 -3.89 -11.88 -15.35
C ASN A 38 -4.55 -11.69 -14.00
N VAL A 39 -5.65 -10.95 -14.03
CA VAL A 39 -6.43 -10.61 -12.84
C VAL A 39 -7.87 -10.35 -13.26
N GLU A 40 -8.83 -10.58 -12.34
CA GLU A 40 -10.25 -10.28 -12.60
C GLU A 40 -10.38 -8.88 -13.20
N PRO A 41 -10.88 -8.78 -14.46
CA PRO A 41 -10.91 -7.52 -15.24
C PRO A 41 -11.50 -6.31 -14.51
N PHE A 42 -12.16 -6.58 -13.39
CA PHE A 42 -12.83 -5.52 -12.65
C PHE A 42 -11.81 -4.75 -11.82
N TRP A 43 -10.67 -5.37 -11.54
CA TRP A 43 -9.59 -4.69 -10.83
C TRP A 43 -8.91 -3.66 -11.75
N PRO A 44 -8.47 -4.06 -12.97
CA PRO A 44 -7.98 -3.13 -13.98
C PRO A 44 -8.97 -1.99 -14.22
N GLY A 45 -10.22 -2.35 -14.47
CA GLY A 45 -11.26 -1.36 -14.66
C GLY A 45 -11.42 -0.47 -13.42
N LEU A 46 -11.30 -1.08 -12.25
CA LEU A 46 -11.42 -0.36 -10.99
C LEU A 46 -10.35 0.72 -10.89
N PHE A 47 -9.09 0.32 -11.01
CA PHE A 47 -7.98 1.28 -10.92
C PHE A 47 -8.10 2.34 -12.00
N ALA A 48 -8.55 1.94 -13.19
CA ALA A 48 -8.73 2.86 -14.30
C ALA A 48 -9.78 3.93 -14.00
N LYS A 49 -10.86 3.55 -13.34
CA LYS A 49 -11.90 4.52 -13.02
C LYS A 49 -11.70 5.12 -11.63
N ALA A 50 -10.77 4.56 -10.86
CA ALA A 50 -10.54 5.03 -9.51
C ALA A 50 -9.44 6.08 -9.44
N LEU A 51 -8.28 5.80 -10.04
CA LEU A 51 -7.15 6.71 -9.93
C LEU A 51 -7.23 7.81 -11.01
N ALA A 52 -6.12 8.04 -11.73
CA ALA A 52 -6.04 8.99 -12.85
C ALA A 52 -6.00 10.46 -12.40
N ASN A 53 -6.25 10.70 -11.13
CA ASN A 53 -6.22 12.05 -10.56
C ASN A 53 -5.65 11.96 -9.17
N VAL A 54 -6.18 10.97 -8.46
CA VAL A 54 -5.72 10.63 -7.13
C VAL A 54 -4.22 10.43 -7.08
N ASN A 55 -3.62 11.10 -6.12
CA ASN A 55 -2.20 10.98 -5.83
C ASN A 55 -1.78 9.53 -5.66
N ILE A 56 -0.49 9.28 -5.85
CA ILE A 56 0.06 7.93 -5.83
C ILE A 56 -0.42 7.12 -4.62
N GLY A 57 -0.31 7.68 -3.42
CA GLY A 57 -0.61 6.95 -2.19
C GLY A 57 -2.02 6.38 -2.16
N SER A 58 -2.88 6.85 -3.06
CA SER A 58 -4.24 6.38 -3.12
C SER A 58 -4.32 4.90 -3.43
N LEU A 59 -3.29 4.35 -4.06
CA LEU A 59 -3.32 2.95 -4.46
C LEU A 59 -3.15 2.05 -3.25
N ILE A 60 -2.78 2.67 -2.13
CA ILE A 60 -2.64 1.95 -0.87
C ILE A 60 -3.98 1.88 -0.16
N CYS A 61 -4.96 2.58 -0.72
CA CYS A 61 -6.32 2.55 -0.20
C CYS A 61 -7.03 1.32 -0.74
N ASN A 62 -6.94 0.22 -0.01
CA ASN A 62 -7.55 -1.03 -0.39
C ASN A 62 -9.05 -1.00 -0.09
N VAL A 63 -9.74 -0.18 -0.87
CA VAL A 63 -11.19 -0.03 -0.76
C VAL A 63 -11.90 -1.32 -1.12
N GLY A 64 -11.21 -2.20 -1.85
CA GLY A 64 -11.79 -3.46 -2.26
C GLY A 64 -11.63 -4.54 -1.21
N ALA A 65 -11.95 -5.78 -1.56
CA ALA A 65 -11.87 -6.87 -0.60
C ALA A 65 -10.91 -7.95 -1.08
N GLY A 66 -9.84 -8.14 -0.31
CA GLY A 66 -8.89 -9.20 -0.59
C GLY A 66 -9.16 -10.43 0.23
N GLY A 67 -9.06 -11.59 -0.40
CA GLY A 67 -9.32 -12.84 0.29
C GLY A 67 -8.60 -14.00 -0.36
N PRO A 68 -7.37 -14.31 0.09
CA PRO A 68 -6.57 -15.42 -0.45
C PRO A 68 -7.20 -16.78 -0.15
N ALA A 69 -7.28 -17.11 1.13
CA ALA A 69 -7.84 -18.38 1.57
C ALA A 69 -8.12 -18.32 3.07
N PRO A 70 -9.28 -18.85 3.50
CA PRO A 70 -9.63 -18.91 4.93
C PRO A 70 -8.74 -19.86 5.71
N ALA A 71 -8.53 -21.06 5.16
CA ALA A 71 -7.66 -22.08 5.75
C ALA A 71 -8.13 -22.53 7.14
N ALA A 72 -7.41 -23.51 7.69
CA ALA A 72 -7.66 -24.02 9.05
C ALA A 72 -9.11 -24.46 9.23
N GLY A 73 -9.50 -25.50 8.51
CA GLY A 73 -10.85 -26.00 8.61
C GLY A 73 -10.90 -27.51 8.70
N ALA A 74 -11.12 -28.02 9.91
CA ALA A 74 -11.22 -29.45 10.12
C ALA A 74 -12.40 -29.78 11.02
N ALA A 75 -13.33 -30.58 10.51
CA ALA A 75 -14.50 -30.98 11.26
C ALA A 75 -14.98 -32.35 10.80
N PRO A 76 -15.20 -33.26 11.76
CA PRO A 76 -15.60 -34.66 11.50
C PRO A 76 -16.88 -34.80 10.69
N ALA A 77 -17.72 -33.76 10.70
CA ALA A 77 -18.97 -33.78 9.96
C ALA A 77 -18.71 -33.71 8.45
N GLY A 78 -18.69 -34.87 7.81
CA GLY A 78 -18.41 -34.92 6.38
C GLY A 78 -19.69 -34.95 5.55
N GLY A 79 -20.80 -35.28 6.19
CA GLY A 79 -22.07 -35.32 5.48
C GLY A 79 -23.26 -35.39 6.42
N PRO A 80 -23.79 -34.25 6.86
CA PRO A 80 -24.97 -34.19 7.72
C PRO A 80 -26.26 -34.30 6.92
N ALA A 81 -27.05 -35.33 7.21
CA ALA A 81 -28.31 -35.56 6.51
C ALA A 81 -29.49 -35.36 7.46
N PRO A 82 -30.08 -34.15 7.45
CA PRO A 82 -31.22 -33.79 8.31
C PRO A 82 -32.37 -34.79 8.24
N SER A 83 -32.81 -35.12 7.03
CA SER A 83 -33.92 -36.04 6.83
C SER A 83 -35.18 -35.53 7.53
N THR A 84 -35.38 -34.22 7.50
CA THR A 84 -36.51 -33.60 8.16
C THR A 84 -37.58 -33.18 7.14
N ALA A 85 -37.77 -34.00 6.12
CA ALA A 85 -38.75 -33.73 5.08
C ALA A 85 -39.35 -35.03 4.58
N ALA A 86 -40.50 -34.93 3.90
CA ALA A 86 -41.25 -36.10 3.43
C ALA A 86 -41.63 -37.00 4.61
N ALA A 87 -42.62 -36.53 5.37
CA ALA A 87 -43.10 -37.22 6.58
C ALA A 87 -42.11 -37.08 7.74
N PRO A 88 -42.17 -35.95 8.45
CA PRO A 88 -41.35 -35.72 9.66
C PRO A 88 -41.51 -36.84 10.69
N ALA A 89 -40.38 -37.33 11.19
CA ALA A 89 -40.38 -38.46 12.11
C ALA A 89 -40.66 -38.02 13.55
N GLU A 90 -40.31 -36.78 13.88
CA GLU A 90 -40.46 -36.30 15.25
C GLU A 90 -41.55 -35.24 15.35
N GLU A 91 -42.73 -35.66 15.80
CA GLU A 91 -43.85 -34.76 15.99
C GLU A 91 -44.23 -34.65 17.46
N LYS A 92 -45.35 -33.97 17.70
CA LYS A 92 -45.84 -33.75 19.06
C LYS A 92 -46.95 -34.74 19.39
N LYS A 93 -47.44 -34.71 20.63
CA LYS A 93 -48.49 -35.63 21.06
C LYS A 93 -49.83 -35.21 20.48
N VAL A 94 -50.48 -36.15 19.82
CA VAL A 94 -51.79 -35.90 19.23
C VAL A 94 -52.83 -36.83 19.85
N GLU A 95 -52.67 -38.13 19.62
CA GLU A 95 -53.60 -39.12 20.14
C GLU A 95 -52.85 -40.22 20.88
N ALA A 96 -53.54 -40.89 21.80
CA ALA A 96 -52.95 -41.99 22.55
C ALA A 96 -53.80 -43.26 22.39
N LYS A 97 -54.31 -43.46 21.18
CA LYS A 97 -55.21 -44.56 20.85
C LYS A 97 -56.56 -44.41 21.54
N LYS A 98 -57.59 -45.02 20.93
CA LYS A 98 -58.96 -44.90 21.42
C LYS A 98 -59.78 -46.09 20.94
N GLU A 99 -61.03 -46.19 21.43
CA GLU A 99 -61.97 -47.22 21.01
C GLU A 99 -61.42 -48.62 21.29
N GLU A 100 -61.83 -49.18 22.43
CA GLU A 100 -61.28 -50.45 22.91
C GLU A 100 -61.72 -51.63 22.04
N SER A 101 -61.17 -52.80 22.37
CA SER A 101 -61.33 -54.02 21.58
C SER A 101 -60.45 -53.97 20.34
N GLU A 102 -59.87 -55.11 19.97
CA GLU A 102 -58.98 -55.18 18.82
C GLU A 102 -59.76 -55.29 17.52
N GLU A 103 -60.31 -54.15 17.07
CA GLU A 103 -61.07 -54.02 15.82
C GLU A 103 -62.40 -54.76 15.91
N SER A 104 -63.28 -54.51 14.93
CA SER A 104 -64.62 -55.07 14.96
C SER A 104 -65.22 -55.13 13.56
N ASP A 105 -66.36 -55.83 13.44
CA ASP A 105 -67.12 -55.95 12.19
C ASP A 105 -66.35 -56.80 11.17
N ASP A 106 -65.36 -57.54 11.68
CA ASP A 106 -64.52 -58.43 10.88
C ASP A 106 -63.81 -57.65 9.77
N ASP A 107 -63.40 -58.34 8.71
CA ASP A 107 -62.79 -57.67 7.58
C ASP A 107 -63.88 -57.34 6.57
N MET A 108 -63.56 -56.51 5.59
CA MET A 108 -64.54 -56.07 4.62
C MET A 108 -64.12 -56.49 3.21
N GLY A 109 -63.92 -57.80 3.05
CA GLY A 109 -63.51 -58.33 1.76
C GLY A 109 -64.02 -59.74 1.54
N PHE A 110 -63.75 -60.28 0.35
CA PHE A 110 -64.16 -61.63 0.00
C PHE A 110 -62.98 -62.61 0.15
N GLY A 111 -63.17 -63.84 -0.30
CA GLY A 111 -62.14 -64.85 -0.16
C GLY A 111 -62.35 -65.70 1.08
N LEU A 112 -63.61 -66.02 1.37
CA LEU A 112 -63.96 -66.74 2.58
C LEU A 112 -64.88 -67.91 2.26
N PHE A 113 -65.86 -67.65 1.41
CA PHE A 113 -66.82 -68.66 1.01
C PHE A 113 -66.57 -69.05 -0.45
N ASP A 114 -65.61 -68.35 -1.03
CA ASP A 114 -65.27 -68.49 -2.43
C ASP A 114 -63.85 -69.02 -2.59
N ALA B 1 8.68 8.23 -9.20
CA ALA B 1 10.03 8.22 -8.60
C ALA B 1 10.08 7.27 -7.40
N MET B 2 9.44 6.12 -7.54
CA MET B 2 9.41 5.13 -6.46
C MET B 2 10.54 4.12 -6.63
N ARG B 3 10.19 2.87 -6.93
CA ARG B 3 11.17 1.79 -7.05
C ARG B 3 10.64 0.71 -7.99
N TYR B 4 11.55 -0.07 -8.56
CA TYR B 4 11.18 -1.17 -9.47
C TYR B 4 10.72 -2.39 -8.67
N VAL B 5 10.14 -2.12 -7.50
CA VAL B 5 9.60 -3.15 -6.62
C VAL B 5 8.55 -3.98 -7.35
N ALA B 6 7.44 -3.34 -7.70
CA ALA B 6 6.35 -4.03 -8.35
C ALA B 6 6.73 -4.57 -9.73
N SER B 7 7.86 -4.11 -10.26
CA SER B 7 8.36 -4.63 -11.52
C SER B 7 8.99 -6.01 -11.30
N TYR B 8 9.87 -6.09 -10.31
CA TYR B 8 10.46 -7.36 -9.92
C TYR B 8 9.34 -8.29 -9.42
N LEU B 9 8.36 -7.68 -8.76
CA LEU B 9 7.19 -8.40 -8.27
C LEU B 9 6.37 -8.96 -9.43
N LEU B 10 6.06 -8.13 -10.44
CA LEU B 10 5.34 -8.59 -11.63
C LEU B 10 6.04 -9.77 -12.26
N ALA B 11 7.34 -9.62 -12.48
CA ALA B 11 8.13 -10.65 -13.14
C ALA B 11 8.09 -11.96 -12.35
N ALA B 12 8.34 -11.89 -11.04
CA ALA B 12 8.32 -13.08 -10.19
C ALA B 12 6.91 -13.68 -10.13
N LEU B 13 5.92 -12.81 -9.96
CA LEU B 13 4.51 -13.21 -9.93
C LEU B 13 4.08 -13.86 -11.24
N GLY B 14 4.69 -13.41 -12.33
CA GLY B 14 4.35 -13.91 -13.65
C GLY B 14 4.94 -15.28 -13.92
N GLY B 15 5.85 -15.71 -13.06
CA GLY B 15 6.43 -17.03 -13.20
C GLY B 15 7.93 -17.00 -13.32
N ASN B 16 8.53 -15.82 -13.27
CA ASN B 16 9.98 -15.70 -13.38
C ASN B 16 10.62 -15.57 -12.00
N SER B 17 11.21 -16.65 -11.54
CA SER B 17 11.89 -16.66 -10.23
C SER B 17 13.12 -15.76 -10.25
N SER B 18 13.60 -15.44 -11.45
CA SER B 18 14.80 -14.66 -11.59
C SER B 18 14.57 -13.45 -12.49
N PRO B 19 13.79 -12.46 -12.01
CA PRO B 19 13.50 -11.23 -12.76
C PRO B 19 14.76 -10.45 -13.13
N SER B 20 15.15 -10.58 -14.37
CA SER B 20 16.31 -9.88 -14.89
C SER B 20 15.99 -8.39 -15.04
N ALA B 21 16.99 -7.55 -14.78
CA ALA B 21 16.86 -6.11 -14.89
C ALA B 21 16.41 -5.68 -16.28
N LYS B 22 16.76 -6.48 -17.28
CA LYS B 22 16.36 -6.23 -18.66
C LYS B 22 14.87 -6.54 -18.85
N ASP B 23 14.37 -7.45 -18.03
CA ASP B 23 12.97 -7.88 -18.10
C ASP B 23 12.10 -6.85 -17.40
N ILE B 24 12.61 -6.31 -16.28
CA ILE B 24 11.95 -5.20 -15.59
C ILE B 24 11.92 -3.98 -16.52
N LYS B 25 13.06 -3.70 -17.15
CA LYS B 25 13.16 -2.61 -18.11
C LYS B 25 12.15 -2.82 -19.24
N LYS B 26 12.02 -4.06 -19.70
CA LYS B 26 11.06 -4.41 -20.74
C LYS B 26 9.63 -4.10 -20.27
N ILE B 27 9.35 -4.43 -19.02
CA ILE B 27 8.03 -4.17 -18.45
C ILE B 27 7.79 -2.65 -18.32
N LEU B 28 8.88 -1.87 -18.22
CA LEU B 28 8.76 -0.42 -18.25
C LEU B 28 8.56 0.10 -19.66
N ASP B 29 9.34 -0.43 -20.61
CA ASP B 29 9.26 -0.01 -22.00
C ASP B 29 7.96 -0.49 -22.65
N SER B 30 7.29 -1.45 -22.01
CA SER B 30 6.01 -1.97 -22.50
C SER B 30 5.04 -0.82 -22.80
N VAL B 31 4.85 0.06 -21.82
CA VAL B 31 3.97 1.21 -21.96
C VAL B 31 4.73 2.39 -22.57
N GLY B 32 6.04 2.38 -22.40
CA GLY B 32 6.86 3.44 -22.94
C GLY B 32 7.29 4.43 -21.87
N ILE B 33 7.64 3.90 -20.70
CA ILE B 33 8.05 4.74 -19.58
C ILE B 33 9.57 4.69 -19.42
N GLU B 34 10.18 5.84 -19.18
CA GLU B 34 11.62 5.93 -18.99
C GLU B 34 12.00 5.37 -17.62
N ALA B 35 13.16 4.75 -17.55
CA ALA B 35 13.59 4.09 -16.31
C ALA B 35 15.10 4.24 -16.09
N ASP B 36 15.47 4.84 -14.96
CA ASP B 36 16.87 5.01 -14.58
C ASP B 36 17.56 3.64 -14.50
N ASP B 37 18.52 3.41 -15.40
CA ASP B 37 19.22 2.13 -15.47
C ASP B 37 19.98 1.83 -14.18
N ASP B 38 20.56 2.87 -13.58
CA ASP B 38 21.36 2.69 -12.38
C ASP B 38 20.47 2.40 -11.17
N ARG B 39 19.40 3.19 -11.01
CA ARG B 39 18.47 2.99 -9.92
C ARG B 39 17.76 1.64 -10.08
N LEU B 40 17.63 1.21 -11.32
CA LEU B 40 17.06 -0.10 -11.65
C LEU B 40 17.80 -1.21 -10.92
N ASN B 41 19.03 -1.44 -11.32
CA ASN B 41 19.83 -2.52 -10.76
C ASN B 41 20.14 -2.25 -9.29
N LYS B 42 20.11 -0.97 -8.90
CA LYS B 42 20.29 -0.60 -7.51
C LYS B 42 19.18 -1.21 -6.62
N VAL B 43 17.93 -0.96 -6.99
CA VAL B 43 16.82 -1.43 -6.16
C VAL B 43 16.67 -2.92 -6.32
N ILE B 44 17.07 -3.41 -7.48
CA ILE B 44 17.08 -4.83 -7.72
C ILE B 44 18.18 -5.51 -6.92
N SER B 45 19.28 -4.79 -6.69
CA SER B 45 20.32 -5.28 -5.79
C SER B 45 19.79 -5.34 -4.36
N GLU B 46 18.94 -4.38 -4.02
CA GLU B 46 18.27 -4.36 -2.72
C GLU B 46 17.25 -5.50 -2.64
N LEU B 47 16.53 -5.71 -3.73
CA LEU B 47 15.59 -6.81 -3.86
C LEU B 47 16.33 -8.16 -3.89
N ASN B 48 17.56 -8.11 -4.41
CA ASN B 48 18.34 -9.31 -4.69
C ASN B 48 18.58 -10.15 -3.43
N GLY B 49 18.71 -9.48 -2.29
CA GLY B 49 19.06 -10.17 -1.06
C GLY B 49 17.93 -10.17 -0.05
N LYS B 50 16.71 -9.90 -0.50
CA LYS B 50 15.54 -9.90 0.38
C LYS B 50 14.49 -10.85 -0.18
N ASN B 51 13.67 -11.42 0.71
CA ASN B 51 12.64 -12.37 0.31
C ASN B 51 11.60 -11.71 -0.57
N ILE B 52 11.49 -12.22 -1.79
CA ILE B 52 10.57 -11.69 -2.79
C ILE B 52 9.14 -11.72 -2.28
N GLU B 53 8.83 -12.72 -1.46
CA GLU B 53 7.50 -12.86 -0.91
C GLU B 53 7.21 -11.76 0.12
N ASP B 54 8.22 -11.45 0.94
CA ASP B 54 8.08 -10.40 1.94
C ASP B 54 7.91 -9.04 1.28
N VAL B 55 8.62 -8.80 0.18
CA VAL B 55 8.44 -7.53 -0.55
C VAL B 55 7.14 -7.53 -1.36
N ILE B 56 6.63 -8.72 -1.68
CA ILE B 56 5.29 -8.86 -2.25
C ILE B 56 4.25 -8.39 -1.24
N ALA B 57 4.46 -8.80 0.00
CA ALA B 57 3.53 -8.46 1.07
C ALA B 57 3.73 -7.02 1.56
N GLN B 58 4.94 -6.51 1.43
CA GLN B 58 5.26 -5.18 1.93
C GLN B 58 5.96 -4.32 0.88
N GLY B 59 5.19 -3.81 -0.07
CA GLY B 59 5.72 -2.86 -1.02
C GLY B 59 5.16 -1.48 -0.76
N ILE B 60 3.86 -1.32 -0.97
CA ILE B 60 3.17 -0.11 -0.52
C ILE B 60 2.76 -0.29 0.94
N GLY B 61 2.54 -1.54 1.28
CA GLY B 61 2.07 -1.93 2.59
C GLY B 61 0.78 -2.71 2.50
N LYS B 62 -0.22 -2.10 1.87
CA LYS B 62 -1.50 -2.75 1.67
C LYS B 62 -1.63 -3.26 0.23
N LEU B 63 -0.49 -3.53 -0.42
CA LEU B 63 -0.51 -4.01 -1.81
C LEU B 63 -0.83 -5.50 -1.84
N ALA B 64 -0.73 -6.12 -0.68
CA ALA B 64 -1.07 -7.51 -0.50
C ALA B 64 -1.68 -7.69 0.88
N SER B 65 -1.03 -7.05 1.86
CA SER B 65 -1.49 -7.03 3.24
C SER B 65 -1.25 -8.38 3.92
N VAL B 66 -1.26 -8.38 5.24
CA VAL B 66 -0.97 -9.57 6.01
C VAL B 66 -2.04 -9.80 7.08
N PRO B 67 -2.79 -10.91 6.99
CA PRO B 67 -3.81 -11.26 7.97
C PRO B 67 -3.19 -11.71 9.30
N ALA B 68 -1.94 -12.16 9.23
CA ALA B 68 -1.15 -12.49 10.42
C ALA B 68 -1.92 -13.42 11.37
N GLY B 69 -2.23 -14.62 10.89
CA GLY B 69 -2.90 -15.62 11.71
C GLY B 69 -4.40 -15.37 11.86
N GLY B 70 -4.76 -14.15 12.24
CA GLY B 70 -6.16 -13.84 12.48
C GLY B 70 -6.55 -14.03 13.92
N ALA B 71 -5.68 -13.58 14.83
CA ALA B 71 -5.91 -13.69 16.27
C ALA B 71 -6.02 -15.15 16.71
N VAL B 72 -5.03 -15.93 16.33
CA VAL B 72 -4.97 -17.33 16.73
C VAL B 72 -4.35 -17.47 18.11
N ALA B 73 -4.77 -18.49 18.84
CA ALA B 73 -4.30 -18.71 20.19
C ALA B 73 -4.12 -20.19 20.47
N VAL B 74 -3.24 -20.51 21.41
CA VAL B 74 -2.94 -21.90 21.74
C VAL B 74 -3.10 -22.12 23.26
N SER B 75 -4.10 -21.46 23.83
CA SER B 75 -4.37 -21.54 25.25
C SER B 75 -5.17 -22.80 25.58
N ALA B 76 -4.58 -23.67 26.38
CA ALA B 76 -5.25 -24.90 26.81
C ALA B 76 -5.87 -24.70 28.18
N ALA B 77 -7.12 -25.16 28.34
CA ALA B 77 -7.84 -25.01 29.60
C ALA B 77 -8.42 -26.34 30.05
N PRO B 78 -8.35 -26.61 31.36
CA PRO B 78 -8.92 -27.83 31.93
C PRO B 78 -10.44 -27.80 31.96
N GLY B 79 -11.04 -28.52 31.02
CA GLY B 79 -12.47 -28.61 30.97
C GLY B 79 -12.96 -30.04 31.09
N SER B 80 -12.05 -30.92 31.51
CA SER B 80 -12.36 -32.34 31.63
C SER B 80 -11.84 -32.87 32.96
N ALA B 81 -12.35 -34.04 33.34
CA ALA B 81 -11.83 -34.78 34.49
C ALA B 81 -11.99 -34.01 35.79
N ALA B 82 -13.24 -33.79 36.19
CA ALA B 82 -13.53 -33.12 37.44
C ALA B 82 -14.61 -33.88 38.21
N PRO B 83 -14.22 -34.97 38.91
CA PRO B 83 -15.15 -35.80 39.67
C PRO B 83 -15.55 -35.14 40.99
N ALA B 84 -16.85 -35.01 41.20
CA ALA B 84 -17.38 -34.35 42.39
C ALA B 84 -17.77 -35.38 43.44
N ALA B 85 -17.18 -36.56 43.35
CA ALA B 85 -17.45 -37.63 44.28
C ALA B 85 -16.15 -38.26 44.76
N GLY B 86 -15.90 -38.17 46.06
CA GLY B 86 -14.72 -38.81 46.64
C GLY B 86 -14.88 -39.04 48.11
N SER B 87 -16.11 -39.07 48.58
CA SER B 87 -16.40 -39.23 50.00
C SER B 87 -17.61 -40.14 50.18
N ALA B 88 -17.36 -41.42 50.45
CA ALA B 88 -18.44 -42.37 50.68
C ALA B 88 -18.39 -42.87 52.11
N PRO B 89 -19.44 -42.57 52.91
CA PRO B 89 -19.54 -43.05 54.29
C PRO B 89 -19.56 -44.57 54.37
N ALA B 90 -19.03 -45.09 55.48
CA ALA B 90 -18.99 -46.53 55.72
C ALA B 90 -20.41 -47.07 55.96
N ALA B 91 -21.04 -47.51 54.89
CA ALA B 91 -22.38 -48.06 54.94
C ALA B 91 -22.42 -49.43 55.62
N ALA B 92 -23.63 -49.91 55.87
CA ALA B 92 -23.85 -51.19 56.52
C ALA B 92 -25.25 -51.68 56.21
N GLU B 93 -25.70 -52.73 56.92
CA GLU B 93 -27.07 -53.23 56.78
C GLU B 93 -27.34 -53.70 55.35
N GLU B 94 -26.31 -54.25 54.71
CA GLU B 94 -26.39 -54.71 53.34
C GLU B 94 -27.06 -56.09 53.26
N LYS B 95 -28.39 -56.10 53.37
CA LYS B 95 -29.17 -57.34 53.29
C LYS B 95 -28.83 -58.29 54.45
N LYS B 96 -28.50 -57.72 55.61
CA LYS B 96 -28.07 -58.52 56.74
C LYS B 96 -28.91 -58.19 57.98
N ASP B 97 -29.90 -59.02 58.27
CA ASP B 97 -30.72 -58.82 59.46
C ASP B 97 -31.15 -60.14 60.07
N GLU B 98 -30.27 -60.67 60.91
CA GLU B 98 -30.57 -61.85 61.70
C GLU B 98 -30.91 -61.42 63.12
N LYS B 99 -32.19 -61.20 63.38
CA LYS B 99 -32.61 -60.62 64.65
C LYS B 99 -33.90 -61.27 65.13
N LYS B 100 -34.26 -60.98 66.39
CA LYS B 100 -35.53 -61.43 66.98
C LYS B 100 -35.50 -62.92 67.25
N GLU B 101 -34.95 -63.29 68.40
CA GLU B 101 -34.82 -64.69 68.80
C GLU B 101 -36.16 -65.29 69.23
N GLU B 102 -37.19 -65.07 68.41
CA GLU B 102 -38.51 -65.66 68.61
C GLU B 102 -39.02 -65.50 70.05
N SER B 103 -38.94 -64.28 70.57
CA SER B 103 -39.42 -64.00 71.92
C SER B 103 -40.89 -63.56 71.90
N GLU B 104 -41.74 -64.38 72.50
CA GLU B 104 -43.17 -64.08 72.57
C GLU B 104 -43.51 -63.36 73.88
N GLU B 105 -43.62 -62.05 73.80
CA GLU B 105 -43.90 -61.24 74.98
C GLU B 105 -45.40 -60.97 75.11
N SER B 106 -46.12 -62.01 75.54
CA SER B 106 -47.57 -61.95 75.73
C SER B 106 -48.31 -61.81 74.40
N ASP B 107 -49.63 -61.92 74.44
CA ASP B 107 -50.45 -61.81 73.24
C ASP B 107 -51.70 -60.98 73.50
N ASP B 108 -51.56 -59.66 73.39
CA ASP B 108 -52.67 -58.71 73.53
C ASP B 108 -53.24 -58.73 74.95
N ASP B 109 -54.29 -57.94 75.20
CA ASP B 109 -54.91 -57.88 76.52
C ASP B 109 -56.43 -57.84 76.40
N MET B 110 -56.93 -58.22 75.24
CA MET B 110 -58.36 -58.35 75.02
C MET B 110 -58.94 -59.49 75.84
N GLY B 111 -59.30 -59.19 77.08
CA GLY B 111 -59.98 -60.17 77.91
C GLY B 111 -61.48 -60.08 77.79
N PHE B 112 -62.14 -59.99 78.95
CA PHE B 112 -63.59 -59.86 79.02
C PHE B 112 -64.32 -61.06 78.39
N GLY B 113 -63.59 -62.14 78.19
CA GLY B 113 -64.18 -63.37 77.70
C GLY B 113 -63.93 -63.62 76.23
N LEU B 114 -63.73 -62.54 75.46
CA LEU B 114 -63.49 -62.62 74.02
C LEU B 114 -64.72 -63.18 73.26
N PHE B 115 -65.80 -63.41 73.98
CA PHE B 115 -66.94 -64.14 73.44
C PHE B 115 -68.03 -63.21 72.93
N ASP B 116 -67.76 -61.91 72.98
CA ASP B 116 -68.73 -60.92 72.54
C ASP B 116 -68.04 -59.76 71.83
#